data_2EZC
#
_entry.id   2EZC
#
_cell.length_a   1.000
_cell.length_b   1.000
_cell.length_c   1.000
_cell.angle_alpha   90.00
_cell.angle_beta   90.00
_cell.angle_gamma   90.00
#
_symmetry.space_group_name_H-M   'P 1'
#
_entity_poly.entity_id   1
_entity_poly.type   'polypeptide(L)'
_entity_poly.pdbx_seq_one_letter_code
;MISGILASPGIAFGKALLLKEDEIVIDRKKISADQVDQEVERFLSGRAKASAQLETIKTKAGETFGEEKEAIFEGHIMLL
EDEELEQEIIALIKDKHMTADAAAHEVIEGQASALEELDDEYLKERAADVRDIGKRLLRNILGLKIIDLSAIQDEVILVA
ADLTPSETAQLNLKKVLGFITDAGGRTSHTSIMARSLELPAIVGTGSVTSQVKNDDYLILDAVNNQVYVNPTNEVIDKMR
AVQEQVASEKAELAKLKDR
;
_entity_poly.pdbx_strand_id   A
#
# COMPACT_ATOMS: atom_id res chain seq x y z
N MET A 1 4.10 -4.93 -25.98
CA MET A 1 2.71 -5.43 -26.13
C MET A 1 2.16 -5.82 -24.75
N ILE A 2 2.52 -5.10 -23.72
CA ILE A 2 2.01 -5.43 -22.36
C ILE A 2 0.48 -5.39 -22.37
N SER A 3 -0.15 -6.54 -22.39
CA SER A 3 -1.64 -6.57 -22.40
C SER A 3 -2.17 -6.68 -20.97
N GLY A 4 -2.96 -5.71 -20.56
CA GLY A 4 -3.55 -5.74 -19.18
C GLY A 4 -5.07 -5.80 -19.31
N ILE A 5 -5.78 -5.43 -18.28
CA ILE A 5 -7.28 -5.47 -18.35
C ILE A 5 -7.80 -4.11 -18.79
N LEU A 6 -6.95 -3.11 -18.83
CA LEU A 6 -7.41 -1.76 -19.25
C LEU A 6 -8.56 -1.31 -18.37
N ALA A 7 -8.33 -0.36 -17.50
CA ALA A 7 -9.42 0.12 -16.61
C ALA A 7 -10.17 1.23 -17.33
N SER A 8 -9.45 2.23 -17.79
CA SER A 8 -10.11 3.35 -18.51
C SER A 8 -9.15 3.88 -19.59
N PRO A 9 -9.65 4.34 -20.72
CA PRO A 9 -8.77 4.84 -21.82
C PRO A 9 -8.24 6.26 -21.56
N GLY A 10 -7.11 6.59 -22.13
CA GLY A 10 -6.53 7.95 -21.93
C GLY A 10 -5.00 7.90 -22.06
N ILE A 11 -4.44 8.69 -22.93
CA ILE A 11 -2.96 8.68 -23.09
C ILE A 11 -2.34 9.71 -22.14
N ALA A 12 -1.35 9.29 -21.37
CA ALA A 12 -0.69 10.23 -20.41
C ALA A 12 0.83 10.07 -20.50
N PHE A 13 1.56 11.12 -20.24
CA PHE A 13 3.05 11.07 -20.29
C PHE A 13 3.60 11.39 -18.89
N GLY A 14 4.63 10.71 -18.44
CA GLY A 14 5.16 11.02 -17.08
C GLY A 14 6.34 10.11 -16.71
N LYS A 15 7.10 10.49 -15.72
CA LYS A 15 8.26 9.65 -15.29
C LYS A 15 7.77 8.47 -14.44
N ALA A 16 8.49 7.38 -14.45
CA ALA A 16 8.07 6.18 -13.68
C ALA A 16 8.40 6.34 -12.19
N LEU A 17 7.43 6.11 -11.33
CA LEU A 17 7.68 6.21 -9.86
C LEU A 17 7.57 4.79 -9.30
N LEU A 18 8.66 4.06 -9.23
CA LEU A 18 8.59 2.66 -8.73
C LEU A 18 8.59 2.63 -7.20
N LEU A 19 7.64 1.93 -6.65
CA LEU A 19 7.52 1.83 -5.16
C LEU A 19 8.19 0.55 -4.67
N LYS A 20 9.44 0.63 -4.29
CA LYS A 20 10.15 -0.58 -3.78
C LYS A 20 10.02 -0.63 -2.25
N GLU A 21 10.14 -1.79 -1.65
CA GLU A 21 10.02 -1.90 -0.16
C GLU A 21 11.19 -2.70 0.37
N ASP A 22 11.84 -2.21 1.39
CA ASP A 22 13.00 -2.95 1.95
C ASP A 22 12.48 -4.08 2.84
N GLU A 23 13.08 -5.23 2.75
CA GLU A 23 12.62 -6.38 3.58
C GLU A 23 12.80 -6.04 5.06
N ILE A 24 11.87 -6.42 5.90
CA ILE A 24 11.99 -6.11 7.35
C ILE A 24 12.68 -7.26 8.08
N VAL A 25 13.64 -6.95 8.91
CA VAL A 25 14.36 -8.01 9.68
C VAL A 25 13.90 -7.96 11.14
N ILE A 26 13.20 -8.96 11.59
CA ILE A 26 12.72 -8.95 13.00
C ILE A 26 13.82 -9.50 13.92
N ASP A 27 13.82 -9.08 15.16
CA ASP A 27 14.87 -9.55 16.11
C ASP A 27 14.38 -10.80 16.84
N ARG A 28 14.92 -11.94 16.51
CA ARG A 28 14.50 -13.20 17.19
C ARG A 28 15.47 -13.49 18.34
N LYS A 29 16.12 -12.47 18.85
CA LYS A 29 17.09 -12.67 19.96
C LYS A 29 16.35 -12.65 21.30
N LYS A 30 16.77 -13.44 22.24
CA LYS A 30 16.10 -13.46 23.57
C LYS A 30 16.73 -12.38 24.45
N ILE A 31 15.94 -11.48 24.97
CA ILE A 31 16.51 -10.39 25.83
C ILE A 31 16.60 -10.84 27.29
N SER A 32 17.17 -10.01 28.11
CA SER A 32 17.31 -10.34 29.56
C SER A 32 16.22 -9.59 30.35
N ALA A 33 15.85 -10.07 31.50
CA ALA A 33 14.80 -9.38 32.29
C ALA A 33 15.24 -7.94 32.57
N ASP A 34 16.46 -7.61 32.24
CA ASP A 34 16.95 -6.21 32.49
C ASP A 34 16.53 -5.30 31.34
N GLN A 35 16.23 -5.86 30.18
CA GLN A 35 15.82 -5.03 29.01
C GLN A 35 14.30 -5.20 28.78
N VAL A 36 13.66 -6.01 29.58
CA VAL A 36 12.19 -6.18 29.40
C VAL A 36 11.48 -4.86 29.70
N ASP A 37 11.87 -4.21 30.76
CA ASP A 37 11.24 -2.90 31.10
C ASP A 37 11.29 -1.98 29.88
N GLN A 38 12.36 -2.05 29.14
CA GLN A 38 12.50 -1.18 27.93
C GLN A 38 11.51 -1.61 26.86
N GLU A 39 11.24 -2.88 26.75
CA GLU A 39 10.27 -3.34 25.70
C GLU A 39 8.89 -2.74 25.96
N VAL A 40 8.47 -2.73 27.20
CA VAL A 40 7.13 -2.16 27.52
C VAL A 40 7.06 -0.69 27.10
N GLU A 41 8.04 0.09 27.47
CA GLU A 41 8.03 1.53 27.07
C GLU A 41 8.17 1.64 25.56
N ARG A 42 9.07 0.89 24.99
CA ARG A 42 9.24 0.96 23.51
C ARG A 42 7.93 0.52 22.84
N PHE A 43 7.22 -0.41 23.44
CA PHE A 43 5.93 -0.86 22.85
C PHE A 43 4.81 0.06 23.34
N LEU A 44 4.68 0.22 24.62
CA LEU A 44 3.62 1.10 25.18
C LEU A 44 3.67 2.46 24.48
N SER A 45 4.71 3.21 24.70
CA SER A 45 4.80 4.54 24.04
C SER A 45 4.84 4.32 22.53
N GLY A 46 5.39 3.21 22.10
CA GLY A 46 5.40 2.94 20.64
C GLY A 46 3.97 2.70 20.21
N ARG A 47 3.08 2.61 21.16
CA ARG A 47 1.64 2.43 20.85
C ARG A 47 1.09 3.83 20.60
N ALA A 48 1.69 4.80 21.24
CA ALA A 48 1.25 6.21 21.05
C ALA A 48 1.62 6.64 19.64
N LYS A 49 2.61 5.99 19.08
CA LYS A 49 3.05 6.33 17.70
C LYS A 49 2.17 5.58 16.70
N ALA A 50 2.24 4.27 16.70
CA ALA A 50 1.41 3.49 15.75
C ALA A 50 -0.05 3.95 15.83
N SER A 51 -0.55 4.19 17.01
CA SER A 51 -1.95 4.67 17.13
C SER A 51 -2.05 6.03 16.46
N ALA A 52 -1.02 6.82 16.60
CA ALA A 52 -1.01 8.17 15.97
C ALA A 52 -0.82 8.03 14.46
N GLN A 53 -0.27 6.91 14.02
CA GLN A 53 -0.06 6.73 12.56
C GLN A 53 -1.40 6.46 11.88
N LEU A 54 -2.01 5.32 12.14
CA LEU A 54 -3.32 5.02 11.50
C LEU A 54 -4.25 6.23 11.68
N GLU A 55 -4.25 6.82 12.84
CA GLU A 55 -5.12 8.00 13.09
C GLU A 55 -4.88 9.01 11.95
N THR A 56 -3.64 9.30 11.66
CA THR A 56 -3.35 10.28 10.57
C THR A 56 -3.90 9.73 9.25
N ILE A 57 -3.75 8.46 9.03
CA ILE A 57 -4.26 7.86 7.76
C ILE A 57 -5.79 7.74 7.86
N LYS A 58 -6.30 7.67 9.06
CA LYS A 58 -7.77 7.55 9.25
C LYS A 58 -8.48 8.81 8.73
N THR A 59 -8.07 9.96 9.18
CA THR A 59 -8.74 11.22 8.72
C THR A 59 -8.41 11.47 7.27
N LYS A 60 -7.31 10.98 6.78
CA LYS A 60 -6.98 11.22 5.36
C LYS A 60 -7.93 10.38 4.50
N ALA A 61 -8.46 9.33 5.07
CA ALA A 61 -9.41 8.49 4.30
C ALA A 61 -10.75 9.20 4.25
N GLY A 62 -11.08 9.94 5.28
CA GLY A 62 -12.38 10.68 5.28
C GLY A 62 -12.22 12.03 4.58
N GLU A 63 -11.04 12.60 4.61
CA GLU A 63 -10.83 13.91 3.93
C GLU A 63 -10.49 13.65 2.46
N THR A 64 -10.14 12.43 2.12
CA THR A 64 -9.79 12.11 0.72
C THR A 64 -11.03 11.60 -0.03
N PHE A 65 -11.72 10.62 0.52
CA PHE A 65 -12.94 10.07 -0.18
C PHE A 65 -14.21 10.53 0.54
N GLY A 66 -14.11 10.91 1.79
CA GLY A 66 -15.33 11.37 2.55
C GLY A 66 -15.53 10.48 3.78
N GLU A 67 -16.16 11.01 4.80
CA GLU A 67 -16.40 10.21 6.03
C GLU A 67 -16.99 8.84 5.70
N GLU A 68 -17.36 8.63 4.46
CA GLU A 68 -17.95 7.31 4.09
C GLU A 68 -16.94 6.18 4.28
N LYS A 69 -15.71 6.41 3.89
CA LYS A 69 -14.67 5.33 4.04
C LYS A 69 -13.96 5.46 5.39
N GLU A 70 -14.18 6.53 6.11
CA GLU A 70 -13.50 6.70 7.43
C GLU A 70 -14.01 5.67 8.43
N ALA A 71 -15.23 5.25 8.33
CA ALA A 71 -15.78 4.27 9.30
C ALA A 71 -15.05 2.92 9.16
N ILE A 72 -14.55 2.62 8.00
CA ILE A 72 -13.84 1.33 7.81
C ILE A 72 -12.49 1.36 8.53
N PHE A 73 -11.77 2.45 8.42
CA PHE A 73 -10.45 2.54 9.10
C PHE A 73 -10.67 2.79 10.60
N GLU A 74 -11.84 3.25 10.96
CA GLU A 74 -12.10 3.50 12.41
C GLU A 74 -12.05 2.17 13.15
N GLY A 75 -12.74 1.19 12.65
CA GLY A 75 -12.72 -0.14 13.33
C GLY A 75 -11.31 -0.74 13.24
N HIS A 76 -10.60 -0.45 12.18
CA HIS A 76 -9.22 -1.01 12.03
C HIS A 76 -8.35 -0.52 13.19
N ILE A 77 -8.67 0.59 13.79
CA ILE A 77 -7.85 1.08 14.93
C ILE A 77 -8.26 0.33 16.19
N MET A 78 -9.52 0.03 16.32
CA MET A 78 -9.97 -0.72 17.53
C MET A 78 -9.22 -2.04 17.60
N LEU A 79 -9.08 -2.71 16.49
CA LEU A 79 -8.34 -4.00 16.47
C LEU A 79 -6.93 -3.75 16.98
N LEU A 80 -6.32 -2.68 16.56
CA LEU A 80 -4.94 -2.38 17.02
C LEU A 80 -4.97 -2.02 18.51
N GLU A 81 -5.94 -1.26 18.92
CA GLU A 81 -6.03 -0.85 20.36
C GLU A 81 -6.77 -1.92 21.16
N ASP A 82 -7.05 -3.04 20.57
CA ASP A 82 -7.77 -4.12 21.32
C ASP A 82 -7.07 -4.35 22.66
N GLU A 83 -7.80 -4.23 23.74
CA GLU A 83 -7.18 -4.46 25.08
C GLU A 83 -6.81 -5.93 25.21
N GLU A 84 -7.46 -6.78 24.45
CA GLU A 84 -7.17 -8.23 24.55
C GLU A 84 -5.86 -8.53 23.83
N LEU A 85 -5.70 -8.06 22.62
CA LEU A 85 -4.43 -8.32 21.89
C LEU A 85 -3.28 -7.64 22.63
N GLU A 86 -3.59 -6.74 23.52
CA GLU A 86 -2.52 -6.01 24.26
C GLU A 86 -2.03 -6.85 25.46
N GLN A 87 -2.94 -7.39 26.22
CA GLN A 87 -2.53 -8.21 27.40
C GLN A 87 -1.72 -9.43 26.94
N GLU A 88 -2.00 -9.93 25.77
CA GLU A 88 -1.24 -11.12 25.28
C GLU A 88 0.17 -10.67 24.89
N ILE A 89 0.28 -9.57 24.21
CA ILE A 89 1.62 -9.05 23.82
C ILE A 89 2.45 -8.83 25.11
N ILE A 90 1.93 -8.03 25.99
CA ILE A 90 2.64 -7.73 27.27
C ILE A 90 3.10 -9.04 27.94
N ALA A 91 2.17 -9.85 28.37
CA ALA A 91 2.54 -11.12 29.06
C ALA A 91 3.69 -11.82 28.34
N LEU A 92 3.50 -12.15 27.08
CA LEU A 92 4.56 -12.87 26.33
C LEU A 92 5.92 -12.22 26.58
N ILE A 93 6.04 -10.94 26.35
CA ILE A 93 7.35 -10.26 26.59
C ILE A 93 7.86 -10.60 27.99
N LYS A 94 6.99 -10.62 28.97
CA LYS A 94 7.43 -10.93 30.36
C LYS A 94 7.47 -12.44 30.63
N ASP A 95 6.53 -13.18 30.11
CA ASP A 95 6.49 -14.64 30.41
C ASP A 95 7.44 -15.44 29.52
N LYS A 96 7.54 -15.12 28.25
CA LYS A 96 8.46 -15.90 27.36
C LYS A 96 9.69 -15.07 27.00
N HIS A 97 9.95 -14.01 27.73
CA HIS A 97 11.15 -13.17 27.42
C HIS A 97 11.23 -12.92 25.91
N MET A 98 10.13 -12.52 25.31
CA MET A 98 10.12 -12.27 23.84
C MET A 98 10.23 -10.77 23.59
N THR A 99 10.86 -10.39 22.51
CA THR A 99 11.01 -8.94 22.20
C THR A 99 9.67 -8.41 21.67
N ALA A 100 9.33 -7.20 22.01
CA ALA A 100 8.04 -6.63 21.51
C ALA A 100 7.95 -6.86 20.00
N ASP A 101 9.07 -6.98 19.35
CA ASP A 101 9.07 -7.23 17.88
C ASP A 101 8.67 -8.68 17.64
N ALA A 102 9.30 -9.58 18.33
CA ALA A 102 8.97 -11.02 18.16
C ALA A 102 7.58 -11.32 18.74
N ALA A 103 7.35 -10.97 19.96
CA ALA A 103 6.02 -11.25 20.59
C ALA A 103 4.92 -10.62 19.72
N ALA A 104 5.10 -9.40 19.32
CA ALA A 104 4.06 -8.73 18.47
C ALA A 104 3.81 -9.58 17.23
N HIS A 105 4.82 -10.20 16.71
CA HIS A 105 4.64 -11.04 15.49
C HIS A 105 3.82 -12.29 15.85
N GLU A 106 4.03 -12.83 17.02
CA GLU A 106 3.29 -14.06 17.43
C GLU A 106 1.78 -13.83 17.29
N VAL A 107 1.26 -12.76 17.83
CA VAL A 107 -0.21 -12.50 17.72
C VAL A 107 -0.58 -12.27 16.25
N ILE A 108 0.15 -11.43 15.58
CA ILE A 108 -0.15 -11.16 14.14
C ILE A 108 0.04 -12.45 13.33
N GLU A 109 0.77 -13.39 13.87
CA GLU A 109 1.00 -14.66 13.14
C GLU A 109 -0.27 -15.52 13.16
N GLY A 110 -1.00 -15.52 14.24
CA GLY A 110 -2.26 -16.33 14.28
C GLY A 110 -3.46 -15.55 13.74
N GLN A 111 -3.46 -14.25 13.82
CA GLN A 111 -4.66 -13.51 13.31
C GLN A 111 -4.73 -13.67 11.80
N ALA A 112 -3.64 -13.48 11.14
CA ALA A 112 -3.62 -13.62 9.66
C ALA A 112 -3.72 -15.10 9.30
N SER A 113 -2.89 -15.92 9.88
CA SER A 113 -2.92 -17.37 9.58
C SER A 113 -4.31 -17.95 9.89
N ALA A 114 -4.88 -17.57 11.00
CA ALA A 114 -6.22 -18.12 11.38
C ALA A 114 -7.29 -17.71 10.36
N LEU A 115 -7.23 -16.51 9.84
CA LEU A 115 -8.26 -16.10 8.85
C LEU A 115 -8.09 -16.90 7.56
N GLU A 116 -6.90 -17.30 7.26
CA GLU A 116 -6.67 -18.09 6.01
C GLU A 116 -7.34 -19.46 6.15
N GLU A 117 -7.68 -19.85 7.34
CA GLU A 117 -8.33 -21.18 7.53
C GLU A 117 -9.81 -21.06 7.21
N LEU A 118 -10.30 -19.86 7.02
CA LEU A 118 -11.74 -19.68 6.68
C LEU A 118 -11.91 -19.79 5.16
N ASP A 119 -13.02 -20.32 4.72
CA ASP A 119 -13.26 -20.45 3.25
C ASP A 119 -14.18 -19.32 2.77
N ASP A 120 -13.74 -18.09 2.90
CA ASP A 120 -14.59 -16.95 2.45
C ASP A 120 -13.69 -15.80 1.99
N GLU A 121 -13.73 -15.48 0.72
CA GLU A 121 -12.88 -14.38 0.19
C GLU A 121 -13.13 -13.11 1.01
N TYR A 122 -14.16 -13.10 1.80
CA TYR A 122 -14.47 -11.90 2.62
C TYR A 122 -13.55 -11.88 3.85
N LEU A 123 -13.65 -12.86 4.70
CA LEU A 123 -12.79 -12.89 5.91
C LEU A 123 -11.35 -13.19 5.50
N LYS A 124 -11.14 -13.88 4.41
CA LYS A 124 -9.75 -14.18 3.97
C LYS A 124 -9.08 -12.88 3.53
N GLU A 125 -9.71 -12.15 2.67
CA GLU A 125 -9.11 -10.86 2.21
C GLU A 125 -8.92 -9.97 3.43
N ARG A 126 -9.64 -10.24 4.48
CA ARG A 126 -9.47 -9.42 5.71
C ARG A 126 -8.13 -9.83 6.31
N ALA A 127 -7.72 -11.04 6.05
CA ALA A 127 -6.42 -11.53 6.58
C ALA A 127 -5.32 -10.61 6.05
N ALA A 128 -5.37 -10.29 4.80
CA ALA A 128 -4.35 -9.37 4.22
C ALA A 128 -4.51 -7.99 4.83
N ASP A 129 -5.73 -7.58 5.08
CA ASP A 129 -5.97 -6.24 5.69
C ASP A 129 -5.48 -6.25 7.15
N VAL A 130 -5.58 -7.37 7.81
CA VAL A 130 -5.13 -7.43 9.22
C VAL A 130 -3.60 -7.53 9.23
N ARG A 131 -3.04 -8.37 8.41
CA ARG A 131 -1.57 -8.49 8.37
C ARG A 131 -0.99 -7.11 8.04
N ASP A 132 -1.63 -6.40 7.15
CA ASP A 132 -1.13 -5.05 6.76
C ASP A 132 -1.03 -4.17 8.01
N ILE A 133 -1.97 -4.28 8.92
CA ILE A 133 -1.91 -3.45 10.14
C ILE A 133 -0.73 -3.92 11.01
N GLY A 134 -0.28 -5.13 10.78
CA GLY A 134 0.87 -5.66 11.58
C GLY A 134 2.19 -5.10 11.03
N LYS A 135 2.42 -5.26 9.75
CA LYS A 135 3.71 -4.76 9.16
C LYS A 135 3.91 -3.31 9.62
N ARG A 136 2.86 -2.54 9.65
CA ARG A 136 3.00 -1.12 10.11
C ARG A 136 3.40 -1.14 11.58
N LEU A 137 2.75 -1.94 12.36
CA LEU A 137 3.09 -2.01 13.82
C LEU A 137 4.59 -2.29 13.96
N LEU A 138 5.11 -3.21 13.19
CA LEU A 138 6.56 -3.53 13.29
C LEU A 138 7.38 -2.27 12.94
N ARG A 139 7.22 -1.76 11.75
CA ARG A 139 7.98 -0.55 11.35
C ARG A 139 8.00 0.49 12.48
N ASN A 140 7.07 0.39 13.40
CA ASN A 140 7.03 1.37 14.51
C ASN A 140 7.97 0.92 15.64
N ILE A 141 7.86 -0.31 16.05
CA ILE A 141 8.75 -0.81 17.14
C ILE A 141 10.21 -0.73 16.68
N LEU A 142 10.46 -0.98 15.42
CA LEU A 142 11.87 -0.93 14.90
C LEU A 142 12.18 0.51 14.45
N GLY A 143 11.21 1.37 14.50
CA GLY A 143 11.45 2.78 14.07
C GLY A 143 11.95 2.76 12.63
N LEU A 144 11.65 1.71 11.92
CA LEU A 144 12.11 1.63 10.51
C LEU A 144 11.45 2.75 9.69
N LYS A 145 11.99 3.06 8.53
CA LYS A 145 11.38 4.14 7.70
C LYS A 145 9.98 3.72 7.26
N ILE A 146 9.11 4.68 7.04
CA ILE A 146 7.73 4.35 6.59
C ILE A 146 7.57 4.76 5.12
N ILE A 147 6.82 4.00 4.36
CA ILE A 147 6.64 4.35 2.93
C ILE A 147 5.66 5.51 2.82
N ASP A 148 6.17 6.71 2.63
CA ASP A 148 5.27 7.89 2.51
C ASP A 148 5.03 8.20 1.04
N LEU A 149 3.98 7.68 0.47
CA LEU A 149 3.68 7.95 -0.96
C LEU A 149 3.02 9.32 -1.07
N SER A 150 2.62 9.90 0.02
CA SER A 150 1.99 11.25 -0.02
C SER A 150 3.09 12.31 0.03
N ALA A 151 4.12 12.16 -0.77
CA ALA A 151 5.23 13.15 -0.75
C ALA A 151 5.65 13.50 -2.18
N ILE A 152 4.84 13.20 -3.15
CA ILE A 152 5.22 13.53 -4.55
C ILE A 152 5.20 15.05 -4.73
N GLN A 153 6.01 15.56 -5.62
CA GLN A 153 6.06 17.04 -5.86
C GLN A 153 6.01 17.30 -7.36
N ASP A 154 6.39 16.33 -8.15
CA ASP A 154 6.37 16.49 -9.64
C ASP A 154 5.38 15.49 -10.23
N GLU A 155 4.79 15.80 -11.35
CA GLU A 155 3.81 14.87 -11.96
C GLU A 155 4.52 13.61 -12.45
N VAL A 156 4.08 12.46 -12.01
CA VAL A 156 4.72 11.19 -12.45
C VAL A 156 3.67 10.08 -12.50
N ILE A 157 4.00 8.97 -13.10
CA ILE A 157 3.04 7.85 -13.15
C ILE A 157 3.27 6.98 -11.92
N LEU A 158 2.28 6.22 -11.51
CA LEU A 158 2.43 5.34 -10.31
C LEU A 158 2.54 3.88 -10.75
N VAL A 159 3.62 3.24 -10.39
CA VAL A 159 3.84 1.81 -10.74
C VAL A 159 4.07 1.01 -9.45
N ALA A 160 3.34 -0.05 -9.27
CA ALA A 160 3.51 -0.86 -8.04
C ALA A 160 2.88 -2.23 -8.23
N ALA A 161 3.36 -3.23 -7.56
CA ALA A 161 2.74 -4.56 -7.72
C ALA A 161 1.27 -4.46 -7.32
N ASP A 162 1.00 -3.78 -6.23
CA ASP A 162 -0.41 -3.63 -5.79
C ASP A 162 -0.47 -2.64 -4.62
N LEU A 163 -1.60 -1.99 -4.45
CA LEU A 163 -1.74 -0.99 -3.34
C LEU A 163 -2.97 -1.34 -2.49
N THR A 164 -2.83 -1.34 -1.20
CA THR A 164 -3.99 -1.68 -0.32
C THR A 164 -4.72 -0.38 0.08
N PRO A 165 -5.99 -0.45 0.40
CA PRO A 165 -6.80 0.74 0.79
C PRO A 165 -5.99 1.78 1.56
N SER A 166 -5.30 1.37 2.58
CA SER A 166 -4.49 2.36 3.38
C SER A 166 -3.63 3.18 2.42
N GLU A 167 -2.92 2.53 1.55
CA GLU A 167 -2.05 3.27 0.59
C GLU A 167 -2.91 4.16 -0.30
N THR A 168 -4.03 3.67 -0.76
CA THR A 168 -4.90 4.50 -1.64
C THR A 168 -5.55 5.61 -0.81
N ALA A 169 -5.81 5.35 0.44
CA ALA A 169 -6.45 6.38 1.30
C ALA A 169 -5.49 7.55 1.53
N GLN A 170 -4.20 7.29 1.54
CA GLN A 170 -3.20 8.38 1.77
C GLN A 170 -2.55 8.79 0.44
N LEU A 171 -2.86 8.11 -0.63
CA LEU A 171 -2.24 8.50 -1.94
C LEU A 171 -2.58 9.96 -2.21
N ASN A 172 -1.76 10.66 -2.96
CA ASN A 172 -2.03 12.10 -3.25
C ASN A 172 -2.67 12.26 -4.63
N LEU A 173 -3.97 12.23 -4.71
CA LEU A 173 -4.64 12.39 -6.02
C LEU A 173 -4.61 13.88 -6.41
N LYS A 174 -3.58 14.57 -6.01
CA LYS A 174 -3.46 16.03 -6.34
C LYS A 174 -2.31 16.24 -7.34
N LYS A 175 -1.36 15.34 -7.37
CA LYS A 175 -0.20 15.48 -8.32
C LYS A 175 0.02 14.16 -9.05
N VAL A 176 -0.84 13.20 -8.87
CA VAL A 176 -0.65 11.88 -9.57
C VAL A 176 -1.13 12.01 -11.01
N LEU A 177 -0.61 11.19 -11.90
CA LEU A 177 -1.00 11.26 -13.34
C LEU A 177 -1.80 10.01 -13.72
N GLY A 178 -1.56 8.90 -13.07
CA GLY A 178 -2.32 7.67 -13.41
C GLY A 178 -1.93 6.53 -12.46
N PHE A 179 -2.54 5.38 -12.60
CA PHE A 179 -2.20 4.22 -11.71
C PHE A 179 -1.91 2.98 -12.56
N ILE A 180 -0.77 2.38 -12.34
CA ILE A 180 -0.39 1.14 -13.10
C ILE A 180 0.02 0.08 -12.08
N THR A 181 -0.68 -1.02 -12.04
CA THR A 181 -0.34 -2.09 -11.06
C THR A 181 -0.52 -3.48 -11.69
N ASP A 182 0.21 -4.45 -11.22
CA ASP A 182 0.08 -5.83 -11.81
C ASP A 182 -1.04 -6.61 -11.10
N ALA A 183 -2.17 -6.01 -10.87
CA ALA A 183 -3.29 -6.73 -10.19
C ALA A 183 -4.25 -7.30 -11.25
N GLY A 184 -4.17 -8.58 -11.50
CA GLY A 184 -5.08 -9.17 -12.53
C GLY A 184 -6.47 -9.37 -11.93
N GLY A 185 -6.94 -8.43 -11.15
CA GLY A 185 -8.29 -8.57 -10.53
C GLY A 185 -9.32 -7.80 -11.35
N ARG A 186 -10.27 -8.48 -11.92
CA ARG A 186 -11.31 -7.78 -12.72
C ARG A 186 -11.90 -6.66 -11.87
N THR A 187 -11.69 -6.74 -10.58
CA THR A 187 -12.24 -5.70 -9.65
C THR A 187 -11.19 -5.40 -8.57
N SER A 188 -10.02 -4.97 -8.97
CA SER A 188 -8.96 -4.65 -7.96
C SER A 188 -9.23 -3.27 -7.37
N HIS A 189 -8.98 -3.09 -6.10
CA HIS A 189 -9.24 -1.76 -5.47
C HIS A 189 -8.70 -0.64 -6.35
N THR A 190 -7.43 -0.69 -6.69
CA THR A 190 -6.85 0.37 -7.55
C THR A 190 -7.78 0.64 -8.75
N SER A 191 -8.55 -0.33 -9.12
CA SER A 191 -9.48 -0.15 -10.28
C SER A 191 -10.71 0.64 -9.83
N ILE A 192 -11.29 0.28 -8.72
CA ILE A 192 -12.51 0.99 -8.24
C ILE A 192 -12.22 2.50 -8.20
N MET A 193 -11.01 2.89 -7.91
CA MET A 193 -10.68 4.34 -7.89
C MET A 193 -10.70 4.84 -9.32
N ALA A 194 -9.97 4.16 -10.16
CA ALA A 194 -9.91 4.54 -11.59
C ALA A 194 -11.33 4.59 -12.17
N ARG A 195 -12.22 3.80 -11.65
CA ARG A 195 -13.62 3.80 -12.18
C ARG A 195 -14.38 5.02 -11.65
N SER A 196 -14.35 5.25 -10.36
CA SER A 196 -15.08 6.42 -9.79
C SER A 196 -14.41 7.72 -10.24
N LEU A 197 -13.11 7.71 -10.36
CA LEU A 197 -12.39 8.95 -10.78
C LEU A 197 -12.33 9.00 -12.31
N GLU A 198 -12.91 8.03 -12.96
CA GLU A 198 -12.93 8.01 -14.45
C GLU A 198 -11.54 8.26 -15.04
N LEU A 199 -10.52 8.37 -14.23
CA LEU A 199 -9.16 8.61 -14.80
C LEU A 199 -8.75 7.36 -15.60
N PRO A 200 -7.66 7.40 -16.36
CA PRO A 200 -7.21 6.23 -17.15
C PRO A 200 -6.24 5.36 -16.34
N ALA A 201 -6.31 4.06 -16.46
CA ALA A 201 -5.38 3.22 -15.67
C ALA A 201 -5.31 1.80 -16.23
N ILE A 202 -4.52 0.98 -15.61
CA ILE A 202 -4.37 -0.45 -16.03
C ILE A 202 -4.09 -1.26 -14.77
N VAL A 203 -4.30 -2.57 -14.79
CA VAL A 203 -4.06 -3.38 -13.56
C VAL A 203 -3.43 -4.73 -13.91
N GLY A 204 -3.69 -5.23 -15.08
CA GLY A 204 -3.13 -6.57 -15.47
C GLY A 204 -1.75 -6.42 -16.11
N THR A 205 -0.92 -5.53 -15.62
CA THR A 205 0.43 -5.36 -16.22
C THR A 205 1.24 -6.63 -15.95
N GLY A 206 0.95 -7.29 -14.87
CA GLY A 206 1.69 -8.55 -14.57
C GLY A 206 3.10 -8.25 -14.03
N SER A 207 4.10 -8.33 -14.87
CA SER A 207 5.52 -8.13 -14.39
C SER A 207 6.16 -6.86 -14.95
N VAL A 208 5.45 -5.76 -14.97
CA VAL A 208 6.08 -4.51 -15.47
C VAL A 208 6.97 -3.97 -14.35
N THR A 209 6.64 -4.25 -13.13
CA THR A 209 7.48 -3.76 -12.00
C THR A 209 8.86 -4.42 -12.09
N SER A 210 8.98 -5.44 -12.89
CA SER A 210 10.29 -6.14 -13.05
C SER A 210 10.86 -5.81 -14.42
N GLN A 211 10.36 -4.77 -15.05
CA GLN A 211 10.86 -4.36 -16.40
C GLN A 211 11.15 -2.86 -16.42
N VAL A 212 10.64 -2.14 -15.46
CA VAL A 212 10.89 -0.66 -15.40
C VAL A 212 11.60 -0.29 -14.09
N LYS A 213 12.17 0.88 -14.03
CA LYS A 213 12.86 1.34 -12.78
C LYS A 213 12.25 2.69 -12.42
N ASN A 214 12.60 3.25 -11.30
CA ASN A 214 12.03 4.56 -10.92
C ASN A 214 12.67 5.68 -11.76
N ASP A 215 11.90 6.69 -12.09
CA ASP A 215 12.43 7.84 -12.91
C ASP A 215 12.46 7.47 -14.39
N ASP A 216 12.29 6.22 -14.71
CA ASP A 216 12.28 5.83 -16.14
C ASP A 216 11.21 6.64 -16.87
N TYR A 217 11.38 6.90 -18.14
CA TYR A 217 10.34 7.68 -18.87
C TYR A 217 9.29 6.71 -19.41
N LEU A 218 8.10 6.76 -18.87
CA LEU A 218 7.02 5.84 -19.35
C LEU A 218 6.00 6.62 -20.18
N ILE A 219 5.24 5.91 -20.96
CA ILE A 219 4.18 6.54 -21.80
C ILE A 219 2.97 5.62 -21.80
N LEU A 220 1.93 6.00 -21.12
CA LEU A 220 0.72 5.14 -21.05
C LEU A 220 -0.16 5.46 -22.26
N ASP A 221 -0.53 4.45 -23.01
CA ASP A 221 -1.41 4.71 -24.20
C ASP A 221 -2.87 4.54 -23.77
N ALA A 222 -3.18 3.44 -23.18
CA ALA A 222 -4.58 3.20 -22.73
C ALA A 222 -5.52 3.30 -23.93
N VAL A 223 -5.00 3.10 -25.12
CA VAL A 223 -5.85 3.14 -26.35
C VAL A 223 -5.79 1.76 -26.99
N ASN A 224 -4.59 1.30 -27.28
CA ASN A 224 -4.43 -0.06 -27.86
C ASN A 224 -4.12 -1.02 -26.71
N ASN A 225 -4.32 -0.56 -25.50
CA ASN A 225 -4.04 -1.40 -24.30
C ASN A 225 -2.57 -1.81 -24.28
N GLN A 226 -1.68 -0.86 -24.22
CA GLN A 226 -0.23 -1.21 -24.20
C GLN A 226 0.60 -0.06 -23.60
N VAL A 227 1.67 -0.40 -22.92
CA VAL A 227 2.55 0.64 -22.30
C VAL A 227 3.87 0.70 -23.07
N TYR A 228 4.32 1.86 -23.44
CA TYR A 228 5.61 1.99 -24.21
C TYR A 228 6.70 2.48 -23.27
N VAL A 229 7.84 1.83 -23.29
CA VAL A 229 8.96 2.24 -22.39
C VAL A 229 10.01 2.99 -23.21
N ASN A 230 10.21 4.26 -22.93
CA ASN A 230 11.22 5.06 -23.67
C ASN A 230 11.12 4.79 -25.18
N PRO A 231 10.00 5.09 -25.77
CA PRO A 231 9.80 4.88 -27.23
C PRO A 231 10.63 5.88 -28.05
N THR A 232 10.79 5.64 -29.33
CA THR A 232 11.58 6.58 -30.16
C THR A 232 10.81 7.88 -30.38
N ASN A 233 11.49 8.94 -30.70
CA ASN A 233 10.80 10.24 -30.94
C ASN A 233 9.89 10.11 -32.16
N GLU A 234 10.18 9.17 -33.01
CA GLU A 234 9.34 8.97 -34.23
C GLU A 234 7.95 8.50 -33.81
N VAL A 235 7.88 7.68 -32.79
CA VAL A 235 6.56 7.18 -32.33
C VAL A 235 5.90 8.28 -31.48
N ILE A 236 6.62 8.81 -30.54
CA ILE A 236 6.05 9.88 -29.68
C ILE A 236 5.53 11.03 -30.54
N ASP A 237 6.39 11.62 -31.32
CA ASP A 237 5.96 12.75 -32.19
C ASP A 237 4.74 12.34 -33.01
N LYS A 238 4.73 11.15 -33.53
CA LYS A 238 3.57 10.69 -34.34
C LYS A 238 2.32 10.57 -33.46
N MET A 239 2.49 10.13 -32.24
CA MET A 239 1.30 10.00 -31.34
C MET A 239 0.98 11.35 -30.70
N ARG A 240 1.98 12.17 -30.45
CA ARG A 240 1.70 13.49 -29.83
C ARG A 240 0.66 14.23 -30.67
N ALA A 241 0.75 14.13 -31.97
CA ALA A 241 -0.24 14.84 -32.83
C ALA A 241 -1.56 14.08 -32.81
N VAL A 242 -1.53 12.79 -33.07
CA VAL A 242 -2.79 12.00 -33.07
C VAL A 242 -3.37 11.97 -31.66
N GLN A 243 -2.55 11.69 -30.68
CA GLN A 243 -3.04 11.64 -29.27
C GLN A 243 -3.90 12.88 -28.99
N GLU A 244 -3.33 14.04 -29.16
CA GLU A 244 -4.09 15.28 -28.87
C GLU A 244 -5.30 15.41 -29.80
N GLN A 245 -5.24 14.86 -30.98
CA GLN A 245 -6.41 14.98 -31.88
C GLN A 245 -7.56 14.16 -31.26
N VAL A 246 -7.22 13.24 -30.41
CA VAL A 246 -8.29 12.43 -29.75
C VAL A 246 -8.93 13.27 -28.65
N ALA A 247 -8.13 14.07 -27.97
CA ALA A 247 -8.69 14.93 -26.91
C ALA A 247 -9.83 15.75 -27.50
N SER A 248 -9.70 16.13 -28.74
CA SER A 248 -10.79 16.91 -29.39
C SER A 248 -11.94 15.97 -29.73
N GLU A 249 -11.65 14.72 -30.00
CA GLU A 249 -12.74 13.77 -30.31
C GLU A 249 -13.54 13.56 -29.03
N MET A 1 5.45 -5.13 -25.23
CA MET A 1 4.75 -6.42 -25.01
C MET A 1 4.18 -6.47 -23.59
N ILE A 2 3.16 -5.68 -23.34
CA ILE A 2 2.54 -5.66 -21.97
C ILE A 2 1.02 -5.61 -22.13
N SER A 3 0.38 -6.74 -22.11
CA SER A 3 -1.12 -6.78 -22.26
C SER A 3 -1.79 -6.83 -20.90
N GLY A 4 -2.52 -5.81 -20.54
CA GLY A 4 -3.24 -5.80 -19.23
C GLY A 4 -4.73 -5.99 -19.48
N ILE A 5 -5.55 -5.69 -18.52
CA ILE A 5 -7.02 -5.85 -18.72
C ILE A 5 -7.61 -4.50 -19.14
N LEU A 6 -6.81 -3.48 -19.14
CA LEU A 6 -7.31 -2.14 -19.57
C LEU A 6 -8.46 -1.73 -18.64
N ALA A 7 -8.23 -0.78 -17.78
CA ALA A 7 -9.33 -0.33 -16.86
C ALA A 7 -10.16 0.71 -17.59
N SER A 8 -9.53 1.75 -18.06
CA SER A 8 -10.27 2.81 -18.80
C SER A 8 -9.34 3.39 -19.87
N PRO A 9 -9.88 3.87 -20.98
CA PRO A 9 -9.05 4.42 -22.09
C PRO A 9 -8.59 5.86 -21.85
N GLY A 10 -7.49 6.23 -22.47
CA GLY A 10 -6.96 7.63 -22.32
C GLY A 10 -5.48 7.67 -22.72
N ILE A 11 -4.84 8.79 -22.57
CA ILE A 11 -3.40 8.89 -22.95
C ILE A 11 -2.69 9.87 -21.99
N ALA A 12 -1.68 9.41 -21.30
CA ALA A 12 -0.95 10.29 -20.35
C ALA A 12 0.56 10.02 -20.43
N PHE A 13 1.37 10.93 -19.94
CA PHE A 13 2.85 10.75 -19.97
C PHE A 13 3.40 11.00 -18.55
N GLY A 14 4.36 10.23 -18.10
CA GLY A 14 4.88 10.49 -16.72
C GLY A 14 6.07 9.58 -16.39
N LYS A 15 6.85 9.96 -15.42
CA LYS A 15 8.04 9.13 -15.03
C LYS A 15 7.58 7.94 -14.18
N ALA A 16 8.31 6.86 -14.24
CA ALA A 16 7.91 5.65 -13.46
C ALA A 16 8.18 5.84 -11.97
N LEU A 17 7.18 5.61 -11.14
CA LEU A 17 7.36 5.75 -9.66
C LEU A 17 7.21 4.34 -9.06
N LEU A 18 8.27 3.58 -9.02
CA LEU A 18 8.17 2.19 -8.48
C LEU A 18 8.24 2.20 -6.95
N LEU A 19 7.34 1.50 -6.34
CA LEU A 19 7.29 1.45 -4.83
C LEU A 19 8.05 0.21 -4.34
N LYS A 20 9.30 0.38 -4.01
CA LYS A 20 10.11 -0.77 -3.50
C LYS A 20 10.07 -0.76 -1.97
N GLU A 21 10.00 -1.93 -1.37
CA GLU A 21 9.95 -2.01 0.12
C GLU A 21 11.01 -2.98 0.60
N ASP A 22 11.75 -2.62 1.62
CA ASP A 22 12.80 -3.54 2.12
C ASP A 22 12.15 -4.64 2.95
N GLU A 23 12.58 -5.86 2.76
CA GLU A 23 11.97 -6.98 3.54
C GLU A 23 12.21 -6.74 5.04
N ILE A 24 11.26 -7.09 5.85
CA ILE A 24 11.41 -6.87 7.32
C ILE A 24 12.07 -8.09 7.97
N VAL A 25 13.05 -7.86 8.81
CA VAL A 25 13.75 -8.98 9.50
C VAL A 25 13.32 -9.03 10.96
N ILE A 26 12.63 -10.07 11.36
CA ILE A 26 12.18 -10.19 12.77
C ILE A 26 13.28 -10.85 13.59
N ASP A 27 13.57 -10.31 14.76
CA ASP A 27 14.63 -10.91 15.61
C ASP A 27 14.03 -11.97 16.53
N ARG A 28 14.38 -13.21 16.33
CA ARG A 28 13.82 -14.30 17.19
C ARG A 28 14.83 -14.59 18.31
N LYS A 29 15.62 -13.62 18.67
CA LYS A 29 16.62 -13.83 19.75
C LYS A 29 15.96 -13.63 21.12
N LYS A 30 16.38 -14.37 22.10
CA LYS A 30 15.80 -14.21 23.46
C LYS A 30 16.52 -13.07 24.18
N ILE A 31 15.82 -12.03 24.53
CA ILE A 31 16.49 -10.88 25.21
C ILE A 31 16.65 -11.18 26.71
N SER A 32 17.34 -10.31 27.41
CA SER A 32 17.54 -10.52 28.88
C SER A 32 16.51 -9.69 29.64
N ALA A 33 16.27 -10.01 30.88
CA ALA A 33 15.28 -9.23 31.67
C ALA A 33 15.73 -7.76 31.74
N ASP A 34 16.97 -7.50 31.44
CA ASP A 34 17.47 -6.09 31.47
C ASP A 34 17.08 -5.39 30.17
N GLN A 35 16.56 -6.13 29.23
CA GLN A 35 16.15 -5.54 27.92
C GLN A 35 14.62 -5.65 27.77
N VAL A 36 14.00 -6.43 28.60
CA VAL A 36 12.52 -6.57 28.52
C VAL A 36 11.85 -5.25 28.86
N ASP A 37 12.29 -4.60 29.90
CA ASP A 37 11.69 -3.29 30.27
C ASP A 37 11.75 -2.35 29.07
N GLN A 38 12.78 -2.46 28.28
CA GLN A 38 12.92 -1.58 27.09
C GLN A 38 11.86 -1.92 26.03
N GLU A 39 11.51 -3.17 25.91
CA GLU A 39 10.49 -3.56 24.90
C GLU A 39 9.16 -2.88 25.23
N VAL A 40 8.78 -2.89 26.47
CA VAL A 40 7.49 -2.26 26.87
C VAL A 40 7.50 -0.77 26.50
N GLU A 41 8.55 -0.08 26.83
CA GLU A 41 8.63 1.37 26.48
C GLU A 41 8.66 1.52 24.96
N ARG A 42 9.44 0.71 24.31
CA ARG A 42 9.51 0.78 22.83
C ARG A 42 8.15 0.41 22.24
N PHE A 43 7.42 -0.46 22.91
CA PHE A 43 6.08 -0.87 22.40
C PHE A 43 5.04 0.13 22.90
N LEU A 44 4.92 0.28 24.19
CA LEU A 44 3.91 1.23 24.73
C LEU A 44 4.09 2.59 24.07
N SER A 45 5.25 3.18 24.20
CA SER A 45 5.48 4.50 23.58
C SER A 45 5.37 4.35 22.06
N GLY A 46 5.72 3.20 21.55
CA GLY A 46 5.60 2.97 20.09
C GLY A 46 4.15 3.23 19.69
N ARG A 47 3.23 2.57 20.32
CA ARG A 47 1.80 2.78 20.00
C ARG A 47 1.50 4.29 19.99
N ALA A 48 2.21 5.04 20.79
CA ALA A 48 1.97 6.51 20.83
C ALA A 48 2.21 7.07 19.41
N LYS A 49 3.20 6.57 18.76
CA LYS A 49 3.51 7.06 17.38
C LYS A 49 2.59 6.37 16.38
N ALA A 50 2.64 5.08 16.30
CA ALA A 50 1.76 4.35 15.34
C ALA A 50 0.30 4.82 15.48
N SER A 51 -0.15 5.01 16.69
CA SER A 51 -1.56 5.48 16.88
C SER A 51 -1.69 6.85 16.23
N ALA A 52 -0.67 7.64 16.34
CA ALA A 52 -0.71 9.00 15.75
C ALA A 52 -0.57 8.91 14.23
N GLN A 53 0.13 7.92 13.75
CA GLN A 53 0.29 7.77 12.27
C GLN A 53 -1.00 7.22 11.65
N LEU A 54 -1.34 6.01 11.99
CA LEU A 54 -2.59 5.41 11.42
C LEU A 54 -3.75 6.38 11.62
N GLU A 55 -3.68 7.21 12.62
CA GLU A 55 -4.78 8.19 12.86
C GLU A 55 -4.72 9.27 11.77
N THR A 56 -3.55 9.72 11.45
CA THR A 56 -3.42 10.78 10.40
C THR A 56 -3.96 10.24 9.07
N ILE A 57 -3.72 8.99 8.78
CA ILE A 57 -4.22 8.41 7.51
C ILE A 57 -5.75 8.29 7.58
N LYS A 58 -6.29 8.18 8.77
CA LYS A 58 -7.76 8.06 8.92
C LYS A 58 -8.46 9.31 8.36
N THR A 59 -7.99 10.47 8.70
CA THR A 59 -8.66 11.70 8.20
C THR A 59 -8.41 11.85 6.70
N LYS A 60 -7.30 11.39 6.20
CA LYS A 60 -7.06 11.52 4.75
C LYS A 60 -8.01 10.58 4.02
N ALA A 61 -8.54 9.62 4.73
CA ALA A 61 -9.49 8.66 4.10
C ALA A 61 -10.88 9.31 4.08
N GLY A 62 -11.19 10.11 5.08
CA GLY A 62 -12.51 10.76 5.13
C GLY A 62 -12.50 12.07 4.33
N GLU A 63 -11.35 12.70 4.23
CA GLU A 63 -11.28 13.98 3.46
C GLU A 63 -11.05 13.66 1.98
N THR A 64 -10.65 12.45 1.68
CA THR A 64 -10.41 12.07 0.26
C THR A 64 -11.65 11.39 -0.33
N PHE A 65 -12.21 10.42 0.37
CA PHE A 65 -13.43 9.71 -0.16
C PHE A 65 -14.67 10.16 0.60
N GLY A 66 -14.51 10.68 1.79
CA GLY A 66 -15.69 11.14 2.60
C GLY A 66 -15.74 10.40 3.94
N GLU A 67 -16.21 11.06 4.96
CA GLU A 67 -16.29 10.43 6.31
C GLU A 67 -16.95 9.04 6.22
N GLU A 68 -17.51 8.72 5.09
CA GLU A 68 -18.18 7.39 4.94
C GLU A 68 -17.16 6.25 5.07
N LYS A 69 -15.92 6.48 4.69
CA LYS A 69 -14.90 5.40 4.77
C LYS A 69 -14.16 5.43 6.12
N GLU A 70 -14.38 6.44 6.92
CA GLU A 70 -13.66 6.51 8.23
C GLU A 70 -14.07 5.34 9.13
N ALA A 71 -15.22 4.78 8.92
CA ALA A 71 -15.68 3.65 9.80
C ALA A 71 -14.77 2.43 9.61
N ILE A 72 -14.18 2.28 8.45
CA ILE A 72 -13.30 1.10 8.21
C ILE A 72 -11.99 1.25 8.98
N PHE A 73 -11.40 2.41 8.95
CA PHE A 73 -10.12 2.62 9.67
C PHE A 73 -10.40 2.85 11.17
N GLU A 74 -11.59 3.25 11.51
CA GLU A 74 -11.92 3.49 12.94
C GLU A 74 -11.85 2.18 13.71
N GLY A 75 -12.39 1.13 13.17
CA GLY A 75 -12.35 -0.19 13.87
C GLY A 75 -10.93 -0.75 13.82
N HIS A 76 -10.24 -0.56 12.73
CA HIS A 76 -8.84 -1.09 12.63
C HIS A 76 -7.95 -0.47 13.70
N ILE A 77 -8.32 0.67 14.24
CA ILE A 77 -7.47 1.29 15.30
C ILE A 77 -7.88 0.67 16.65
N MET A 78 -9.14 0.40 16.84
CA MET A 78 -9.58 -0.21 18.12
C MET A 78 -8.85 -1.54 18.30
N LEU A 79 -8.75 -2.29 17.24
CA LEU A 79 -8.02 -3.59 17.31
C LEU A 79 -6.57 -3.32 17.69
N LEU A 80 -6.02 -2.25 17.18
CA LEU A 80 -4.61 -1.93 17.51
C LEU A 80 -4.52 -1.51 18.98
N GLU A 81 -5.43 -0.70 19.43
CA GLU A 81 -5.40 -0.23 20.86
C GLU A 81 -6.10 -1.25 21.76
N ASP A 82 -6.49 -2.38 21.22
CA ASP A 82 -7.19 -3.39 22.06
C ASP A 82 -6.44 -3.59 23.38
N GLU A 83 -7.10 -3.38 24.47
CA GLU A 83 -6.45 -3.54 25.79
C GLU A 83 -6.11 -5.02 25.98
N GLU A 84 -6.83 -5.88 25.32
CA GLU A 84 -6.57 -7.34 25.49
C GLU A 84 -5.32 -7.72 24.71
N LEU A 85 -5.21 -7.32 23.47
CA LEU A 85 -3.99 -7.68 22.71
C LEU A 85 -2.79 -6.99 23.36
N GLU A 86 -3.05 -6.05 24.23
CA GLU A 86 -1.93 -5.32 24.90
C GLU A 86 -1.37 -6.18 26.04
N GLN A 87 -2.20 -6.58 26.96
CA GLN A 87 -1.72 -7.41 28.11
C GLN A 87 -1.19 -8.75 27.59
N GLU A 88 -1.67 -9.21 26.46
CA GLU A 88 -1.17 -10.51 25.92
C GLU A 88 0.25 -10.29 25.39
N ILE A 89 0.47 -9.23 24.69
CA ILE A 89 1.84 -8.95 24.18
C ILE A 89 2.77 -8.81 25.38
N ILE A 90 2.45 -7.91 26.28
CA ILE A 90 3.29 -7.70 27.49
C ILE A 90 3.62 -9.06 28.12
N ALA A 91 2.64 -9.86 28.39
CA ALA A 91 2.90 -11.20 29.01
C ALA A 91 3.80 -12.00 28.08
N LEU A 92 3.51 -12.00 26.81
CA LEU A 92 4.35 -12.77 25.86
C LEU A 92 5.79 -12.27 25.98
N ILE A 93 6.00 -11.00 25.78
CA ILE A 93 7.37 -10.43 25.89
C ILE A 93 8.01 -10.85 27.23
N LYS A 94 7.25 -10.87 28.29
CA LYS A 94 7.82 -11.24 29.63
C LYS A 94 7.82 -12.75 29.84
N ASP A 95 6.83 -13.45 29.37
CA ASP A 95 6.75 -14.92 29.62
C ASP A 95 7.61 -15.70 28.62
N LYS A 96 7.57 -15.37 27.36
CA LYS A 96 8.38 -16.13 26.36
C LYS A 96 9.63 -15.32 26.00
N HIS A 97 9.92 -14.29 26.74
CA HIS A 97 11.12 -13.46 26.44
C HIS A 97 11.18 -13.18 24.94
N MET A 98 10.09 -12.74 24.37
CA MET A 98 10.05 -12.45 22.91
C MET A 98 10.16 -10.94 22.70
N THR A 99 10.69 -10.53 21.58
CA THR A 99 10.83 -9.08 21.32
C THR A 99 9.48 -8.49 20.93
N ALA A 100 9.20 -7.28 21.30
CA ALA A 100 7.90 -6.66 20.94
C ALA A 100 7.72 -6.76 19.43
N ASP A 101 8.79 -6.80 18.71
CA ASP A 101 8.69 -6.91 17.23
C ASP A 101 8.25 -8.33 16.89
N ALA A 102 8.88 -9.29 17.51
CA ALA A 102 8.51 -10.71 17.25
C ALA A 102 7.15 -11.03 17.86
N ALA A 103 6.98 -10.73 19.11
CA ALA A 103 5.68 -11.02 19.79
C ALA A 103 4.55 -10.30 19.04
N ALA A 104 4.69 -9.03 18.80
CA ALA A 104 3.61 -8.28 18.09
C ALA A 104 3.31 -8.95 16.75
N HIS A 105 4.30 -9.52 16.12
CA HIS A 105 4.07 -10.20 14.81
C HIS A 105 3.25 -11.47 15.05
N GLU A 106 3.41 -12.09 16.19
CA GLU A 106 2.64 -13.33 16.47
C GLU A 106 1.16 -12.99 16.72
N VAL A 107 0.89 -12.15 17.67
CA VAL A 107 -0.52 -11.78 17.98
C VAL A 107 -1.19 -11.24 16.70
N ILE A 108 -0.56 -10.32 16.04
CA ILE A 108 -1.18 -9.75 14.81
C ILE A 108 -1.27 -10.84 13.73
N GLU A 109 -0.17 -11.27 13.19
CA GLU A 109 -0.23 -12.34 12.15
C GLU A 109 -1.09 -13.50 12.68
N GLY A 110 -0.86 -13.90 13.90
CA GLY A 110 -1.64 -15.02 14.49
C GLY A 110 -3.12 -14.84 14.17
N GLN A 111 -3.60 -13.63 14.23
CA GLN A 111 -5.04 -13.38 13.90
C GLN A 111 -5.23 -13.61 12.40
N ALA A 112 -4.53 -12.87 11.60
CA ALA A 112 -4.65 -13.03 10.13
C ALA A 112 -4.53 -14.52 9.79
N SER A 113 -3.61 -15.21 10.39
CA SER A 113 -3.45 -16.66 10.10
C SER A 113 -4.74 -17.38 10.45
N ALA A 114 -5.40 -16.98 11.50
CA ALA A 114 -6.66 -17.65 11.91
C ALA A 114 -7.72 -17.49 10.80
N LEU A 115 -7.76 -16.35 10.17
CA LEU A 115 -8.77 -16.16 9.08
C LEU A 115 -8.40 -17.07 7.92
N GLU A 116 -7.15 -17.34 7.74
CA GLU A 116 -6.73 -18.22 6.61
C GLU A 116 -7.34 -19.61 6.84
N GLU A 117 -7.76 -19.88 8.04
CA GLU A 117 -8.37 -21.20 8.34
C GLU A 117 -9.84 -21.20 7.91
N LEU A 118 -10.32 -20.09 7.40
CA LEU A 118 -11.76 -20.04 6.98
C LEU A 118 -11.87 -20.61 5.56
N ASP A 119 -13.05 -21.04 5.18
CA ASP A 119 -13.26 -21.60 3.81
C ASP A 119 -13.90 -20.53 2.93
N ASP A 120 -13.34 -19.35 2.91
CA ASP A 120 -13.91 -18.26 2.07
C ASP A 120 -12.79 -17.36 1.54
N GLU A 121 -12.65 -17.28 0.24
CA GLU A 121 -11.58 -16.43 -0.35
C GLU A 121 -11.79 -14.98 0.07
N TYR A 122 -12.97 -14.66 0.48
CA TYR A 122 -13.27 -13.26 0.91
C TYR A 122 -12.66 -13.01 2.30
N LEU A 123 -13.15 -13.68 3.30
CA LEU A 123 -12.61 -13.49 4.67
C LEU A 123 -11.07 -13.53 4.62
N LYS A 124 -10.51 -14.29 3.72
CA LYS A 124 -9.03 -14.33 3.64
C LYS A 124 -8.52 -12.96 3.21
N GLU A 125 -9.22 -12.33 2.30
CA GLU A 125 -8.77 -10.99 1.86
C GLU A 125 -8.74 -10.07 3.08
N ARG A 126 -9.48 -10.40 4.10
CA ARG A 126 -9.44 -9.56 5.32
C ARG A 126 -8.10 -9.85 5.99
N ALA A 127 -7.58 -11.03 5.77
CA ALA A 127 -6.27 -11.38 6.38
C ALA A 127 -5.24 -10.36 5.92
N ALA A 128 -5.31 -9.97 4.67
CA ALA A 128 -4.36 -8.96 4.15
C ALA A 128 -4.62 -7.62 4.85
N ASP A 129 -5.86 -7.32 5.11
CA ASP A 129 -6.20 -6.03 5.80
C ASP A 129 -5.72 -6.10 7.24
N VAL A 130 -5.81 -7.24 7.86
CA VAL A 130 -5.35 -7.37 9.27
C VAL A 130 -3.82 -7.44 9.26
N ARG A 131 -3.26 -8.21 8.37
CA ARG A 131 -1.78 -8.30 8.29
C ARG A 131 -1.26 -6.90 7.98
N ASP A 132 -1.98 -6.16 7.20
CA ASP A 132 -1.54 -4.77 6.85
C ASP A 132 -1.38 -3.97 8.14
N ILE A 133 -2.22 -4.18 9.11
CA ILE A 133 -2.09 -3.42 10.38
C ILE A 133 -0.79 -3.84 11.07
N GLY A 134 -0.33 -5.03 10.82
CA GLY A 134 0.94 -5.49 11.44
C GLY A 134 2.13 -4.87 10.70
N LYS A 135 2.06 -4.85 9.40
CA LYS A 135 3.17 -4.28 8.59
C LYS A 135 3.46 -2.84 9.04
N ARG A 136 2.45 -2.00 9.04
CA ARG A 136 2.69 -0.60 9.48
C ARG A 136 3.12 -0.59 10.94
N LEU A 137 2.53 -1.45 11.74
CA LEU A 137 2.90 -1.51 13.19
C LEU A 137 4.37 -1.90 13.32
N LEU A 138 4.85 -2.81 12.52
CA LEU A 138 6.28 -3.22 12.62
C LEU A 138 7.17 -2.06 12.19
N ARG A 139 6.96 -1.54 11.01
CA ARG A 139 7.80 -0.40 10.54
C ARG A 139 7.86 0.68 11.62
N ASN A 140 6.94 0.65 12.54
CA ASN A 140 6.94 1.68 13.62
C ASN A 140 7.89 1.26 14.74
N ILE A 141 7.91 0.00 15.08
CA ILE A 141 8.83 -0.47 16.15
C ILE A 141 10.28 -0.33 15.70
N LEU A 142 10.56 -0.65 14.47
CA LEU A 142 11.96 -0.53 13.97
C LEU A 142 12.18 0.88 13.41
N GLY A 143 11.19 1.73 13.50
CA GLY A 143 11.36 3.11 12.98
C GLY A 143 11.79 3.02 11.52
N LEU A 144 11.40 1.99 10.85
CA LEU A 144 11.79 1.82 9.43
C LEU A 144 11.29 3.03 8.62
N LYS A 145 12.01 3.41 7.60
CA LYS A 145 11.58 4.58 6.77
C LYS A 145 10.31 4.22 6.00
N ILE A 146 9.33 5.09 6.04
CA ILE A 146 8.05 4.84 5.30
C ILE A 146 7.93 5.81 4.12
N ILE A 147 7.38 5.37 3.02
CA ILE A 147 7.26 6.26 1.84
C ILE A 147 6.09 7.23 2.04
N ASP A 148 6.30 8.49 1.78
CA ASP A 148 5.22 9.50 1.94
C ASP A 148 4.59 9.79 0.58
N LEU A 149 3.60 9.03 0.19
CA LEU A 149 2.95 9.26 -1.13
C LEU A 149 1.96 10.43 -1.02
N SER A 150 1.50 10.72 0.17
CA SER A 150 0.54 11.84 0.34
C SER A 150 1.30 13.16 0.38
N ALA A 151 2.52 13.18 -0.09
CA ALA A 151 3.34 14.42 -0.08
C ALA A 151 4.09 14.56 -1.42
N ILE A 152 3.52 14.03 -2.47
CA ILE A 152 4.19 14.13 -3.80
C ILE A 152 4.07 15.56 -4.30
N GLN A 153 4.99 15.99 -5.13
CA GLN A 153 4.95 17.40 -5.67
C GLN A 153 5.18 17.36 -7.18
N ASP A 154 5.40 16.19 -7.73
CA ASP A 154 5.62 16.07 -9.21
C ASP A 154 4.71 14.98 -9.75
N GLU A 155 3.92 15.29 -10.74
CA GLU A 155 3.00 14.28 -11.31
C GLU A 155 3.81 13.15 -11.96
N VAL A 156 3.49 11.93 -11.61
CA VAL A 156 4.22 10.76 -12.21
C VAL A 156 3.27 9.58 -12.30
N ILE A 157 3.70 8.50 -12.87
CA ILE A 157 2.82 7.30 -12.98
C ILE A 157 3.03 6.45 -11.72
N LEU A 158 2.01 5.75 -11.30
CA LEU A 158 2.14 4.90 -10.07
C LEU A 158 2.26 3.44 -10.48
N VAL A 159 3.34 2.81 -10.11
CA VAL A 159 3.56 1.36 -10.45
C VAL A 159 3.78 0.58 -9.15
N ALA A 160 3.01 -0.45 -8.95
CA ALA A 160 3.16 -1.26 -7.70
C ALA A 160 2.49 -2.61 -7.88
N ALA A 161 3.01 -3.64 -7.27
CA ALA A 161 2.38 -4.97 -7.42
C ALA A 161 0.92 -4.85 -6.96
N ASP A 162 0.69 -4.09 -5.93
CA ASP A 162 -0.71 -3.91 -5.44
C ASP A 162 -0.74 -2.87 -4.33
N LEU A 163 -1.82 -2.13 -4.23
CA LEU A 163 -1.93 -1.06 -3.17
C LEU A 163 -3.10 -1.40 -2.24
N THR A 164 -2.91 -1.26 -0.95
CA THR A 164 -4.00 -1.57 0.02
C THR A 164 -4.77 -0.28 0.34
N PRO A 165 -6.03 -0.40 0.70
CA PRO A 165 -6.88 0.78 1.04
C PRO A 165 -6.09 1.87 1.77
N SER A 166 -5.22 1.49 2.66
CA SER A 166 -4.42 2.51 3.41
C SER A 166 -3.66 3.39 2.40
N GLU A 167 -2.86 2.78 1.57
CA GLU A 167 -2.10 3.57 0.57
C GLU A 167 -3.06 4.33 -0.35
N THR A 168 -4.12 3.70 -0.76
CA THR A 168 -5.09 4.40 -1.66
C THR A 168 -5.84 5.47 -0.86
N ALA A 169 -5.86 5.35 0.44
CA ALA A 169 -6.57 6.34 1.29
C ALA A 169 -5.69 7.57 1.50
N GLN A 170 -4.39 7.42 1.42
CA GLN A 170 -3.47 8.58 1.62
C GLN A 170 -2.94 9.04 0.26
N LEU A 171 -3.03 8.20 -0.74
CA LEU A 171 -2.54 8.61 -2.09
C LEU A 171 -3.34 9.84 -2.53
N ASN A 172 -2.73 10.76 -3.23
CA ASN A 172 -3.46 11.98 -3.68
C ASN A 172 -3.96 11.74 -5.11
N LEU A 173 -5.18 12.08 -5.37
CA LEU A 173 -5.76 11.85 -6.72
C LEU A 173 -5.30 12.91 -7.72
N LYS A 174 -5.28 14.16 -7.35
CA LYS A 174 -4.90 15.23 -8.34
C LYS A 174 -3.38 15.32 -8.51
N LYS A 175 -2.60 14.64 -7.71
CA LYS A 175 -1.11 14.71 -7.87
C LYS A 175 -0.65 13.47 -8.62
N VAL A 176 -1.54 12.53 -8.84
CA VAL A 176 -1.18 11.28 -9.58
C VAL A 176 -1.60 11.43 -11.04
N LEU A 177 -1.06 10.61 -11.91
CA LEU A 177 -1.42 10.68 -13.36
C LEU A 177 -2.13 9.39 -13.80
N GLY A 178 -1.98 8.33 -13.05
CA GLY A 178 -2.65 7.05 -13.43
C GLY A 178 -2.22 5.95 -12.47
N PHE A 179 -2.81 4.77 -12.57
CA PHE A 179 -2.44 3.65 -11.65
C PHE A 179 -2.08 2.39 -12.47
N ILE A 180 -0.90 1.88 -12.26
CA ILE A 180 -0.47 0.63 -12.97
C ILE A 180 -0.16 -0.41 -11.90
N THR A 181 -0.96 -1.43 -11.79
CA THR A 181 -0.71 -2.46 -10.73
C THR A 181 -0.97 -3.89 -11.21
N ASP A 182 -0.33 -4.83 -10.60
CA ASP A 182 -0.49 -6.27 -10.98
C ASP A 182 -1.79 -6.86 -10.38
N ALA A 183 -2.86 -6.13 -10.37
CA ALA A 183 -4.14 -6.66 -9.76
C ALA A 183 -5.09 -7.17 -10.85
N GLY A 184 -5.06 -8.44 -11.14
CA GLY A 184 -5.95 -9.00 -12.20
C GLY A 184 -7.35 -8.36 -12.16
N GLY A 185 -7.72 -7.78 -11.05
CA GLY A 185 -9.07 -7.12 -10.94
C GLY A 185 -9.93 -7.86 -9.93
N ARG A 186 -9.73 -9.13 -9.77
CA ARG A 186 -10.56 -9.91 -8.80
C ARG A 186 -10.48 -9.23 -7.43
N THR A 187 -11.60 -8.78 -6.92
CA THR A 187 -11.62 -8.11 -5.59
C THR A 187 -10.52 -7.05 -5.52
N SER A 188 -10.22 -6.42 -6.62
CA SER A 188 -9.15 -5.36 -6.60
C SER A 188 -9.77 -4.02 -6.20
N HIS A 189 -9.35 -3.46 -5.09
CA HIS A 189 -9.91 -2.16 -4.67
C HIS A 189 -9.36 -1.05 -5.59
N THR A 190 -8.10 -1.12 -5.92
CA THR A 190 -7.51 -0.09 -6.81
C THR A 190 -8.40 0.07 -8.05
N SER A 191 -8.94 -1.01 -8.53
CA SER A 191 -9.82 -0.93 -9.73
C SER A 191 -11.03 -0.06 -9.42
N ILE A 192 -11.59 -0.20 -8.24
CA ILE A 192 -12.78 0.61 -7.88
C ILE A 192 -12.42 2.10 -7.98
N MET A 193 -11.16 2.44 -7.85
CA MET A 193 -10.76 3.86 -7.95
C MET A 193 -10.89 4.27 -9.42
N ALA A 194 -10.18 3.58 -10.27
CA ALA A 194 -10.22 3.89 -11.70
C ALA A 194 -11.68 3.92 -12.19
N ARG A 195 -12.47 2.99 -11.73
CA ARG A 195 -13.90 2.95 -12.16
C ARG A 195 -14.65 4.14 -11.56
N SER A 196 -14.54 4.35 -10.28
CA SER A 196 -15.27 5.49 -9.66
C SER A 196 -14.65 6.82 -10.11
N LEU A 197 -13.35 6.87 -10.24
CA LEU A 197 -12.71 8.15 -10.69
C LEU A 197 -12.66 8.17 -12.22
N GLU A 198 -13.23 7.17 -12.84
CA GLU A 198 -13.27 7.10 -14.34
C GLU A 198 -11.93 7.49 -14.97
N LEU A 199 -10.87 7.58 -14.20
CA LEU A 199 -9.56 7.94 -14.82
C LEU A 199 -9.09 6.76 -15.70
N PRO A 200 -8.06 6.91 -16.52
CA PRO A 200 -7.56 5.80 -17.38
C PRO A 200 -6.51 4.97 -16.64
N ALA A 201 -6.52 3.66 -16.78
CA ALA A 201 -5.49 2.87 -16.04
C ALA A 201 -5.39 1.43 -16.57
N ILE A 202 -4.63 0.63 -15.88
CA ILE A 202 -4.44 -0.81 -16.27
C ILE A 202 -4.19 -1.59 -14.97
N VAL A 203 -4.51 -2.86 -14.93
CA VAL A 203 -4.32 -3.64 -13.66
C VAL A 203 -3.76 -5.04 -13.96
N GLY A 204 -4.20 -5.66 -14.99
CA GLY A 204 -3.67 -7.02 -15.31
C GLY A 204 -2.23 -6.87 -15.81
N THR A 205 -1.46 -6.00 -15.21
CA THR A 205 -0.06 -5.80 -15.66
C THR A 205 0.75 -7.04 -15.37
N GLY A 206 0.27 -7.88 -14.50
CA GLY A 206 1.02 -9.12 -14.20
C GLY A 206 2.38 -8.77 -13.59
N SER A 207 3.43 -8.84 -14.37
CA SER A 207 4.81 -8.58 -13.84
C SER A 207 5.47 -7.37 -14.49
N VAL A 208 4.78 -6.27 -14.62
CA VAL A 208 5.44 -5.06 -15.22
C VAL A 208 6.37 -4.48 -14.15
N THR A 209 6.06 -4.69 -12.90
CA THR A 209 6.92 -4.16 -11.81
C THR A 209 8.27 -4.87 -11.82
N SER A 210 8.37 -5.96 -12.54
CA SER A 210 9.66 -6.72 -12.59
C SER A 210 10.36 -6.40 -13.91
N GLN A 211 9.87 -5.44 -14.64
CA GLN A 211 10.50 -5.06 -15.94
C GLN A 211 10.69 -3.54 -16.00
N VAL A 212 10.18 -2.85 -15.01
CA VAL A 212 10.31 -1.36 -14.97
C VAL A 212 11.00 -0.97 -13.67
N LYS A 213 11.76 0.11 -13.68
CA LYS A 213 12.44 0.57 -12.44
C LYS A 213 11.96 2.00 -12.19
N ASN A 214 12.50 2.68 -11.23
CA ASN A 214 12.03 4.06 -10.96
C ASN A 214 12.67 5.03 -11.97
N ASP A 215 11.97 6.10 -12.29
CA ASP A 215 12.50 7.12 -13.24
C ASP A 215 12.29 6.68 -14.69
N ASP A 216 11.99 5.44 -14.93
CA ASP A 216 11.77 5.00 -16.33
C ASP A 216 10.64 5.86 -16.93
N TYR A 217 10.86 6.45 -18.07
CA TYR A 217 9.80 7.29 -18.68
C TYR A 217 8.88 6.41 -19.53
N LEU A 218 7.62 6.34 -19.18
CA LEU A 218 6.65 5.49 -19.94
C LEU A 218 5.55 6.34 -20.54
N ILE A 219 4.84 5.78 -21.49
CA ILE A 219 3.69 6.51 -22.13
C ILE A 219 2.48 5.58 -22.08
N LEU A 220 1.44 6.00 -21.43
CA LEU A 220 0.23 5.14 -21.34
C LEU A 220 -0.66 5.42 -22.55
N ASP A 221 -0.93 4.41 -23.35
CA ASP A 221 -1.79 4.64 -24.56
C ASP A 221 -3.23 4.27 -24.21
N ALA A 222 -3.40 3.32 -23.33
CA ALA A 222 -4.76 2.89 -22.92
C ALA A 222 -5.72 2.89 -24.12
N VAL A 223 -5.19 2.68 -25.29
CA VAL A 223 -6.03 2.64 -26.53
C VAL A 223 -5.77 1.29 -27.20
N ASN A 224 -4.58 1.09 -27.69
CA ASN A 224 -4.24 -0.22 -28.31
C ASN A 224 -3.83 -1.16 -27.18
N ASN A 225 -4.06 -0.74 -25.96
CA ASN A 225 -3.69 -1.57 -24.78
C ASN A 225 -2.19 -1.87 -24.79
N GLN A 226 -1.36 -0.86 -24.72
CA GLN A 226 0.11 -1.11 -24.72
C GLN A 226 0.87 0.06 -24.07
N VAL A 227 1.97 -0.25 -23.43
CA VAL A 227 2.80 0.80 -22.76
C VAL A 227 4.16 0.86 -23.46
N TYR A 228 4.72 2.04 -23.63
CA TYR A 228 6.05 2.17 -24.31
C TYR A 228 7.13 2.46 -23.25
N VAL A 229 8.19 1.69 -23.26
CA VAL A 229 9.27 1.89 -22.25
C VAL A 229 10.47 2.59 -22.90
N ASN A 230 10.84 3.73 -22.40
CA ASN A 230 12.01 4.47 -22.96
C ASN A 230 11.82 4.69 -24.46
N PRO A 231 10.97 5.61 -24.82
CA PRO A 231 10.69 5.96 -26.24
C PRO A 231 11.66 7.02 -26.78
N THR A 232 11.95 6.96 -28.06
CA THR A 232 12.90 7.96 -28.65
C THR A 232 12.24 9.33 -28.74
N ASN A 233 13.03 10.36 -28.86
CA ASN A 233 12.45 11.73 -28.95
C ASN A 233 11.61 11.86 -30.23
N GLU A 234 11.97 11.16 -31.25
CA GLU A 234 11.19 11.23 -32.53
C GLU A 234 9.80 10.64 -32.31
N VAL A 235 9.71 9.60 -31.53
CA VAL A 235 8.40 8.97 -31.27
C VAL A 235 7.60 9.85 -30.31
N ILE A 236 8.28 10.52 -29.41
CA ILE A 236 7.57 11.41 -28.45
C ILE A 236 7.09 12.67 -29.18
N ASP A 237 8.00 13.43 -29.73
CA ASP A 237 7.61 14.66 -30.45
C ASP A 237 6.56 14.35 -31.52
N LYS A 238 6.73 13.27 -32.23
CA LYS A 238 5.74 12.91 -33.28
C LYS A 238 4.40 12.59 -32.64
N MET A 239 4.42 11.99 -31.47
CA MET A 239 3.14 11.64 -30.78
C MET A 239 2.61 12.87 -30.05
N ARG A 240 3.47 13.64 -29.46
CA ARG A 240 3.01 14.85 -28.71
C ARG A 240 2.06 15.66 -29.60
N ALA A 241 2.43 15.89 -30.83
CA ALA A 241 1.56 16.69 -31.73
C ALA A 241 0.39 15.84 -32.25
N VAL A 242 0.68 14.81 -33.00
CA VAL A 242 -0.41 13.97 -33.56
C VAL A 242 -1.26 13.34 -32.44
N GLN A 243 -0.65 12.69 -31.50
CA GLN A 243 -1.45 12.06 -30.41
C GLN A 243 -2.35 13.11 -29.74
N GLU A 244 -1.85 14.29 -29.52
CA GLU A 244 -2.70 15.32 -28.87
C GLU A 244 -3.87 15.68 -29.79
N GLN A 245 -3.72 15.55 -31.08
CA GLN A 245 -4.86 15.87 -31.98
C GLN A 245 -5.95 14.83 -31.73
N VAL A 246 -5.59 13.68 -31.24
CA VAL A 246 -6.62 12.64 -30.96
C VAL A 246 -7.49 13.11 -29.79
N ALA A 247 -6.87 13.69 -28.81
CA ALA A 247 -7.63 14.19 -27.63
C ALA A 247 -8.66 15.22 -28.08
N SER A 248 -8.27 16.13 -28.91
CA SER A 248 -9.20 17.19 -29.37
C SER A 248 -10.13 16.63 -30.46
N GLU A 249 -9.67 15.71 -31.24
CA GLU A 249 -10.53 15.14 -32.32
C GLU A 249 -11.59 14.24 -31.71
N MET A 1 3.33 -7.16 -25.72
CA MET A 1 3.25 -5.79 -25.13
C MET A 1 2.74 -5.89 -23.69
N ILE A 2 1.83 -5.03 -23.31
CA ILE A 2 1.28 -5.05 -21.92
C ILE A 2 -0.26 -5.04 -22.00
N SER A 3 -0.88 -6.18 -22.04
CA SER A 3 -2.37 -6.23 -22.13
C SER A 3 -2.98 -6.28 -20.73
N GLY A 4 -3.74 -5.27 -20.37
CA GLY A 4 -4.40 -5.25 -19.02
C GLY A 4 -5.90 -5.28 -19.24
N ILE A 5 -6.67 -4.86 -18.26
CA ILE A 5 -8.15 -4.87 -18.42
C ILE A 5 -8.63 -3.49 -18.84
N LEU A 6 -7.75 -2.51 -18.78
CA LEU A 6 -8.16 -1.13 -19.19
C LEU A 6 -9.30 -0.67 -18.28
N ALA A 7 -9.01 0.19 -17.32
CA ALA A 7 -10.09 0.67 -16.42
C ALA A 7 -10.76 1.88 -17.04
N SER A 8 -9.98 2.83 -17.48
CA SER A 8 -10.57 4.07 -18.10
C SER A 8 -9.64 4.56 -19.22
N PRO A 9 -10.19 5.12 -20.29
CA PRO A 9 -9.36 5.62 -21.45
C PRO A 9 -8.71 6.98 -21.19
N GLY A 10 -7.60 7.23 -21.86
CA GLY A 10 -6.91 8.56 -21.69
C GLY A 10 -5.45 8.44 -22.14
N ILE A 11 -4.71 9.51 -22.11
CA ILE A 11 -3.28 9.47 -22.55
C ILE A 11 -2.44 10.41 -21.66
N ALA A 12 -1.45 9.88 -20.98
CA ALA A 12 -0.59 10.74 -20.12
C ALA A 12 0.86 10.24 -20.19
N PHE A 13 1.82 11.15 -20.23
CA PHE A 13 3.26 10.76 -20.29
C PHE A 13 3.90 11.00 -18.92
N GLY A 14 4.91 10.25 -18.56
CA GLY A 14 5.54 10.50 -17.22
C GLY A 14 6.59 9.43 -16.88
N LYS A 15 7.40 9.68 -15.88
CA LYS A 15 8.45 8.70 -15.47
C LYS A 15 7.84 7.61 -14.58
N ALA A 16 8.44 6.45 -14.58
CA ALA A 16 7.91 5.32 -13.76
C ALA A 16 8.26 5.48 -12.27
N LEU A 17 7.27 5.42 -11.41
CA LEU A 17 7.53 5.52 -9.93
C LEU A 17 7.29 4.13 -9.33
N LEU A 18 8.30 3.31 -9.27
CA LEU A 18 8.11 1.92 -8.74
C LEU A 18 8.15 1.94 -7.21
N LEU A 19 7.16 1.35 -6.62
CA LEU A 19 7.07 1.32 -5.12
C LEU A 19 7.65 0.01 -4.57
N LYS A 20 8.89 0.03 -4.19
CA LYS A 20 9.53 -1.20 -3.62
C LYS A 20 9.50 -1.10 -2.09
N GLU A 21 9.59 -2.21 -1.40
CA GLU A 21 9.55 -2.20 0.09
C GLU A 21 10.71 -3.04 0.62
N ASP A 22 11.43 -2.53 1.58
CA ASP A 22 12.58 -3.31 2.13
C ASP A 22 12.05 -4.37 3.09
N GLU A 23 12.58 -5.55 3.02
CA GLU A 23 12.12 -6.63 3.92
C GLU A 23 12.47 -6.26 5.37
N ILE A 24 11.59 -6.57 6.30
CA ILE A 24 11.86 -6.21 7.72
C ILE A 24 12.61 -7.37 8.40
N VAL A 25 13.59 -7.05 9.20
CA VAL A 25 14.38 -8.11 9.91
C VAL A 25 13.96 -8.15 11.38
N ILE A 26 13.37 -9.23 11.81
CA ILE A 26 12.92 -9.33 13.23
C ILE A 26 14.08 -9.86 14.09
N ASP A 27 14.32 -9.24 15.22
CA ASP A 27 15.42 -9.71 16.12
C ASP A 27 14.86 -10.75 17.09
N ARG A 28 15.39 -11.95 17.08
CA ARG A 28 14.89 -13.01 17.99
C ARG A 28 15.83 -13.14 19.20
N LYS A 29 16.43 -12.06 19.61
CA LYS A 29 17.37 -12.13 20.77
C LYS A 29 16.59 -12.05 22.09
N LYS A 30 16.97 -12.84 23.05
CA LYS A 30 16.27 -12.82 24.37
C LYS A 30 16.89 -11.70 25.22
N ILE A 31 16.08 -10.90 25.86
CA ILE A 31 16.62 -9.78 26.68
C ILE A 31 16.69 -10.16 28.16
N SER A 32 17.20 -9.28 28.96
CA SER A 32 17.30 -9.54 30.43
C SER A 32 16.13 -8.84 31.13
N ALA A 33 15.71 -9.34 32.26
CA ALA A 33 14.56 -8.71 32.96
C ALA A 33 14.85 -7.22 33.21
N ASP A 34 16.03 -6.77 32.93
CA ASP A 34 16.36 -5.33 33.16
C ASP A 34 15.92 -4.48 31.95
N GLN A 35 15.77 -5.09 30.80
CA GLN A 35 15.34 -4.30 29.58
C GLN A 35 13.88 -4.63 29.25
N VAL A 36 13.28 -5.54 29.98
CA VAL A 36 11.86 -5.90 29.69
C VAL A 36 10.98 -4.68 29.97
N ASP A 37 11.21 -3.99 31.06
CA ASP A 37 10.39 -2.80 31.37
C ASP A 37 10.41 -1.84 30.18
N GLN A 38 11.51 -1.77 29.48
CA GLN A 38 11.60 -0.87 28.30
C GLN A 38 10.72 -1.40 27.18
N GLU A 39 10.59 -2.70 27.06
CA GLU A 39 9.73 -3.26 25.97
C GLU A 39 8.29 -2.78 26.16
N VAL A 40 7.78 -2.87 27.35
CA VAL A 40 6.37 -2.44 27.60
C VAL A 40 6.22 -0.94 27.29
N GLU A 41 7.14 -0.13 27.74
CA GLU A 41 7.06 1.32 27.45
C GLU A 41 7.22 1.52 25.94
N ARG A 42 8.10 0.77 25.34
CA ARG A 42 8.30 0.90 23.87
C ARG A 42 7.03 0.46 23.16
N PHE A 43 6.31 -0.48 23.70
CA PHE A 43 5.05 -0.93 23.05
C PHE A 43 3.91 -0.02 23.53
N LEU A 44 3.71 0.04 24.82
CA LEU A 44 2.63 0.90 25.36
C LEU A 44 2.76 2.30 24.74
N SER A 45 3.85 2.96 24.98
CA SER A 45 4.04 4.31 24.39
C SER A 45 4.11 4.16 22.87
N GLY A 46 4.67 3.09 22.40
CA GLY A 46 4.73 2.88 20.92
C GLY A 46 3.31 2.96 20.38
N ARG A 47 2.43 2.17 20.91
CA ARG A 47 1.01 2.21 20.44
C ARG A 47 0.56 3.67 20.40
N ALA A 48 1.09 4.49 21.27
CA ALA A 48 0.72 5.93 21.27
C ALA A 48 1.03 6.49 19.87
N LYS A 49 2.08 6.01 19.28
CA LYS A 49 2.47 6.50 17.92
C LYS A 49 1.58 5.83 16.89
N ALA A 50 1.58 4.53 16.82
CA ALA A 50 0.74 3.82 15.83
C ALA A 50 -0.71 4.31 15.92
N SER A 51 -1.21 4.51 17.12
CA SER A 51 -2.61 5.00 17.26
C SER A 51 -2.72 6.37 16.62
N ALA A 52 -1.70 7.15 16.77
CA ALA A 52 -1.70 8.52 16.18
C ALA A 52 -1.53 8.42 14.66
N GLN A 53 -0.73 7.48 14.21
CA GLN A 53 -0.52 7.34 12.74
C GLN A 53 -1.84 6.92 12.07
N LEU A 54 -2.35 5.77 12.42
CA LEU A 54 -3.63 5.32 11.80
C LEU A 54 -4.68 6.41 11.97
N GLU A 55 -4.69 7.06 13.10
CA GLU A 55 -5.69 8.15 13.33
C GLU A 55 -5.48 9.23 12.27
N THR A 56 -4.25 9.63 12.05
CA THR A 56 -3.97 10.67 11.04
C THR A 56 -4.40 10.18 9.66
N ILE A 57 -4.20 8.93 9.38
CA ILE A 57 -4.61 8.36 8.06
C ILE A 57 -6.13 8.25 8.02
N LYS A 58 -6.75 8.04 9.15
CA LYS A 58 -8.24 7.92 9.18
C LYS A 58 -8.86 9.25 8.75
N THR A 59 -8.33 10.35 9.22
CA THR A 59 -8.88 11.67 8.84
C THR A 59 -8.51 11.98 7.39
N LYS A 60 -7.43 11.44 6.91
CA LYS A 60 -7.06 11.72 5.50
C LYS A 60 -8.02 10.95 4.61
N ALA A 61 -8.50 9.84 5.09
CA ALA A 61 -9.47 9.05 4.29
C ALA A 61 -10.82 9.78 4.30
N GLY A 62 -11.10 10.49 5.38
CA GLY A 62 -12.39 11.23 5.46
C GLY A 62 -12.23 12.60 4.81
N GLU A 63 -11.04 13.16 4.83
CA GLU A 63 -10.84 14.49 4.20
C GLU A 63 -10.55 14.29 2.72
N THR A 64 -10.22 13.09 2.33
CA THR A 64 -9.91 12.81 0.89
C THR A 64 -11.17 12.30 0.18
N PHE A 65 -11.84 11.31 0.74
CA PHE A 65 -13.07 10.75 0.07
C PHE A 65 -14.32 11.19 0.82
N GLY A 66 -14.25 11.34 2.11
CA GLY A 66 -15.45 11.78 2.89
C GLY A 66 -16.46 10.64 2.97
N GLU A 67 -16.50 9.79 1.99
CA GLU A 67 -17.48 8.66 2.01
C GLU A 67 -17.36 7.88 3.32
N GLU A 68 -18.17 6.87 3.48
CA GLU A 68 -18.13 6.04 4.72
C GLU A 68 -16.83 5.26 4.77
N LYS A 69 -15.76 5.88 4.40
CA LYS A 69 -14.45 5.19 4.41
C LYS A 69 -13.85 5.31 5.81
N GLU A 70 -14.35 6.22 6.60
CA GLU A 70 -13.83 6.41 7.98
C GLU A 70 -14.17 5.19 8.85
N ALA A 71 -15.31 4.59 8.63
CA ALA A 71 -15.72 3.42 9.46
C ALA A 71 -14.79 2.22 9.21
N ILE A 72 -14.21 2.14 8.05
CA ILE A 72 -13.31 0.98 7.76
C ILE A 72 -12.02 1.12 8.57
N PHE A 73 -11.42 2.28 8.56
CA PHE A 73 -10.14 2.46 9.32
C PHE A 73 -10.44 2.55 10.82
N GLU A 74 -11.65 2.89 11.17
CA GLU A 74 -11.99 2.99 12.62
C GLU A 74 -11.91 1.61 13.26
N GLY A 75 -12.39 0.61 12.58
CA GLY A 75 -12.34 -0.77 13.15
C GLY A 75 -10.90 -1.27 13.14
N HIS A 76 -10.15 -0.94 12.12
CA HIS A 76 -8.73 -1.39 12.06
C HIS A 76 -7.97 -0.87 13.28
N ILE A 77 -8.48 0.16 13.90
CA ILE A 77 -7.80 0.69 15.12
C ILE A 77 -8.29 -0.09 16.33
N MET A 78 -9.53 -0.52 16.34
CA MET A 78 -10.03 -1.30 17.48
C MET A 78 -9.20 -2.58 17.60
N LEU A 79 -8.96 -3.24 16.49
CA LEU A 79 -8.14 -4.48 16.54
C LEU A 79 -6.77 -4.13 17.12
N LEU A 80 -6.24 -3.00 16.74
CA LEU A 80 -4.92 -2.60 17.27
C LEU A 80 -5.05 -2.34 18.78
N GLU A 81 -6.09 -1.67 19.19
CA GLU A 81 -6.27 -1.38 20.64
C GLU A 81 -6.99 -2.55 21.33
N ASP A 82 -7.15 -3.65 20.66
CA ASP A 82 -7.85 -4.80 21.30
C ASP A 82 -7.21 -5.08 22.67
N GLU A 83 -7.97 -4.99 23.72
CA GLU A 83 -7.41 -5.25 25.07
C GLU A 83 -6.98 -6.72 25.14
N GLU A 84 -7.55 -7.55 24.32
CA GLU A 84 -7.20 -8.99 24.37
C GLU A 84 -5.83 -9.20 23.74
N LEU A 85 -5.63 -8.71 22.56
CA LEU A 85 -4.30 -8.89 21.91
C LEU A 85 -3.24 -8.13 22.73
N GLU A 86 -3.67 -7.30 23.64
CA GLU A 86 -2.70 -6.53 24.47
C GLU A 86 -2.14 -7.39 25.60
N GLN A 87 -2.99 -8.04 26.34
CA GLN A 87 -2.51 -8.90 27.46
C GLN A 87 -1.63 -10.04 26.92
N GLU A 88 -1.92 -10.51 25.73
CA GLU A 88 -1.10 -11.63 25.17
C GLU A 88 0.29 -11.11 24.83
N ILE A 89 0.36 -9.96 24.22
CA ILE A 89 1.69 -9.38 23.88
C ILE A 89 2.48 -9.19 25.18
N ILE A 90 1.94 -8.44 26.08
CA ILE A 90 2.62 -8.17 27.39
C ILE A 90 3.11 -9.49 28.01
N ALA A 91 2.22 -10.39 28.32
CA ALA A 91 2.63 -11.68 28.94
C ALA A 91 3.72 -12.36 28.11
N LEU A 92 3.55 -12.41 26.82
CA LEU A 92 4.59 -13.07 25.97
C LEU A 92 5.94 -12.40 26.24
N ILE A 93 6.02 -11.11 26.06
CA ILE A 93 7.31 -10.41 26.29
C ILE A 93 7.84 -10.70 27.71
N LYS A 94 7.00 -10.59 28.71
CA LYS A 94 7.47 -10.83 30.11
C LYS A 94 7.59 -12.32 30.41
N ASP A 95 6.71 -13.14 29.89
CA ASP A 95 6.75 -14.59 30.22
C ASP A 95 7.78 -15.34 29.36
N LYS A 96 7.89 -15.04 28.09
CA LYS A 96 8.87 -15.78 27.21
C LYS A 96 10.04 -14.87 26.82
N HIS A 97 10.28 -13.83 27.56
CA HIS A 97 11.41 -12.91 27.23
C HIS A 97 11.47 -12.65 25.72
N MET A 98 10.40 -12.19 25.15
CA MET A 98 10.38 -11.90 23.68
C MET A 98 10.46 -10.38 23.48
N THR A 99 11.09 -9.94 22.42
CA THR A 99 11.23 -8.48 22.18
C THR A 99 9.91 -7.93 21.63
N ALA A 100 9.61 -6.69 21.90
CA ALA A 100 8.35 -6.08 21.38
C ALA A 100 8.23 -6.41 19.89
N ASP A 101 9.35 -6.50 19.22
CA ASP A 101 9.32 -6.82 17.77
C ASP A 101 9.06 -8.33 17.61
N ALA A 102 9.71 -9.12 18.41
CA ALA A 102 9.51 -10.60 18.31
C ALA A 102 8.10 -10.96 18.78
N ALA A 103 7.75 -10.58 19.98
CA ALA A 103 6.40 -10.93 20.51
C ALA A 103 5.33 -10.38 19.56
N ALA A 104 5.45 -9.13 19.18
CA ALA A 104 4.43 -8.55 18.26
C ALA A 104 4.32 -9.39 17.00
N HIS A 105 5.39 -9.98 16.55
CA HIS A 105 5.33 -10.83 15.33
C HIS A 105 4.50 -12.08 15.61
N GLU A 106 4.81 -12.79 16.66
CA GLU A 106 4.06 -14.03 17.00
C GLU A 106 2.55 -13.79 16.89
N VAL A 107 2.01 -12.92 17.68
CA VAL A 107 0.54 -12.66 17.61
C VAL A 107 0.15 -12.36 16.16
N ILE A 108 0.78 -11.40 15.54
CA ILE A 108 0.45 -11.06 14.13
C ILE A 108 0.74 -12.27 13.23
N GLU A 109 1.61 -13.15 13.65
CA GLU A 109 1.93 -14.34 12.79
C GLU A 109 0.75 -15.32 12.80
N GLY A 110 0.01 -15.40 13.87
CA GLY A 110 -1.16 -16.33 13.89
C GLY A 110 -2.41 -15.70 13.29
N GLN A 111 -2.56 -14.41 13.35
CA GLN A 111 -3.79 -13.81 12.76
C GLN A 111 -3.72 -14.01 11.25
N ALA A 112 -2.59 -13.73 10.68
CA ALA A 112 -2.41 -13.86 9.22
C ALA A 112 -2.30 -15.35 8.82
N SER A 113 -1.37 -16.06 9.39
CA SER A 113 -1.21 -17.49 9.02
C SER A 113 -2.51 -18.26 9.25
N ALA A 114 -3.20 -17.99 10.33
CA ALA A 114 -4.47 -18.71 10.59
C ALA A 114 -5.53 -18.34 9.55
N LEU A 115 -5.55 -17.11 9.10
CA LEU A 115 -6.57 -16.74 8.09
C LEU A 115 -6.28 -17.48 6.77
N GLU A 116 -5.05 -17.77 6.50
CA GLU A 116 -4.72 -18.48 5.23
C GLU A 116 -5.34 -19.88 5.25
N GLU A 117 -5.68 -20.36 6.40
CA GLU A 117 -6.28 -21.72 6.49
C GLU A 117 -7.78 -21.64 6.19
N LEU A 118 -8.30 -20.45 6.11
CA LEU A 118 -9.76 -20.28 5.81
C LEU A 118 -9.92 -20.27 4.28
N ASP A 119 -10.94 -20.92 3.79
CA ASP A 119 -11.16 -20.95 2.31
C ASP A 119 -12.17 -19.88 1.93
N ASP A 120 -11.82 -18.63 2.14
CA ASP A 120 -12.77 -17.52 1.80
C ASP A 120 -11.97 -16.28 1.40
N GLU A 121 -11.98 -15.95 0.14
CA GLU A 121 -11.23 -14.76 -0.35
C GLU A 121 -11.57 -13.54 0.51
N TYR A 122 -12.62 -13.62 1.25
CA TYR A 122 -13.02 -12.46 2.11
C TYR A 122 -12.13 -12.44 3.37
N LEU A 123 -12.18 -13.46 4.16
CA LEU A 123 -11.35 -13.49 5.39
C LEU A 123 -9.87 -13.56 5.00
N LYS A 124 -9.57 -14.19 3.90
CA LYS A 124 -8.14 -14.29 3.47
C LYS A 124 -7.65 -12.89 3.07
N GLU A 125 -8.38 -12.21 2.24
CA GLU A 125 -7.96 -10.86 1.83
C GLU A 125 -7.87 -9.98 3.07
N ARG A 126 -8.52 -10.39 4.12
CA ARG A 126 -8.45 -9.61 5.37
C ARG A 126 -7.08 -9.87 6.00
N ALA A 127 -6.52 -11.02 5.73
CA ALA A 127 -5.18 -11.35 6.29
C ALA A 127 -4.18 -10.33 5.78
N ALA A 128 -4.24 -10.02 4.51
CA ALA A 128 -3.28 -9.01 3.97
C ALA A 128 -3.57 -7.67 4.63
N ASP A 129 -4.82 -7.39 4.91
CA ASP A 129 -5.17 -6.11 5.58
C ASP A 129 -4.73 -6.18 7.05
N VAL A 130 -4.74 -7.34 7.64
CA VAL A 130 -4.32 -7.47 9.05
C VAL A 130 -2.79 -7.42 9.12
N ARG A 131 -2.12 -8.14 8.26
CA ARG A 131 -0.64 -8.11 8.27
C ARG A 131 -0.18 -6.68 8.01
N ASP A 132 -0.89 -5.98 7.16
CA ASP A 132 -0.51 -4.57 6.85
C ASP A 132 -0.52 -3.75 8.15
N ILE A 133 -1.45 -4.01 9.03
CA ILE A 133 -1.50 -3.24 10.31
C ILE A 133 -0.28 -3.61 11.15
N GLY A 134 0.26 -4.78 10.96
CA GLY A 134 1.45 -5.20 11.75
C GLY A 134 2.71 -4.65 11.10
N LYS A 135 2.83 -4.80 9.81
CA LYS A 135 4.05 -4.27 9.11
C LYS A 135 4.25 -2.81 9.49
N ARG A 136 3.20 -2.05 9.50
CA ARG A 136 3.33 -0.61 9.88
C ARG A 136 3.74 -0.55 11.35
N LEU A 137 3.13 -1.36 12.16
CA LEU A 137 3.46 -1.39 13.61
C LEU A 137 4.95 -1.70 13.80
N LEU A 138 5.42 -2.75 13.18
CA LEU A 138 6.85 -3.12 13.31
C LEU A 138 7.71 -1.91 12.96
N ARG A 139 7.56 -1.40 11.76
CA ARG A 139 8.36 -0.21 11.34
C ARG A 139 8.26 0.88 12.40
N ASN A 140 7.24 0.85 13.21
CA ASN A 140 7.10 1.90 14.28
C ASN A 140 7.89 1.48 15.51
N ILE A 141 7.83 0.23 15.88
CA ILE A 141 8.60 -0.22 17.07
C ILE A 141 10.07 0.12 16.84
N LEU A 142 10.58 -0.22 15.69
CA LEU A 142 12.01 0.09 15.38
C LEU A 142 12.09 1.47 14.72
N GLY A 143 10.96 2.03 14.40
CA GLY A 143 10.96 3.37 13.74
C GLY A 143 11.69 3.25 12.41
N LEU A 144 11.71 2.06 11.85
CA LEU A 144 12.42 1.85 10.57
C LEU A 144 11.92 2.89 9.54
N LYS A 145 12.40 2.82 8.34
CA LYS A 145 11.97 3.81 7.30
C LYS A 145 10.50 3.59 6.93
N ILE A 146 9.76 4.67 6.80
CA ILE A 146 8.31 4.56 6.43
C ILE A 146 8.16 5.02 4.97
N ILE A 147 7.38 4.32 4.19
CA ILE A 147 7.20 4.73 2.76
C ILE A 147 6.28 5.94 2.72
N ASP A 148 6.77 7.07 2.26
CA ASP A 148 5.91 8.29 2.20
C ASP A 148 5.38 8.48 0.78
N LEU A 149 4.30 7.81 0.45
CA LEU A 149 3.72 7.95 -0.92
C LEU A 149 2.80 9.17 -0.95
N SER A 150 2.45 9.69 0.19
CA SER A 150 1.55 10.87 0.24
C SER A 150 2.37 12.16 0.07
N ALA A 151 3.68 12.06 0.20
CA ALA A 151 4.54 13.28 0.08
C ALA A 151 5.15 13.38 -1.32
N ILE A 152 4.40 13.12 -2.36
CA ILE A 152 4.98 13.23 -3.73
C ILE A 152 5.15 14.71 -4.07
N GLN A 153 6.13 15.04 -4.86
CA GLN A 153 6.36 16.47 -5.23
C GLN A 153 6.67 16.57 -6.72
N ASP A 154 6.73 15.44 -7.40
CA ASP A 154 7.04 15.45 -8.87
C ASP A 154 5.94 14.69 -9.61
N GLU A 155 5.37 15.30 -10.62
CA GLU A 155 4.30 14.62 -11.39
C GLU A 155 4.90 13.39 -12.09
N VAL A 156 4.42 12.22 -11.77
CA VAL A 156 4.94 10.98 -12.42
C VAL A 156 3.84 9.94 -12.44
N ILE A 157 4.09 8.81 -13.05
CA ILE A 157 3.06 7.73 -13.09
C ILE A 157 3.23 6.86 -11.85
N LEU A 158 2.19 6.18 -11.44
CA LEU A 158 2.27 5.31 -10.23
C LEU A 158 2.21 3.84 -10.66
N VAL A 159 3.21 3.08 -10.29
CA VAL A 159 3.26 1.62 -10.65
C VAL A 159 3.38 0.80 -9.37
N ALA A 160 2.59 -0.24 -9.24
CA ALA A 160 2.67 -1.08 -8.02
C ALA A 160 1.98 -2.43 -8.26
N ALA A 161 2.48 -3.48 -7.69
CA ALA A 161 1.81 -4.79 -7.90
C ALA A 161 0.39 -4.68 -7.37
N ASP A 162 0.20 -3.94 -6.31
CA ASP A 162 -1.16 -3.78 -5.73
C ASP A 162 -1.11 -2.73 -4.61
N LEU A 163 -2.22 -2.10 -4.35
CA LEU A 163 -2.27 -1.05 -3.29
C LEU A 163 -3.44 -1.35 -2.34
N THR A 164 -3.19 -1.34 -1.06
CA THR A 164 -4.28 -1.64 -0.08
C THR A 164 -4.97 -0.33 0.31
N PRO A 165 -6.23 -0.38 0.68
CA PRO A 165 -7.02 0.83 1.08
C PRO A 165 -6.17 1.89 1.78
N SER A 166 -5.31 1.50 2.68
CA SER A 166 -4.47 2.50 3.38
C SER A 166 -3.68 3.32 2.36
N GLU A 167 -2.85 2.68 1.59
CA GLU A 167 -2.05 3.41 0.57
C GLU A 167 -2.96 4.22 -0.36
N THR A 168 -4.12 3.71 -0.68
CA THR A 168 -5.03 4.46 -1.59
C THR A 168 -5.66 5.64 -0.83
N ALA A 169 -5.89 5.48 0.44
CA ALA A 169 -6.53 6.60 1.22
C ALA A 169 -5.54 7.73 1.45
N GLN A 170 -4.27 7.44 1.56
CA GLN A 170 -3.27 8.52 1.81
C GLN A 170 -2.53 8.86 0.50
N LEU A 171 -2.90 8.22 -0.57
CA LEU A 171 -2.22 8.52 -1.86
C LEU A 171 -2.28 10.02 -2.14
N ASN A 172 -1.44 10.52 -3.00
CA ASN A 172 -1.44 11.98 -3.31
C ASN A 172 -2.17 12.23 -4.62
N LEU A 173 -3.47 12.25 -4.60
CA LEU A 173 -4.24 12.51 -5.85
C LEU A 173 -4.15 14.00 -6.17
N LYS A 174 -3.08 14.64 -5.77
CA LYS A 174 -2.90 16.10 -6.03
C LYS A 174 -1.86 16.32 -7.14
N LYS A 175 -0.89 15.45 -7.26
CA LYS A 175 0.16 15.61 -8.31
C LYS A 175 0.39 14.28 -9.04
N VAL A 176 -0.49 13.33 -8.87
CA VAL A 176 -0.31 12.03 -9.55
C VAL A 176 -0.75 12.16 -11.02
N LEU A 177 -0.32 11.25 -11.86
CA LEU A 177 -0.68 11.30 -13.31
C LEU A 177 -1.60 10.12 -13.67
N GLY A 178 -1.52 9.05 -12.94
CA GLY A 178 -2.40 7.87 -13.26
C GLY A 178 -2.04 6.70 -12.35
N PHE A 179 -2.71 5.58 -12.51
CA PHE A 179 -2.39 4.38 -11.64
C PHE A 179 -2.24 3.13 -12.52
N ILE A 180 -1.14 2.43 -12.38
CA ILE A 180 -0.91 1.18 -13.17
C ILE A 180 -0.53 0.08 -12.18
N THR A 181 -1.27 -1.01 -12.19
CA THR A 181 -0.96 -2.14 -11.26
C THR A 181 -1.17 -3.48 -11.93
N ASP A 182 -0.39 -4.46 -11.55
CA ASP A 182 -0.55 -5.83 -12.14
C ASP A 182 -1.35 -6.70 -11.16
N ALA A 183 -2.47 -6.20 -10.69
CA ALA A 183 -3.28 -6.98 -9.71
C ALA A 183 -4.42 -7.70 -10.42
N GLY A 184 -5.58 -7.75 -9.82
CA GLY A 184 -6.74 -8.43 -10.46
C GLY A 184 -7.55 -7.44 -11.31
N GLY A 185 -8.70 -7.04 -10.83
CA GLY A 185 -9.54 -6.08 -11.59
C GLY A 185 -11.01 -6.35 -11.28
N ARG A 186 -11.35 -7.56 -10.94
CA ARG A 186 -12.77 -7.89 -10.63
C ARG A 186 -13.20 -7.10 -9.40
N THR A 187 -13.81 -5.95 -9.60
CA THR A 187 -14.24 -5.13 -8.42
C THR A 187 -13.06 -4.88 -7.50
N SER A 188 -11.94 -4.48 -8.04
CA SER A 188 -10.74 -4.22 -7.19
C SER A 188 -10.80 -2.80 -6.64
N HIS A 189 -10.50 -2.62 -5.38
CA HIS A 189 -10.54 -1.25 -4.78
C HIS A 189 -9.79 -0.27 -5.69
N THR A 190 -8.61 -0.62 -6.11
CA THR A 190 -7.84 0.29 -7.00
C THR A 190 -8.74 0.79 -8.14
N SER A 191 -9.49 -0.10 -8.72
CA SER A 191 -10.38 0.31 -9.85
C SER A 191 -11.46 1.27 -9.34
N ILE A 192 -12.05 1.00 -8.21
CA ILE A 192 -13.12 1.90 -7.69
C ILE A 192 -12.66 3.36 -7.78
N MET A 193 -11.40 3.62 -7.58
CA MET A 193 -10.93 5.03 -7.68
C MET A 193 -10.89 5.40 -9.15
N ALA A 194 -10.13 4.67 -9.91
CA ALA A 194 -10.02 4.95 -11.35
C ALA A 194 -11.42 5.06 -11.99
N ARG A 195 -12.38 4.34 -11.47
CA ARG A 195 -13.74 4.40 -12.06
C ARG A 195 -14.48 5.64 -11.54
N SER A 196 -14.45 5.88 -10.25
CA SER A 196 -15.17 7.07 -9.69
C SER A 196 -14.46 8.37 -10.11
N LEU A 197 -13.15 8.37 -10.18
CA LEU A 197 -12.42 9.62 -10.57
C LEU A 197 -12.37 9.70 -12.09
N GLU A 198 -12.92 8.73 -12.77
CA GLU A 198 -12.92 8.75 -14.26
C GLU A 198 -11.51 8.94 -14.83
N LEU A 199 -10.50 9.03 -14.00
CA LEU A 199 -9.13 9.20 -14.56
C LEU A 199 -8.79 7.92 -15.36
N PRO A 200 -7.70 7.88 -16.11
CA PRO A 200 -7.32 6.68 -16.90
C PRO A 200 -6.47 5.70 -16.08
N ALA A 201 -6.67 4.41 -16.22
CA ALA A 201 -5.85 3.46 -15.41
C ALA A 201 -5.92 2.04 -15.99
N ILE A 202 -5.16 1.15 -15.38
CA ILE A 202 -5.12 -0.27 -15.81
C ILE A 202 -4.81 -1.12 -14.57
N VAL A 203 -5.12 -2.40 -14.57
CA VAL A 203 -4.86 -3.23 -13.34
C VAL A 203 -4.36 -4.63 -13.71
N GLY A 204 -4.72 -5.11 -14.86
CA GLY A 204 -4.32 -6.48 -15.27
C GLY A 204 -2.99 -6.47 -16.03
N THR A 205 -2.10 -5.54 -15.76
CA THR A 205 -0.81 -5.56 -16.50
C THR A 205 -0.17 -6.94 -16.31
N GLY A 206 -0.30 -7.49 -15.14
CA GLY A 206 0.23 -8.86 -14.87
C GLY A 206 1.78 -8.93 -14.88
N SER A 207 2.46 -8.20 -15.74
CA SER A 207 3.97 -8.32 -15.78
C SER A 207 4.69 -6.96 -15.76
N VAL A 208 4.00 -5.86 -15.82
CA VAL A 208 4.70 -4.54 -15.81
C VAL A 208 5.74 -4.50 -14.66
N THR A 209 5.33 -4.70 -13.44
CA THR A 209 6.32 -4.63 -12.32
C THR A 209 7.50 -5.54 -12.60
N SER A 210 7.36 -6.47 -13.51
CA SER A 210 8.48 -7.41 -13.82
C SER A 210 9.14 -6.99 -15.14
N GLN A 211 8.79 -5.82 -15.64
CA GLN A 211 9.40 -5.34 -16.93
C GLN A 211 9.74 -3.86 -16.84
N VAL A 212 9.23 -3.17 -15.83
CA VAL A 212 9.52 -1.71 -15.69
C VAL A 212 10.35 -1.48 -14.43
N LYS A 213 11.10 -0.41 -14.40
CA LYS A 213 11.93 -0.08 -13.20
C LYS A 213 11.58 1.35 -12.79
N ASN A 214 12.05 1.82 -11.68
CA ASN A 214 11.70 3.20 -11.25
C ASN A 214 12.44 4.21 -12.13
N ASP A 215 11.79 5.32 -12.41
CA ASP A 215 12.43 6.41 -13.23
C ASP A 215 12.34 6.08 -14.72
N ASP A 216 11.97 4.88 -15.07
CA ASP A 216 11.87 4.54 -16.52
C ASP A 216 10.86 5.49 -17.18
N TYR A 217 11.05 5.84 -18.42
CA TYR A 217 10.09 6.74 -19.10
C TYR A 217 8.98 5.90 -19.73
N LEU A 218 7.75 6.16 -19.38
CA LEU A 218 6.61 5.36 -19.95
C LEU A 218 5.66 6.26 -20.73
N ILE A 219 4.77 5.63 -21.46
CA ILE A 219 3.76 6.38 -22.25
C ILE A 219 2.46 5.60 -22.21
N LEU A 220 1.51 6.04 -21.43
CA LEU A 220 0.21 5.31 -21.31
C LEU A 220 -0.72 5.81 -22.42
N ASP A 221 -1.22 4.90 -23.23
CA ASP A 221 -2.14 5.33 -24.33
C ASP A 221 -3.58 5.05 -23.90
N ALA A 222 -3.78 4.07 -23.06
CA ALA A 222 -5.14 3.73 -22.57
C ALA A 222 -6.18 3.86 -23.69
N VAL A 223 -5.75 3.67 -24.92
CA VAL A 223 -6.69 3.77 -26.09
C VAL A 223 -6.65 2.42 -26.80
N ASN A 224 -5.50 2.06 -27.31
CA ASN A 224 -5.36 0.74 -27.98
C ASN A 224 -5.12 -0.30 -26.88
N ASN A 225 -5.30 0.11 -25.65
CA ASN A 225 -5.08 -0.82 -24.51
C ASN A 225 -3.62 -1.31 -24.52
N GLN A 226 -2.68 -0.40 -24.56
CA GLN A 226 -1.25 -0.81 -24.58
C GLN A 226 -0.36 0.31 -23.99
N VAL A 227 0.68 -0.09 -23.29
CA VAL A 227 1.63 0.90 -22.69
C VAL A 227 3.00 0.71 -23.35
N TYR A 228 3.63 1.75 -23.79
CA TYR A 228 4.96 1.61 -24.46
C TYR A 228 6.08 1.95 -23.48
N VAL A 229 7.08 1.10 -23.39
CA VAL A 229 8.21 1.34 -22.46
C VAL A 229 9.48 1.73 -23.25
N ASN A 230 10.09 2.83 -22.89
CA ASN A 230 11.33 3.26 -23.61
C ASN A 230 11.11 3.20 -25.13
N PRO A 231 10.16 3.94 -25.63
CA PRO A 231 9.87 3.98 -27.10
C PRO A 231 10.90 4.83 -27.84
N THR A 232 11.09 4.57 -29.11
CA THR A 232 12.09 5.35 -29.89
C THR A 232 11.56 6.77 -30.15
N ASN A 233 12.43 7.70 -30.38
CA ASN A 233 11.99 9.10 -30.64
C ASN A 233 11.09 9.15 -31.88
N GLU A 234 11.26 8.23 -32.78
CA GLU A 234 10.42 8.20 -34.01
C GLU A 234 8.97 7.92 -33.63
N VAL A 235 8.75 7.05 -32.69
CA VAL A 235 7.36 6.73 -32.28
C VAL A 235 6.82 7.87 -31.40
N ILE A 236 7.63 8.37 -30.51
CA ILE A 236 7.16 9.49 -29.64
C ILE A 236 6.81 10.69 -30.52
N ASP A 237 7.75 11.16 -31.28
CA ASP A 237 7.49 12.34 -32.15
C ASP A 237 6.29 12.07 -33.07
N LYS A 238 6.18 10.88 -33.60
CA LYS A 238 5.04 10.58 -34.52
C LYS A 238 3.72 10.60 -33.74
N MET A 239 3.73 10.11 -32.53
CA MET A 239 2.47 10.10 -31.73
C MET A 239 2.24 11.50 -31.15
N ARG A 240 3.28 12.20 -30.83
CA ARG A 240 3.12 13.55 -30.25
C ARG A 240 2.22 14.42 -31.17
N ALA A 241 2.46 14.38 -32.44
CA ALA A 241 1.63 15.21 -33.38
C ALA A 241 0.24 14.58 -33.59
N VAL A 242 0.19 13.37 -34.08
CA VAL A 242 -1.13 12.74 -34.34
C VAL A 242 -1.89 12.52 -33.03
N GLN A 243 -1.28 11.88 -32.06
CA GLN A 243 -2.00 11.63 -30.77
C GLN A 243 -2.56 12.95 -30.23
N GLU A 244 -1.73 13.95 -30.10
CA GLU A 244 -2.24 15.24 -29.58
C GLU A 244 -3.33 15.75 -30.50
N GLN A 245 -3.34 15.30 -31.73
CA GLN A 245 -4.40 15.75 -32.67
C GLN A 245 -5.72 15.17 -32.16
N VAL A 246 -5.65 14.08 -31.43
CA VAL A 246 -6.90 13.48 -30.88
C VAL A 246 -7.46 14.45 -29.86
N ALA A 247 -6.61 14.99 -29.04
CA ALA A 247 -7.08 15.98 -28.02
C ALA A 247 -7.76 17.14 -28.76
N SER A 248 -7.19 17.55 -29.86
CA SER A 248 -7.79 18.67 -30.63
C SER A 248 -8.98 18.15 -31.42
N GLU A 249 -9.03 16.87 -31.67
CA GLU A 249 -10.17 16.31 -32.43
C GLU A 249 -11.42 16.42 -31.56
N MET A 1 3.91 -5.73 -25.36
CA MET A 1 3.46 -7.15 -25.16
C MET A 1 2.77 -7.27 -23.80
N ILE A 2 2.74 -6.22 -23.04
CA ILE A 2 2.09 -6.30 -21.70
C ILE A 2 0.58 -6.06 -21.84
N SER A 3 -0.20 -7.10 -21.71
CA SER A 3 -1.68 -6.95 -21.84
C SER A 3 -2.31 -6.89 -20.44
N GLY A 4 -2.83 -5.75 -20.07
CA GLY A 4 -3.48 -5.61 -18.72
C GLY A 4 -4.99 -5.73 -18.89
N ILE A 5 -5.74 -5.45 -17.86
CA ILE A 5 -7.23 -5.53 -17.97
C ILE A 5 -7.78 -4.16 -18.36
N LEU A 6 -6.94 -3.16 -18.38
CA LEU A 6 -7.40 -1.80 -18.77
C LEU A 6 -8.59 -1.40 -17.89
N ALA A 7 -8.37 -0.53 -16.94
CA ALA A 7 -9.50 -0.11 -16.06
C ALA A 7 -10.21 1.08 -16.71
N SER A 8 -9.46 2.00 -17.26
CA SER A 8 -10.08 3.19 -17.92
C SER A 8 -9.16 3.66 -19.07
N PRO A 9 -9.71 4.22 -20.13
CA PRO A 9 -8.91 4.69 -21.30
C PRO A 9 -8.26 6.07 -21.10
N GLY A 10 -7.11 6.27 -21.70
CA GLY A 10 -6.43 7.60 -21.57
C GLY A 10 -4.93 7.45 -21.90
N ILE A 11 -4.21 8.54 -21.91
CA ILE A 11 -2.74 8.48 -22.21
C ILE A 11 -1.98 9.44 -21.28
N ALA A 12 -0.96 8.97 -20.62
CA ALA A 12 -0.18 9.85 -19.70
C ALA A 12 1.33 9.59 -19.87
N PHE A 13 2.14 10.58 -19.58
CA PHE A 13 3.62 10.43 -19.72
C PHE A 13 4.26 10.76 -18.35
N GLY A 14 5.16 9.96 -17.86
CA GLY A 14 5.78 10.30 -16.54
C GLY A 14 6.85 9.28 -16.15
N LYS A 15 7.66 9.63 -15.17
CA LYS A 15 8.74 8.71 -14.73
C LYS A 15 8.13 7.60 -13.85
N ALA A 16 8.71 6.44 -13.87
CA ALA A 16 8.14 5.31 -13.08
C ALA A 16 8.51 5.46 -11.59
N LEU A 17 7.55 5.31 -10.72
CA LEU A 17 7.82 5.40 -9.25
C LEU A 17 7.54 4.02 -8.64
N LEU A 18 8.53 3.17 -8.60
CA LEU A 18 8.30 1.80 -8.07
C LEU A 18 8.32 1.79 -6.54
N LEU A 19 7.26 1.35 -5.96
CA LEU A 19 7.15 1.31 -4.46
C LEU A 19 7.61 -0.06 -3.97
N LYS A 20 8.84 -0.15 -3.54
CA LYS A 20 9.39 -1.44 -3.06
C LYS A 20 9.19 -1.55 -1.54
N GLU A 21 9.23 -2.75 -1.02
CA GLU A 21 9.03 -2.95 0.46
C GLU A 21 10.35 -3.42 1.08
N ASP A 22 10.74 -2.84 2.17
CA ASP A 22 12.03 -3.22 2.81
C ASP A 22 11.86 -4.50 3.63
N GLU A 23 12.66 -5.50 3.34
CA GLU A 23 12.56 -6.77 4.11
C GLU A 23 12.95 -6.51 5.57
N ILE A 24 12.11 -6.87 6.50
CA ILE A 24 12.42 -6.65 7.93
C ILE A 24 13.15 -7.87 8.50
N VAL A 25 14.13 -7.64 9.32
CA VAL A 25 14.90 -8.78 9.92
C VAL A 25 14.46 -8.97 11.38
N ILE A 26 13.86 -10.09 11.68
CA ILE A 26 13.39 -10.33 13.08
C ILE A 26 14.51 -10.96 13.91
N ASP A 27 14.73 -10.46 15.10
CA ASP A 27 15.80 -11.02 15.97
C ASP A 27 15.21 -12.11 16.86
N ARG A 28 15.75 -13.31 16.80
CA ARG A 28 15.22 -14.41 17.65
C ARG A 28 16.07 -14.52 18.91
N LYS A 29 16.70 -13.45 19.31
CA LYS A 29 17.56 -13.50 20.53
C LYS A 29 16.73 -13.22 21.78
N LYS A 30 17.14 -13.77 22.88
CA LYS A 30 16.41 -13.55 24.16
C LYS A 30 17.04 -12.37 24.90
N ILE A 31 16.27 -11.35 25.21
CA ILE A 31 16.84 -10.18 25.93
C ILE A 31 16.87 -10.48 27.43
N SER A 32 17.43 -9.58 28.21
CA SER A 32 17.48 -9.79 29.69
C SER A 32 16.33 -9.03 30.35
N ALA A 33 15.84 -9.53 31.45
CA ALA A 33 14.71 -8.84 32.13
C ALA A 33 15.06 -7.37 32.35
N ASP A 34 16.28 -6.98 32.07
CA ASP A 34 16.68 -5.56 32.27
C ASP A 34 16.28 -4.73 31.05
N GLN A 35 16.13 -5.35 29.90
CA GLN A 35 15.74 -4.59 28.67
C GLN A 35 14.25 -4.84 28.37
N VAL A 36 13.64 -5.78 29.04
CA VAL A 36 12.20 -6.05 28.78
C VAL A 36 11.39 -4.79 29.07
N ASP A 37 11.71 -4.10 30.13
CA ASP A 37 10.98 -2.85 30.46
C ASP A 37 11.02 -1.90 29.25
N GLN A 38 12.11 -1.91 28.54
CA GLN A 38 12.23 -1.00 27.36
C GLN A 38 11.31 -1.47 26.23
N GLU A 39 11.17 -2.75 26.04
CA GLU A 39 10.28 -3.25 24.95
C GLU A 39 8.86 -2.74 25.16
N VAL A 40 8.42 -2.70 26.40
CA VAL A 40 7.04 -2.21 26.68
C VAL A 40 6.95 -0.72 26.28
N GLU A 41 7.93 0.06 26.61
CA GLU A 41 7.90 1.51 26.22
C GLU A 41 7.91 1.61 24.70
N ARG A 42 8.71 0.79 24.06
CA ARG A 42 8.74 0.83 22.58
C ARG A 42 7.37 0.42 22.03
N PHE A 43 6.67 -0.41 22.76
CA PHE A 43 5.32 -0.86 22.30
C PHE A 43 4.27 0.15 22.78
N LEU A 44 4.26 0.46 24.04
CA LEU A 44 3.26 1.43 24.58
C LEU A 44 3.38 2.75 23.85
N SER A 45 4.49 3.42 23.98
CA SER A 45 4.64 4.73 23.28
C SER A 45 4.61 4.50 21.77
N GLY A 46 5.16 3.41 21.30
CA GLY A 46 5.10 3.15 19.84
C GLY A 46 3.64 2.98 19.43
N ARG A 47 2.78 2.87 20.40
CA ARG A 47 1.32 2.75 20.10
C ARG A 47 0.78 4.16 19.94
N ALA A 48 1.40 5.10 20.61
CA ALA A 48 0.95 6.52 20.49
C ALA A 48 1.22 6.99 19.06
N LYS A 49 2.17 6.39 18.43
CA LYS A 49 2.50 6.78 17.02
C LYS A 49 1.59 6.01 16.06
N ALA A 50 1.68 4.72 16.04
CA ALA A 50 0.82 3.93 15.13
C ALA A 50 -0.64 4.35 15.31
N SER A 51 -1.04 4.63 16.53
CA SER A 51 -2.44 5.07 16.78
C SER A 51 -2.65 6.41 16.09
N ALA A 52 -1.65 7.25 16.14
CA ALA A 52 -1.75 8.60 15.51
C ALA A 52 -1.69 8.46 14.00
N GLN A 53 -0.85 7.59 13.50
CA GLN A 53 -0.73 7.41 12.02
C GLN A 53 -2.12 7.10 11.43
N LEU A 54 -2.59 5.90 11.64
CA LEU A 54 -3.94 5.53 11.09
C LEU A 54 -4.94 6.63 11.40
N GLU A 55 -5.03 7.02 12.63
CA GLU A 55 -5.99 8.09 13.02
C GLU A 55 -5.85 9.28 12.06
N THR A 56 -4.66 9.78 11.88
CA THR A 56 -4.48 10.94 10.96
C THR A 56 -4.88 10.53 9.54
N ILE A 57 -4.57 9.32 9.15
CA ILE A 57 -4.94 8.85 7.79
C ILE A 57 -6.44 8.62 7.75
N LYS A 58 -7.02 8.24 8.86
CA LYS A 58 -8.48 7.99 8.90
C LYS A 58 -9.22 9.25 8.41
N THR A 59 -8.80 10.40 8.87
CA THR A 59 -9.48 11.65 8.45
C THR A 59 -9.17 11.94 6.98
N LYS A 60 -8.00 11.56 6.51
CA LYS A 60 -7.68 11.82 5.09
C LYS A 60 -8.53 10.89 4.25
N ALA A 61 -9.06 9.85 4.84
CA ALA A 61 -9.92 8.91 4.09
C ALA A 61 -11.35 9.45 4.07
N GLY A 62 -11.78 10.08 5.14
CA GLY A 62 -13.17 10.62 5.20
C GLY A 62 -13.24 12.00 4.56
N GLU A 63 -12.17 12.76 4.56
CA GLU A 63 -12.23 14.12 3.95
C GLU A 63 -11.93 14.01 2.45
N THR A 64 -11.35 12.91 2.02
CA THR A 64 -11.04 12.76 0.56
C THR A 64 -12.17 12.00 -0.15
N PHE A 65 -12.64 10.92 0.44
CA PHE A 65 -13.73 10.12 -0.22
C PHE A 65 -15.07 10.35 0.49
N GLY A 66 -15.04 10.85 1.71
CA GLY A 66 -16.31 11.10 2.47
C GLY A 66 -16.28 10.29 3.78
N GLU A 67 -16.75 10.89 4.84
CA GLU A 67 -16.76 10.19 6.16
C GLU A 67 -17.38 8.79 6.02
N GLU A 68 -17.93 8.46 4.89
CA GLU A 68 -18.55 7.12 4.73
C GLU A 68 -17.47 6.02 4.78
N LYS A 69 -16.25 6.36 4.47
CA LYS A 69 -15.16 5.32 4.50
C LYS A 69 -14.54 5.24 5.90
N GLU A 70 -14.86 6.17 6.76
CA GLU A 70 -14.28 6.14 8.13
C GLU A 70 -14.71 4.88 8.89
N ALA A 71 -15.81 4.29 8.52
CA ALA A 71 -16.29 3.08 9.23
C ALA A 71 -15.31 1.92 9.02
N ILE A 72 -14.73 1.83 7.86
CA ILE A 72 -13.78 0.71 7.59
C ILE A 72 -12.50 0.94 8.40
N PHE A 73 -12.03 2.15 8.44
CA PHE A 73 -10.77 2.43 9.20
C PHE A 73 -11.08 2.45 10.70
N GLU A 74 -12.32 2.66 11.07
CA GLU A 74 -12.67 2.68 12.52
C GLU A 74 -12.43 1.28 13.11
N GLY A 75 -12.74 0.26 12.37
CA GLY A 75 -12.51 -1.12 12.89
C GLY A 75 -11.01 -1.42 12.91
N HIS A 76 -10.30 -0.93 11.93
CA HIS A 76 -8.83 -1.18 11.88
C HIS A 76 -8.13 -0.56 13.09
N ILE A 77 -8.73 0.41 13.73
CA ILE A 77 -8.07 1.03 14.92
C ILE A 77 -8.42 0.20 16.16
N MET A 78 -9.63 -0.26 16.26
CA MET A 78 -10.02 -1.08 17.44
C MET A 78 -9.11 -2.31 17.48
N LEU A 79 -8.86 -2.91 16.35
CA LEU A 79 -7.97 -4.10 16.31
C LEU A 79 -6.61 -3.70 16.86
N LEU A 80 -6.16 -2.53 16.51
CA LEU A 80 -4.83 -2.09 17.01
C LEU A 80 -4.88 -1.91 18.53
N GLU A 81 -5.84 -1.19 19.02
CA GLU A 81 -5.94 -0.96 20.50
C GLU A 81 -6.68 -2.11 21.19
N ASP A 82 -6.93 -3.19 20.51
CA ASP A 82 -7.66 -4.32 21.15
C ASP A 82 -7.00 -4.64 22.50
N GLU A 83 -7.76 -4.60 23.56
CA GLU A 83 -7.21 -4.88 24.90
C GLU A 83 -6.79 -6.34 24.95
N GLU A 84 -7.39 -7.17 24.16
CA GLU A 84 -7.06 -8.61 24.19
C GLU A 84 -5.74 -8.84 23.47
N LEU A 85 -5.59 -8.32 22.28
CA LEU A 85 -4.30 -8.51 21.56
C LEU A 85 -3.19 -7.81 22.33
N GLU A 86 -3.54 -6.87 23.16
CA GLU A 86 -2.52 -6.13 23.95
C GLU A 86 -1.93 -7.06 25.01
N GLN A 87 -2.77 -7.75 25.73
CA GLN A 87 -2.27 -8.67 26.79
C GLN A 87 -1.48 -9.82 26.14
N GLU A 88 -1.84 -10.21 24.95
CA GLU A 88 -1.10 -11.32 24.29
C GLU A 88 0.27 -10.79 23.82
N ILE A 89 0.27 -9.67 23.16
CA ILE A 89 1.57 -9.08 22.70
C ILE A 89 2.47 -8.89 23.92
N ILE A 90 2.00 -8.13 24.88
CA ILE A 90 2.81 -7.85 26.10
C ILE A 90 3.29 -9.16 26.75
N ALA A 91 2.38 -10.00 27.16
CA ALA A 91 2.77 -11.29 27.83
C ALA A 91 3.96 -11.93 27.10
N LEU A 92 3.78 -12.28 25.86
CA LEU A 92 4.89 -12.95 25.11
C LEU A 92 6.21 -12.21 25.35
N ILE A 93 6.23 -10.91 25.18
CA ILE A 93 7.50 -10.15 25.42
C ILE A 93 8.00 -10.41 26.85
N LYS A 94 7.12 -10.44 27.81
CA LYS A 94 7.54 -10.63 29.22
C LYS A 94 7.69 -12.12 29.57
N ASP A 95 6.77 -12.95 29.15
CA ASP A 95 6.84 -14.39 29.53
C ASP A 95 7.77 -15.18 28.61
N LYS A 96 7.85 -14.84 27.35
CA LYS A 96 8.76 -15.60 26.43
C LYS A 96 10.00 -14.78 26.14
N HIS A 97 10.19 -13.70 26.87
CA HIS A 97 11.39 -12.84 26.66
C HIS A 97 11.61 -12.63 25.16
N MET A 98 10.58 -12.29 24.45
CA MET A 98 10.72 -12.07 22.98
C MET A 98 10.82 -10.57 22.72
N THR A 99 11.43 -10.20 21.63
CA THR A 99 11.56 -8.75 21.31
C THR A 99 10.23 -8.21 20.81
N ALA A 100 9.87 -7.02 21.20
CA ALA A 100 8.58 -6.44 20.76
C ALA A 100 8.44 -6.62 19.24
N ASP A 101 9.55 -6.70 18.55
CA ASP A 101 9.49 -6.89 17.08
C ASP A 101 9.08 -8.33 16.79
N ALA A 102 9.68 -9.26 17.50
CA ALA A 102 9.34 -10.68 17.29
C ALA A 102 7.95 -10.97 17.85
N ALA A 103 7.71 -10.65 19.08
CA ALA A 103 6.37 -10.91 19.68
C ALA A 103 5.29 -10.25 18.83
N ALA A 104 5.42 -8.98 18.58
CA ALA A 104 4.41 -8.28 17.75
C ALA A 104 4.23 -9.01 16.42
N HIS A 105 5.29 -9.55 15.89
CA HIS A 105 5.20 -10.29 14.60
C HIS A 105 4.48 -11.62 14.83
N GLU A 106 4.65 -12.21 15.98
CA GLU A 106 3.98 -13.51 16.28
C GLU A 106 2.47 -13.39 16.10
N VAL A 107 1.83 -12.54 16.87
CA VAL A 107 0.35 -12.38 16.74
C VAL A 107 -0.02 -12.07 15.29
N ILE A 108 0.66 -11.15 14.68
CA ILE A 108 0.34 -10.80 13.27
C ILE A 108 0.63 -12.01 12.36
N GLU A 109 1.43 -12.93 12.80
CA GLU A 109 1.74 -14.12 11.95
C GLU A 109 0.55 -15.07 11.92
N GLY A 110 -0.14 -15.24 13.02
CA GLY A 110 -1.33 -16.14 13.01
C GLY A 110 -2.60 -15.40 12.59
N GLN A 111 -2.64 -14.11 12.72
CA GLN A 111 -3.88 -13.38 12.33
C GLN A 111 -4.03 -13.46 10.82
N ALA A 112 -3.03 -13.06 10.11
CA ALA A 112 -3.08 -13.10 8.63
C ALA A 112 -3.14 -14.56 8.16
N SER A 113 -2.26 -15.39 8.67
CA SER A 113 -2.24 -16.81 8.24
C SER A 113 -3.58 -17.48 8.58
N ALA A 114 -4.11 -17.23 9.75
CA ALA A 114 -5.41 -17.87 10.13
C ALA A 114 -6.54 -17.38 9.23
N LEU A 115 -6.49 -16.15 8.79
CA LEU A 115 -7.59 -15.65 7.92
C LEU A 115 -7.51 -16.36 6.56
N GLU A 116 -6.34 -16.77 6.15
CA GLU A 116 -6.20 -17.45 4.85
C GLU A 116 -6.90 -18.81 4.91
N GLU A 117 -7.19 -19.28 6.10
CA GLU A 117 -7.88 -20.59 6.23
C GLU A 117 -9.37 -20.40 5.98
N LEU A 118 -9.81 -19.17 5.89
CA LEU A 118 -11.26 -18.91 5.63
C LEU A 118 -11.48 -18.90 4.12
N ASP A 119 -12.59 -19.44 3.66
CA ASP A 119 -12.87 -19.46 2.20
C ASP A 119 -13.85 -18.33 1.86
N ASP A 120 -13.43 -17.10 2.02
CA ASP A 120 -14.33 -15.96 1.72
C ASP A 120 -13.50 -14.78 1.20
N GLU A 121 -13.66 -14.45 -0.06
CA GLU A 121 -12.88 -13.32 -0.64
C GLU A 121 -13.04 -12.08 0.24
N TYR A 122 -14.02 -12.07 1.09
CA TYR A 122 -14.23 -10.88 1.98
C TYR A 122 -13.27 -10.96 3.17
N LEU A 123 -13.42 -11.96 3.99
CA LEU A 123 -12.53 -12.09 5.19
C LEU A 123 -11.08 -12.26 4.74
N LYS A 124 -10.85 -12.88 3.61
CA LYS A 124 -9.44 -13.06 3.15
C LYS A 124 -8.84 -11.70 2.82
N GLU A 125 -9.57 -10.88 2.11
CA GLU A 125 -9.04 -9.54 1.77
C GLU A 125 -8.79 -8.77 3.04
N ARG A 126 -9.39 -9.18 4.13
CA ARG A 126 -9.14 -8.49 5.41
C ARG A 126 -7.76 -8.91 5.88
N ALA A 127 -7.34 -10.08 5.48
CA ALA A 127 -5.99 -10.58 5.87
C ALA A 127 -4.94 -9.62 5.34
N ALA A 128 -5.06 -9.21 4.12
CA ALA A 128 -4.05 -8.26 3.56
C ALA A 128 -4.15 -6.91 4.28
N ASP A 129 -5.35 -6.48 4.59
CA ASP A 129 -5.51 -5.18 5.29
C ASP A 129 -5.02 -5.30 6.74
N VAL A 130 -5.12 -6.45 7.33
CA VAL A 130 -4.66 -6.62 8.73
C VAL A 130 -3.13 -6.71 8.73
N ARG A 131 -2.58 -7.39 7.78
CA ARG A 131 -1.10 -7.49 7.72
C ARG A 131 -0.53 -6.08 7.53
N ASP A 132 -1.20 -5.27 6.76
CA ASP A 132 -0.72 -3.87 6.53
C ASP A 132 -0.66 -3.13 7.86
N ILE A 133 -1.59 -3.39 8.75
CA ILE A 133 -1.59 -2.68 10.06
C ILE A 133 -0.40 -3.17 10.90
N GLY A 134 0.03 -4.38 10.70
CA GLY A 134 1.17 -4.91 11.50
C GLY A 134 2.49 -4.40 10.93
N LYS A 135 2.65 -4.47 9.63
CA LYS A 135 3.92 -4.00 9.00
C LYS A 135 4.24 -2.59 9.53
N ARG A 136 3.29 -1.72 9.53
CA ARG A 136 3.55 -0.34 10.04
C ARG A 136 3.88 -0.43 11.53
N LEU A 137 3.14 -1.21 12.26
CA LEU A 137 3.40 -1.36 13.71
C LEU A 137 4.87 -1.72 13.92
N LEU A 138 5.40 -2.57 13.07
CA LEU A 138 6.83 -2.97 13.21
C LEU A 138 7.75 -1.80 12.82
N ARG A 139 7.63 -1.32 11.61
CA ARG A 139 8.49 -0.20 11.14
C ARG A 139 8.52 0.93 12.18
N ASN A 140 7.58 0.96 13.09
CA ASN A 140 7.59 2.06 14.11
C ASN A 140 8.50 1.64 15.27
N ILE A 141 8.47 0.40 15.64
CA ILE A 141 9.33 -0.07 16.75
C ILE A 141 10.80 0.10 16.34
N LEU A 142 11.11 -0.15 15.09
CA LEU A 142 12.52 0.01 14.61
C LEU A 142 12.69 1.43 14.07
N GLY A 143 11.62 2.17 13.98
CA GLY A 143 11.73 3.55 13.45
C GLY A 143 12.13 3.48 11.97
N LEU A 144 11.90 2.35 11.36
CA LEU A 144 12.27 2.18 9.93
C LEU A 144 11.57 3.24 9.08
N LYS A 145 11.95 3.39 7.85
CA LYS A 145 11.31 4.40 6.97
C LYS A 145 9.84 4.00 6.73
N ILE A 146 8.96 4.97 6.66
CA ILE A 146 7.52 4.66 6.43
C ILE A 146 7.19 4.95 4.95
N ILE A 147 6.29 4.22 4.38
CA ILE A 147 5.95 4.46 2.96
C ILE A 147 5.01 5.66 2.86
N ASP A 148 5.55 6.83 2.64
CA ASP A 148 4.71 8.07 2.55
C ASP A 148 4.50 8.46 1.09
N LEU A 149 3.45 7.98 0.48
CA LEU A 149 3.19 8.34 -0.95
C LEU A 149 2.50 9.71 -1.00
N SER A 150 1.96 10.14 0.11
CA SER A 150 1.26 11.46 0.14
C SER A 150 2.30 12.58 0.35
N ALA A 151 3.47 12.42 -0.21
CA ALA A 151 4.53 13.47 -0.05
C ALA A 151 5.25 13.65 -1.38
N ILE A 152 4.62 13.32 -2.47
CA ILE A 152 5.26 13.46 -3.79
C ILE A 152 5.34 14.94 -4.17
N GLN A 153 6.43 15.36 -4.75
CA GLN A 153 6.61 16.78 -5.16
C GLN A 153 6.78 16.85 -6.68
N ASP A 154 7.12 15.73 -7.27
CA ASP A 154 7.32 15.67 -8.75
C ASP A 154 6.30 14.71 -9.35
N GLU A 155 5.56 15.14 -10.34
CA GLU A 155 4.54 14.26 -10.96
C GLU A 155 5.22 13.04 -11.59
N VAL A 156 4.75 11.87 -11.25
CA VAL A 156 5.35 10.63 -11.84
C VAL A 156 4.28 9.55 -11.91
N ILE A 157 4.61 8.41 -12.46
CA ILE A 157 3.60 7.32 -12.55
C ILE A 157 3.66 6.50 -11.26
N LEU A 158 2.55 5.97 -10.83
CA LEU A 158 2.53 5.15 -9.59
C LEU A 158 2.49 3.67 -9.97
N VAL A 159 3.51 2.95 -9.60
CA VAL A 159 3.58 1.49 -9.91
C VAL A 159 3.75 0.71 -8.61
N ALA A 160 2.97 -0.31 -8.43
CA ALA A 160 3.08 -1.11 -7.18
C ALA A 160 2.43 -2.47 -7.39
N ALA A 161 2.91 -3.48 -6.72
CA ALA A 161 2.28 -4.81 -6.91
C ALA A 161 0.82 -4.70 -6.52
N ASP A 162 0.53 -3.95 -5.49
CA ASP A 162 -0.87 -3.78 -5.04
C ASP A 162 -0.93 -2.71 -3.93
N LEU A 163 -2.00 -1.97 -3.86
CA LEU A 163 -2.13 -0.90 -2.81
C LEU A 163 -3.33 -1.20 -1.90
N THR A 164 -3.19 -1.00 -0.62
CA THR A 164 -4.32 -1.27 0.33
C THR A 164 -5.09 0.03 0.58
N PRO A 165 -6.36 -0.05 0.91
CA PRO A 165 -7.19 1.16 1.18
C PRO A 165 -6.41 2.26 1.90
N SER A 166 -5.75 1.93 2.97
CA SER A 166 -4.97 2.96 3.70
C SER A 166 -4.09 3.73 2.72
N GLU A 167 -3.27 3.04 1.98
CA GLU A 167 -2.38 3.73 1.00
C GLU A 167 -3.23 4.55 0.03
N THR A 168 -4.27 3.96 -0.50
CA THR A 168 -5.13 4.71 -1.46
C THR A 168 -5.89 5.82 -0.73
N ALA A 169 -5.99 5.73 0.58
CA ALA A 169 -6.72 6.77 1.35
C ALA A 169 -5.82 7.99 1.56
N GLN A 170 -4.53 7.79 1.64
CA GLN A 170 -3.60 8.95 1.85
C GLN A 170 -2.95 9.32 0.51
N LEU A 171 -3.11 8.48 -0.47
CA LEU A 171 -2.51 8.81 -1.81
C LEU A 171 -3.08 10.14 -2.28
N ASN A 172 -2.34 10.87 -3.08
CA ASN A 172 -2.83 12.18 -3.59
C ASN A 172 -3.35 11.97 -5.01
N LEU A 173 -4.45 12.59 -5.35
CA LEU A 173 -5.02 12.41 -6.72
C LEU A 173 -4.42 13.43 -7.68
N LYS A 174 -4.26 14.66 -7.24
CA LYS A 174 -3.74 15.70 -8.17
C LYS A 174 -2.21 15.67 -8.26
N LYS A 175 -1.53 14.93 -7.41
CA LYS A 175 -0.03 14.89 -7.49
C LYS A 175 0.38 13.60 -8.22
N VAL A 176 -0.52 12.66 -8.33
CA VAL A 176 -0.21 11.39 -9.05
C VAL A 176 -0.55 11.58 -10.53
N LEU A 177 0.05 10.80 -11.40
CA LEU A 177 -0.24 10.93 -12.86
C LEU A 177 -1.09 9.74 -13.32
N GLY A 178 -1.07 8.67 -12.57
CA GLY A 178 -1.87 7.48 -12.96
C GLY A 178 -1.60 6.34 -11.97
N PHE A 179 -2.33 5.26 -12.08
CA PHE A 179 -2.12 4.12 -11.14
C PHE A 179 -1.94 2.83 -11.96
N ILE A 180 -0.85 2.14 -11.75
CA ILE A 180 -0.57 0.87 -12.49
C ILE A 180 -0.19 -0.19 -11.47
N THR A 181 -0.78 -1.35 -11.54
CA THR A 181 -0.45 -2.43 -10.56
C THR A 181 -0.36 -3.80 -11.24
N ASP A 182 0.49 -4.64 -10.73
CA ASP A 182 0.67 -6.00 -11.33
C ASP A 182 -0.38 -6.96 -10.77
N ALA A 183 -1.59 -6.49 -10.54
CA ALA A 183 -2.66 -7.38 -9.97
C ALA A 183 -3.75 -7.61 -11.01
N GLY A 184 -3.99 -8.84 -11.38
CA GLY A 184 -5.05 -9.14 -12.39
C GLY A 184 -6.38 -9.40 -11.67
N GLY A 185 -6.93 -8.40 -11.03
CA GLY A 185 -8.22 -8.58 -10.31
C GLY A 185 -9.38 -8.05 -11.15
N ARG A 186 -10.40 -8.83 -11.36
CA ARG A 186 -11.56 -8.33 -12.14
C ARG A 186 -12.01 -7.03 -11.49
N THR A 187 -11.50 -5.91 -11.96
CA THR A 187 -11.84 -4.60 -11.35
C THR A 187 -11.29 -4.58 -9.93
N SER A 188 -9.99 -4.56 -9.79
CA SER A 188 -9.39 -4.55 -8.42
C SER A 188 -9.60 -3.17 -7.78
N HIS A 189 -9.41 -3.07 -6.49
CA HIS A 189 -9.62 -1.77 -5.78
C HIS A 189 -9.01 -0.63 -6.59
N THR A 190 -7.80 -0.77 -7.05
CA THR A 190 -7.17 0.32 -7.83
C THR A 190 -8.11 0.77 -8.95
N SER A 191 -8.92 -0.13 -9.46
CA SER A 191 -9.87 0.25 -10.54
C SER A 191 -11.06 1.04 -9.95
N ILE A 192 -11.53 0.64 -8.80
CA ILE A 192 -12.67 1.36 -8.19
C ILE A 192 -12.34 2.85 -8.11
N MET A 193 -11.10 3.16 -7.83
CA MET A 193 -10.72 4.60 -7.76
C MET A 193 -10.74 5.15 -9.18
N ALA A 194 -10.07 4.47 -10.06
CA ALA A 194 -10.02 4.90 -11.48
C ALA A 194 -11.44 4.97 -12.06
N ARG A 195 -12.23 3.97 -11.82
CA ARG A 195 -13.62 3.97 -12.38
C ARG A 195 -14.42 5.12 -11.77
N SER A 196 -14.40 5.27 -10.48
CA SER A 196 -15.17 6.38 -9.85
C SER A 196 -14.54 7.72 -10.21
N LEU A 197 -13.23 7.77 -10.30
CA LEU A 197 -12.55 9.05 -10.66
C LEU A 197 -12.42 9.13 -12.18
N GLU A 198 -12.92 8.14 -12.88
CA GLU A 198 -12.85 8.15 -14.38
C GLU A 198 -11.42 8.32 -14.87
N LEU A 199 -10.46 8.38 -13.98
CA LEU A 199 -9.05 8.56 -14.46
C LEU A 199 -8.64 7.29 -15.22
N PRO A 200 -7.51 7.28 -15.93
CA PRO A 200 -7.05 6.08 -16.67
C PRO A 200 -6.24 5.15 -15.78
N ALA A 201 -6.35 3.86 -15.94
CA ALA A 201 -5.57 2.95 -15.06
C ALA A 201 -5.44 1.55 -15.68
N ILE A 202 -4.63 0.73 -15.06
CA ILE A 202 -4.41 -0.66 -15.53
C ILE A 202 -4.08 -1.50 -14.28
N VAL A 203 -4.31 -2.79 -14.30
CA VAL A 203 -4.04 -3.60 -13.07
C VAL A 203 -3.47 -4.99 -13.42
N GLY A 204 -3.87 -5.56 -14.52
CA GLY A 204 -3.36 -6.90 -14.89
C GLY A 204 -2.03 -6.78 -15.64
N THR A 205 -1.17 -5.87 -15.24
CA THR A 205 0.12 -5.73 -15.94
C THR A 205 1.01 -6.92 -15.62
N GLY A 206 0.43 -8.08 -15.63
CA GLY A 206 1.19 -9.32 -15.35
C GLY A 206 2.20 -9.08 -14.22
N SER A 207 3.45 -8.92 -14.58
CA SER A 207 4.52 -8.71 -13.56
C SER A 207 5.38 -7.52 -13.95
N VAL A 208 4.80 -6.45 -14.41
CA VAL A 208 5.62 -5.27 -14.79
C VAL A 208 6.49 -4.88 -13.60
N THR A 209 6.01 -5.06 -12.40
CA THR A 209 6.83 -4.70 -11.22
C THR A 209 8.15 -5.45 -11.31
N SER A 210 8.22 -6.47 -12.14
CA SER A 210 9.48 -7.26 -12.29
C SER A 210 10.17 -6.86 -13.60
N GLN A 211 9.72 -5.80 -14.22
CA GLN A 211 10.35 -5.35 -15.52
C GLN A 211 10.55 -3.83 -15.50
N VAL A 212 9.88 -3.14 -14.61
CA VAL A 212 10.02 -1.65 -14.52
C VAL A 212 10.70 -1.31 -13.21
N LYS A 213 11.57 -0.32 -13.20
CA LYS A 213 12.27 0.10 -11.96
C LYS A 213 11.81 1.51 -11.65
N ASN A 214 12.32 2.10 -10.61
CA ASN A 214 11.90 3.50 -10.29
C ASN A 214 12.66 4.50 -11.16
N ASP A 215 12.01 5.57 -11.54
CA ASP A 215 12.65 6.63 -12.38
C ASP A 215 12.66 6.23 -13.86
N ASP A 216 12.39 4.99 -14.16
CA ASP A 216 12.37 4.59 -15.59
C ASP A 216 11.35 5.47 -16.33
N TYR A 217 11.68 5.95 -17.50
CA TYR A 217 10.71 6.81 -18.24
C TYR A 217 9.79 5.91 -19.08
N LEU A 218 8.52 5.93 -18.79
CA LEU A 218 7.55 5.07 -19.53
C LEU A 218 6.38 5.92 -20.02
N ILE A 219 5.50 5.33 -20.77
CA ILE A 219 4.31 6.06 -21.29
C ILE A 219 3.09 5.14 -21.23
N LEU A 220 2.03 5.57 -20.61
CA LEU A 220 0.82 4.72 -20.51
C LEU A 220 -0.08 5.02 -21.71
N ASP A 221 -0.47 4.00 -22.45
CA ASP A 221 -1.34 4.25 -23.64
C ASP A 221 -2.80 4.03 -23.25
N ALA A 222 -3.07 3.11 -22.37
CA ALA A 222 -4.46 2.84 -21.92
C ALA A 222 -5.42 2.90 -23.12
N VAL A 223 -4.91 2.74 -24.31
CA VAL A 223 -5.77 2.76 -25.54
C VAL A 223 -5.69 1.36 -26.14
N ASN A 224 -4.51 0.95 -26.49
CA ASN A 224 -4.33 -0.42 -27.05
C ASN A 224 -4.07 -1.35 -25.86
N ASN A 225 -4.29 -0.85 -24.68
CA ASN A 225 -4.05 -1.67 -23.46
C ASN A 225 -2.60 -2.16 -23.43
N GLN A 226 -1.66 -1.26 -23.46
CA GLN A 226 -0.23 -1.70 -23.46
C GLN A 226 0.67 -0.58 -22.92
N VAL A 227 1.78 -0.96 -22.33
CA VAL A 227 2.74 0.02 -21.77
C VAL A 227 4.00 0.03 -22.64
N TYR A 228 4.55 1.19 -22.90
CA TYR A 228 5.78 1.28 -23.75
C TYR A 228 6.99 1.66 -22.87
N VAL A 229 8.06 0.92 -22.98
CA VAL A 229 9.28 1.22 -22.16
C VAL A 229 10.33 1.92 -23.04
N ASN A 230 10.62 3.16 -22.76
CA ASN A 230 11.63 3.88 -23.58
C ASN A 230 11.31 3.78 -25.08
N PRO A 231 10.19 4.31 -25.50
CA PRO A 231 9.78 4.28 -26.94
C PRO A 231 10.62 5.22 -27.80
N THR A 232 10.62 5.01 -29.08
CA THR A 232 11.43 5.88 -29.99
C THR A 232 10.76 7.24 -30.11
N ASN A 233 11.49 8.24 -30.52
CA ASN A 233 10.89 9.60 -30.66
C ASN A 233 9.88 9.58 -31.82
N GLU A 234 10.07 8.69 -32.76
CA GLU A 234 9.13 8.62 -33.92
C GLU A 234 7.73 8.27 -33.42
N VAL A 235 7.64 7.41 -32.45
CA VAL A 235 6.29 7.04 -31.92
C VAL A 235 5.78 8.14 -30.99
N ILE A 236 6.62 8.61 -30.11
CA ILE A 236 6.20 9.68 -29.18
C ILE A 236 5.64 10.87 -29.97
N ASP A 237 6.44 11.42 -30.85
CA ASP A 237 5.96 12.59 -31.64
C ASP A 237 4.64 12.27 -32.35
N LYS A 238 4.52 11.08 -32.87
CA LYS A 238 3.26 10.71 -33.59
C LYS A 238 2.09 10.68 -32.61
N MET A 239 2.29 10.17 -31.42
CA MET A 239 1.17 10.11 -30.45
C MET A 239 0.99 11.47 -29.77
N ARG A 240 2.03 12.26 -29.70
CA ARG A 240 1.92 13.59 -29.05
C ARG A 240 0.86 14.42 -29.75
N ALA A 241 0.83 14.39 -31.06
CA ALA A 241 -0.19 15.19 -31.80
C ALA A 241 -1.56 14.53 -31.69
N VAL A 242 -1.66 13.26 -32.02
CA VAL A 242 -2.98 12.58 -31.95
C VAL A 242 -3.49 12.57 -30.50
N GLN A 243 -2.66 12.16 -29.57
CA GLN A 243 -3.08 12.11 -28.14
C GLN A 243 -3.67 13.46 -27.72
N GLU A 244 -2.89 14.50 -27.82
CA GLU A 244 -3.36 15.84 -27.40
C GLU A 244 -4.56 16.27 -28.23
N GLN A 245 -4.71 15.74 -29.41
CA GLN A 245 -5.89 16.13 -30.22
C GLN A 245 -7.14 15.60 -29.53
N VAL A 246 -6.98 14.59 -28.72
CA VAL A 246 -8.15 14.03 -27.99
C VAL A 246 -8.48 14.94 -26.80
N ALA A 247 -7.47 15.44 -26.15
CA ALA A 247 -7.72 16.33 -24.98
C ALA A 247 -8.39 17.62 -25.45
N SER A 248 -8.15 18.02 -26.68
CA SER A 248 -8.78 19.27 -27.18
C SER A 248 -10.24 19.01 -27.52
N GLU A 249 -10.56 17.83 -27.96
CA GLU A 249 -11.97 17.52 -28.31
C GLU A 249 -12.80 17.40 -27.01
N MET A 1 2.77 -8.09 -26.05
CA MET A 1 2.88 -6.72 -25.48
C MET A 1 2.29 -6.72 -24.07
N ILE A 2 2.58 -5.71 -23.29
CA ILE A 2 2.02 -5.66 -21.91
C ILE A 2 0.51 -5.53 -22.01
N SER A 3 -0.18 -6.65 -22.11
CA SER A 3 -1.66 -6.60 -22.21
C SER A 3 -2.27 -6.62 -20.81
N GLY A 4 -2.91 -5.56 -20.42
CA GLY A 4 -3.54 -5.49 -19.06
C GLY A 4 -5.05 -5.56 -19.22
N ILE A 5 -5.79 -5.19 -18.21
CA ILE A 5 -7.28 -5.22 -18.30
C ILE A 5 -7.78 -3.83 -18.71
N LEU A 6 -6.88 -2.88 -18.78
CA LEU A 6 -7.29 -1.51 -19.18
C LEU A 6 -8.43 -1.04 -18.28
N ALA A 7 -8.15 -0.17 -17.35
CA ALA A 7 -9.23 0.32 -16.44
C ALA A 7 -9.99 1.43 -17.15
N SER A 8 -9.29 2.45 -17.58
CA SER A 8 -9.97 3.57 -18.31
C SER A 8 -9.00 4.10 -19.37
N PRO A 9 -9.49 4.55 -20.51
CA PRO A 9 -8.61 5.05 -21.60
C PRO A 9 -8.07 6.46 -21.36
N GLY A 10 -6.94 6.77 -21.95
CA GLY A 10 -6.34 8.13 -21.76
C GLY A 10 -4.83 8.06 -21.96
N ILE A 11 -4.27 8.96 -22.72
CA ILE A 11 -2.79 8.94 -22.95
C ILE A 11 -2.10 9.88 -21.96
N ALA A 12 -1.02 9.44 -21.37
CA ALA A 12 -0.30 10.30 -20.39
C ALA A 12 1.22 10.07 -20.52
N PHE A 13 2.00 11.05 -20.13
CA PHE A 13 3.49 10.92 -20.20
C PHE A 13 4.07 11.20 -18.80
N GLY A 14 5.09 10.49 -18.39
CA GLY A 14 5.66 10.76 -17.04
C GLY A 14 6.78 9.75 -16.71
N LYS A 15 7.59 10.08 -15.72
CA LYS A 15 8.70 9.15 -15.35
C LYS A 15 8.14 8.00 -14.49
N ALA A 16 8.77 6.86 -14.55
CA ALA A 16 8.28 5.69 -13.78
C ALA A 16 8.62 5.82 -12.29
N LEU A 17 7.64 5.68 -11.43
CA LEU A 17 7.89 5.76 -9.96
C LEU A 17 7.71 4.35 -9.39
N LEU A 18 8.78 3.59 -9.31
CA LEU A 18 8.63 2.19 -8.80
C LEU A 18 8.62 2.17 -7.27
N LEU A 19 7.61 1.56 -6.72
CA LEU A 19 7.46 1.49 -5.23
C LEU A 19 8.02 0.15 -4.71
N LYS A 20 9.27 0.14 -4.32
CA LYS A 20 9.87 -1.12 -3.78
C LYS A 20 9.72 -1.11 -2.26
N GLU A 21 9.77 -2.27 -1.64
CA GLU A 21 9.62 -2.35 -0.16
C GLU A 21 10.75 -3.20 0.42
N ASP A 22 11.34 -2.75 1.50
CA ASP A 22 12.45 -3.53 2.12
C ASP A 22 11.85 -4.66 2.95
N GLU A 23 12.36 -5.84 2.81
CA GLU A 23 11.81 -6.99 3.59
C GLU A 23 12.02 -6.71 5.09
N ILE A 24 11.12 -7.17 5.92
CA ILE A 24 11.26 -6.94 7.38
C ILE A 24 12.08 -8.07 8.01
N VAL A 25 13.08 -7.72 8.78
CA VAL A 25 13.92 -8.77 9.43
C VAL A 25 13.53 -8.85 10.91
N ILE A 26 12.95 -9.95 11.31
CA ILE A 26 12.52 -10.10 12.74
C ILE A 26 13.70 -10.63 13.56
N ASP A 27 13.97 -10.00 14.68
CA ASP A 27 15.09 -10.46 15.55
C ASP A 27 14.57 -11.49 16.55
N ARG A 28 15.02 -12.72 16.45
CA ARG A 28 14.55 -13.77 17.40
C ARG A 28 15.56 -13.89 18.54
N LYS A 29 16.28 -12.84 18.82
CA LYS A 29 17.28 -12.89 19.93
C LYS A 29 16.57 -12.74 21.27
N LYS A 30 17.02 -13.42 22.28
CA LYS A 30 16.37 -13.32 23.62
C LYS A 30 16.92 -12.12 24.37
N ILE A 31 16.07 -11.21 24.78
CA ILE A 31 16.54 -10.01 25.53
C ILE A 31 16.54 -10.29 27.04
N SER A 32 17.06 -9.37 27.81
CA SER A 32 17.10 -9.54 29.29
C SER A 32 16.05 -8.64 29.95
N ALA A 33 15.86 -8.77 31.23
CA ALA A 33 14.86 -7.92 31.93
C ALA A 33 15.32 -6.46 31.93
N ASP A 34 16.52 -6.21 31.50
CA ASP A 34 17.03 -4.80 31.48
C ASP A 34 16.54 -4.09 30.22
N GLN A 35 16.09 -4.85 29.23
CA GLN A 35 15.59 -4.22 27.96
C GLN A 35 14.07 -4.41 27.87
N VAL A 36 13.50 -5.19 28.76
CA VAL A 36 12.04 -5.39 28.73
C VAL A 36 11.34 -4.04 28.88
N ASP A 37 11.79 -3.24 29.80
CA ASP A 37 11.17 -1.90 29.98
C ASP A 37 11.18 -1.16 28.65
N GLN A 38 12.21 -1.35 27.87
CA GLN A 38 12.29 -0.65 26.56
C GLN A 38 11.27 -1.22 25.57
N GLU A 39 11.11 -2.52 25.54
CA GLU A 39 10.12 -3.11 24.59
C GLU A 39 8.73 -2.53 24.87
N VAL A 40 8.34 -2.47 26.11
CA VAL A 40 7.00 -1.92 26.44
C VAL A 40 6.94 -0.45 25.99
N GLU A 41 7.98 0.30 26.26
CA GLU A 41 7.99 1.74 25.84
C GLU A 41 8.01 1.81 24.31
N ARG A 42 8.78 0.98 23.68
CA ARG A 42 8.83 1.01 22.19
C ARG A 42 7.46 0.63 21.64
N PHE A 43 6.76 -0.26 22.31
CA PHE A 43 5.41 -0.68 21.85
C PHE A 43 4.37 0.29 22.41
N LEU A 44 4.38 0.49 23.70
CA LEU A 44 3.39 1.42 24.33
C LEU A 44 3.46 2.78 23.64
N SER A 45 4.55 3.48 23.79
CA SER A 45 4.66 4.82 23.15
C SER A 45 4.61 4.65 21.63
N GLY A 46 5.17 3.58 21.13
CA GLY A 46 5.11 3.37 19.65
C GLY A 46 3.64 3.44 19.24
N ARG A 47 2.81 2.65 19.89
CA ARG A 47 1.35 2.67 19.57
C ARG A 47 0.88 4.12 19.51
N ALA A 48 1.49 4.98 20.29
CA ALA A 48 1.10 6.42 20.26
C ALA A 48 1.32 6.94 18.83
N LYS A 49 2.32 6.40 18.18
CA LYS A 49 2.62 6.82 16.78
C LYS A 49 1.73 6.04 15.82
N ALA A 50 1.84 4.75 15.80
CA ALA A 50 1.01 3.93 14.88
C ALA A 50 -0.46 4.31 15.04
N SER A 51 -0.94 4.42 16.25
CA SER A 51 -2.37 4.80 16.47
C SER A 51 -2.59 6.19 15.89
N ALA A 52 -1.62 7.04 16.06
CA ALA A 52 -1.74 8.43 15.54
C ALA A 52 -1.61 8.40 14.02
N GLN A 53 -0.86 7.47 13.50
CA GLN A 53 -0.70 7.38 12.02
C GLN A 53 -2.02 6.93 11.40
N LEU A 54 -2.51 5.78 11.78
CA LEU A 54 -3.80 5.29 11.22
C LEU A 54 -4.87 6.35 11.46
N GLU A 55 -4.92 6.89 12.65
CA GLU A 55 -5.93 7.94 12.96
C GLU A 55 -5.79 9.07 11.94
N THR A 56 -4.60 9.55 11.72
CA THR A 56 -4.40 10.65 10.74
C THR A 56 -4.82 10.18 9.35
N ILE A 57 -4.46 8.97 9.00
CA ILE A 57 -4.86 8.44 7.67
C ILE A 57 -6.37 8.18 7.67
N LYS A 58 -6.88 7.71 8.78
CA LYS A 58 -8.34 7.44 8.87
C LYS A 58 -9.11 8.67 8.40
N THR A 59 -8.73 9.83 8.83
CA THR A 59 -9.45 11.07 8.41
C THR A 59 -9.18 11.37 6.94
N LYS A 60 -8.06 10.95 6.43
CA LYS A 60 -7.78 11.24 5.00
C LYS A 60 -8.66 10.34 4.14
N ALA A 61 -9.08 9.24 4.69
CA ALA A 61 -9.97 8.32 3.93
C ALA A 61 -11.41 8.83 4.04
N GLY A 62 -11.73 9.50 5.12
CA GLY A 62 -13.12 10.01 5.29
C GLY A 62 -13.27 11.37 4.63
N GLU A 63 -12.24 12.18 4.61
CA GLU A 63 -12.36 13.52 3.97
C GLU A 63 -12.10 13.40 2.48
N THR A 64 -11.53 12.30 2.06
CA THR A 64 -11.24 12.11 0.60
C THR A 64 -12.38 11.32 -0.08
N PHE A 65 -12.79 10.21 0.50
CA PHE A 65 -13.87 9.39 -0.13
C PHE A 65 -15.19 9.53 0.64
N GLY A 66 -15.14 10.06 1.84
CA GLY A 66 -16.39 10.23 2.66
C GLY A 66 -16.26 9.46 3.97
N GLU A 67 -16.67 10.06 5.06
CA GLU A 67 -16.57 9.39 6.39
C GLU A 67 -17.12 7.96 6.31
N GLU A 68 -17.73 7.59 5.23
CA GLU A 68 -18.30 6.21 5.12
C GLU A 68 -17.17 5.17 5.11
N LYS A 69 -15.98 5.56 4.74
CA LYS A 69 -14.85 4.57 4.71
C LYS A 69 -14.18 4.50 6.09
N GLU A 70 -14.43 5.46 6.93
CA GLU A 70 -13.79 5.46 8.28
C GLU A 70 -14.28 4.27 9.11
N ALA A 71 -15.40 3.71 8.76
CA ALA A 71 -15.92 2.55 9.55
C ALA A 71 -14.96 1.38 9.44
N ILE A 72 -14.41 1.17 8.27
CA ILE A 72 -13.46 0.04 8.10
C ILE A 72 -12.15 0.35 8.83
N PHE A 73 -11.69 1.57 8.76
CA PHE A 73 -10.44 1.94 9.46
C PHE A 73 -10.72 2.11 10.95
N GLU A 74 -11.95 2.39 11.29
CA GLU A 74 -12.29 2.57 12.74
C GLU A 74 -12.08 1.24 13.45
N GLY A 75 -12.32 0.16 12.77
CA GLY A 75 -12.12 -1.18 13.40
C GLY A 75 -10.62 -1.50 13.42
N HIS A 76 -9.91 -1.11 12.40
CA HIS A 76 -8.44 -1.37 12.35
C HIS A 76 -7.75 -0.71 13.54
N ILE A 77 -8.37 0.29 14.13
CA ILE A 77 -7.74 0.96 15.30
C ILE A 77 -8.13 0.19 16.56
N MET A 78 -9.37 -0.20 16.66
CA MET A 78 -9.82 -0.95 17.86
C MET A 78 -9.00 -2.24 17.98
N LEU A 79 -8.76 -2.89 16.88
CA LEU A 79 -7.97 -4.15 16.90
C LEU A 79 -6.54 -3.84 17.37
N LEU A 80 -6.00 -2.74 16.93
CA LEU A 80 -4.62 -2.39 17.35
C LEU A 80 -4.62 -1.98 18.82
N GLU A 81 -5.59 -1.20 19.23
CA GLU A 81 -5.64 -0.75 20.66
C GLU A 81 -6.37 -1.79 21.51
N ASP A 82 -6.73 -2.92 20.95
CA ASP A 82 -7.44 -3.95 21.76
C ASP A 82 -6.72 -4.16 23.08
N GLU A 83 -7.40 -3.99 24.18
CA GLU A 83 -6.75 -4.20 25.51
C GLU A 83 -6.44 -5.67 25.67
N GLU A 84 -7.16 -6.51 24.97
CA GLU A 84 -6.92 -7.97 25.10
C GLU A 84 -5.66 -8.34 24.34
N LEU A 85 -5.58 -7.98 23.09
CA LEU A 85 -4.35 -8.32 22.32
C LEU A 85 -3.18 -7.55 22.93
N GLU A 86 -3.45 -6.60 23.78
CA GLU A 86 -2.36 -5.80 24.41
C GLU A 86 -1.72 -6.61 25.54
N GLN A 87 -2.51 -7.09 26.47
CA GLN A 87 -1.94 -7.88 27.61
C GLN A 87 -1.28 -9.14 27.07
N GLU A 88 -1.72 -9.62 25.94
CA GLU A 88 -1.10 -10.85 25.36
C GLU A 88 0.29 -10.50 24.82
N ILE A 89 0.39 -9.44 24.09
CA ILE A 89 1.72 -9.02 23.56
C ILE A 89 2.65 -8.75 24.75
N ILE A 90 2.24 -7.89 25.64
CA ILE A 90 3.08 -7.58 26.83
C ILE A 90 3.55 -8.88 27.49
N ALA A 91 2.64 -9.73 27.87
CA ALA A 91 3.02 -11.00 28.53
C ALA A 91 4.15 -11.69 27.75
N LEU A 92 3.89 -12.05 26.53
CA LEU A 92 4.94 -12.76 25.73
C LEU A 92 6.27 -12.00 25.85
N ILE A 93 6.27 -10.73 25.60
CA ILE A 93 7.53 -9.95 25.71
C ILE A 93 8.19 -10.19 27.08
N LYS A 94 7.43 -10.12 28.14
CA LYS A 94 8.03 -10.31 29.50
C LYS A 94 8.14 -11.80 29.88
N ASP A 95 7.20 -12.62 29.48
CA ASP A 95 7.25 -14.05 29.89
C ASP A 95 8.17 -14.87 28.98
N LYS A 96 8.19 -14.61 27.70
CA LYS A 96 9.07 -15.41 26.78
C LYS A 96 10.28 -14.56 26.38
N HIS A 97 10.52 -13.48 27.06
CA HIS A 97 11.68 -12.61 26.71
C HIS A 97 11.73 -12.40 25.20
N MET A 98 10.60 -12.18 24.59
CA MET A 98 10.56 -11.98 23.12
C MET A 98 10.59 -10.48 22.81
N THR A 99 11.16 -10.11 21.71
CA THR A 99 11.22 -8.65 21.35
C THR A 99 9.86 -8.19 20.86
N ALA A 100 9.47 -6.98 21.18
CA ALA A 100 8.15 -6.47 20.73
C ALA A 100 7.94 -6.79 19.25
N ASP A 101 9.01 -6.90 18.50
CA ASP A 101 8.87 -7.23 17.07
C ASP A 101 8.56 -8.72 16.93
N ALA A 102 9.25 -9.53 17.68
CA ALA A 102 9.02 -11.00 17.61
C ALA A 102 7.67 -11.35 18.23
N ALA A 103 7.46 -10.98 19.46
CA ALA A 103 6.16 -11.32 20.14
C ALA A 103 5.00 -10.80 19.29
N ALA A 104 5.06 -9.56 18.88
CA ALA A 104 3.94 -9.01 18.06
C ALA A 104 3.73 -9.90 16.83
N HIS A 105 4.76 -10.52 16.33
CA HIS A 105 4.61 -11.40 15.14
C HIS A 105 3.81 -12.65 15.53
N GLU A 106 3.99 -13.14 16.72
CA GLU A 106 3.24 -14.38 17.14
C GLU A 106 1.74 -14.09 17.15
N VAL A 107 1.32 -12.99 17.71
CA VAL A 107 -0.12 -12.68 17.74
C VAL A 107 -0.62 -12.53 16.30
N ILE A 108 0.09 -11.78 15.51
CA ILE A 108 -0.31 -11.59 14.09
C ILE A 108 -0.22 -12.94 13.36
N GLU A 109 0.51 -13.87 13.92
CA GLU A 109 0.64 -15.21 13.25
C GLU A 109 -0.69 -15.95 13.33
N GLY A 110 -1.35 -15.91 14.46
CA GLY A 110 -2.67 -16.60 14.57
C GLY A 110 -3.83 -15.71 14.12
N GLN A 111 -3.73 -14.42 14.27
CA GLN A 111 -4.87 -13.56 13.85
C GLN A 111 -5.04 -13.68 12.35
N ALA A 112 -3.97 -13.73 11.63
CA ALA A 112 -4.05 -13.84 10.15
C ALA A 112 -4.26 -15.31 9.78
N SER A 113 -3.43 -16.18 10.29
CA SER A 113 -3.56 -17.62 9.97
C SER A 113 -4.92 -18.14 10.41
N ALA A 114 -5.36 -17.79 11.59
CA ALA A 114 -6.68 -18.30 12.08
C ALA A 114 -7.82 -17.80 11.21
N LEU A 115 -7.78 -16.58 10.75
CA LEU A 115 -8.91 -16.10 9.91
C LEU A 115 -8.93 -16.87 8.59
N GLU A 116 -7.80 -17.37 8.16
CA GLU A 116 -7.76 -18.13 6.87
C GLU A 116 -8.45 -19.49 7.06
N GLU A 117 -8.55 -19.96 8.27
CA GLU A 117 -9.21 -21.28 8.50
C GLU A 117 -10.72 -21.08 8.52
N LEU A 118 -11.16 -19.85 8.48
CA LEU A 118 -12.62 -19.57 8.48
C LEU A 118 -13.13 -19.64 7.03
N ASP A 119 -14.25 -20.26 6.81
CA ASP A 119 -14.79 -20.37 5.43
C ASP A 119 -15.77 -19.22 5.20
N ASP A 120 -15.28 -18.01 5.24
CA ASP A 120 -16.18 -16.83 5.02
C ASP A 120 -15.39 -15.73 4.32
N GLU A 121 -15.77 -15.40 3.11
CA GLU A 121 -15.06 -14.34 2.35
C GLU A 121 -15.06 -13.05 3.16
N TYR A 122 -15.89 -12.95 4.15
CA TYR A 122 -15.94 -11.71 4.98
C TYR A 122 -14.80 -11.74 6.02
N LEU A 123 -14.84 -12.68 6.92
CA LEU A 123 -13.77 -12.75 7.96
C LEU A 123 -12.43 -13.10 7.30
N LYS A 124 -12.44 -13.85 6.23
CA LYS A 124 -11.17 -14.21 5.56
C LYS A 124 -10.53 -12.95 4.98
N GLU A 125 -11.29 -12.20 4.22
CA GLU A 125 -10.73 -10.96 3.63
C GLU A 125 -10.16 -10.08 4.74
N ARG A 126 -10.67 -10.24 5.93
CA ARG A 126 -10.13 -9.43 7.05
C ARG A 126 -8.76 -10.02 7.39
N ALA A 127 -8.57 -11.27 7.04
CA ALA A 127 -7.27 -11.92 7.30
C ALA A 127 -6.18 -11.12 6.59
N ALA A 128 -6.41 -10.80 5.34
CA ALA A 128 -5.41 -10.00 4.58
C ALA A 128 -5.36 -8.58 5.13
N ASP A 129 -6.48 -8.06 5.53
CA ASP A 129 -6.51 -6.67 6.08
C ASP A 129 -5.78 -6.62 7.43
N VAL A 130 -5.80 -7.70 8.17
CA VAL A 130 -5.11 -7.70 9.49
C VAL A 130 -3.61 -7.87 9.25
N ARG A 131 -3.23 -8.70 8.31
CA ARG A 131 -1.78 -8.86 8.03
C ARG A 131 -1.20 -7.49 7.70
N ASP A 132 -1.92 -6.69 6.96
CA ASP A 132 -1.44 -5.33 6.60
C ASP A 132 -1.20 -4.53 7.88
N ILE A 133 -2.04 -4.67 8.86
CA ILE A 133 -1.85 -3.90 10.12
C ILE A 133 -0.62 -4.41 10.86
N GLY A 134 -0.22 -5.63 10.59
CA GLY A 134 0.97 -6.20 11.28
C GLY A 134 2.27 -5.66 10.67
N LYS A 135 2.47 -5.87 9.39
CA LYS A 135 3.73 -5.38 8.76
C LYS A 135 3.92 -3.90 9.05
N ARG A 136 2.88 -3.12 8.97
CA ARG A 136 3.03 -1.66 9.26
C ARG A 136 3.39 -1.51 10.74
N LEU A 137 2.69 -2.20 11.60
CA LEU A 137 2.98 -2.12 13.06
C LEU A 137 4.45 -2.45 13.31
N LEU A 138 4.96 -3.46 12.66
CA LEU A 138 6.38 -3.85 12.87
C LEU A 138 7.31 -2.73 12.37
N ARG A 139 7.08 -2.24 11.18
CA ARG A 139 7.95 -1.18 10.62
C ARG A 139 8.08 0.00 11.59
N ASN A 140 7.15 0.16 12.49
CA ASN A 140 7.25 1.29 13.46
C ASN A 140 8.16 0.88 14.62
N ILE A 141 7.97 -0.29 15.15
CA ILE A 141 8.83 -0.75 16.26
C ILE A 141 10.30 -0.62 15.85
N LEU A 142 10.60 -0.93 14.62
CA LEU A 142 12.01 -0.82 14.14
C LEU A 142 12.26 0.60 13.64
N GLY A 143 11.29 1.46 13.76
CA GLY A 143 11.45 2.85 13.28
C GLY A 143 11.87 2.82 11.82
N LEU A 144 11.43 1.84 11.09
CA LEU A 144 11.81 1.75 9.66
C LEU A 144 11.32 3.00 8.92
N LYS A 145 12.09 3.50 8.00
CA LYS A 145 11.68 4.72 7.25
C LYS A 145 10.46 4.41 6.38
N ILE A 146 9.48 5.27 6.38
CA ILE A 146 8.26 5.06 5.55
C ILE A 146 8.29 6.00 4.35
N ILE A 147 7.81 5.58 3.22
CA ILE A 147 7.83 6.46 2.02
C ILE A 147 6.69 7.49 2.12
N ASP A 148 6.96 8.71 1.75
CA ASP A 148 5.92 9.77 1.82
C ASP A 148 5.26 9.93 0.44
N LEU A 149 4.26 9.15 0.17
CA LEU A 149 3.57 9.25 -1.15
C LEU A 149 2.59 10.42 -1.13
N SER A 150 2.05 10.73 0.02
CA SER A 150 1.08 11.86 0.10
C SER A 150 1.84 13.19 0.14
N ALA A 151 3.07 13.19 -0.31
CA ALA A 151 3.88 14.44 -0.28
C ALA A 151 4.75 14.52 -1.53
N ILE A 152 4.25 14.04 -2.65
CA ILE A 152 5.06 14.10 -3.89
C ILE A 152 5.12 15.54 -4.39
N GLN A 153 6.09 15.86 -5.21
CA GLN A 153 6.22 17.26 -5.74
C GLN A 153 6.49 17.22 -7.24
N ASP A 154 6.65 16.05 -7.80
CA ASP A 154 6.92 15.92 -9.27
C ASP A 154 5.87 15.00 -9.89
N GLU A 155 5.23 15.44 -10.94
CA GLU A 155 4.20 14.59 -11.60
C GLU A 155 4.87 13.36 -12.20
N VAL A 156 4.44 12.19 -11.81
CA VAL A 156 5.05 10.94 -12.37
C VAL A 156 3.99 9.86 -12.44
N ILE A 157 4.31 8.74 -13.03
CA ILE A 157 3.34 7.63 -13.11
C ILE A 157 3.51 6.77 -11.86
N LEU A 158 2.47 6.09 -11.45
CA LEU A 158 2.57 5.22 -10.23
C LEU A 158 2.59 3.76 -10.66
N VAL A 159 3.65 3.08 -10.34
CA VAL A 159 3.79 1.63 -10.71
C VAL A 159 3.99 0.83 -9.43
N ALA A 160 3.21 -0.20 -9.24
CA ALA A 160 3.36 -1.04 -8.02
C ALA A 160 2.66 -2.38 -8.23
N ALA A 161 3.17 -3.43 -7.66
CA ALA A 161 2.51 -4.74 -7.84
C ALA A 161 1.07 -4.61 -7.35
N ASP A 162 0.86 -3.87 -6.31
CA ASP A 162 -0.51 -3.68 -5.78
C ASP A 162 -0.49 -2.64 -4.65
N LEU A 163 -1.61 -2.02 -4.38
CA LEU A 163 -1.69 -0.97 -3.31
C LEU A 163 -2.82 -1.33 -2.34
N THR A 164 -2.59 -1.19 -1.06
CA THR A 164 -3.65 -1.53 -0.07
C THR A 164 -4.46 -0.25 0.25
N PRO A 165 -5.70 -0.39 0.64
CA PRO A 165 -6.58 0.77 0.98
C PRO A 165 -5.80 1.90 1.67
N SER A 166 -5.09 1.60 2.71
CA SER A 166 -4.31 2.66 3.42
C SER A 166 -3.53 3.50 2.40
N GLU A 167 -2.74 2.86 1.58
CA GLU A 167 -1.96 3.61 0.56
C GLU A 167 -2.91 4.39 -0.36
N THR A 168 -3.93 3.74 -0.85
CA THR A 168 -4.89 4.44 -1.76
C THR A 168 -5.70 5.47 -0.96
N ALA A 169 -5.84 5.28 0.32
CA ALA A 169 -6.63 6.23 1.14
C ALA A 169 -5.80 7.49 1.41
N GLN A 170 -4.50 7.39 1.38
CA GLN A 170 -3.63 8.59 1.65
C GLN A 170 -2.99 9.07 0.34
N LEU A 171 -3.02 8.26 -0.69
CA LEU A 171 -2.43 8.70 -1.99
C LEU A 171 -3.13 9.96 -2.46
N ASN A 172 -2.44 10.82 -3.17
CA ASN A 172 -3.07 12.08 -3.67
C ASN A 172 -3.49 11.88 -5.12
N LEU A 173 -4.49 12.58 -5.56
CA LEU A 173 -4.97 12.41 -6.97
C LEU A 173 -4.33 13.45 -7.89
N LYS A 174 -4.22 14.67 -7.46
CA LYS A 174 -3.67 15.74 -8.36
C LYS A 174 -2.14 15.72 -8.42
N LYS A 175 -1.48 15.05 -7.52
CA LYS A 175 0.02 15.03 -7.58
C LYS A 175 0.44 13.77 -8.33
N VAL A 176 -0.49 12.88 -8.55
CA VAL A 176 -0.21 11.63 -9.32
C VAL A 176 -0.62 11.86 -10.77
N LEU A 177 -0.16 11.03 -11.67
CA LEU A 177 -0.52 11.21 -13.11
C LEU A 177 -1.41 10.04 -13.54
N GLY A 178 -1.28 8.91 -12.89
CA GLY A 178 -2.13 7.73 -13.26
C GLY A 178 -1.77 6.56 -12.34
N PHE A 179 -2.46 5.45 -12.46
CA PHE A 179 -2.15 4.27 -11.60
C PHE A 179 -1.98 3.02 -12.47
N ILE A 180 -0.84 2.38 -12.35
CA ILE A 180 -0.57 1.13 -13.14
C ILE A 180 -0.11 0.07 -12.16
N THR A 181 -0.70 -1.11 -12.21
CA THR A 181 -0.31 -2.19 -11.25
C THR A 181 -0.27 -3.56 -11.93
N ASP A 182 0.62 -4.40 -11.48
CA ASP A 182 0.77 -5.75 -12.07
C ASP A 182 -0.20 -6.74 -11.38
N ALA A 183 -1.41 -6.30 -11.06
CA ALA A 183 -2.39 -7.20 -10.37
C ALA A 183 -3.48 -7.65 -11.35
N GLY A 184 -3.63 -8.93 -11.55
CA GLY A 184 -4.65 -9.45 -12.50
C GLY A 184 -6.05 -8.86 -12.22
N GLY A 185 -6.18 -7.95 -11.30
CA GLY A 185 -7.53 -7.36 -11.04
C GLY A 185 -8.27 -8.21 -9.99
N ARG A 186 -7.77 -9.38 -9.71
CA ARG A 186 -8.44 -10.25 -8.70
C ARG A 186 -8.59 -9.48 -7.39
N THR A 187 -7.65 -8.62 -7.08
CA THR A 187 -7.72 -7.82 -5.83
C THR A 187 -7.10 -6.45 -6.05
N SER A 188 -7.35 -5.85 -7.18
CA SER A 188 -6.76 -4.49 -7.45
C SER A 188 -7.72 -3.40 -6.98
N HIS A 189 -7.58 -2.96 -5.76
CA HIS A 189 -8.48 -1.88 -5.25
C HIS A 189 -8.28 -0.66 -6.13
N THR A 190 -7.16 -0.57 -6.79
CA THR A 190 -6.89 0.58 -7.68
C THR A 190 -7.92 0.57 -8.81
N SER A 191 -8.23 -0.59 -9.32
CA SER A 191 -9.23 -0.68 -10.42
C SER A 191 -10.54 -0.04 -9.96
N ILE A 192 -10.85 -0.15 -8.70
CA ILE A 192 -12.12 0.44 -8.20
C ILE A 192 -12.02 1.97 -8.16
N MET A 193 -10.88 2.52 -7.81
CA MET A 193 -10.75 4.00 -7.78
C MET A 193 -10.73 4.50 -9.22
N ALA A 194 -9.87 3.93 -10.01
CA ALA A 194 -9.76 4.34 -11.42
C ALA A 194 -11.15 4.32 -12.08
N ARG A 195 -12.01 3.42 -11.66
CA ARG A 195 -13.37 3.36 -12.27
C ARG A 195 -14.22 4.52 -11.73
N SER A 196 -14.19 4.73 -10.44
CA SER A 196 -15.00 5.84 -9.86
C SER A 196 -14.39 7.19 -10.26
N LEU A 197 -13.10 7.26 -10.35
CA LEU A 197 -12.44 8.55 -10.74
C LEU A 197 -12.30 8.61 -12.26
N GLU A 198 -12.71 7.57 -12.93
CA GLU A 198 -12.65 7.54 -14.43
C GLU A 198 -11.25 7.94 -14.94
N LEU A 199 -10.27 8.03 -14.09
CA LEU A 199 -8.91 8.40 -14.60
C LEU A 199 -8.37 7.23 -15.45
N PRO A 200 -7.29 7.41 -16.20
CA PRO A 200 -6.72 6.32 -17.05
C PRO A 200 -5.82 5.39 -16.23
N ALA A 201 -6.00 4.09 -16.34
CA ALA A 201 -5.12 3.18 -15.56
C ALA A 201 -5.18 1.75 -16.10
N ILE A 202 -4.38 0.89 -15.52
CA ILE A 202 -4.34 -0.54 -15.92
C ILE A 202 -3.98 -1.35 -14.67
N VAL A 203 -4.21 -2.63 -14.65
CA VAL A 203 -3.90 -3.42 -13.41
C VAL A 203 -3.41 -4.83 -13.76
N GLY A 204 -3.87 -5.38 -14.82
CA GLY A 204 -3.45 -6.76 -15.20
C GLY A 204 -2.20 -6.72 -16.08
N THR A 205 -1.34 -5.75 -15.90
CA THR A 205 -0.12 -5.71 -16.75
C THR A 205 0.62 -7.04 -16.59
N GLY A 206 0.62 -7.56 -15.40
CA GLY A 206 1.27 -8.88 -15.14
C GLY A 206 2.80 -8.87 -15.34
N SER A 207 3.33 -8.12 -16.30
CA SER A 207 4.81 -8.15 -16.55
C SER A 207 5.47 -6.77 -16.40
N VAL A 208 4.83 -5.80 -15.80
CA VAL A 208 5.49 -4.46 -15.67
C VAL A 208 6.51 -4.49 -14.53
N THR A 209 6.13 -4.92 -13.36
CA THR A 209 7.11 -4.94 -12.23
C THR A 209 8.36 -5.72 -12.65
N SER A 210 8.26 -6.54 -13.66
CA SER A 210 9.44 -7.33 -14.12
C SER A 210 9.98 -6.75 -15.41
N GLN A 211 9.57 -5.55 -15.76
CA GLN A 211 10.08 -4.93 -17.03
C GLN A 211 10.29 -3.42 -16.86
N VAL A 212 9.90 -2.87 -15.73
CA VAL A 212 10.06 -1.40 -15.51
C VAL A 212 10.97 -1.14 -14.31
N LYS A 213 11.58 0.03 -14.27
CA LYS A 213 12.45 0.40 -13.13
C LYS A 213 12.06 1.83 -12.73
N ASN A 214 12.58 2.32 -11.65
CA ASN A 214 12.20 3.70 -11.22
C ASN A 214 12.91 4.74 -12.09
N ASP A 215 12.24 5.83 -12.40
CA ASP A 215 12.86 6.92 -13.22
C ASP A 215 12.84 6.57 -14.71
N ASP A 216 12.52 5.35 -15.06
CA ASP A 216 12.48 4.99 -16.50
C ASP A 216 11.49 5.92 -17.21
N TYR A 217 11.77 6.30 -18.42
CA TYR A 217 10.82 7.20 -19.15
C TYR A 217 9.76 6.35 -19.83
N LEU A 218 8.54 6.41 -19.37
CA LEU A 218 7.45 5.58 -19.98
C LEU A 218 6.31 6.48 -20.42
N ILE A 219 5.42 5.95 -21.23
CA ILE A 219 4.25 6.73 -21.71
C ILE A 219 3.03 5.81 -21.68
N LEU A 220 2.00 6.22 -21.01
CA LEU A 220 0.78 5.37 -20.92
C LEU A 220 -0.11 5.65 -22.14
N ASP A 221 -0.50 4.62 -22.86
CA ASP A 221 -1.35 4.83 -24.07
C ASP A 221 -2.82 4.62 -23.69
N ALA A 222 -3.10 3.56 -22.99
CA ALA A 222 -4.51 3.27 -22.58
C ALA A 222 -5.46 3.49 -23.77
N VAL A 223 -4.96 3.41 -24.97
CA VAL A 223 -5.83 3.57 -26.18
C VAL A 223 -5.82 2.24 -26.91
N ASN A 224 -4.66 1.63 -26.99
CA ASN A 224 -4.54 0.29 -27.64
C ASN A 224 -4.29 -0.73 -26.52
N ASN A 225 -4.52 -0.29 -25.29
CA ASN A 225 -4.32 -1.18 -24.11
C ASN A 225 -2.85 -1.63 -24.03
N GLN A 226 -1.93 -0.70 -24.07
CA GLN A 226 -0.48 -1.09 -24.01
C GLN A 226 0.37 0.09 -23.52
N VAL A 227 1.51 -0.21 -22.94
CA VAL A 227 2.43 0.85 -22.44
C VAL A 227 3.65 0.92 -23.37
N TYR A 228 4.39 1.99 -23.31
CA TYR A 228 5.61 2.13 -24.18
C TYR A 228 6.85 2.34 -23.29
N VAL A 229 7.77 1.41 -23.33
CA VAL A 229 9.01 1.54 -22.49
C VAL A 229 10.18 2.01 -23.35
N ASN A 230 10.76 3.13 -23.02
CA ASN A 230 11.92 3.67 -23.79
C ASN A 230 11.48 4.04 -25.22
N PRO A 231 10.79 5.14 -25.35
CA PRO A 231 10.31 5.64 -26.67
C PRO A 231 11.32 6.60 -27.32
N THR A 232 11.45 6.57 -28.62
CA THR A 232 12.41 7.49 -29.28
C THR A 232 11.86 8.91 -29.28
N ASN A 233 12.68 9.87 -29.60
CA ASN A 233 12.22 11.29 -29.63
C ASN A 233 11.31 11.49 -30.84
N GLU A 234 11.61 10.82 -31.92
CA GLU A 234 10.78 10.96 -33.14
C GLU A 234 9.38 10.39 -32.89
N VAL A 235 9.28 9.36 -32.10
CA VAL A 235 7.94 8.78 -31.81
C VAL A 235 7.20 9.68 -30.83
N ILE A 236 7.91 10.35 -29.98
CA ILE A 236 7.24 11.26 -29.00
C ILE A 236 6.67 12.47 -29.74
N ASP A 237 7.51 13.18 -30.45
CA ASP A 237 7.03 14.38 -31.19
C ASP A 237 5.87 14.01 -32.11
N LYS A 238 5.94 12.88 -32.75
CA LYS A 238 4.85 12.47 -33.68
C LYS A 238 3.56 12.19 -32.89
N MET A 239 3.68 11.57 -31.75
CA MET A 239 2.47 11.26 -30.95
C MET A 239 2.06 12.50 -30.15
N ARG A 240 2.98 13.39 -29.90
CA ARG A 240 2.64 14.62 -29.14
C ARG A 240 1.56 15.40 -29.89
N ALA A 241 1.69 15.54 -31.17
CA ALA A 241 0.68 16.30 -31.96
C ALA A 241 -0.59 15.45 -32.14
N VAL A 242 -0.46 14.28 -32.70
CA VAL A 242 -1.65 13.41 -32.91
C VAL A 242 -2.47 13.32 -31.61
N GLN A 243 -1.89 12.80 -30.57
CA GLN A 243 -2.63 12.68 -29.29
C GLN A 243 -3.31 14.00 -28.93
N GLU A 244 -2.54 15.05 -28.82
CA GLU A 244 -3.15 16.35 -28.45
C GLU A 244 -4.17 16.77 -29.49
N GLN A 245 -4.04 16.31 -30.69
CA GLN A 245 -5.05 16.66 -31.72
C GLN A 245 -6.37 15.98 -31.34
N VAL A 246 -6.27 14.85 -30.67
CA VAL A 246 -7.50 14.13 -30.27
C VAL A 246 -8.33 15.02 -29.34
N ALA A 247 -7.68 15.64 -28.40
CA ALA A 247 -8.42 16.53 -27.47
C ALA A 247 -9.14 17.63 -28.27
N SER A 248 -8.49 18.18 -29.25
CA SER A 248 -9.12 19.25 -30.06
C SER A 248 -10.06 18.66 -31.12
N GLU A 249 -9.76 17.49 -31.62
CA GLU A 249 -10.64 16.88 -32.66
C GLU A 249 -11.96 16.44 -32.02
N MET A 1 4.71 -8.05 -24.55
CA MET A 1 3.96 -6.76 -24.50
C MET A 1 3.24 -6.63 -23.17
N ILE A 2 3.41 -5.53 -22.48
CA ILE A 2 2.72 -5.35 -21.17
C ILE A 2 1.21 -5.42 -21.37
N SER A 3 0.65 -6.60 -21.42
CA SER A 3 -0.83 -6.73 -21.58
C SER A 3 -1.48 -6.84 -20.20
N GLY A 4 -2.23 -5.85 -19.78
CA GLY A 4 -2.88 -5.90 -18.44
C GLY A 4 -4.38 -6.12 -18.60
N ILE A 5 -5.15 -5.89 -17.56
CA ILE A 5 -6.62 -6.08 -17.65
C ILE A 5 -7.27 -4.75 -18.01
N LEU A 6 -6.49 -3.70 -18.06
CA LEU A 6 -7.04 -2.36 -18.41
C LEU A 6 -8.17 -2.00 -17.44
N ALA A 7 -7.94 -1.03 -16.61
CA ALA A 7 -8.99 -0.62 -15.63
C ALA A 7 -9.87 0.45 -16.25
N SER A 8 -9.28 1.44 -16.88
CA SER A 8 -10.11 2.52 -17.52
C SER A 8 -9.36 3.07 -18.75
N PRO A 9 -10.07 3.55 -19.76
CA PRO A 9 -9.43 4.09 -21.00
C PRO A 9 -8.98 5.55 -20.88
N GLY A 10 -7.92 5.90 -21.57
CA GLY A 10 -7.42 7.32 -21.52
C GLY A 10 -5.94 7.34 -21.92
N ILE A 11 -5.32 8.49 -21.88
CA ILE A 11 -3.87 8.56 -22.28
C ILE A 11 -3.14 9.65 -21.45
N ALA A 12 -2.06 9.29 -20.82
CA ALA A 12 -1.29 10.29 -20.00
C ALA A 12 0.21 10.11 -20.26
N PHE A 13 1.00 11.10 -19.93
CA PHE A 13 2.49 11.02 -20.15
C PHE A 13 3.19 11.35 -18.82
N GLY A 14 4.11 10.53 -18.35
CA GLY A 14 4.79 10.86 -17.06
C GLY A 14 5.94 9.90 -16.74
N LYS A 15 6.77 10.26 -15.79
CA LYS A 15 7.94 9.40 -15.41
C LYS A 15 7.50 8.29 -14.44
N ALA A 16 8.17 7.18 -14.46
CA ALA A 16 7.79 6.03 -13.58
C ALA A 16 8.25 6.25 -12.14
N LEU A 17 7.37 6.05 -11.20
CA LEU A 17 7.73 6.19 -9.74
C LEU A 17 7.68 4.79 -9.13
N LEU A 18 8.80 4.14 -8.98
CA LEU A 18 8.78 2.75 -8.42
C LEU A 18 8.78 2.79 -6.88
N LEU A 19 7.78 2.19 -6.31
CA LEU A 19 7.66 2.15 -4.82
C LEU A 19 8.31 0.86 -4.31
N LYS A 20 9.53 0.94 -3.85
CA LYS A 20 10.23 -0.27 -3.35
C LYS A 20 9.95 -0.43 -1.86
N GLU A 21 9.79 -1.65 -1.40
CA GLU A 21 9.51 -1.89 0.06
C GLU A 21 10.72 -2.54 0.71
N ASP A 22 11.16 -2.00 1.82
CA ASP A 22 12.33 -2.59 2.53
C ASP A 22 11.86 -3.81 3.29
N GLU A 23 12.43 -4.95 3.03
CA GLU A 23 11.99 -6.18 3.74
C GLU A 23 12.31 -6.06 5.23
N ILE A 24 11.38 -6.42 6.08
CA ILE A 24 11.61 -6.33 7.55
C ILE A 24 12.16 -7.66 8.05
N VAL A 25 13.19 -7.60 8.88
CA VAL A 25 13.81 -8.85 9.43
C VAL A 25 13.41 -8.99 10.90
N ILE A 26 12.74 -10.04 11.26
CA ILE A 26 12.33 -10.21 12.69
C ILE A 26 13.43 -10.98 13.44
N ASP A 27 13.84 -10.50 14.58
CA ASP A 27 14.90 -11.21 15.36
C ASP A 27 14.25 -12.21 16.31
N ARG A 28 14.62 -13.47 16.22
CA ARG A 28 14.02 -14.50 17.12
C ARG A 28 14.96 -14.73 18.31
N LYS A 29 15.71 -13.74 18.69
CA LYS A 29 16.66 -13.91 19.83
C LYS A 29 15.93 -13.63 21.14
N LYS A 30 16.22 -14.40 22.16
CA LYS A 30 15.56 -14.17 23.48
C LYS A 30 16.31 -13.10 24.23
N ILE A 31 15.63 -12.10 24.73
CA ILE A 31 16.32 -11.00 25.46
C ILE A 31 16.46 -11.36 26.94
N SER A 32 17.18 -10.56 27.67
CA SER A 32 17.36 -10.81 29.13
C SER A 32 16.38 -9.92 29.90
N ALA A 33 16.11 -10.23 31.14
CA ALA A 33 15.16 -9.40 31.93
C ALA A 33 15.66 -7.95 31.97
N ASP A 34 16.83 -7.69 31.47
CA ASP A 34 17.37 -6.30 31.51
C ASP A 34 16.82 -5.49 30.32
N GLN A 35 16.26 -6.14 29.33
CA GLN A 35 15.70 -5.40 28.14
C GLN A 35 14.19 -5.64 28.05
N VAL A 36 13.63 -6.39 28.95
CA VAL A 36 12.15 -6.65 28.89
C VAL A 36 11.39 -5.37 29.20
N ASP A 37 11.74 -4.69 30.27
CA ASP A 37 11.05 -3.42 30.60
C ASP A 37 11.24 -2.45 29.44
N GLN A 38 12.33 -2.57 28.76
CA GLN A 38 12.63 -1.66 27.62
C GLN A 38 11.71 -1.99 26.45
N GLU A 39 11.44 -3.24 26.21
CA GLU A 39 10.55 -3.60 25.07
C GLU A 39 9.15 -3.06 25.33
N VAL A 40 8.70 -3.07 26.56
CA VAL A 40 7.35 -2.55 26.89
C VAL A 40 7.27 -1.08 26.51
N GLU A 41 8.27 -0.31 26.84
CA GLU A 41 8.25 1.14 26.49
C GLU A 41 8.29 1.26 24.97
N ARG A 42 9.02 0.41 24.32
CA ARG A 42 9.09 0.45 22.84
C ARG A 42 7.73 0.06 22.26
N PHE A 43 7.09 -0.93 22.84
CA PHE A 43 5.76 -1.35 22.32
C PHE A 43 4.68 -0.43 22.87
N LEU A 44 4.76 -0.09 24.13
CA LEU A 44 3.72 0.81 24.72
C LEU A 44 3.82 2.17 24.03
N SER A 45 4.94 2.82 24.16
CA SER A 45 5.11 4.15 23.51
C SER A 45 5.07 3.97 21.99
N GLY A 46 5.59 2.89 21.49
CA GLY A 46 5.55 2.67 20.01
C GLY A 46 4.11 2.86 19.54
N ARG A 47 3.20 2.10 20.11
CA ARG A 47 1.77 2.25 19.73
C ARG A 47 1.41 3.74 19.72
N ALA A 48 2.02 4.50 20.58
CA ALA A 48 1.72 5.97 20.61
C ALA A 48 1.99 6.53 19.21
N LYS A 49 2.95 5.96 18.54
CA LYS A 49 3.29 6.43 17.16
C LYS A 49 2.31 5.82 16.16
N ALA A 50 2.25 4.53 16.09
CA ALA A 50 1.31 3.88 15.12
C ALA A 50 -0.10 4.44 15.30
N SER A 51 -0.56 4.58 16.52
CA SER A 51 -1.92 5.13 16.76
C SER A 51 -1.97 6.55 16.20
N ALA A 52 -0.90 7.28 16.35
CA ALA A 52 -0.86 8.68 15.84
C ALA A 52 -0.74 8.65 14.31
N GLN A 53 0.08 7.79 13.78
CA GLN A 53 0.25 7.72 12.31
C GLN A 53 -1.06 7.22 11.67
N LEU A 54 -1.51 6.06 12.04
CA LEU A 54 -2.77 5.52 11.46
C LEU A 54 -3.87 6.59 11.61
N GLU A 55 -3.98 7.14 12.79
CA GLU A 55 -5.02 8.19 13.03
C GLU A 55 -4.90 9.28 11.96
N THR A 56 -3.70 9.73 11.72
CA THR A 56 -3.51 10.80 10.68
C THR A 56 -4.03 10.29 9.34
N ILE A 57 -3.82 9.04 9.05
CA ILE A 57 -4.34 8.48 7.77
C ILE A 57 -5.85 8.28 7.88
N LYS A 58 -6.33 7.98 9.05
CA LYS A 58 -7.79 7.76 9.24
C LYS A 58 -8.56 8.98 8.74
N THR A 59 -8.18 10.16 9.17
CA THR A 59 -8.90 11.39 8.75
C THR A 59 -8.65 11.68 7.27
N LYS A 60 -7.52 11.30 6.75
CA LYS A 60 -7.27 11.61 5.32
C LYS A 60 -8.18 10.72 4.49
N ALA A 61 -8.75 9.73 5.09
CA ALA A 61 -9.67 8.83 4.35
C ALA A 61 -11.07 9.45 4.36
N GLY A 62 -11.44 10.08 5.44
CA GLY A 62 -12.79 10.72 5.49
C GLY A 62 -12.75 12.09 4.84
N GLU A 63 -11.62 12.74 4.82
CA GLU A 63 -11.53 14.09 4.20
C GLU A 63 -11.24 13.94 2.70
N THR A 64 -10.79 12.79 2.29
CA THR A 64 -10.49 12.57 0.84
C THR A 64 -11.68 11.90 0.15
N PHE A 65 -12.23 10.85 0.71
CA PHE A 65 -13.37 10.15 0.05
C PHE A 65 -14.69 10.45 0.77
N GLY A 66 -14.62 10.98 1.97
CA GLY A 66 -15.87 11.30 2.74
C GLY A 66 -15.89 10.49 4.02
N GLU A 67 -16.33 11.07 5.10
CA GLU A 67 -16.37 10.31 6.39
C GLU A 67 -16.99 8.93 6.20
N GLU A 68 -17.60 8.68 5.07
CA GLU A 68 -18.22 7.34 4.87
C GLU A 68 -17.14 6.26 4.92
N LYS A 69 -15.94 6.56 4.53
CA LYS A 69 -14.86 5.52 4.56
C LYS A 69 -14.10 5.59 5.89
N GLU A 70 -14.34 6.60 6.67
CA GLU A 70 -13.62 6.72 7.98
C GLU A 70 -14.06 5.60 8.92
N ALA A 71 -15.31 5.22 8.87
CA ALA A 71 -15.80 4.14 9.78
C ALA A 71 -15.05 2.84 9.52
N ILE A 72 -14.62 2.61 8.31
CA ILE A 72 -13.89 1.34 8.02
C ILE A 72 -12.53 1.39 8.73
N PHE A 73 -11.87 2.50 8.68
CA PHE A 73 -10.54 2.63 9.35
C PHE A 73 -10.75 2.82 10.85
N GLU A 74 -11.90 3.27 11.25
CA GLU A 74 -12.15 3.46 12.71
C GLU A 74 -12.10 2.10 13.40
N GLY A 75 -12.61 1.09 12.76
CA GLY A 75 -12.59 -0.26 13.37
C GLY A 75 -11.17 -0.82 13.30
N HIS A 76 -10.46 -0.52 12.24
CA HIS A 76 -9.07 -1.04 12.10
C HIS A 76 -8.19 -0.50 13.24
N ILE A 77 -8.58 0.58 13.86
CA ILE A 77 -7.76 1.11 14.99
C ILE A 77 -8.14 0.37 16.26
N MET A 78 -9.40 0.07 16.43
CA MET A 78 -9.82 -0.66 17.65
C MET A 78 -9.10 -2.00 17.69
N LEU A 79 -8.90 -2.61 16.55
CA LEU A 79 -8.16 -3.91 16.53
C LEU A 79 -6.74 -3.65 16.99
N LEU A 80 -6.19 -2.54 16.58
CA LEU A 80 -4.79 -2.22 16.97
C LEU A 80 -4.76 -1.82 18.45
N GLU A 81 -5.68 -1.00 18.87
CA GLU A 81 -5.71 -0.55 20.29
C GLU A 81 -6.48 -1.56 21.16
N ASP A 82 -6.86 -2.68 20.58
CA ASP A 82 -7.62 -3.69 21.39
C ASP A 82 -6.91 -3.94 22.72
N GLU A 83 -7.62 -3.73 23.79
CA GLU A 83 -7.03 -3.95 25.14
C GLU A 83 -6.73 -5.43 25.32
N GLU A 84 -7.45 -6.27 24.63
CA GLU A 84 -7.23 -7.73 24.78
C GLU A 84 -5.93 -8.11 24.06
N LEU A 85 -5.79 -7.73 22.83
CA LEU A 85 -4.55 -8.08 22.10
C LEU A 85 -3.37 -7.36 22.76
N GLU A 86 -3.64 -6.34 23.53
CA GLU A 86 -2.53 -5.58 24.18
C GLU A 86 -1.93 -6.39 25.34
N GLN A 87 -2.74 -6.80 26.27
CA GLN A 87 -2.23 -7.57 27.43
C GLN A 87 -1.62 -8.90 26.95
N GLU A 88 -2.11 -9.45 25.87
CA GLU A 88 -1.54 -10.73 25.38
C GLU A 88 -0.16 -10.46 24.78
N ILE A 89 -0.03 -9.40 24.04
CA ILE A 89 1.30 -9.06 23.48
C ILE A 89 2.26 -8.85 24.66
N ILE A 90 1.92 -7.91 25.51
CA ILE A 90 2.77 -7.61 26.70
C ILE A 90 3.13 -8.91 27.42
N ALA A 91 2.16 -9.61 27.94
CA ALA A 91 2.46 -10.89 28.67
C ALA A 91 3.52 -11.70 27.91
N LEU A 92 3.20 -12.12 26.72
CA LEU A 92 4.18 -12.92 25.92
C LEU A 92 5.56 -12.26 25.98
N ILE A 93 5.65 -11.00 25.67
CA ILE A 93 6.97 -10.32 25.72
C ILE A 93 7.62 -10.56 27.09
N LYS A 94 6.85 -10.47 28.14
CA LYS A 94 7.41 -10.65 29.51
C LYS A 94 7.45 -12.13 29.91
N ASP A 95 6.47 -12.91 29.53
CA ASP A 95 6.43 -14.34 29.96
C ASP A 95 7.23 -15.26 29.02
N LYS A 96 7.29 -14.98 27.74
CA LYS A 96 8.06 -15.87 26.80
C LYS A 96 9.32 -15.16 26.31
N HIS A 97 9.75 -14.15 27.01
CA HIS A 97 10.98 -13.40 26.60
C HIS A 97 10.98 -13.18 25.09
N MET A 98 9.88 -12.76 24.56
CA MET A 98 9.79 -12.51 23.09
C MET A 98 10.00 -11.02 22.83
N THR A 99 10.63 -10.70 21.74
CA THR A 99 10.88 -9.26 21.42
C THR A 99 9.59 -8.61 20.91
N ALA A 100 9.42 -7.34 21.18
CA ALA A 100 8.19 -6.63 20.72
C ALA A 100 8.00 -6.88 19.23
N ASP A 101 9.06 -7.05 18.50
CA ASP A 101 8.93 -7.32 17.04
C ASP A 101 8.47 -8.77 16.88
N ALA A 102 9.04 -9.64 17.66
CA ALA A 102 8.67 -11.08 17.57
C ALA A 102 7.27 -11.29 18.17
N ALA A 103 7.08 -10.87 19.40
CA ALA A 103 5.75 -11.05 20.04
C ALA A 103 4.66 -10.40 19.19
N ALA A 104 4.88 -9.17 18.78
CA ALA A 104 3.86 -8.48 17.95
C ALA A 104 3.57 -9.31 16.69
N HIS A 105 4.57 -9.89 16.11
CA HIS A 105 4.34 -10.71 14.89
C HIS A 105 3.53 -11.96 15.24
N GLU A 106 3.83 -12.58 16.34
CA GLU A 106 3.08 -13.81 16.74
C GLU A 106 1.57 -13.57 16.61
N VAL A 107 1.07 -12.53 17.23
CA VAL A 107 -0.39 -12.27 17.15
C VAL A 107 -0.78 -12.11 15.68
N ILE A 108 -0.12 -11.23 14.97
CA ILE A 108 -0.44 -11.02 13.54
C ILE A 108 -0.20 -12.33 12.77
N GLU A 109 0.59 -13.21 13.33
CA GLU A 109 0.88 -14.49 12.64
C GLU A 109 -0.39 -15.34 12.53
N GLY A 110 -1.19 -15.38 13.57
CA GLY A 110 -2.45 -16.17 13.49
C GLY A 110 -3.60 -15.36 12.89
N GLN A 111 -3.53 -14.06 12.92
CA GLN A 111 -4.65 -13.29 12.35
C GLN A 111 -4.68 -13.51 10.85
N ALA A 112 -3.61 -13.19 10.19
CA ALA A 112 -3.54 -13.40 8.73
C ALA A 112 -3.67 -14.90 8.43
N SER A 113 -2.88 -15.71 9.05
CA SER A 113 -2.95 -17.18 8.77
C SER A 113 -4.35 -17.73 9.08
N ALA A 114 -4.91 -17.39 10.22
CA ALA A 114 -6.25 -17.95 10.57
C ALA A 114 -7.30 -17.49 9.55
N LEU A 115 -7.16 -16.33 8.98
CA LEU A 115 -8.19 -15.89 7.99
C LEU A 115 -8.07 -16.73 6.72
N GLU A 116 -6.90 -17.22 6.41
CA GLU A 116 -6.75 -18.06 5.18
C GLU A 116 -7.48 -19.38 5.39
N GLU A 117 -7.73 -19.74 6.62
CA GLU A 117 -8.44 -21.03 6.89
C GLU A 117 -9.94 -20.81 6.71
N LEU A 118 -10.35 -19.59 6.52
CA LEU A 118 -11.80 -19.29 6.32
C LEU A 118 -12.10 -19.39 4.82
N ASP A 119 -13.23 -19.94 4.47
CA ASP A 119 -13.59 -20.06 3.03
C ASP A 119 -14.52 -18.88 2.67
N ASP A 120 -14.01 -17.68 2.74
CA ASP A 120 -14.87 -16.50 2.43
C ASP A 120 -14.04 -15.40 1.77
N GLU A 121 -14.30 -15.11 0.53
CA GLU A 121 -13.54 -14.04 -0.18
C GLU A 121 -13.69 -12.74 0.61
N TYR A 122 -14.64 -12.68 1.49
CA TYR A 122 -14.85 -11.44 2.29
C TYR A 122 -13.84 -11.41 3.44
N LEU A 123 -13.93 -12.36 4.34
CA LEU A 123 -12.97 -12.37 5.49
C LEU A 123 -11.54 -12.57 4.95
N LYS A 124 -11.41 -13.14 3.79
CA LYS A 124 -10.04 -13.35 3.23
C LYS A 124 -9.47 -11.98 2.86
N GLU A 125 -10.20 -11.20 2.12
CA GLU A 125 -9.70 -9.86 1.74
C GLU A 125 -9.40 -9.07 3.01
N ARG A 126 -9.95 -9.47 4.11
CA ARG A 126 -9.65 -8.76 5.37
C ARG A 126 -8.24 -9.16 5.78
N ALA A 127 -7.85 -10.34 5.39
CA ALA A 127 -6.48 -10.82 5.73
C ALA A 127 -5.45 -9.89 5.13
N ALA A 128 -5.63 -9.50 3.90
CA ALA A 128 -4.65 -8.58 3.27
C ALA A 128 -4.70 -7.21 3.94
N ASP A 129 -5.85 -6.79 4.39
CA ASP A 129 -5.95 -5.47 5.07
C ASP A 129 -5.32 -5.57 6.46
N VAL A 130 -5.48 -6.68 7.12
CA VAL A 130 -4.90 -6.84 8.47
C VAL A 130 -3.39 -6.99 8.36
N ARG A 131 -2.93 -7.73 7.39
CA ARG A 131 -1.46 -7.91 7.22
C ARG A 131 -0.79 -6.53 7.14
N ASP A 132 -1.40 -5.62 6.44
CA ASP A 132 -0.82 -4.25 6.32
C ASP A 132 -0.75 -3.57 7.69
N ILE A 133 -1.67 -3.86 8.58
CA ILE A 133 -1.65 -3.21 9.91
C ILE A 133 -0.45 -3.73 10.74
N GLY A 134 0.00 -4.93 10.48
CA GLY A 134 1.16 -5.46 11.26
C GLY A 134 2.47 -4.85 10.72
N LYS A 135 2.65 -4.89 9.42
CA LYS A 135 3.89 -4.33 8.82
C LYS A 135 4.10 -2.90 9.32
N ARG A 136 3.09 -2.10 9.30
CA ARG A 136 3.25 -0.71 9.79
C ARG A 136 3.63 -0.77 11.26
N LEU A 137 2.87 -1.48 12.04
CA LEU A 137 3.17 -1.60 13.49
C LEU A 137 4.64 -1.98 13.69
N LEU A 138 5.15 -2.85 12.87
CA LEU A 138 6.59 -3.26 13.02
C LEU A 138 7.51 -2.09 12.64
N ARG A 139 7.40 -1.60 11.44
CA ARG A 139 8.27 -0.48 11.00
C ARG A 139 8.37 0.61 12.09
N ASN A 140 7.44 0.64 13.00
CA ASN A 140 7.49 1.68 14.09
C ASN A 140 8.39 1.17 15.21
N ILE A 141 8.15 -0.01 15.70
CA ILE A 141 9.00 -0.56 16.80
C ILE A 141 10.46 -0.54 16.35
N LEU A 142 10.71 -0.83 15.11
CA LEU A 142 12.12 -0.83 14.59
C LEU A 142 12.48 0.59 14.16
N GLY A 143 11.58 1.52 14.32
CA GLY A 143 11.87 2.91 13.91
C GLY A 143 12.26 2.90 12.43
N LEU A 144 11.71 1.98 11.69
CA LEU A 144 12.05 1.90 10.25
C LEU A 144 11.38 3.05 9.49
N LYS A 145 12.03 3.56 8.48
CA LYS A 145 11.47 4.70 7.70
C LYS A 145 10.23 4.23 6.92
N ILE A 146 9.21 5.05 6.88
CA ILE A 146 7.96 4.69 6.12
C ILE A 146 7.87 5.57 4.87
N ILE A 147 7.40 5.03 3.78
CA ILE A 147 7.30 5.84 2.53
C ILE A 147 6.11 6.79 2.62
N ASP A 148 6.37 8.07 2.54
CA ASP A 148 5.26 9.08 2.62
C ASP A 148 4.83 9.46 1.20
N LEU A 149 3.86 8.78 0.68
CA LEU A 149 3.37 9.09 -0.70
C LEU A 149 2.44 10.31 -0.64
N SER A 150 1.93 10.63 0.52
CA SER A 150 1.03 11.81 0.65
C SER A 150 1.85 13.10 0.68
N ALA A 151 3.04 13.07 0.15
CA ALA A 151 3.90 14.31 0.16
C ALA A 151 4.65 14.45 -1.16
N ILE A 152 4.10 13.91 -2.22
CA ILE A 152 4.79 14.03 -3.53
C ILE A 152 4.68 15.46 -4.04
N GLN A 153 5.61 15.89 -4.83
CA GLN A 153 5.58 17.29 -5.38
C GLN A 153 6.05 17.25 -6.82
N ASP A 154 6.19 16.07 -7.37
CA ASP A 154 6.64 15.92 -8.79
C ASP A 154 5.58 15.11 -9.55
N GLU A 155 5.07 15.65 -10.63
CA GLU A 155 4.05 14.90 -11.41
C GLU A 155 4.68 13.63 -11.98
N VAL A 156 4.23 12.48 -11.55
CA VAL A 156 4.80 11.20 -12.07
C VAL A 156 3.72 10.13 -12.10
N ILE A 157 4.03 8.99 -12.63
CA ILE A 157 3.04 7.87 -12.66
C ILE A 157 3.28 7.01 -11.42
N LEU A 158 2.29 6.21 -11.04
CA LEU A 158 2.46 5.34 -9.83
C LEU A 158 2.60 3.87 -10.27
N VAL A 159 3.68 3.26 -9.88
CA VAL A 159 3.93 1.81 -10.25
C VAL A 159 4.23 1.01 -8.97
N ALA A 160 3.55 -0.10 -8.80
CA ALA A 160 3.80 -0.94 -7.60
C ALA A 160 3.16 -2.32 -7.77
N ALA A 161 3.61 -3.30 -7.04
CA ALA A 161 2.99 -4.64 -7.17
C ALA A 161 1.52 -4.52 -6.80
N ASP A 162 1.22 -3.78 -5.77
CA ASP A 162 -0.20 -3.60 -5.36
C ASP A 162 -0.28 -2.54 -4.26
N LEU A 163 -1.43 -1.94 -4.10
CA LEU A 163 -1.60 -0.87 -3.07
C LEU A 163 -2.75 -1.23 -2.12
N THR A 164 -2.57 -1.06 -0.83
CA THR A 164 -3.66 -1.40 0.14
C THR A 164 -4.48 -0.15 0.47
N PRO A 165 -5.73 -0.32 0.82
CA PRO A 165 -6.63 0.82 1.18
C PRO A 165 -5.90 1.98 1.85
N SER A 166 -5.19 1.72 2.91
CA SER A 166 -4.47 2.82 3.62
C SER A 166 -3.64 3.61 2.60
N GLU A 167 -2.76 2.95 1.89
CA GLU A 167 -1.92 3.66 0.88
C GLU A 167 -2.82 4.42 -0.08
N THR A 168 -3.94 3.85 -0.44
CA THR A 168 -4.86 4.54 -1.39
C THR A 168 -5.63 5.64 -0.65
N ALA A 169 -5.70 5.56 0.64
CA ALA A 169 -6.44 6.61 1.41
C ALA A 169 -5.53 7.82 1.63
N GLN A 170 -4.23 7.64 1.58
CA GLN A 170 -3.29 8.80 1.80
C GLN A 170 -2.67 9.23 0.46
N LEU A 171 -2.87 8.48 -0.58
CA LEU A 171 -2.30 8.89 -1.90
C LEU A 171 -2.97 10.20 -2.33
N ASN A 172 -2.25 11.08 -2.99
CA ASN A 172 -2.85 12.38 -3.43
C ASN A 172 -3.31 12.24 -4.88
N LEU A 173 -4.44 12.81 -5.20
CA LEU A 173 -4.98 12.68 -6.59
C LEU A 173 -4.38 13.76 -7.50
N LYS A 174 -4.25 14.96 -7.03
CA LYS A 174 -3.75 16.05 -7.93
C LYS A 174 -2.22 15.98 -8.12
N LYS A 175 -1.53 15.20 -7.33
CA LYS A 175 -0.04 15.11 -7.51
C LYS A 175 0.30 13.82 -8.26
N VAL A 176 -0.69 12.99 -8.50
CA VAL A 176 -0.45 11.71 -9.26
C VAL A 176 -0.89 11.91 -10.72
N LEU A 177 -0.45 11.03 -11.59
CA LEU A 177 -0.83 11.15 -13.04
C LEU A 177 -1.58 9.88 -13.48
N GLY A 178 -1.48 8.82 -12.73
CA GLY A 178 -2.19 7.56 -13.12
C GLY A 178 -1.87 6.47 -12.09
N PHE A 179 -2.52 5.33 -12.19
CA PHE A 179 -2.25 4.21 -11.23
C PHE A 179 -1.91 2.95 -12.03
N ILE A 180 -0.75 2.40 -11.80
CA ILE A 180 -0.34 1.15 -12.50
C ILE A 180 0.06 0.13 -11.44
N THR A 181 -0.54 -1.01 -11.48
CA THR A 181 -0.21 -2.07 -10.47
C THR A 181 -0.05 -3.41 -11.16
N ASP A 182 0.89 -4.19 -10.71
CA ASP A 182 1.13 -5.52 -11.36
C ASP A 182 0.26 -6.58 -10.65
N ALA A 183 -0.94 -6.20 -10.26
CA ALA A 183 -1.85 -7.16 -9.56
C ALA A 183 -2.96 -7.60 -10.52
N GLY A 184 -3.06 -8.88 -10.77
CA GLY A 184 -4.12 -9.38 -11.70
C GLY A 184 -5.43 -9.61 -10.95
N GLY A 185 -6.08 -8.55 -10.51
CA GLY A 185 -7.38 -8.70 -9.78
C GLY A 185 -8.50 -8.16 -10.66
N ARG A 186 -9.34 -9.02 -11.18
CA ARG A 186 -10.46 -8.55 -12.04
C ARG A 186 -11.15 -7.38 -11.34
N THR A 187 -10.99 -7.29 -10.05
CA THR A 187 -11.59 -6.18 -9.26
C THR A 187 -10.61 -5.77 -8.18
N SER A 188 -9.49 -5.22 -8.57
CA SER A 188 -8.46 -4.82 -7.58
C SER A 188 -8.87 -3.49 -6.92
N HIS A 189 -8.64 -3.37 -5.64
CA HIS A 189 -9.02 -2.10 -4.93
C HIS A 189 -8.61 -0.88 -5.76
N THR A 190 -7.38 -0.83 -6.18
CA THR A 190 -6.93 0.34 -7.00
C THR A 190 -7.84 0.50 -8.21
N SER A 191 -8.37 -0.58 -8.72
CA SER A 191 -9.26 -0.50 -9.90
C SER A 191 -10.57 0.20 -9.50
N ILE A 192 -11.04 -0.04 -8.29
CA ILE A 192 -12.31 0.59 -7.84
C ILE A 192 -12.17 2.12 -7.86
N MET A 193 -11.01 2.63 -7.51
CA MET A 193 -10.83 4.11 -7.53
C MET A 193 -10.78 4.54 -8.98
N ALA A 194 -10.02 3.85 -9.78
CA ALA A 194 -9.91 4.18 -11.21
C ALA A 194 -11.31 4.23 -11.85
N ARG A 195 -12.15 3.26 -11.55
CA ARG A 195 -13.51 3.24 -12.14
C ARG A 195 -14.34 4.40 -11.59
N SER A 196 -14.26 4.65 -10.30
CA SER A 196 -15.05 5.77 -9.72
C SER A 196 -14.47 7.11 -10.14
N LEU A 197 -13.17 7.20 -10.24
CA LEU A 197 -12.52 8.48 -10.64
C LEU A 197 -12.42 8.53 -12.17
N GLU A 198 -12.94 7.53 -12.83
CA GLU A 198 -12.91 7.51 -14.32
C GLU A 198 -11.49 7.76 -14.84
N LEU A 199 -10.51 7.92 -13.97
CA LEU A 199 -9.13 8.16 -14.49
C LEU A 199 -8.69 6.87 -15.22
N PRO A 200 -7.62 6.88 -15.97
CA PRO A 200 -7.17 5.66 -16.70
C PRO A 200 -6.18 4.85 -15.87
N ALA A 201 -6.19 3.55 -15.98
CA ALA A 201 -5.23 2.74 -15.17
C ALA A 201 -5.12 1.31 -15.70
N ILE A 202 -4.29 0.54 -15.05
CA ILE A 202 -4.08 -0.89 -15.43
C ILE A 202 -3.74 -1.62 -14.13
N VAL A 203 -3.97 -2.91 -14.06
CA VAL A 203 -3.69 -3.65 -12.77
C VAL A 203 -3.01 -5.01 -13.03
N GLY A 204 -3.34 -5.67 -14.10
CA GLY A 204 -2.71 -7.00 -14.36
C GLY A 204 -1.42 -6.87 -15.17
N THR A 205 -0.55 -5.94 -14.84
CA THR A 205 0.71 -5.80 -15.63
C THR A 205 1.64 -6.97 -15.32
N GLY A 206 1.22 -7.87 -14.49
CA GLY A 206 2.09 -9.04 -14.15
C GLY A 206 3.26 -8.59 -13.28
N SER A 207 4.41 -8.38 -13.86
CA SER A 207 5.62 -7.98 -13.04
C SER A 207 6.33 -6.77 -13.64
N VAL A 208 5.62 -5.82 -14.20
CA VAL A 208 6.33 -4.63 -14.77
C VAL A 208 7.28 -4.05 -13.70
N THR A 209 6.96 -4.23 -12.44
CA THR A 209 7.87 -3.70 -11.38
C THR A 209 9.19 -4.45 -11.44
N SER A 210 9.24 -5.52 -12.19
CA SER A 210 10.49 -6.32 -12.31
C SER A 210 11.12 -6.03 -13.68
N GLN A 211 10.63 -5.04 -14.38
CA GLN A 211 11.18 -4.71 -15.73
C GLN A 211 11.54 -3.22 -15.81
N VAL A 212 10.83 -2.37 -15.11
CA VAL A 212 11.12 -0.89 -15.16
C VAL A 212 11.58 -0.41 -13.78
N LYS A 213 12.32 0.67 -13.75
CA LYS A 213 12.80 1.24 -12.45
C LYS A 213 12.14 2.60 -12.29
N ASN A 214 12.55 3.35 -11.32
CA ASN A 214 11.93 4.68 -11.12
C ASN A 214 12.54 5.71 -12.06
N ASP A 215 11.76 6.69 -12.44
CA ASP A 215 12.22 7.79 -13.33
C ASP A 215 12.21 7.35 -14.80
N ASP A 216 12.05 6.08 -15.06
CA ASP A 216 12.00 5.65 -16.48
C ASP A 216 10.85 6.41 -17.16
N TYR A 217 11.00 6.75 -18.40
CA TYR A 217 9.91 7.50 -19.09
C TYR A 217 8.90 6.52 -19.71
N LEU A 218 7.65 6.61 -19.31
CA LEU A 218 6.61 5.68 -19.86
C LEU A 218 5.46 6.50 -20.47
N ILE A 219 4.68 5.85 -21.29
CA ILE A 219 3.51 6.52 -21.93
C ILE A 219 2.32 5.57 -21.84
N LEU A 220 1.29 5.99 -21.16
CA LEU A 220 0.09 5.11 -20.99
C LEU A 220 -0.89 5.35 -22.14
N ASP A 221 -1.19 4.33 -22.91
CA ASP A 221 -2.15 4.50 -24.03
C ASP A 221 -3.54 4.12 -23.55
N ALA A 222 -3.60 3.24 -22.58
CA ALA A 222 -4.89 2.80 -22.01
C ALA A 222 -5.96 2.67 -23.10
N VAL A 223 -5.56 2.47 -24.34
CA VAL A 223 -6.53 2.30 -25.46
C VAL A 223 -6.32 0.88 -26.01
N ASN A 224 -5.17 0.61 -26.54
CA ASN A 224 -4.88 -0.76 -27.06
C ASN A 224 -4.37 -1.61 -25.90
N ASN A 225 -4.55 -1.14 -24.69
CA ASN A 225 -4.06 -1.89 -23.50
C ASN A 225 -2.56 -2.15 -23.64
N GLN A 226 -1.79 -1.12 -23.86
CA GLN A 226 -0.31 -1.29 -24.02
C GLN A 226 0.43 -0.05 -23.53
N VAL A 227 1.58 -0.26 -22.94
CA VAL A 227 2.42 0.87 -22.42
C VAL A 227 3.73 0.89 -23.22
N TYR A 228 4.35 2.03 -23.33
CA TYR A 228 5.64 2.13 -24.09
C TYR A 228 6.78 2.40 -23.09
N VAL A 229 7.81 1.59 -23.11
CA VAL A 229 8.95 1.78 -22.16
C VAL A 229 10.14 2.42 -22.89
N ASN A 230 10.54 3.59 -22.49
CA ASN A 230 11.69 4.27 -23.15
C ASN A 230 11.46 4.38 -24.67
N PRO A 231 10.55 5.23 -25.05
CA PRO A 231 10.20 5.45 -26.49
C PRO A 231 11.05 6.57 -27.11
N THR A 232 11.32 6.48 -28.39
CA THR A 232 12.16 7.53 -29.04
C THR A 232 11.32 8.81 -29.24
N ASN A 233 11.97 9.91 -29.48
CA ASN A 233 11.24 11.20 -29.67
C ASN A 233 10.42 11.15 -30.96
N GLU A 234 10.89 10.45 -31.95
CA GLU A 234 10.15 10.37 -33.23
C GLU A 234 8.78 9.72 -32.97
N VAL A 235 8.71 8.77 -32.08
CA VAL A 235 7.42 8.11 -31.79
C VAL A 235 6.52 9.07 -30.99
N ILE A 236 7.09 9.80 -30.07
CA ILE A 236 6.29 10.75 -29.26
C ILE A 236 5.70 11.84 -30.15
N ASP A 237 6.52 12.57 -30.84
CA ASP A 237 6.01 13.66 -31.73
C ASP A 237 5.00 13.08 -32.73
N LYS A 238 5.29 11.93 -33.29
CA LYS A 238 4.35 11.31 -34.27
C LYS A 238 3.05 10.95 -33.54
N MET A 239 3.15 10.51 -32.32
CA MET A 239 1.91 10.15 -31.57
C MET A 239 1.24 11.43 -31.06
N ARG A 240 2.01 12.43 -30.72
CA ARG A 240 1.38 13.68 -30.21
C ARG A 240 0.29 14.14 -31.17
N ALA A 241 0.54 14.07 -32.45
CA ALA A 241 -0.49 14.51 -33.43
C ALA A 241 -1.61 13.46 -33.51
N VAL A 242 -1.28 12.23 -33.79
CA VAL A 242 -2.34 11.18 -33.90
C VAL A 242 -2.98 10.96 -32.53
N GLN A 243 -2.18 10.83 -31.50
CA GLN A 243 -2.74 10.61 -30.13
C GLN A 243 -3.73 11.72 -29.78
N GLU A 244 -3.30 12.95 -29.80
CA GLU A 244 -4.23 14.05 -29.44
C GLU A 244 -5.41 14.08 -30.43
N GLN A 245 -5.24 13.53 -31.60
CA GLN A 245 -6.38 13.52 -32.56
C GLN A 245 -7.43 12.56 -32.01
N VAL A 246 -7.03 11.62 -31.19
CA VAL A 246 -8.00 10.67 -30.61
C VAL A 246 -8.79 11.39 -29.51
N ALA A 247 -8.12 12.21 -28.75
CA ALA A 247 -8.83 12.96 -27.67
C ALA A 247 -9.96 13.76 -28.30
N SER A 248 -9.78 14.25 -29.50
CA SER A 248 -10.87 15.04 -30.16
C SER A 248 -11.91 14.08 -30.74
N GLU A 249 -11.49 12.90 -31.14
CA GLU A 249 -12.46 11.93 -31.71
C GLU A 249 -13.39 11.44 -30.60
N MET A 1 5.06 -5.97 -25.56
CA MET A 1 3.60 -5.66 -25.59
C MET A 1 3.01 -5.78 -24.18
N ILE A 2 3.14 -4.76 -23.38
CA ILE A 2 2.58 -4.84 -22.01
C ILE A 2 1.05 -4.90 -22.10
N SER A 3 0.49 -6.08 -22.00
CA SER A 3 -1.00 -6.23 -22.09
C SER A 3 -1.58 -6.33 -20.68
N GLY A 4 -2.48 -5.44 -20.33
CA GLY A 4 -3.11 -5.47 -18.96
C GLY A 4 -4.63 -5.63 -19.11
N ILE A 5 -5.36 -5.29 -18.10
CA ILE A 5 -6.85 -5.43 -18.17
C ILE A 5 -7.46 -4.08 -18.58
N LEU A 6 -6.66 -3.05 -18.60
CA LEU A 6 -7.19 -1.71 -19.01
C LEU A 6 -8.30 -1.30 -18.04
N ALA A 7 -8.06 -0.30 -17.24
CA ALA A 7 -9.11 0.17 -16.28
C ALA A 7 -10.00 1.18 -17.01
N SER A 8 -9.42 2.18 -17.60
CA SER A 8 -10.23 3.19 -18.34
C SER A 8 -9.39 3.74 -19.51
N PRO A 9 -10.00 4.07 -20.63
CA PRO A 9 -9.27 4.58 -21.83
C PRO A 9 -8.80 6.05 -21.71
N GLY A 10 -7.70 6.36 -22.35
CA GLY A 10 -7.17 7.76 -22.30
C GLY A 10 -5.69 7.75 -22.67
N ILE A 11 -5.05 8.90 -22.70
CA ILE A 11 -3.59 8.95 -23.06
C ILE A 11 -2.88 9.94 -22.13
N ALA A 12 -1.78 9.54 -21.54
CA ALA A 12 -1.03 10.45 -20.63
C ALA A 12 0.49 10.23 -20.82
N PHE A 13 1.28 11.24 -20.59
CA PHE A 13 2.77 11.13 -20.73
C PHE A 13 3.40 11.52 -19.38
N GLY A 14 4.40 10.81 -18.92
CA GLY A 14 5.01 11.19 -17.61
C GLY A 14 6.16 10.26 -17.23
N LYS A 15 6.92 10.63 -16.22
CA LYS A 15 8.07 9.79 -15.77
C LYS A 15 7.57 8.65 -14.87
N ALA A 16 8.22 7.52 -14.91
CA ALA A 16 7.77 6.36 -14.08
C ALA A 16 8.26 6.49 -12.63
N LEU A 17 7.37 6.38 -11.68
CA LEU A 17 7.77 6.44 -10.24
C LEU A 17 7.70 5.01 -9.69
N LEU A 18 8.81 4.32 -9.65
CA LEU A 18 8.77 2.90 -9.16
C LEU A 18 8.74 2.86 -7.63
N LEU A 19 7.71 2.27 -7.10
CA LEU A 19 7.57 2.16 -5.61
C LEU A 19 7.99 0.75 -5.17
N LYS A 20 9.20 0.63 -4.69
CA LYS A 20 9.70 -0.70 -4.23
C LYS A 20 9.44 -0.83 -2.73
N GLU A 21 9.41 -2.03 -2.21
CA GLU A 21 9.16 -2.22 -0.74
C GLU A 21 10.22 -3.16 -0.16
N ASP A 22 10.94 -2.69 0.83
CA ASP A 22 11.98 -3.55 1.44
C ASP A 22 11.32 -4.50 2.45
N GLU A 23 11.63 -5.76 2.38
CA GLU A 23 11.03 -6.74 3.34
C GLU A 23 11.48 -6.41 4.77
N ILE A 24 10.62 -6.65 5.74
CA ILE A 24 10.99 -6.33 7.16
C ILE A 24 11.62 -7.57 7.81
N VAL A 25 12.69 -7.37 8.55
CA VAL A 25 13.36 -8.52 9.24
C VAL A 25 13.10 -8.46 10.73
N ILE A 26 12.51 -9.49 11.29
CA ILE A 26 12.21 -9.49 12.76
C ILE A 26 13.40 -10.05 13.54
N ASP A 27 13.63 -9.53 14.72
CA ASP A 27 14.79 -10.03 15.55
C ASP A 27 14.30 -11.11 16.52
N ARG A 28 14.85 -12.29 16.43
CA ARG A 28 14.42 -13.41 17.35
C ARG A 28 15.47 -13.57 18.45
N LYS A 29 16.16 -12.53 18.81
CA LYS A 29 17.19 -12.64 19.88
C LYS A 29 16.53 -12.74 21.25
N LYS A 30 17.13 -13.45 22.16
CA LYS A 30 16.55 -13.58 23.53
C LYS A 30 17.07 -12.42 24.38
N ILE A 31 16.21 -11.55 24.83
CA ILE A 31 16.67 -10.39 25.65
C ILE A 31 16.82 -10.79 27.12
N SER A 32 17.39 -9.91 27.90
CA SER A 32 17.58 -10.18 29.36
C SER A 32 16.45 -9.52 30.15
N ALA A 33 16.32 -9.84 31.41
CA ALA A 33 15.24 -9.23 32.23
C ALA A 33 15.49 -7.73 32.38
N ASP A 34 16.72 -7.31 32.23
CA ASP A 34 17.02 -5.85 32.36
C ASP A 34 16.65 -5.16 31.05
N GLN A 35 16.29 -5.92 30.06
CA GLN A 35 15.90 -5.35 28.74
C GLN A 35 14.38 -5.51 28.57
N VAL A 36 13.76 -6.24 29.45
CA VAL A 36 12.28 -6.43 29.35
C VAL A 36 11.58 -5.09 29.64
N ASP A 37 11.99 -4.42 30.69
CA ASP A 37 11.36 -3.11 31.01
C ASP A 37 11.40 -2.22 29.77
N GLN A 38 12.43 -2.32 28.99
CA GLN A 38 12.54 -1.48 27.76
C GLN A 38 11.52 -1.94 26.72
N GLU A 39 11.21 -3.21 26.69
CA GLU A 39 10.22 -3.70 25.69
C GLU A 39 8.87 -3.03 25.96
N VAL A 40 8.45 -3.01 27.19
CA VAL A 40 7.13 -2.39 27.52
C VAL A 40 7.14 -0.90 27.14
N GLU A 41 8.17 -0.19 27.52
CA GLU A 41 8.23 1.26 27.17
C GLU A 41 8.28 1.38 25.64
N ARG A 42 9.03 0.53 25.01
CA ARG A 42 9.12 0.57 23.53
C ARG A 42 7.76 0.21 22.94
N PHE A 43 7.01 -0.63 23.60
CA PHE A 43 5.66 -1.02 23.11
C PHE A 43 4.64 0.00 23.61
N LEU A 44 4.56 0.18 24.89
CA LEU A 44 3.60 1.17 25.46
C LEU A 44 3.79 2.50 24.74
N SER A 45 4.93 3.10 24.88
CA SER A 45 5.18 4.41 24.21
C SER A 45 5.07 4.19 22.71
N GLY A 46 5.40 3.02 22.26
CA GLY A 46 5.28 2.72 20.79
C GLY A 46 3.82 2.95 20.41
N ARG A 47 2.93 2.31 21.12
CA ARG A 47 1.48 2.48 20.83
C ARG A 47 1.17 3.98 20.73
N ALA A 48 1.91 4.79 21.43
CA ALA A 48 1.68 6.26 21.35
C ALA A 48 1.95 6.72 19.92
N LYS A 49 2.93 6.13 19.30
CA LYS A 49 3.28 6.51 17.90
C LYS A 49 2.34 5.79 16.94
N ALA A 50 2.34 4.48 16.97
CA ALA A 50 1.45 3.72 16.04
C ALA A 50 0.01 4.24 16.15
N SER A 51 -0.44 4.54 17.34
CA SER A 51 -1.82 5.07 17.50
C SER A 51 -1.91 6.40 16.76
N ALA A 52 -0.86 7.16 16.82
CA ALA A 52 -0.85 8.47 16.14
C ALA A 52 -0.74 8.27 14.63
N GLN A 53 -0.14 7.18 14.21
CA GLN A 53 0.00 6.92 12.75
C GLN A 53 -1.38 6.54 12.18
N LEU A 54 -1.94 5.45 12.64
CA LEU A 54 -3.28 5.05 12.14
C LEU A 54 -4.23 6.24 12.27
N GLU A 55 -4.26 6.84 13.42
CA GLU A 55 -5.14 8.02 13.63
C GLU A 55 -4.94 9.03 12.48
N THR A 56 -3.71 9.37 12.20
CA THR A 56 -3.44 10.35 11.10
C THR A 56 -3.92 9.76 9.77
N ILE A 57 -3.67 8.50 9.54
CA ILE A 57 -4.11 7.87 8.26
C ILE A 57 -5.63 7.74 8.28
N LYS A 58 -6.20 7.50 9.42
CA LYS A 58 -7.68 7.36 9.51
C LYS A 58 -8.33 8.62 8.91
N THR A 59 -7.83 9.77 9.24
CA THR A 59 -8.43 11.03 8.71
C THR A 59 -8.09 11.16 7.24
N LYS A 60 -7.04 10.55 6.78
CA LYS A 60 -6.70 10.67 5.34
C LYS A 60 -7.73 9.87 4.56
N ALA A 61 -8.19 8.79 5.14
CA ALA A 61 -9.21 7.95 4.45
C ALA A 61 -10.51 8.75 4.35
N GLY A 62 -10.81 9.57 5.32
CA GLY A 62 -12.06 10.37 5.27
C GLY A 62 -11.82 11.66 4.48
N GLU A 63 -10.62 12.18 4.50
CA GLU A 63 -10.34 13.42 3.73
C GLU A 63 -9.97 13.05 2.29
N THR A 64 -9.70 11.80 2.04
CA THR A 64 -9.32 11.37 0.66
C THR A 64 -10.55 10.87 -0.12
N PHE A 65 -11.37 10.03 0.49
CA PHE A 65 -12.58 9.50 -0.22
C PHE A 65 -13.85 10.14 0.34
N GLY A 66 -13.88 10.43 1.61
CA GLY A 66 -15.09 11.06 2.21
C GLY A 66 -16.17 10.00 2.45
N GLU A 67 -16.35 9.09 1.53
CA GLU A 67 -17.39 8.04 1.73
C GLU A 67 -17.23 7.40 3.11
N GLU A 68 -18.07 6.47 3.45
CA GLU A 68 -17.98 5.81 4.78
C GLU A 68 -16.73 4.94 4.84
N LYS A 69 -15.66 5.45 4.34
CA LYS A 69 -14.39 4.69 4.35
C LYS A 69 -13.64 4.97 5.66
N GLU A 70 -14.01 6.03 6.33
CA GLU A 70 -13.34 6.39 7.62
C GLU A 70 -13.70 5.38 8.72
N ALA A 71 -14.91 4.89 8.70
CA ALA A 71 -15.33 3.93 9.76
C ALA A 71 -14.51 2.64 9.67
N ILE A 72 -13.94 2.36 8.53
CA ILE A 72 -13.13 1.11 8.41
C ILE A 72 -11.81 1.29 9.16
N PHE A 73 -11.21 2.44 9.05
CA PHE A 73 -9.91 2.66 9.75
C PHE A 73 -10.16 2.89 11.24
N GLU A 74 -11.31 3.41 11.60
CA GLU A 74 -11.59 3.64 13.05
C GLU A 74 -11.62 2.29 13.76
N GLY A 75 -12.16 1.29 13.12
CA GLY A 75 -12.19 -0.05 13.75
C GLY A 75 -10.77 -0.64 13.74
N HIS A 76 -10.01 -0.31 12.73
CA HIS A 76 -8.61 -0.83 12.65
C HIS A 76 -7.82 -0.34 13.87
N ILE A 77 -8.30 0.69 14.52
CA ILE A 77 -7.59 1.20 15.73
C ILE A 77 -8.07 0.39 16.95
N MET A 78 -9.35 0.09 16.98
CA MET A 78 -9.90 -0.69 18.12
C MET A 78 -9.18 -2.05 18.19
N LEU A 79 -8.90 -2.62 17.06
CA LEU A 79 -8.19 -3.93 17.03
C LEU A 79 -6.75 -3.72 17.49
N LEU A 80 -6.12 -2.69 17.02
CA LEU A 80 -4.72 -2.41 17.41
C LEU A 80 -4.66 -2.10 18.91
N GLU A 81 -5.53 -1.24 19.37
CA GLU A 81 -5.52 -0.86 20.82
C GLU A 81 -6.33 -1.88 21.63
N ASP A 82 -6.66 -3.01 21.06
CA ASP A 82 -7.44 -4.03 21.81
C ASP A 82 -6.79 -4.27 23.18
N GLU A 83 -7.54 -4.13 24.23
CA GLU A 83 -6.97 -4.36 25.58
C GLU A 83 -6.65 -5.84 25.73
N GLU A 84 -7.33 -6.68 24.99
CA GLU A 84 -7.08 -8.14 25.10
C GLU A 84 -5.78 -8.50 24.40
N LEU A 85 -5.63 -8.10 23.16
CA LEU A 85 -4.37 -8.44 22.45
C LEU A 85 -3.21 -7.71 23.15
N GLU A 86 -3.51 -6.74 23.97
CA GLU A 86 -2.42 -6.00 24.67
C GLU A 86 -1.89 -6.82 25.84
N GLN A 87 -2.76 -7.43 26.58
CA GLN A 87 -2.32 -8.26 27.74
C GLN A 87 -1.51 -9.47 27.27
N GLU A 88 -1.84 -10.01 26.13
CA GLU A 88 -1.09 -11.19 25.63
C GLU A 88 0.30 -10.77 25.15
N ILE A 89 0.38 -9.68 24.43
CA ILE A 89 1.71 -9.20 23.97
C ILE A 89 2.60 -8.99 25.20
N ILE A 90 2.04 -8.46 26.26
CA ILE A 90 2.82 -8.20 27.49
C ILE A 90 3.25 -9.53 28.14
N ALA A 91 2.31 -10.33 28.55
CA ALA A 91 2.67 -11.63 29.20
C ALA A 91 3.68 -12.39 28.33
N LEU A 92 3.53 -12.33 27.05
CA LEU A 92 4.48 -13.05 26.15
C LEU A 92 5.89 -12.49 26.39
N ILE A 93 6.07 -11.22 26.16
CA ILE A 93 7.41 -10.61 26.37
C ILE A 93 8.00 -11.05 27.72
N LYS A 94 7.20 -11.03 28.76
CA LYS A 94 7.71 -11.43 30.11
C LYS A 94 7.70 -12.95 30.28
N ASP A 95 6.79 -13.64 29.65
CA ASP A 95 6.70 -15.12 29.86
C ASP A 95 7.75 -15.87 29.02
N LYS A 96 7.88 -15.57 27.75
CA LYS A 96 8.88 -16.30 26.91
C LYS A 96 10.07 -15.39 26.61
N HIS A 97 10.28 -14.37 27.40
CA HIS A 97 11.44 -13.45 27.14
C HIS A 97 11.55 -13.12 25.65
N MET A 98 10.44 -12.77 25.04
CA MET A 98 10.47 -12.43 23.58
C MET A 98 10.44 -10.92 23.42
N THR A 99 11.01 -10.42 22.36
CA THR A 99 11.03 -8.95 22.12
C THR A 99 9.64 -8.50 21.65
N ALA A 100 9.26 -7.30 21.99
CA ALA A 100 7.93 -6.81 21.56
C ALA A 100 7.80 -6.98 20.04
N ASP A 101 8.89 -6.96 19.34
CA ASP A 101 8.83 -7.14 17.87
C ASP A 101 8.52 -8.61 17.59
N ALA A 102 9.19 -9.48 18.29
CA ALA A 102 8.96 -10.94 18.08
C ALA A 102 7.61 -11.33 18.66
N ALA A 103 7.36 -11.00 19.89
CA ALA A 103 6.06 -11.36 20.53
C ALA A 103 4.91 -10.77 19.71
N ALA A 104 4.99 -9.50 19.41
CA ALA A 104 3.89 -8.86 18.62
C ALA A 104 3.65 -9.64 17.33
N HIS A 105 4.68 -10.19 16.74
CA HIS A 105 4.50 -10.96 15.48
C HIS A 105 3.73 -12.25 15.77
N GLU A 106 3.97 -12.86 16.90
CA GLU A 106 3.26 -14.13 17.23
C GLU A 106 1.76 -13.88 17.25
N VAL A 107 1.31 -12.90 17.99
CA VAL A 107 -0.15 -12.62 18.03
C VAL A 107 -0.67 -12.38 16.61
N ILE A 108 0.00 -11.53 15.88
CA ILE A 108 -0.44 -11.26 14.48
C ILE A 108 -0.33 -12.54 13.65
N GLU A 109 0.41 -13.51 14.12
CA GLU A 109 0.55 -14.78 13.36
C GLU A 109 -0.74 -15.61 13.46
N GLY A 110 -1.41 -15.57 14.58
CA GLY A 110 -2.68 -16.34 14.70
C GLY A 110 -3.89 -15.54 14.21
N GLN A 111 -3.85 -14.24 14.26
CA GLN A 111 -5.04 -13.47 13.80
C GLN A 111 -5.20 -13.64 12.30
N ALA A 112 -4.12 -13.64 11.58
CA ALA A 112 -4.20 -13.80 10.11
C ALA A 112 -4.39 -15.27 9.77
N SER A 113 -3.55 -16.13 10.28
CA SER A 113 -3.68 -17.58 9.98
C SER A 113 -5.03 -18.11 10.45
N ALA A 114 -5.48 -17.71 11.60
CA ALA A 114 -6.79 -18.22 12.11
C ALA A 114 -7.93 -17.74 11.21
N LEU A 115 -7.84 -16.55 10.67
CA LEU A 115 -8.94 -16.06 9.79
C LEU A 115 -8.94 -16.86 8.49
N GLU A 116 -7.82 -17.38 8.09
CA GLU A 116 -7.78 -18.16 6.83
C GLU A 116 -8.52 -19.48 7.02
N GLU A 117 -8.73 -19.87 8.25
CA GLU A 117 -9.45 -21.15 8.51
C GLU A 117 -10.95 -20.92 8.39
N LEU A 118 -11.37 -19.70 8.18
CA LEU A 118 -12.82 -19.43 8.04
C LEU A 118 -13.22 -19.70 6.59
N ASP A 119 -14.42 -20.19 6.38
CA ASP A 119 -14.88 -20.48 4.99
C ASP A 119 -15.70 -19.29 4.50
N ASP A 120 -15.13 -18.11 4.52
CA ASP A 120 -15.88 -16.91 4.05
C ASP A 120 -14.91 -15.93 3.39
N GLU A 121 -15.09 -15.68 2.12
CA GLU A 121 -14.17 -14.74 1.40
C GLU A 121 -14.19 -13.37 2.07
N TYR A 122 -15.17 -13.11 2.89
CA TYR A 122 -15.24 -11.78 3.58
C TYR A 122 -14.25 -11.77 4.75
N LEU A 123 -14.48 -12.58 5.74
CA LEU A 123 -13.54 -12.60 6.90
C LEU A 123 -12.15 -13.01 6.42
N LYS A 124 -12.06 -13.62 5.27
CA LYS A 124 -10.73 -14.01 4.73
C LYS A 124 -9.96 -12.75 4.37
N GLU A 125 -10.60 -11.86 3.67
CA GLU A 125 -9.92 -10.60 3.30
C GLU A 125 -9.55 -9.84 4.56
N ARG A 126 -10.20 -10.15 5.65
CA ARG A 126 -9.84 -9.46 6.90
C ARG A 126 -8.47 -10.01 7.32
N ALA A 127 -8.21 -11.23 6.95
CA ALA A 127 -6.91 -11.85 7.31
C ALA A 127 -5.78 -11.02 6.70
N ALA A 128 -5.88 -10.73 5.42
CA ALA A 128 -4.81 -9.92 4.77
C ALA A 128 -4.86 -8.48 5.27
N ASP A 129 -6.03 -7.96 5.50
CA ASP A 129 -6.14 -6.55 6.00
C ASP A 129 -5.59 -6.46 7.43
N VAL A 130 -5.70 -7.53 8.17
CA VAL A 130 -5.18 -7.50 9.57
C VAL A 130 -3.66 -7.63 9.52
N ARG A 131 -3.16 -8.47 8.65
CA ARG A 131 -1.69 -8.62 8.54
C ARG A 131 -1.09 -7.24 8.25
N ASP A 132 -1.77 -6.47 7.43
CA ASP A 132 -1.26 -5.10 7.10
C ASP A 132 -1.19 -4.25 8.36
N ILE A 133 -2.10 -4.41 9.27
CA ILE A 133 -2.06 -3.59 10.51
C ILE A 133 -0.85 -4.00 11.36
N GLY A 134 -0.46 -5.25 11.30
CA GLY A 134 0.73 -5.68 12.09
C GLY A 134 1.96 -4.99 11.51
N LYS A 135 2.09 -5.00 10.21
CA LYS A 135 3.26 -4.35 9.57
C LYS A 135 3.40 -2.93 10.10
N ARG A 136 2.32 -2.20 10.20
CA ARG A 136 2.41 -0.81 10.73
C ARG A 136 2.90 -0.90 12.17
N LEU A 137 2.32 -1.78 12.93
CA LEU A 137 2.72 -1.95 14.35
C LEU A 137 4.25 -2.16 14.40
N LEU A 138 4.74 -3.11 13.68
CA LEU A 138 6.22 -3.37 13.68
C LEU A 138 6.96 -2.09 13.32
N ARG A 139 6.66 -1.51 12.18
CA ARG A 139 7.34 -0.27 11.75
C ARG A 139 7.46 0.74 12.91
N ASN A 140 6.62 0.63 13.91
CA ASN A 140 6.70 1.60 15.03
C ASN A 140 7.74 1.13 16.06
N ILE A 141 7.76 -0.14 16.38
CA ILE A 141 8.74 -0.64 17.37
C ILE A 141 10.16 -0.53 16.79
N LEU A 142 10.30 -0.71 15.51
CA LEU A 142 11.65 -0.62 14.88
C LEU A 142 11.89 0.81 14.41
N GLY A 143 10.91 1.67 14.55
CA GLY A 143 11.08 3.08 14.11
C GLY A 143 11.42 3.06 12.62
N LEU A 144 10.95 2.08 11.91
CA LEU A 144 11.25 2.01 10.46
C LEU A 144 10.48 3.10 9.71
N LYS A 145 11.05 3.59 8.64
CA LYS A 145 10.34 4.65 7.87
C LYS A 145 9.10 4.06 7.19
N ILE A 146 8.07 4.84 7.04
CA ILE A 146 6.82 4.34 6.38
C ILE A 146 6.77 4.86 4.95
N ILE A 147 6.04 4.21 4.09
CA ILE A 147 5.97 4.69 2.68
C ILE A 147 5.04 5.90 2.60
N ASP A 148 5.61 7.07 2.48
CA ASP A 148 4.79 8.32 2.40
C ASP A 148 4.68 8.81 0.97
N LEU A 149 3.70 8.37 0.24
CA LEU A 149 3.54 8.83 -1.17
C LEU A 149 2.89 10.21 -1.17
N SER A 150 2.46 10.67 -0.02
CA SER A 150 1.81 12.01 0.07
C SER A 150 2.88 13.10 0.19
N ALA A 151 3.95 12.98 -0.55
CA ALA A 151 5.04 14.01 -0.48
C ALA A 151 5.56 14.27 -1.89
N ILE A 152 4.79 13.92 -2.88
CA ILE A 152 5.23 14.14 -4.29
C ILE A 152 5.13 15.63 -4.63
N GLN A 153 5.97 16.10 -5.51
CA GLN A 153 5.93 17.55 -5.91
C GLN A 153 6.18 17.66 -7.41
N ASP A 154 6.34 16.55 -8.09
CA ASP A 154 6.58 16.57 -9.57
C ASP A 154 5.57 15.67 -10.25
N GLU A 155 4.94 16.15 -11.30
CA GLU A 155 3.94 15.31 -12.01
C GLU A 155 4.61 14.07 -12.59
N VAL A 156 4.18 12.90 -12.20
CA VAL A 156 4.77 11.65 -12.76
C VAL A 156 3.71 10.55 -12.76
N ILE A 157 4.05 9.41 -13.30
CA ILE A 157 3.09 8.27 -13.33
C ILE A 157 3.30 7.45 -12.06
N LEU A 158 2.31 6.70 -11.64
CA LEU A 158 2.45 5.85 -10.41
C LEU A 158 2.56 4.38 -10.82
N VAL A 159 3.63 3.75 -10.43
CA VAL A 159 3.84 2.30 -10.79
C VAL A 159 4.05 1.49 -9.51
N ALA A 160 3.37 0.38 -9.37
CA ALA A 160 3.54 -0.46 -8.15
C ALA A 160 3.03 -1.87 -8.43
N ALA A 161 3.65 -2.87 -7.87
CA ALA A 161 3.15 -4.23 -8.11
C ALA A 161 1.72 -4.32 -7.59
N ASP A 162 1.44 -3.59 -6.55
CA ASP A 162 0.06 -3.60 -5.99
C ASP A 162 -0.06 -2.53 -4.90
N LEU A 163 -1.26 -2.07 -4.65
CA LEU A 163 -1.46 -1.02 -3.60
C LEU A 163 -2.60 -1.44 -2.67
N THR A 164 -2.38 -1.34 -1.38
CA THR A 164 -3.45 -1.74 -0.41
C THR A 164 -4.30 -0.52 -0.05
N PRO A 165 -5.54 -0.70 0.31
CA PRO A 165 -6.44 0.42 0.68
C PRO A 165 -5.71 1.53 1.43
N SER A 166 -4.86 1.18 2.36
CA SER A 166 -4.10 2.23 3.11
C SER A 166 -3.38 3.13 2.10
N GLU A 167 -2.45 2.58 1.37
CA GLU A 167 -1.72 3.40 0.37
C GLU A 167 -2.71 4.21 -0.47
N THR A 168 -3.81 3.63 -0.82
CA THR A 168 -4.83 4.37 -1.63
C THR A 168 -5.51 5.43 -0.76
N ALA A 169 -5.50 5.25 0.53
CA ALA A 169 -6.16 6.23 1.43
C ALA A 169 -5.26 7.46 1.62
N GLN A 170 -3.96 7.29 1.54
CA GLN A 170 -3.04 8.45 1.73
C GLN A 170 -2.47 8.90 0.37
N LEU A 171 -2.72 8.17 -0.67
CA LEU A 171 -2.20 8.60 -2.01
C LEU A 171 -2.74 10.01 -2.29
N ASN A 172 -1.89 10.89 -2.77
CA ASN A 172 -2.34 12.30 -3.05
C ASN A 172 -2.63 12.47 -4.55
N LEU A 173 -3.85 12.83 -4.88
CA LEU A 173 -4.22 13.04 -6.31
C LEU A 173 -4.03 14.51 -6.66
N LYS A 174 -2.93 15.10 -6.28
CA LYS A 174 -2.66 16.53 -6.59
C LYS A 174 -1.55 16.62 -7.63
N LYS A 175 -0.67 15.65 -7.66
CA LYS A 175 0.45 15.65 -8.64
C LYS A 175 0.53 14.29 -9.34
N VAL A 176 -0.47 13.47 -9.18
CA VAL A 176 -0.45 12.13 -9.84
C VAL A 176 -0.93 12.27 -11.29
N LEU A 177 -0.51 11.37 -12.15
CA LEU A 177 -0.92 11.42 -13.59
C LEU A 177 -1.73 10.16 -13.94
N GLY A 178 -1.71 9.18 -13.08
CA GLY A 178 -2.48 7.94 -13.37
C GLY A 178 -2.00 6.82 -12.45
N PHE A 179 -2.58 5.63 -12.58
CA PHE A 179 -2.15 4.49 -11.71
C PHE A 179 -1.89 3.26 -12.59
N ILE A 180 -0.72 2.69 -12.48
CA ILE A 180 -0.38 1.47 -13.28
C ILE A 180 0.16 0.41 -12.31
N THR A 181 -0.41 -0.76 -12.34
CA THR A 181 0.07 -1.83 -11.42
C THR A 181 0.04 -3.19 -12.12
N ASP A 182 0.92 -4.08 -11.76
CA ASP A 182 0.95 -5.43 -12.41
C ASP A 182 0.26 -6.44 -11.50
N ALA A 183 -0.87 -6.08 -10.93
CA ALA A 183 -1.59 -7.03 -10.02
C ALA A 183 -3.09 -7.04 -10.35
N GLY A 184 -3.47 -6.81 -11.58
CA GLY A 184 -4.91 -6.82 -11.93
C GLY A 184 -5.62 -8.03 -11.35
N GLY A 185 -6.88 -7.89 -11.03
CA GLY A 185 -7.66 -9.02 -10.46
C GLY A 185 -9.14 -8.82 -10.77
N ARG A 186 -9.96 -9.78 -10.46
CA ARG A 186 -11.41 -9.62 -10.71
C ARG A 186 -11.88 -8.36 -10.00
N THR A 187 -11.79 -7.24 -10.66
CA THR A 187 -12.20 -5.96 -10.02
C THR A 187 -11.45 -5.78 -8.70
N SER A 188 -10.14 -5.68 -8.75
CA SER A 188 -9.37 -5.50 -7.49
C SER A 188 -9.53 -4.06 -6.98
N HIS A 189 -9.27 -3.84 -5.72
CA HIS A 189 -9.40 -2.46 -5.16
C HIS A 189 -8.76 -1.44 -6.10
N THR A 190 -7.60 -1.74 -6.61
CA THR A 190 -6.91 -0.80 -7.53
C THR A 190 -7.86 -0.40 -8.67
N SER A 191 -8.53 -1.35 -9.25
CA SER A 191 -9.45 -1.02 -10.39
C SER A 191 -10.65 -0.23 -9.86
N ILE A 192 -11.16 -0.57 -8.71
CA ILE A 192 -12.33 0.16 -8.14
C ILE A 192 -12.09 1.67 -8.18
N MET A 193 -10.90 2.11 -7.90
CA MET A 193 -10.62 3.57 -7.93
C MET A 193 -10.63 4.01 -9.39
N ALA A 194 -9.75 3.43 -10.14
CA ALA A 194 -9.65 3.78 -11.58
C ALA A 194 -11.03 3.64 -12.23
N ARG A 195 -11.85 2.74 -11.76
CA ARG A 195 -13.20 2.58 -12.37
C ARG A 195 -14.15 3.67 -11.87
N SER A 196 -14.18 3.91 -10.59
CA SER A 196 -15.08 4.95 -10.05
C SER A 196 -14.59 6.34 -10.48
N LEU A 197 -13.30 6.54 -10.53
CA LEU A 197 -12.77 7.87 -10.95
C LEU A 197 -12.66 7.92 -12.48
N GLU A 198 -13.04 6.85 -13.13
CA GLU A 198 -13.00 6.82 -14.62
C GLU A 198 -11.66 7.34 -15.15
N LEU A 199 -10.69 7.53 -14.30
CA LEU A 199 -9.37 8.02 -14.79
C LEU A 199 -8.74 6.94 -15.67
N PRO A 200 -7.77 7.26 -16.52
CA PRO A 200 -7.13 6.23 -17.38
C PRO A 200 -6.08 5.43 -16.59
N ALA A 201 -6.15 4.13 -16.61
CA ALA A 201 -5.16 3.35 -15.83
C ALA A 201 -5.15 1.88 -16.29
N ILE A 202 -4.28 1.11 -15.69
CA ILE A 202 -4.16 -0.34 -16.01
C ILE A 202 -3.79 -1.06 -14.70
N VAL A 203 -3.97 -2.35 -14.61
CA VAL A 203 -3.63 -3.06 -13.33
C VAL A 203 -3.13 -4.48 -13.59
N GLY A 204 -3.56 -5.08 -14.65
CA GLY A 204 -3.13 -6.48 -14.96
C GLY A 204 -1.91 -6.48 -15.88
N THR A 205 -1.12 -5.45 -15.85
CA THR A 205 0.08 -5.42 -16.75
C THR A 205 0.88 -6.71 -16.54
N GLY A 206 1.00 -7.13 -15.31
CA GLY A 206 1.71 -8.41 -15.01
C GLY A 206 3.25 -8.31 -15.09
N SER A 207 3.82 -7.57 -16.01
CA SER A 207 5.33 -7.52 -16.11
C SER A 207 5.89 -6.09 -16.18
N VAL A 208 5.22 -5.12 -15.64
CA VAL A 208 5.79 -3.74 -15.70
C VAL A 208 6.88 -3.55 -14.63
N THR A 209 6.68 -4.04 -13.44
CA THR A 209 7.73 -3.86 -12.39
C THR A 209 9.00 -4.61 -12.79
N SER A 210 8.93 -5.47 -13.77
CA SER A 210 10.15 -6.22 -14.21
C SER A 210 10.65 -5.65 -15.53
N GLN A 211 10.15 -4.50 -15.93
CA GLN A 211 10.62 -3.91 -17.23
C GLN A 211 10.66 -2.37 -17.12
N VAL A 212 10.40 -1.82 -15.96
CA VAL A 212 10.44 -0.33 -15.79
C VAL A 212 11.36 0.03 -14.63
N LYS A 213 11.96 1.20 -14.68
CA LYS A 213 12.84 1.68 -13.58
C LYS A 213 12.37 3.09 -13.20
N ASN A 214 12.80 3.61 -12.09
CA ASN A 214 12.36 4.97 -11.69
C ASN A 214 12.83 6.02 -12.71
N ASP A 215 12.02 7.01 -12.97
CA ASP A 215 12.40 8.10 -13.92
C ASP A 215 12.35 7.60 -15.36
N ASP A 216 12.03 6.35 -15.57
CA ASP A 216 11.95 5.85 -16.96
C ASP A 216 10.93 6.68 -17.73
N TYR A 217 11.20 6.97 -18.98
CA TYR A 217 10.24 7.77 -19.79
C TYR A 217 9.21 6.83 -20.40
N LEU A 218 7.99 6.85 -19.90
CA LEU A 218 6.93 5.94 -20.43
C LEU A 218 5.74 6.75 -20.92
N ILE A 219 4.99 6.19 -21.85
CA ILE A 219 3.79 6.89 -22.39
C ILE A 219 2.59 5.97 -22.26
N LEU A 220 1.56 6.40 -21.57
CA LEU A 220 0.35 5.54 -21.39
C LEU A 220 -0.62 5.82 -22.53
N ASP A 221 -0.95 4.82 -23.31
CA ASP A 221 -1.89 5.03 -24.45
C ASP A 221 -3.30 4.64 -24.03
N ALA A 222 -3.42 3.70 -23.12
CA ALA A 222 -4.76 3.25 -22.64
C ALA A 222 -5.76 3.19 -23.81
N VAL A 223 -5.29 3.09 -25.02
CA VAL A 223 -6.20 3.00 -26.21
C VAL A 223 -5.97 1.64 -26.85
N ASN A 224 -4.74 1.31 -27.12
CA ASN A 224 -4.41 -0.02 -27.69
C ASN A 224 -4.01 -0.92 -26.53
N ASN A 225 -4.23 -0.46 -25.33
CA ASN A 225 -3.86 -1.25 -24.13
C ASN A 225 -2.38 -1.59 -24.19
N GLN A 226 -1.55 -0.58 -24.33
CA GLN A 226 -0.08 -0.85 -24.41
C GLN A 226 0.70 0.39 -23.93
N VAL A 227 1.87 0.16 -23.39
CA VAL A 227 2.73 1.27 -22.90
C VAL A 227 4.00 1.29 -23.74
N TYR A 228 4.62 2.44 -23.89
CA TYR A 228 5.88 2.54 -24.71
C TYR A 228 7.08 2.76 -23.78
N VAL A 229 8.04 1.86 -23.82
CA VAL A 229 9.25 1.99 -22.94
C VAL A 229 10.41 2.53 -23.77
N ASN A 230 10.87 3.72 -23.44
CA ASN A 230 12.01 4.33 -24.19
C ASN A 230 11.55 4.70 -25.62
N PRO A 231 10.67 5.66 -25.73
CA PRO A 231 10.14 6.13 -27.04
C PRO A 231 11.03 7.20 -27.68
N THR A 232 11.37 7.03 -28.94
CA THR A 232 12.24 8.02 -29.63
C THR A 232 11.42 9.29 -29.94
N ASN A 233 12.08 10.38 -30.21
CA ASN A 233 11.35 11.64 -30.52
C ASN A 233 10.54 11.46 -31.81
N GLU A 234 11.12 10.88 -32.81
CA GLU A 234 10.41 10.68 -34.09
C GLU A 234 9.07 9.97 -33.83
N VAL A 235 9.06 9.06 -32.90
CA VAL A 235 7.79 8.34 -32.58
C VAL A 235 6.90 9.27 -31.76
N ILE A 236 7.48 10.04 -30.88
CA ILE A 236 6.66 10.97 -30.05
C ILE A 236 6.14 12.11 -30.93
N ASP A 237 7.04 12.82 -31.56
CA ASP A 237 6.61 13.97 -32.42
C ASP A 237 5.54 13.51 -33.41
N LYS A 238 5.72 12.38 -34.02
CA LYS A 238 4.70 11.88 -34.99
C LYS A 238 3.41 11.58 -34.23
N MET A 239 3.53 11.16 -33.00
CA MET A 239 2.31 10.84 -32.20
C MET A 239 1.73 12.13 -31.62
N ARG A 240 2.56 13.01 -31.11
CA ARG A 240 2.04 14.27 -30.53
C ARG A 240 1.02 14.91 -31.48
N ALA A 241 1.27 14.86 -32.76
CA ALA A 241 0.32 15.46 -33.73
C ALA A 241 -0.90 14.56 -33.90
N VAL A 242 -0.72 13.38 -34.41
CA VAL A 242 -1.89 12.47 -34.62
C VAL A 242 -2.49 12.07 -33.28
N GLN A 243 -1.68 11.59 -32.36
CA GLN A 243 -2.23 11.16 -31.04
C GLN A 243 -3.15 12.26 -30.50
N GLU A 244 -2.72 13.48 -30.51
CA GLU A 244 -3.60 14.57 -30.00
C GLU A 244 -4.85 14.66 -30.87
N GLN A 245 -4.74 14.31 -32.12
CA GLN A 245 -5.94 14.36 -33.00
C GLN A 245 -6.91 13.28 -32.52
N VAL A 246 -6.41 12.29 -31.82
CA VAL A 246 -7.30 11.22 -31.31
C VAL A 246 -8.11 11.83 -30.16
N ALA A 247 -7.52 12.75 -29.45
CA ALA A 247 -8.23 13.41 -28.33
C ALA A 247 -9.50 14.07 -28.86
N SER A 248 -9.39 14.79 -29.94
CA SER A 248 -10.60 15.45 -30.52
C SER A 248 -11.45 14.43 -31.27
N GLU A 249 -10.84 13.43 -31.83
CA GLU A 249 -11.64 12.40 -32.56
C GLU A 249 -12.43 11.59 -31.53
N MET A 1 5.13 -8.45 -24.20
CA MET A 1 3.82 -7.82 -24.54
C MET A 1 3.11 -7.40 -23.25
N ILE A 2 3.41 -6.23 -22.76
CA ILE A 2 2.76 -5.76 -21.50
C ILE A 2 1.24 -5.72 -21.70
N SER A 3 0.58 -6.86 -21.55
CA SER A 3 -0.90 -6.89 -21.73
C SER A 3 -1.58 -6.84 -20.35
N GLY A 4 -2.29 -5.78 -20.07
CA GLY A 4 -3.00 -5.66 -18.76
C GLY A 4 -4.50 -5.80 -19.00
N ILE A 5 -5.32 -5.40 -18.05
CA ILE A 5 -6.79 -5.50 -18.23
C ILE A 5 -7.34 -4.16 -18.70
N LEU A 6 -6.50 -3.16 -18.74
CA LEU A 6 -6.97 -1.80 -19.20
C LEU A 6 -8.19 -1.39 -18.38
N ALA A 7 -8.02 -0.49 -17.45
CA ALA A 7 -9.19 -0.06 -16.62
C ALA A 7 -9.94 1.05 -17.34
N SER A 8 -9.25 2.07 -17.78
CA SER A 8 -9.93 3.19 -18.49
C SER A 8 -9.00 3.73 -19.59
N PRO A 9 -9.55 4.23 -20.68
CA PRO A 9 -8.74 4.76 -21.81
C PRO A 9 -8.20 6.18 -21.58
N GLY A 10 -7.12 6.52 -22.22
CA GLY A 10 -6.55 7.89 -22.07
C GLY A 10 -5.04 7.84 -22.31
N ILE A 11 -4.50 8.80 -23.02
CA ILE A 11 -3.02 8.81 -23.28
C ILE A 11 -2.32 9.71 -22.26
N ALA A 12 -1.26 9.24 -21.66
CA ALA A 12 -0.54 10.06 -20.64
C ALA A 12 0.98 9.92 -20.81
N PHE A 13 1.72 10.87 -20.32
CA PHE A 13 3.22 10.83 -20.42
C PHE A 13 3.80 11.14 -19.02
N GLY A 14 4.78 10.39 -18.55
CA GLY A 14 5.33 10.71 -17.19
C GLY A 14 6.50 9.81 -16.83
N LYS A 15 7.26 10.18 -15.82
CA LYS A 15 8.43 9.37 -15.39
C LYS A 15 7.94 8.17 -14.56
N ALA A 16 8.62 7.06 -14.67
CA ALA A 16 8.20 5.85 -13.92
C ALA A 16 8.60 5.93 -12.45
N LEU A 17 7.66 5.84 -11.56
CA LEU A 17 7.98 5.88 -10.10
C LEU A 17 7.96 4.44 -9.58
N LEU A 18 9.10 3.79 -9.52
CA LEU A 18 9.12 2.37 -9.05
C LEU A 18 9.13 2.35 -7.51
N LEU A 19 8.06 1.87 -6.96
CA LEU A 19 7.93 1.80 -5.47
C LEU A 19 8.29 0.39 -4.98
N LYS A 20 9.52 0.18 -4.61
CA LYS A 20 9.93 -1.17 -4.11
C LYS A 20 9.78 -1.19 -2.59
N GLU A 21 9.69 -2.35 -2.01
CA GLU A 21 9.53 -2.47 -0.52
C GLU A 21 10.72 -3.22 0.07
N ASP A 22 11.31 -2.69 1.11
CA ASP A 22 12.46 -3.38 1.73
C ASP A 22 11.93 -4.51 2.62
N GLU A 23 12.40 -5.70 2.43
CA GLU A 23 11.90 -6.84 3.26
C GLU A 23 12.25 -6.58 4.73
N ILE A 24 11.32 -6.84 5.62
CA ILE A 24 11.58 -6.59 7.07
C ILE A 24 12.15 -7.85 7.73
N VAL A 25 13.22 -7.69 8.46
CA VAL A 25 13.86 -8.86 9.15
C VAL A 25 13.58 -8.75 10.66
N ILE A 26 12.97 -9.74 11.25
CA ILE A 26 12.66 -9.68 12.70
C ILE A 26 13.84 -10.26 13.52
N ASP A 27 14.16 -9.65 14.63
CA ASP A 27 15.28 -10.16 15.47
C ASP A 27 14.74 -11.17 16.49
N ARG A 28 15.33 -12.34 16.55
CA ARG A 28 14.85 -13.38 17.52
C ARG A 28 15.82 -13.48 18.71
N LYS A 29 16.46 -12.40 19.07
CA LYS A 29 17.41 -12.45 20.21
C LYS A 29 16.64 -12.46 21.52
N LYS A 30 17.13 -13.19 22.50
CA LYS A 30 16.43 -13.24 23.82
C LYS A 30 16.91 -12.07 24.68
N ILE A 31 16.01 -11.26 25.16
CA ILE A 31 16.43 -10.08 25.99
C ILE A 31 16.45 -10.47 27.47
N SER A 32 16.98 -9.59 28.29
CA SER A 32 17.05 -9.85 29.77
C SER A 32 15.88 -9.18 30.47
N ALA A 33 15.66 -9.48 31.72
CA ALA A 33 14.53 -8.85 32.46
C ALA A 33 14.78 -7.35 32.57
N ASP A 34 16.00 -6.93 32.52
CA ASP A 34 16.32 -5.48 32.62
C ASP A 34 16.09 -4.81 31.26
N GLN A 35 15.78 -5.60 30.27
CA GLN A 35 15.52 -5.06 28.90
C GLN A 35 14.03 -5.20 28.60
N VAL A 36 13.36 -6.02 29.36
CA VAL A 36 11.90 -6.22 29.15
C VAL A 36 11.16 -4.91 29.44
N ASP A 37 11.53 -4.24 30.49
CA ASP A 37 10.85 -2.95 30.82
C ASP A 37 10.90 -2.03 29.60
N GLN A 38 11.97 -2.07 28.86
CA GLN A 38 12.08 -1.19 27.66
C GLN A 38 11.11 -1.66 26.58
N GLU A 39 10.86 -2.93 26.50
CA GLU A 39 9.91 -3.44 25.48
C GLU A 39 8.52 -2.86 25.74
N VAL A 40 8.12 -2.82 26.99
CA VAL A 40 6.77 -2.29 27.32
C VAL A 40 6.67 -0.82 26.92
N GLU A 41 7.63 -0.02 27.29
CA GLU A 41 7.60 1.43 26.92
C GLU A 41 7.71 1.55 25.40
N ARG A 42 8.61 0.82 24.82
CA ARG A 42 8.78 0.89 23.34
C ARG A 42 7.51 0.36 22.68
N PHE A 43 6.84 -0.58 23.29
CA PHE A 43 5.59 -1.13 22.70
C PHE A 43 4.42 -0.25 23.13
N LEU A 44 4.21 -0.14 24.41
CA LEU A 44 3.09 0.67 24.94
C LEU A 44 3.09 2.04 24.26
N SER A 45 4.10 2.82 24.48
CA SER A 45 4.15 4.17 23.85
C SER A 45 4.23 4.00 22.34
N GLY A 46 4.95 3.01 21.89
CA GLY A 46 5.02 2.78 20.42
C GLY A 46 3.59 2.61 19.92
N ARG A 47 2.85 1.74 20.53
CA ARG A 47 1.44 1.52 20.12
C ARG A 47 0.72 2.86 20.08
N ALA A 48 1.18 3.82 20.85
CA ALA A 48 0.54 5.16 20.83
C ALA A 48 0.93 5.86 19.53
N LYS A 49 2.08 5.52 19.02
CA LYS A 49 2.56 6.16 17.77
C LYS A 49 1.79 5.58 16.59
N ALA A 50 1.82 4.29 16.41
CA ALA A 50 1.08 3.67 15.27
C ALA A 50 -0.38 4.15 15.29
N SER A 51 -0.91 4.43 16.46
CA SER A 51 -2.32 4.90 16.54
C SER A 51 -2.43 6.26 15.87
N ALA A 52 -1.43 7.07 16.05
CA ALA A 52 -1.45 8.43 15.43
C ALA A 52 -1.30 8.30 13.92
N GLN A 53 -0.65 7.27 13.47
CA GLN A 53 -0.44 7.07 12.01
C GLN A 53 -1.77 6.67 11.36
N LEU A 54 -2.26 5.50 11.66
CA LEU A 54 -3.56 5.06 11.06
C LEU A 54 -4.60 6.16 11.27
N GLU A 55 -4.52 6.85 12.38
CA GLU A 55 -5.50 7.94 12.65
C GLU A 55 -5.32 9.04 11.62
N THR A 56 -4.11 9.50 11.42
CA THR A 56 -3.88 10.58 10.42
C THR A 56 -4.30 10.06 9.05
N ILE A 57 -4.09 8.79 8.80
CA ILE A 57 -4.48 8.21 7.49
C ILE A 57 -6.01 8.02 7.47
N LYS A 58 -6.60 7.88 8.63
CA LYS A 58 -8.07 7.70 8.71
C LYS A 58 -8.77 8.96 8.21
N THR A 59 -8.31 10.09 8.64
CA THR A 59 -8.96 11.36 8.21
C THR A 59 -8.64 11.62 6.74
N LYS A 60 -7.52 11.12 6.26
CA LYS A 60 -7.19 11.33 4.83
C LYS A 60 -8.13 10.46 4.01
N ALA A 61 -8.55 9.35 4.56
CA ALA A 61 -9.48 8.47 3.83
C ALA A 61 -10.86 9.11 3.84
N GLY A 62 -11.16 9.88 4.87
CA GLY A 62 -12.48 10.54 4.94
C GLY A 62 -12.43 11.85 4.15
N GLU A 63 -11.29 12.48 4.09
CA GLU A 63 -11.18 13.76 3.32
C GLU A 63 -10.90 13.43 1.86
N THR A 64 -10.41 12.25 1.60
CA THR A 64 -10.11 11.87 0.17
C THR A 64 -11.30 11.11 -0.43
N PHE A 65 -11.85 10.14 0.27
CA PHE A 65 -13.00 9.36 -0.29
C PHE A 65 -14.33 9.72 0.41
N GLY A 66 -14.27 10.15 1.66
CA GLY A 66 -15.52 10.52 2.40
C GLY A 66 -15.63 9.65 3.66
N GLU A 67 -16.30 10.15 4.68
CA GLU A 67 -16.44 9.38 5.95
C GLU A 67 -16.92 7.96 5.67
N GLU A 68 -17.37 7.70 4.48
CA GLU A 68 -17.87 6.32 4.15
C GLU A 68 -16.73 5.30 4.25
N LYS A 69 -15.52 5.69 3.99
CA LYS A 69 -14.38 4.72 4.07
C LYS A 69 -13.76 4.75 5.46
N GLU A 70 -14.02 5.77 6.23
CA GLU A 70 -13.44 5.83 7.60
C GLU A 70 -13.95 4.67 8.44
N ALA A 71 -15.14 4.19 8.16
CA ALA A 71 -15.69 3.05 8.97
C ALA A 71 -14.76 1.84 8.85
N ILE A 72 -14.09 1.70 7.74
CA ILE A 72 -13.17 0.54 7.57
C ILE A 72 -11.92 0.78 8.40
N PHE A 73 -11.38 1.97 8.35
CA PHE A 73 -10.16 2.27 9.14
C PHE A 73 -10.52 2.47 10.61
N GLU A 74 -11.74 2.84 10.89
CA GLU A 74 -12.13 3.05 12.32
C GLU A 74 -12.03 1.71 13.06
N GLY A 75 -12.48 0.66 12.44
CA GLY A 75 -12.39 -0.67 13.10
C GLY A 75 -10.92 -1.09 13.19
N HIS A 76 -10.14 -0.76 12.19
CA HIS A 76 -8.70 -1.14 12.19
C HIS A 76 -7.98 -0.49 13.38
N ILE A 77 -8.54 0.55 13.96
CA ILE A 77 -7.87 1.19 15.13
C ILE A 77 -8.25 0.44 16.40
N MET A 78 -9.51 0.15 16.56
CA MET A 78 -9.95 -0.58 17.79
C MET A 78 -9.15 -1.87 17.90
N LEU A 79 -9.08 -2.62 16.84
CA LEU A 79 -8.31 -3.90 16.87
C LEU A 79 -6.89 -3.61 17.33
N LEU A 80 -6.30 -2.57 16.83
CA LEU A 80 -4.91 -2.23 17.22
C LEU A 80 -4.87 -1.82 18.70
N GLU A 81 -5.82 -1.01 19.10
CA GLU A 81 -5.86 -0.54 20.52
C GLU A 81 -6.61 -1.56 21.38
N ASP A 82 -6.94 -2.70 20.83
CA ASP A 82 -7.68 -3.72 21.63
C ASP A 82 -6.99 -3.92 22.99
N GLU A 83 -7.70 -3.69 24.06
CA GLU A 83 -7.09 -3.87 25.40
C GLU A 83 -6.80 -5.36 25.61
N GLU A 84 -7.51 -6.20 24.91
CA GLU A 84 -7.29 -7.66 25.08
C GLU A 84 -6.00 -8.07 24.38
N LEU A 85 -5.83 -7.67 23.15
CA LEU A 85 -4.58 -8.03 22.44
C LEU A 85 -3.39 -7.39 23.16
N GLU A 86 -3.64 -6.44 24.01
CA GLU A 86 -2.53 -5.77 24.74
C GLU A 86 -2.07 -6.63 25.91
N GLN A 87 -2.99 -7.17 26.67
CA GLN A 87 -2.60 -8.02 27.84
C GLN A 87 -1.88 -9.28 27.34
N GLU A 88 -2.21 -9.74 26.16
CA GLU A 88 -1.55 -10.97 25.64
C GLU A 88 -0.13 -10.66 25.20
N ILE A 89 0.06 -9.59 24.47
CA ILE A 89 1.43 -9.22 24.04
C ILE A 89 2.29 -9.03 25.29
N ILE A 90 1.85 -8.16 26.18
CA ILE A 90 2.61 -7.92 27.44
C ILE A 90 3.04 -9.25 28.05
N ALA A 91 2.11 -10.10 28.36
CA ALA A 91 2.44 -11.42 28.98
C ALA A 91 3.57 -12.10 28.20
N LEU A 92 3.37 -12.32 26.93
CA LEU A 92 4.41 -13.02 26.13
C LEU A 92 5.76 -12.33 26.34
N ILE A 93 5.84 -11.06 26.10
CA ILE A 93 7.13 -10.34 26.31
C ILE A 93 7.72 -10.71 27.68
N LYS A 94 6.89 -10.79 28.70
CA LYS A 94 7.41 -11.12 30.07
C LYS A 94 7.51 -12.63 30.30
N ASP A 95 6.62 -13.41 29.73
CA ASP A 95 6.65 -14.88 30.00
C ASP A 95 7.73 -15.60 29.18
N LYS A 96 7.85 -15.29 27.91
CA LYS A 96 8.89 -15.98 27.08
C LYS A 96 10.05 -15.02 26.82
N HIS A 97 10.12 -13.95 27.56
CA HIS A 97 11.22 -12.97 27.35
C HIS A 97 11.39 -12.68 25.86
N MET A 98 10.32 -12.28 25.21
CA MET A 98 10.40 -11.99 23.74
C MET A 98 10.47 -10.47 23.53
N THR A 99 11.04 -10.05 22.45
CA THR A 99 11.15 -8.59 22.18
C THR A 99 9.78 -8.07 21.70
N ALA A 100 9.65 -6.79 21.58
CA ALA A 100 8.35 -6.22 21.13
C ALA A 100 8.17 -6.48 19.63
N ASP A 101 9.25 -6.58 18.89
CA ASP A 101 9.12 -6.86 17.44
C ASP A 101 8.76 -8.33 17.27
N ALA A 102 9.44 -9.18 17.98
CA ALA A 102 9.16 -10.64 17.88
C ALA A 102 7.80 -10.95 18.51
N ALA A 103 7.58 -10.54 19.73
CA ALA A 103 6.29 -10.84 20.40
C ALA A 103 5.14 -10.25 19.58
N ALA A 104 5.25 -9.01 19.20
CA ALA A 104 4.15 -8.38 18.40
C ALA A 104 3.90 -9.20 17.14
N HIS A 105 4.91 -9.77 16.56
CA HIS A 105 4.68 -10.59 15.34
C HIS A 105 3.92 -11.87 15.70
N GLU A 106 4.16 -12.40 16.86
CA GLU A 106 3.46 -13.65 17.28
C GLU A 106 1.94 -13.46 17.16
N VAL A 107 1.40 -12.53 17.87
CA VAL A 107 -0.08 -12.32 17.80
C VAL A 107 -0.51 -12.19 16.34
N ILE A 108 0.16 -11.38 15.59
CA ILE A 108 -0.18 -11.21 14.16
C ILE A 108 -0.02 -12.56 13.44
N GLU A 109 0.74 -13.46 14.00
CA GLU A 109 0.92 -14.79 13.34
C GLU A 109 -0.38 -15.60 13.44
N GLY A 110 -1.07 -15.50 14.54
CA GLY A 110 -2.35 -16.27 14.66
C GLY A 110 -3.56 -15.50 14.10
N GLN A 111 -3.51 -14.20 14.03
CA GLN A 111 -4.70 -13.48 13.50
C GLN A 111 -4.86 -13.81 12.03
N ALA A 112 -3.82 -13.64 11.27
CA ALA A 112 -3.88 -13.94 9.82
C ALA A 112 -4.13 -15.44 9.62
N SER A 113 -3.32 -16.27 10.23
CA SER A 113 -3.51 -17.74 10.06
C SER A 113 -4.88 -18.16 10.60
N ALA A 114 -5.37 -17.49 11.62
CA ALA A 114 -6.70 -17.89 12.16
C ALA A 114 -7.79 -17.68 11.12
N LEU A 115 -7.77 -16.59 10.41
CA LEU A 115 -8.83 -16.40 9.38
C LEU A 115 -8.65 -17.43 8.26
N GLU A 116 -7.47 -17.95 8.10
CA GLU A 116 -7.27 -18.96 7.01
C GLU A 116 -8.02 -20.24 7.37
N GLU A 117 -8.28 -20.45 8.62
CA GLU A 117 -9.00 -21.67 9.04
C GLU A 117 -10.51 -21.44 8.89
N LEU A 118 -10.89 -20.22 8.60
CA LEU A 118 -12.34 -19.91 8.42
C LEU A 118 -12.72 -20.23 6.97
N ASP A 119 -13.94 -20.64 6.75
CA ASP A 119 -14.38 -21.00 5.37
C ASP A 119 -15.14 -19.82 4.76
N ASP A 120 -14.52 -18.69 4.60
CA ASP A 120 -15.23 -17.52 4.01
C ASP A 120 -14.23 -16.60 3.31
N GLU A 121 -14.37 -16.42 2.02
CA GLU A 121 -13.44 -15.53 1.28
C GLU A 121 -13.56 -14.10 1.82
N TYR A 122 -14.58 -13.84 2.59
CA TYR A 122 -14.76 -12.48 3.16
C TYR A 122 -13.82 -12.30 4.35
N LEU A 123 -13.96 -13.10 5.37
CA LEU A 123 -13.08 -12.97 6.56
C LEU A 123 -11.63 -13.24 6.16
N LYS A 124 -11.40 -14.06 5.17
CA LYS A 124 -9.99 -14.33 4.74
C LYS A 124 -9.41 -13.04 4.18
N GLU A 125 -10.15 -12.39 3.31
CA GLU A 125 -9.64 -11.12 2.74
C GLU A 125 -9.37 -10.16 3.89
N ARG A 126 -10.03 -10.35 5.00
CA ARG A 126 -9.77 -9.47 6.17
C ARG A 126 -8.39 -9.87 6.71
N ALA A 127 -7.99 -11.09 6.45
CA ALA A 127 -6.66 -11.57 6.94
C ALA A 127 -5.58 -10.69 6.33
N ALA A 128 -5.66 -10.43 5.06
CA ALA A 128 -4.64 -9.58 4.40
C ALA A 128 -4.75 -8.15 4.94
N ASP A 129 -5.95 -7.71 5.22
CA ASP A 129 -6.12 -6.33 5.76
C ASP A 129 -5.57 -6.28 7.18
N VAL A 130 -5.73 -7.33 7.93
CA VAL A 130 -5.20 -7.35 9.32
C VAL A 130 -3.68 -7.51 9.24
N ARG A 131 -3.22 -8.38 8.40
CA ARG A 131 -1.75 -8.57 8.27
C ARG A 131 -1.11 -7.21 7.98
N ASP A 132 -1.74 -6.41 7.17
CA ASP A 132 -1.18 -5.07 6.85
C ASP A 132 -1.04 -4.26 8.13
N ILE A 133 -1.95 -4.41 9.05
CA ILE A 133 -1.86 -3.63 10.32
C ILE A 133 -0.62 -4.07 11.10
N GLY A 134 -0.17 -5.28 10.88
CA GLY A 134 1.05 -5.77 11.59
C GLY A 134 2.30 -5.15 10.96
N LYS A 135 2.40 -5.25 9.66
CA LYS A 135 3.60 -4.68 8.96
C LYS A 135 3.82 -3.23 9.39
N ARG A 136 2.79 -2.43 9.40
CA ARG A 136 2.98 -1.02 9.84
C ARG A 136 3.37 -0.99 11.31
N LEU A 137 2.69 -1.76 12.11
CA LEU A 137 3.01 -1.80 13.57
C LEU A 137 4.50 -2.14 13.76
N LEU A 138 5.07 -2.93 12.90
CA LEU A 138 6.51 -3.29 13.06
C LEU A 138 7.38 -2.12 12.60
N ARG A 139 7.22 -1.67 11.39
CA ARG A 139 8.05 -0.55 10.88
C ARG A 139 8.10 0.58 11.92
N ASN A 140 7.19 0.57 12.86
CA ASN A 140 7.17 1.64 13.91
C ASN A 140 8.12 1.25 15.05
N ILE A 141 8.18 0.00 15.38
CA ILE A 141 9.08 -0.45 16.49
C ILE A 141 10.54 -0.39 16.02
N LEU A 142 10.79 -0.80 14.81
CA LEU A 142 12.19 -0.77 14.29
C LEU A 142 12.46 0.62 13.69
N GLY A 143 11.51 1.50 13.78
CA GLY A 143 11.70 2.86 13.21
C GLY A 143 12.14 2.72 11.77
N LEU A 144 11.88 1.57 11.19
CA LEU A 144 12.29 1.35 9.78
C LEU A 144 11.72 2.47 8.90
N LYS A 145 12.23 2.64 7.72
CA LYS A 145 11.72 3.72 6.83
C LYS A 145 10.29 3.41 6.39
N ILE A 146 9.47 4.42 6.26
CA ILE A 146 8.05 4.22 5.82
C ILE A 146 7.87 4.82 4.43
N ILE A 147 7.17 4.14 3.56
CA ILE A 147 6.96 4.70 2.19
C ILE A 147 5.86 5.77 2.26
N ASP A 148 6.25 7.02 2.30
CA ASP A 148 5.23 8.12 2.37
C ASP A 148 5.03 8.71 0.97
N LEU A 149 4.07 8.22 0.23
CA LEU A 149 3.83 8.77 -1.13
C LEU A 149 3.03 10.08 -1.01
N SER A 150 2.55 10.38 0.16
CA SER A 150 1.78 11.65 0.35
C SER A 150 2.77 12.81 0.48
N ALA A 151 3.86 12.74 -0.24
CA ALA A 151 4.88 13.84 -0.18
C ALA A 151 5.48 14.07 -1.56
N ILE A 152 4.81 13.61 -2.59
CA ILE A 152 5.33 13.78 -3.97
C ILE A 152 5.19 15.25 -4.41
N GLN A 153 6.06 15.70 -5.26
CA GLN A 153 6.00 17.11 -5.76
C GLN A 153 6.46 17.13 -7.21
N ASP A 154 6.58 15.98 -7.81
CA ASP A 154 7.01 15.88 -9.24
C ASP A 154 5.97 15.08 -10.00
N GLU A 155 5.44 15.63 -11.06
CA GLU A 155 4.42 14.89 -11.84
C GLU A 155 5.04 13.62 -12.42
N VAL A 156 4.57 12.47 -11.99
CA VAL A 156 5.13 11.19 -12.51
C VAL A 156 4.03 10.13 -12.56
N ILE A 157 4.37 8.96 -13.03
CA ILE A 157 3.39 7.85 -13.09
C ILE A 157 3.53 7.02 -11.82
N LEU A 158 2.47 6.37 -11.40
CA LEU A 158 2.56 5.52 -10.16
C LEU A 158 2.70 4.07 -10.57
N VAL A 159 3.81 3.48 -10.24
CA VAL A 159 4.07 2.05 -10.59
C VAL A 159 4.34 1.26 -9.31
N ALA A 160 3.65 0.18 -9.12
CA ALA A 160 3.87 -0.64 -7.89
C ALA A 160 3.26 -2.03 -8.10
N ALA A 161 3.81 -3.03 -7.48
CA ALA A 161 3.23 -4.38 -7.67
C ALA A 161 1.75 -4.32 -7.28
N ASP A 162 1.44 -3.53 -6.28
CA ASP A 162 0.03 -3.38 -5.84
C ASP A 162 -0.05 -2.32 -4.75
N LEU A 163 -1.21 -1.72 -4.56
CA LEU A 163 -1.37 -0.66 -3.53
C LEU A 163 -2.51 -1.04 -2.57
N THR A 164 -2.27 -0.91 -1.29
CA THR A 164 -3.33 -1.26 -0.29
C THR A 164 -4.13 0.01 0.06
N PRO A 165 -5.37 -0.12 0.46
CA PRO A 165 -6.22 1.04 0.82
C PRO A 165 -5.42 2.16 1.49
N SER A 166 -4.68 1.84 2.52
CA SER A 166 -3.88 2.89 3.20
C SER A 166 -3.04 3.64 2.15
N GLU A 167 -2.34 2.91 1.33
CA GLU A 167 -1.51 3.56 0.28
C GLU A 167 -2.39 4.39 -0.66
N THR A 168 -3.59 3.93 -0.93
CA THR A 168 -4.49 4.69 -1.84
C THR A 168 -5.15 5.82 -1.05
N ALA A 169 -5.34 5.64 0.22
CA ALA A 169 -5.99 6.70 1.04
C ALA A 169 -4.99 7.84 1.31
N GLN A 170 -3.72 7.59 1.15
CA GLN A 170 -2.70 8.67 1.39
C GLN A 170 -2.14 9.15 0.06
N LEU A 171 -2.37 8.42 -1.00
CA LEU A 171 -1.85 8.87 -2.32
C LEU A 171 -2.38 10.28 -2.59
N ASN A 172 -1.53 11.17 -3.05
CA ASN A 172 -1.99 12.58 -3.30
C ASN A 172 -2.30 12.77 -4.78
N LEU A 173 -3.55 12.67 -5.14
CA LEU A 173 -3.94 12.83 -6.56
C LEU A 173 -3.91 14.31 -6.95
N LYS A 174 -2.86 15.01 -6.54
CA LYS A 174 -2.74 16.45 -6.89
C LYS A 174 -1.67 16.61 -7.97
N LYS A 175 -0.75 15.67 -8.03
CA LYS A 175 0.33 15.73 -9.06
C LYS A 175 0.47 14.38 -9.76
N VAL A 176 -0.38 13.43 -9.46
CA VAL A 176 -0.27 12.10 -10.12
C VAL A 176 -0.88 12.20 -11.52
N LEU A 177 -0.45 11.34 -12.43
CA LEU A 177 -0.99 11.37 -13.83
C LEU A 177 -1.83 10.12 -14.10
N GLY A 178 -1.43 9.00 -13.58
CA GLY A 178 -2.21 7.75 -13.82
C GLY A 178 -1.76 6.69 -12.82
N PHE A 179 -2.31 5.49 -12.90
CA PHE A 179 -1.91 4.40 -11.95
C PHE A 179 -1.65 3.12 -12.73
N ILE A 180 -0.50 2.54 -12.51
CA ILE A 180 -0.13 1.26 -13.18
C ILE A 180 0.28 0.28 -12.08
N THR A 181 -0.43 -0.81 -11.95
CA THR A 181 -0.10 -1.80 -10.87
C THR A 181 -0.25 -3.24 -11.38
N ASP A 182 0.50 -4.14 -10.80
CA ASP A 182 0.41 -5.57 -11.20
C ASP A 182 -0.63 -6.28 -10.34
N ALA A 183 -1.75 -5.66 -10.10
CA ALA A 183 -2.78 -6.30 -9.23
C ALA A 183 -3.77 -7.11 -10.07
N GLY A 184 -4.97 -7.27 -9.58
CA GLY A 184 -6.00 -8.05 -10.33
C GLY A 184 -6.82 -7.12 -11.22
N GLY A 185 -8.09 -6.99 -10.93
CA GLY A 185 -8.98 -6.10 -11.72
C GLY A 185 -10.42 -6.51 -11.46
N ARG A 186 -10.67 -7.79 -11.30
CA ARG A 186 -12.06 -8.25 -11.02
C ARG A 186 -12.45 -7.82 -9.61
N THR A 187 -11.54 -7.90 -8.68
CA THR A 187 -11.83 -7.50 -7.27
C THR A 187 -10.64 -6.71 -6.71
N SER A 188 -9.89 -6.08 -7.57
CA SER A 188 -8.71 -5.30 -7.09
C SER A 188 -9.16 -3.90 -6.66
N HIS A 189 -8.78 -3.48 -5.49
CA HIS A 189 -9.19 -2.13 -4.99
C HIS A 189 -8.73 -1.06 -5.98
N THR A 190 -7.50 -1.09 -6.41
CA THR A 190 -7.01 -0.05 -7.36
C THR A 190 -8.03 0.14 -8.48
N SER A 191 -8.62 -0.92 -8.94
CA SER A 191 -9.64 -0.79 -10.01
C SER A 191 -10.80 0.07 -9.51
N ILE A 192 -11.27 -0.19 -8.31
CA ILE A 192 -12.39 0.63 -7.77
C ILE A 192 -12.07 2.11 -7.94
N MET A 193 -10.82 2.48 -7.86
CA MET A 193 -10.46 3.91 -8.03
C MET A 193 -10.59 4.24 -9.51
N ALA A 194 -9.76 3.64 -10.30
CA ALA A 194 -9.79 3.87 -11.75
C ALA A 194 -11.23 3.72 -12.28
N ARG A 195 -12.03 2.90 -11.64
CA ARG A 195 -13.43 2.71 -12.13
C ARG A 195 -14.32 3.86 -11.67
N SER A 196 -14.34 4.16 -10.39
CA SER A 196 -15.21 5.27 -9.90
C SER A 196 -14.63 6.62 -10.37
N LEU A 197 -13.33 6.72 -10.45
CA LEU A 197 -12.71 8.00 -10.90
C LEU A 197 -12.54 7.98 -12.43
N GLU A 198 -12.93 6.90 -13.05
CA GLU A 198 -12.83 6.80 -14.54
C GLU A 198 -11.45 7.28 -15.03
N LEU A 199 -10.51 7.48 -14.16
CA LEU A 199 -9.16 7.93 -14.62
C LEU A 199 -8.48 6.80 -15.40
N PRO A 200 -7.70 7.12 -16.42
CA PRO A 200 -6.98 6.08 -17.23
C PRO A 200 -6.09 5.21 -16.34
N ALA A 201 -6.14 3.91 -16.46
CA ALA A 201 -5.26 3.09 -15.58
C ALA A 201 -5.19 1.64 -16.08
N ILE A 202 -4.33 0.87 -15.46
CA ILE A 202 -4.14 -0.57 -15.83
C ILE A 202 -3.87 -1.33 -14.52
N VAL A 203 -4.08 -2.62 -14.47
CA VAL A 203 -3.86 -3.36 -13.18
C VAL A 203 -3.25 -4.75 -13.43
N GLY A 204 -3.60 -5.37 -14.52
CA GLY A 204 -3.07 -6.74 -14.80
C GLY A 204 -1.71 -6.64 -15.47
N THR A 205 -0.90 -5.69 -15.10
CA THR A 205 0.43 -5.56 -15.74
C THR A 205 1.26 -6.80 -15.38
N GLY A 206 1.03 -7.33 -14.22
CA GLY A 206 1.78 -8.56 -13.81
C GLY A 206 3.26 -8.25 -13.52
N SER A 207 4.10 -8.37 -14.51
CA SER A 207 5.58 -8.17 -14.29
C SER A 207 6.13 -6.90 -14.97
N VAL A 208 5.41 -5.81 -14.93
CA VAL A 208 5.97 -4.57 -15.54
C VAL A 208 7.01 -4.00 -14.57
N THR A 209 6.83 -4.26 -13.29
CA THR A 209 7.80 -3.74 -12.29
C THR A 209 9.14 -4.45 -12.49
N SER A 210 9.16 -5.46 -13.31
CA SER A 210 10.43 -6.21 -13.57
C SER A 210 10.95 -5.80 -14.95
N GLN A 211 10.34 -4.81 -15.53
CA GLN A 211 10.77 -4.32 -16.88
C GLN A 211 10.83 -2.80 -16.85
N VAL A 212 10.55 -2.21 -15.71
CA VAL A 212 10.58 -0.72 -15.58
C VAL A 212 11.59 -0.33 -14.49
N LYS A 213 12.16 0.84 -14.61
CA LYS A 213 13.13 1.33 -13.58
C LYS A 213 12.70 2.75 -13.23
N ASN A 214 13.15 3.28 -12.13
CA ASN A 214 12.74 4.66 -11.76
C ASN A 214 13.24 5.67 -12.79
N ASP A 215 12.48 6.71 -13.02
CA ASP A 215 12.89 7.77 -13.98
C ASP A 215 12.60 7.32 -15.42
N ASP A 216 12.47 6.05 -15.65
CA ASP A 216 12.17 5.60 -17.03
C ASP A 216 10.88 6.27 -17.49
N TYR A 217 10.90 6.94 -18.61
CA TYR A 217 9.65 7.62 -19.09
C TYR A 217 8.82 6.63 -19.90
N LEU A 218 7.63 6.38 -19.43
CA LEU A 218 6.71 5.45 -20.13
C LEU A 218 5.51 6.24 -20.63
N ILE A 219 5.09 5.96 -21.83
CA ILE A 219 3.91 6.67 -22.41
C ILE A 219 2.73 5.71 -22.39
N LEU A 220 1.73 6.03 -21.65
CA LEU A 220 0.55 5.13 -21.56
C LEU A 220 -0.36 5.42 -22.75
N ASP A 221 -0.76 4.39 -23.46
CA ASP A 221 -1.65 4.61 -24.65
C ASP A 221 -3.09 4.36 -24.24
N ALA A 222 -3.31 3.35 -23.43
CA ALA A 222 -4.69 3.01 -22.97
C ALA A 222 -5.69 3.19 -24.11
N VAL A 223 -5.22 3.03 -25.33
CA VAL A 223 -6.12 3.15 -26.52
C VAL A 223 -6.08 1.79 -27.23
N ASN A 224 -4.88 1.26 -27.39
CA ASN A 224 -4.72 -0.08 -28.01
C ASN A 224 -4.41 -1.08 -26.89
N ASN A 225 -4.69 -0.69 -25.67
CA ASN A 225 -4.39 -1.56 -24.51
C ASN A 225 -2.91 -1.94 -24.54
N GLN A 226 -2.04 -0.96 -24.62
CA GLN A 226 -0.59 -1.26 -24.68
C GLN A 226 0.24 -0.08 -24.15
N VAL A 227 1.33 -0.37 -23.51
CA VAL A 227 2.23 0.69 -22.96
C VAL A 227 3.46 0.80 -23.86
N TYR A 228 4.20 1.87 -23.76
CA TYR A 228 5.42 2.04 -24.61
C TYR A 228 6.61 2.42 -23.71
N VAL A 229 7.67 1.65 -23.75
CA VAL A 229 8.86 1.94 -22.88
C VAL A 229 9.98 2.57 -23.70
N ASN A 230 10.32 3.80 -23.40
CA ASN A 230 11.43 4.49 -24.16
C ASN A 230 11.17 4.44 -25.66
N PRO A 231 10.01 4.85 -26.10
CA PRO A 231 9.67 4.86 -27.55
C PRO A 231 10.55 5.86 -28.33
N THR A 232 10.67 5.69 -29.62
CA THR A 232 11.52 6.64 -30.41
C THR A 232 10.82 7.99 -30.49
N ASN A 233 11.56 9.05 -30.37
CA ASN A 233 10.92 10.40 -30.44
C ASN A 233 10.10 10.51 -31.72
N GLU A 234 10.33 9.64 -32.67
CA GLU A 234 9.54 9.69 -33.94
C GLU A 234 8.08 9.31 -33.63
N VAL A 235 7.90 8.35 -32.78
CA VAL A 235 6.51 7.91 -32.43
C VAL A 235 5.92 8.90 -31.42
N ILE A 236 6.75 9.42 -30.55
CA ILE A 236 6.25 10.40 -29.53
C ILE A 236 5.75 11.66 -30.24
N ASP A 237 6.58 12.26 -31.04
CA ASP A 237 6.17 13.50 -31.77
C ASP A 237 4.87 13.24 -32.52
N LYS A 238 4.75 12.09 -33.13
CA LYS A 238 3.51 11.77 -33.89
C LYS A 238 2.32 11.64 -32.93
N MET A 239 2.52 11.02 -31.81
CA MET A 239 1.38 10.86 -30.85
C MET A 239 1.19 12.16 -30.06
N ARG A 240 2.22 12.94 -29.91
CA ARG A 240 2.08 14.21 -29.15
C ARG A 240 1.05 15.11 -29.83
N ALA A 241 1.05 15.16 -31.14
CA ALA A 241 0.09 16.01 -31.85
C ALA A 241 -1.31 15.40 -31.81
N VAL A 242 -1.45 14.21 -32.34
CA VAL A 242 -2.79 13.55 -32.35
C VAL A 242 -3.45 13.65 -30.97
N GLN A 243 -2.85 13.07 -29.97
CA GLN A 243 -3.46 13.12 -28.60
C GLN A 243 -3.91 14.55 -28.29
N GLU A 244 -3.00 15.47 -28.31
CA GLU A 244 -3.37 16.87 -28.01
C GLU A 244 -4.35 17.39 -29.06
N GLN A 245 -4.37 16.79 -30.21
CA GLN A 245 -5.35 17.26 -31.23
C GLN A 245 -6.74 16.86 -30.75
N VAL A 246 -6.81 15.81 -29.97
CA VAL A 246 -8.14 15.35 -29.47
C VAL A 246 -8.68 16.39 -28.49
N ALA A 247 -7.87 16.86 -27.59
CA ALA A 247 -8.36 17.88 -26.60
C ALA A 247 -8.62 19.20 -27.35
N SER A 248 -7.80 19.51 -28.31
CA SER A 248 -7.99 20.78 -29.08
C SER A 248 -9.10 20.63 -30.12
N GLU A 249 -9.29 19.45 -30.63
CA GLU A 249 -10.35 19.26 -31.66
C GLU A 249 -11.73 19.44 -31.02
N MET A 1 4.55 -4.77 -24.85
CA MET A 1 3.29 -5.55 -24.85
C MET A 1 2.51 -5.27 -23.56
N ILE A 2 2.80 -5.99 -22.51
CA ILE A 2 2.08 -5.76 -21.22
C ILE A 2 0.57 -5.67 -21.47
N SER A 3 -0.10 -6.79 -21.55
CA SER A 3 -1.58 -6.77 -21.78
C SER A 3 -2.30 -6.85 -20.42
N GLY A 4 -2.98 -5.81 -20.04
CA GLY A 4 -3.71 -5.81 -18.73
C GLY A 4 -5.22 -5.90 -19.00
N ILE A 5 -6.02 -5.55 -18.03
CA ILE A 5 -7.50 -5.62 -18.22
C ILE A 5 -8.01 -4.24 -18.62
N LEU A 6 -7.18 -3.24 -18.58
CA LEU A 6 -7.63 -1.87 -18.97
C LEU A 6 -8.77 -1.44 -18.04
N ALA A 7 -8.53 -0.55 -17.11
CA ALA A 7 -9.62 -0.11 -16.20
C ALA A 7 -10.36 1.04 -16.86
N SER A 8 -9.65 1.99 -17.39
CA SER A 8 -10.31 3.15 -18.05
C SER A 8 -9.40 3.68 -19.17
N PRO A 9 -9.94 4.11 -20.29
CA PRO A 9 -9.12 4.62 -21.43
C PRO A 9 -8.60 6.06 -21.23
N GLY A 10 -7.52 6.39 -21.89
CA GLY A 10 -6.96 7.77 -21.77
C GLY A 10 -5.50 7.75 -22.24
N ILE A 11 -4.78 8.84 -22.08
CA ILE A 11 -3.35 8.87 -22.52
C ILE A 11 -2.55 9.82 -21.61
N ALA A 12 -1.52 9.31 -20.96
CA ALA A 12 -0.72 10.18 -20.05
C ALA A 12 0.77 9.81 -20.13
N PHE A 13 1.65 10.74 -19.83
CA PHE A 13 3.11 10.47 -19.86
C PHE A 13 3.68 10.71 -18.45
N GLY A 14 4.67 9.95 -18.03
CA GLY A 14 5.22 10.19 -16.66
C GLY A 14 6.30 9.16 -16.31
N LYS A 15 7.13 9.48 -15.35
CA LYS A 15 8.21 8.53 -14.94
C LYS A 15 7.63 7.44 -14.05
N ALA A 16 8.24 6.28 -14.02
CA ALA A 16 7.71 5.16 -13.19
C ALA A 16 8.09 5.35 -11.72
N LEU A 17 7.12 5.42 -10.85
CA LEU A 17 7.41 5.58 -9.40
C LEU A 17 7.24 4.20 -8.74
N LEU A 18 8.30 3.43 -8.62
CA LEU A 18 8.16 2.06 -8.04
C LEU A 18 8.20 2.10 -6.52
N LEU A 19 7.22 1.51 -5.92
CA LEU A 19 7.11 1.47 -4.43
C LEU A 19 7.72 0.16 -3.91
N LYS A 20 8.98 0.18 -3.57
CA LYS A 20 9.65 -1.06 -3.06
C LYS A 20 9.56 -1.11 -1.53
N GLU A 21 9.69 -2.27 -0.94
CA GLU A 21 9.62 -2.40 0.54
C GLU A 21 10.82 -3.23 1.01
N ASP A 22 11.48 -2.81 2.05
CA ASP A 22 12.66 -3.58 2.54
C ASP A 22 12.18 -4.79 3.36
N GLU A 23 12.77 -5.92 3.14
CA GLU A 23 12.36 -7.14 3.89
C GLU A 23 12.68 -6.96 5.38
N ILE A 24 11.75 -7.27 6.23
CA ILE A 24 11.98 -7.12 7.70
C ILE A 24 12.54 -8.41 8.28
N VAL A 25 13.54 -8.32 9.12
CA VAL A 25 14.14 -9.54 9.73
C VAL A 25 13.71 -9.64 11.19
N ILE A 26 13.00 -10.68 11.55
CA ILE A 26 12.55 -10.84 12.96
C ILE A 26 13.64 -11.54 13.77
N ASP A 27 13.97 -11.02 14.92
CA ASP A 27 15.03 -11.65 15.75
C ASP A 27 14.40 -12.68 16.70
N ARG A 28 14.85 -13.91 16.63
CA ARG A 28 14.29 -14.96 17.53
C ARG A 28 15.20 -15.11 18.75
N LYS A 29 15.90 -14.06 19.10
CA LYS A 29 16.83 -14.13 20.27
C LYS A 29 16.10 -13.70 21.55
N LYS A 30 16.40 -14.35 22.65
CA LYS A 30 15.74 -13.99 23.94
C LYS A 30 16.56 -12.89 24.61
N ILE A 31 15.92 -11.81 25.01
CA ILE A 31 16.67 -10.70 25.66
C ILE A 31 16.67 -10.88 27.18
N SER A 32 17.43 -10.05 27.86
CA SER A 32 17.50 -10.13 29.36
C SER A 32 16.58 -9.05 29.93
N ALA A 33 16.18 -9.18 31.17
CA ALA A 33 15.29 -8.15 31.77
C ALA A 33 15.98 -6.79 31.71
N ASP A 34 17.23 -6.76 31.32
CA ASP A 34 17.96 -5.46 31.26
C ASP A 34 17.65 -4.73 29.95
N GLN A 35 16.98 -5.38 29.01
CA GLN A 35 16.64 -4.71 27.71
C GLN A 35 15.11 -4.70 27.53
N VAL A 36 14.40 -5.50 28.26
CA VAL A 36 12.91 -5.52 28.12
C VAL A 36 12.35 -4.10 28.27
N ASP A 37 12.93 -3.33 29.15
CA ASP A 37 12.45 -1.93 29.35
C ASP A 37 12.42 -1.18 28.02
N GLN A 38 13.41 -1.37 27.20
CA GLN A 38 13.45 -0.65 25.89
C GLN A 38 12.37 -1.18 24.95
N GLU A 39 12.16 -2.46 24.91
CA GLU A 39 11.13 -3.02 24.00
C GLU A 39 9.76 -2.44 24.34
N VAL A 40 9.42 -2.41 25.61
CA VAL A 40 8.09 -1.85 26.00
C VAL A 40 7.99 -0.40 25.53
N GLU A 41 9.02 0.37 25.74
CA GLU A 41 8.99 1.79 25.31
C GLU A 41 8.79 1.83 23.78
N ARG A 42 9.41 0.92 23.10
CA ARG A 42 9.26 0.87 21.61
C ARG A 42 7.83 0.46 21.26
N PHE A 43 7.22 -0.34 22.08
CA PHE A 43 5.83 -0.79 21.80
C PHE A 43 4.84 0.24 22.34
N LEU A 44 4.99 0.63 23.58
CA LEU A 44 4.06 1.64 24.15
C LEU A 44 4.22 2.96 23.38
N SER A 45 5.40 3.52 23.39
CA SER A 45 5.61 4.80 22.67
C SER A 45 5.36 4.57 21.18
N GLY A 46 5.76 3.44 20.66
CA GLY A 46 5.49 3.17 19.22
C GLY A 46 3.99 3.31 19.00
N ARG A 47 3.22 2.60 19.77
CA ARG A 47 1.73 2.70 19.66
C ARG A 47 1.35 4.18 19.57
N ALA A 48 2.12 5.03 20.22
CA ALA A 48 1.82 6.48 20.17
C ALA A 48 1.90 6.95 18.72
N LYS A 49 2.79 6.35 17.98
CA LYS A 49 2.94 6.73 16.54
C LYS A 49 1.94 5.94 15.70
N ALA A 50 2.01 4.64 15.76
CA ALA A 50 1.06 3.81 14.95
C ALA A 50 -0.39 4.24 15.25
N SER A 51 -0.69 4.54 16.48
CA SER A 51 -2.07 4.98 16.82
C SER A 51 -2.34 6.31 16.15
N ALA A 52 -1.36 7.17 16.16
CA ALA A 52 -1.52 8.50 15.54
C ALA A 52 -1.49 8.38 14.01
N GLN A 53 -0.70 7.47 13.49
CA GLN A 53 -0.62 7.31 12.02
C GLN A 53 -1.96 6.82 11.46
N LEU A 54 -2.36 5.62 11.78
CA LEU A 54 -3.66 5.12 11.26
C LEU A 54 -4.74 6.16 11.53
N GLU A 55 -4.64 6.86 12.62
CA GLU A 55 -5.65 7.90 12.94
C GLU A 55 -5.56 9.02 11.89
N THR A 56 -4.38 9.46 11.59
CA THR A 56 -4.23 10.56 10.58
C THR A 56 -4.76 10.09 9.22
N ILE A 57 -4.54 8.84 8.88
CA ILE A 57 -5.04 8.35 7.56
C ILE A 57 -6.57 8.28 7.62
N LYS A 58 -7.11 7.97 8.77
CA LYS A 58 -8.59 7.88 8.92
C LYS A 58 -9.24 9.17 8.42
N THR A 59 -8.70 10.30 8.81
CA THR A 59 -9.31 11.58 8.40
C THR A 59 -9.07 11.81 6.91
N LYS A 60 -7.95 11.40 6.39
CA LYS A 60 -7.72 11.61 4.95
C LYS A 60 -8.66 10.70 4.19
N ALA A 61 -9.06 9.62 4.80
CA ALA A 61 -10.00 8.70 4.12
C ALA A 61 -11.39 9.36 4.10
N GLY A 62 -11.71 10.11 5.13
CA GLY A 62 -13.03 10.78 5.17
C GLY A 62 -12.97 12.11 4.42
N GLU A 63 -11.83 12.73 4.37
CA GLU A 63 -11.71 14.01 3.65
C GLU A 63 -11.43 13.72 2.17
N THR A 64 -11.10 12.50 1.85
CA THR A 64 -10.81 12.13 0.43
C THR A 64 -12.04 11.48 -0.21
N PHE A 65 -12.61 10.48 0.42
CA PHE A 65 -13.80 9.77 -0.18
C PHE A 65 -15.08 10.16 0.56
N GLY A 66 -14.97 10.73 1.75
CA GLY A 66 -16.19 11.13 2.52
C GLY A 66 -16.24 10.42 3.88
N GLU A 67 -16.70 11.08 4.90
CA GLU A 67 -16.76 10.45 6.25
C GLU A 67 -17.41 9.07 6.17
N GLU A 68 -17.97 8.74 5.04
CA GLU A 68 -18.64 7.41 4.89
C GLU A 68 -17.61 6.28 5.05
N LYS A 69 -16.39 6.50 4.66
CA LYS A 69 -15.37 5.42 4.78
C LYS A 69 -14.67 5.48 6.14
N GLU A 70 -14.94 6.46 6.94
CA GLU A 70 -14.27 6.54 8.27
C GLU A 70 -14.71 5.35 9.14
N ALA A 71 -15.92 4.88 8.96
CA ALA A 71 -16.40 3.74 9.78
C ALA A 71 -15.55 2.51 9.50
N ILE A 72 -15.04 2.40 8.29
CA ILE A 72 -14.20 1.21 7.94
C ILE A 72 -12.84 1.32 8.62
N PHE A 73 -12.24 2.48 8.59
CA PHE A 73 -10.91 2.65 9.23
C PHE A 73 -11.10 2.78 10.75
N GLU A 74 -12.28 3.15 11.18
CA GLU A 74 -12.52 3.29 12.64
C GLU A 74 -12.40 1.91 13.30
N GLY A 75 -12.91 0.89 12.66
CA GLY A 75 -12.80 -0.47 13.24
C GLY A 75 -11.35 -0.94 13.12
N HIS A 76 -10.66 -0.51 12.11
CA HIS A 76 -9.23 -0.92 11.94
C HIS A 76 -8.40 -0.43 13.10
N ILE A 77 -8.83 0.60 13.79
CA ILE A 77 -8.05 1.10 14.96
C ILE A 77 -8.42 0.28 16.19
N MET A 78 -9.66 -0.11 16.29
CA MET A 78 -10.08 -0.92 17.47
C MET A 78 -9.21 -2.19 17.51
N LEU A 79 -8.94 -2.76 16.37
CA LEU A 79 -8.09 -3.97 16.33
C LEU A 79 -6.67 -3.60 16.77
N LEU A 80 -6.21 -2.45 16.37
CA LEU A 80 -4.85 -2.02 16.76
C LEU A 80 -4.86 -1.59 18.23
N GLU A 81 -5.85 -0.84 18.63
CA GLU A 81 -5.92 -0.38 20.04
C GLU A 81 -6.59 -1.43 20.93
N ASP A 82 -6.93 -2.57 20.38
CA ASP A 82 -7.58 -3.64 21.20
C ASP A 82 -6.82 -3.78 22.53
N GLU A 83 -7.46 -3.46 23.61
CA GLU A 83 -6.78 -3.56 24.93
C GLU A 83 -6.43 -5.02 25.21
N GLU A 84 -7.15 -5.93 24.60
CA GLU A 84 -6.87 -7.36 24.85
C GLU A 84 -5.60 -7.77 24.10
N LEU A 85 -5.48 -7.41 22.86
CA LEU A 85 -4.24 -7.78 22.11
C LEU A 85 -3.04 -7.07 22.72
N GLU A 86 -3.27 -6.00 23.42
CA GLU A 86 -2.14 -5.24 24.03
C GLU A 86 -1.57 -5.99 25.24
N GLN A 87 -2.39 -6.35 26.17
CA GLN A 87 -1.88 -7.06 27.39
C GLN A 87 -1.25 -8.40 27.01
N GLU A 88 -1.71 -9.01 25.94
CA GLU A 88 -1.12 -10.32 25.53
C GLU A 88 0.25 -10.06 24.91
N ILE A 89 0.36 -9.04 24.10
CA ILE A 89 1.68 -8.70 23.49
C ILE A 89 2.66 -8.40 24.63
N ILE A 90 2.33 -7.44 25.45
CA ILE A 90 3.21 -7.06 26.60
C ILE A 90 3.61 -8.32 27.38
N ALA A 91 2.66 -9.11 27.80
CA ALA A 91 2.98 -10.33 28.59
C ALA A 91 4.08 -11.13 27.88
N LEU A 92 3.81 -11.61 26.70
CA LEU A 92 4.81 -12.43 25.96
C LEU A 92 6.19 -11.77 26.05
N ILE A 93 6.27 -10.50 25.77
CA ILE A 93 7.58 -9.81 25.83
C ILE A 93 8.22 -10.01 27.21
N LYS A 94 7.44 -9.94 28.26
CA LYS A 94 8.02 -10.10 29.63
C LYS A 94 8.09 -11.59 30.03
N ASP A 95 7.11 -12.37 29.68
CA ASP A 95 7.12 -13.80 30.11
C ASP A 95 7.98 -14.66 29.18
N LYS A 96 7.98 -14.39 27.90
CA LYS A 96 8.81 -15.22 26.95
C LYS A 96 10.05 -14.42 26.55
N HIS A 97 10.31 -13.33 27.22
CA HIS A 97 11.51 -12.50 26.87
C HIS A 97 11.57 -12.33 25.35
N MET A 98 10.46 -12.05 24.74
CA MET A 98 10.45 -11.88 23.25
C MET A 98 10.63 -10.41 22.90
N THR A 99 11.15 -10.13 21.74
CA THR A 99 11.36 -8.72 21.33
C THR A 99 10.03 -8.13 20.85
N ALA A 100 9.77 -6.89 21.15
CA ALA A 100 8.49 -6.26 20.70
C ALA A 100 8.27 -6.56 19.22
N ASP A 101 9.33 -6.77 18.48
CA ASP A 101 9.17 -7.08 17.03
C ASP A 101 8.71 -8.54 16.88
N ALA A 102 9.29 -9.41 17.65
CA ALA A 102 8.92 -10.85 17.56
C ALA A 102 7.54 -11.10 18.17
N ALA A 103 7.35 -10.78 19.41
CA ALA A 103 6.03 -11.04 20.05
C ALA A 103 4.91 -10.40 19.22
N ALA A 104 5.07 -9.15 18.86
CA ALA A 104 4.02 -8.49 18.05
C ALA A 104 3.76 -9.29 16.78
N HIS A 105 4.78 -9.91 16.25
CA HIS A 105 4.62 -10.72 15.02
C HIS A 105 3.83 -12.00 15.35
N GLU A 106 4.03 -12.55 16.51
CA GLU A 106 3.31 -13.79 16.89
C GLU A 106 1.80 -13.60 16.79
N VAL A 107 1.24 -12.73 17.59
CA VAL A 107 -0.23 -12.50 17.53
C VAL A 107 -0.66 -12.30 16.07
N ILE A 108 0.04 -11.47 15.35
CA ILE A 108 -0.30 -11.23 13.92
C ILE A 108 -0.08 -12.52 13.10
N GLU A 109 0.71 -13.43 13.60
CA GLU A 109 0.98 -14.68 12.84
C GLU A 109 -0.23 -15.62 12.86
N GLY A 110 -0.93 -15.71 13.96
CA GLY A 110 -2.13 -16.61 13.98
C GLY A 110 -3.38 -15.93 13.44
N GLN A 111 -3.42 -14.63 13.44
CA GLN A 111 -4.63 -13.95 12.91
C GLN A 111 -4.68 -14.18 11.42
N ALA A 112 -3.68 -13.72 10.73
CA ALA A 112 -3.62 -13.89 9.26
C ALA A 112 -3.59 -15.38 8.92
N SER A 113 -2.70 -16.13 9.54
CA SER A 113 -2.62 -17.58 9.23
C SER A 113 -3.97 -18.24 9.51
N ALA A 114 -4.66 -17.81 10.53
CA ALA A 114 -5.98 -18.44 10.85
C ALA A 114 -6.95 -18.26 9.70
N LEU A 115 -7.02 -17.09 9.12
CA LEU A 115 -7.96 -16.90 7.99
C LEU A 115 -7.51 -17.74 6.80
N GLU A 116 -6.22 -18.00 6.68
CA GLU A 116 -5.72 -18.81 5.54
C GLU A 116 -6.23 -20.25 5.65
N GLU A 117 -6.65 -20.65 6.81
CA GLU A 117 -7.15 -22.05 6.96
C GLU A 117 -8.58 -22.14 6.43
N LEU A 118 -9.19 -21.02 6.15
CA LEU A 118 -10.58 -21.04 5.61
C LEU A 118 -10.52 -21.12 4.08
N ASP A 119 -11.52 -21.68 3.46
CA ASP A 119 -11.53 -21.79 1.97
C ASP A 119 -12.43 -20.68 1.40
N ASP A 120 -12.11 -19.45 1.68
CA ASP A 120 -12.94 -18.31 1.16
C ASP A 120 -12.03 -17.14 0.81
N GLU A 121 -12.03 -16.74 -0.44
CA GLU A 121 -11.18 -15.59 -0.87
C GLU A 121 -11.63 -14.33 -0.14
N TYR A 122 -12.74 -14.40 0.53
CA TYR A 122 -13.25 -13.20 1.25
C TYR A 122 -12.44 -12.97 2.53
N LEU A 123 -12.48 -13.88 3.45
CA LEU A 123 -11.71 -13.68 4.72
C LEU A 123 -10.21 -13.79 4.42
N LYS A 124 -9.86 -14.35 3.30
CA LYS A 124 -8.41 -14.46 2.96
C LYS A 124 -7.86 -13.07 2.67
N GLU A 125 -8.47 -12.38 1.74
CA GLU A 125 -8.00 -11.01 1.40
C GLU A 125 -8.11 -10.13 2.65
N ARG A 126 -8.93 -10.51 3.58
CA ARG A 126 -9.03 -9.70 4.81
C ARG A 126 -7.75 -9.93 5.59
N ALA A 127 -7.14 -11.08 5.39
CA ALA A 127 -5.87 -11.38 6.10
C ALA A 127 -4.83 -10.34 5.69
N ALA A 128 -4.83 -9.98 4.43
CA ALA A 128 -3.85 -8.96 3.97
C ALA A 128 -4.20 -7.63 4.63
N ASP A 129 -5.46 -7.37 4.83
CA ASP A 129 -5.86 -6.09 5.50
C ASP A 129 -5.44 -6.15 6.96
N VAL A 130 -5.45 -7.31 7.55
CA VAL A 130 -5.05 -7.44 8.98
C VAL A 130 -3.53 -7.47 9.07
N ARG A 131 -2.88 -8.24 8.24
CA ARG A 131 -1.39 -8.29 8.28
C ARG A 131 -0.85 -6.92 7.88
N ASP A 132 -1.51 -6.26 6.97
CA ASP A 132 -1.04 -4.91 6.54
C ASP A 132 -0.99 -3.97 7.75
N ILE A 133 -2.00 -4.01 8.58
CA ILE A 133 -1.98 -3.13 9.79
C ILE A 133 -0.88 -3.60 10.72
N GLY A 134 -0.52 -4.86 10.63
CA GLY A 134 0.56 -5.39 11.51
C GLY A 134 1.92 -5.01 10.93
N LYS A 135 2.14 -5.30 9.68
CA LYS A 135 3.46 -4.95 9.05
C LYS A 135 3.76 -3.48 9.29
N ARG A 136 2.76 -2.64 9.24
CA ARG A 136 2.99 -1.18 9.48
C ARG A 136 3.48 -1.02 10.92
N LEU A 137 2.87 -1.72 11.84
CA LEU A 137 3.29 -1.62 13.26
C LEU A 137 4.75 -2.02 13.39
N LEU A 138 5.14 -3.13 12.82
CA LEU A 138 6.56 -3.57 12.91
C LEU A 138 7.49 -2.43 12.47
N ARG A 139 7.27 -1.89 11.31
CA ARG A 139 8.15 -0.79 10.83
C ARG A 139 8.18 0.35 11.86
N ASN A 140 7.20 0.43 12.70
CA ASN A 140 7.18 1.51 13.74
C ASN A 140 8.01 1.07 14.94
N ILE A 141 8.04 -0.21 15.21
CA ILE A 141 8.84 -0.71 16.36
C ILE A 141 10.33 -0.48 16.06
N LEU A 142 10.76 -0.77 14.87
CA LEU A 142 12.20 -0.57 14.52
C LEU A 142 12.39 0.85 13.95
N GLY A 143 11.31 1.56 13.74
CA GLY A 143 11.43 2.93 13.18
C GLY A 143 11.92 2.83 11.73
N LEU A 144 11.62 1.74 11.09
CA LEU A 144 12.06 1.57 9.68
C LEU A 144 11.65 2.79 8.85
N LYS A 145 12.20 2.92 7.67
CA LYS A 145 11.85 4.11 6.81
C LYS A 145 10.39 4.01 6.37
N ILE A 146 9.70 5.13 6.33
CA ILE A 146 8.26 5.13 5.90
C ILE A 146 8.14 5.79 4.54
N ILE A 147 7.34 5.25 3.66
CA ILE A 147 7.20 5.86 2.30
C ILE A 147 6.28 7.08 2.37
N ASP A 148 6.73 8.20 1.85
CA ASP A 148 5.90 9.44 1.86
C ASP A 148 5.19 9.59 0.52
N LEU A 149 4.04 8.99 0.35
CA LEU A 149 3.32 9.09 -0.94
C LEU A 149 2.52 10.40 -0.99
N SER A 150 2.01 10.84 0.14
CA SER A 150 1.22 12.11 0.15
C SER A 150 2.16 13.31 0.20
N ALA A 151 3.35 13.18 -0.33
CA ALA A 151 4.32 14.33 -0.31
C ALA A 151 5.06 14.41 -1.64
N ILE A 152 4.44 13.98 -2.69
CA ILE A 152 5.09 14.03 -4.04
C ILE A 152 5.17 15.48 -4.52
N GLN A 153 6.13 15.81 -5.35
CA GLN A 153 6.26 17.21 -5.86
C GLN A 153 6.39 17.18 -7.38
N ASP A 154 6.69 16.02 -7.93
CA ASP A 154 6.83 15.89 -9.42
C ASP A 154 5.74 14.97 -9.95
N GLU A 155 4.99 15.41 -10.92
CA GLU A 155 3.91 14.54 -11.46
C GLU A 155 4.53 13.29 -12.10
N VAL A 156 4.12 12.13 -11.69
CA VAL A 156 4.67 10.88 -12.27
C VAL A 156 3.60 9.79 -12.23
N ILE A 157 3.87 8.65 -12.78
CA ILE A 157 2.87 7.55 -12.75
C ILE A 157 3.08 6.75 -11.46
N LEU A 158 2.06 6.07 -11.01
CA LEU A 158 2.17 5.26 -9.77
C LEU A 158 2.18 3.77 -10.14
N VAL A 159 3.20 3.07 -9.71
CA VAL A 159 3.30 1.61 -10.01
C VAL A 159 3.45 0.83 -8.71
N ALA A 160 2.65 -0.18 -8.51
CA ALA A 160 2.75 -0.97 -7.24
C ALA A 160 2.07 -2.32 -7.43
N ALA A 161 2.57 -3.34 -6.81
CA ALA A 161 1.93 -4.68 -6.97
C ALA A 161 0.46 -4.53 -6.55
N ASP A 162 0.21 -3.71 -5.57
CA ASP A 162 -1.19 -3.50 -5.11
C ASP A 162 -1.22 -2.38 -4.08
N LEU A 163 -2.31 -1.68 -3.97
CA LEU A 163 -2.43 -0.56 -2.99
C LEU A 163 -3.56 -0.87 -2.02
N THR A 164 -3.31 -0.75 -0.74
CA THR A 164 -4.40 -1.05 0.25
C THR A 164 -5.15 0.25 0.56
N PRO A 165 -6.42 0.16 0.91
CA PRO A 165 -7.26 1.35 1.23
C PRO A 165 -6.45 2.45 1.95
N SER A 166 -5.75 2.10 3.00
CA SER A 166 -4.95 3.13 3.73
C SER A 166 -4.13 3.93 2.72
N GLU A 167 -3.36 3.25 1.90
CA GLU A 167 -2.53 3.96 0.90
C GLU A 167 -3.42 4.79 -0.03
N THR A 168 -4.50 4.21 -0.49
CA THR A 168 -5.41 4.97 -1.40
C THR A 168 -6.10 6.09 -0.61
N ALA A 169 -6.25 5.93 0.67
CA ALA A 169 -6.92 6.99 1.49
C ALA A 169 -5.99 8.20 1.67
N GLN A 170 -4.70 7.97 1.69
CA GLN A 170 -3.74 9.12 1.87
C GLN A 170 -3.13 9.50 0.52
N LEU A 171 -3.27 8.67 -0.48
CA LEU A 171 -2.70 9.03 -1.81
C LEU A 171 -3.37 10.32 -2.28
N ASN A 172 -2.64 11.16 -2.97
CA ASN A 172 -3.23 12.44 -3.46
C ASN A 172 -3.68 12.26 -4.90
N LEU A 173 -4.79 12.83 -5.27
CA LEU A 173 -5.31 12.66 -6.65
C LEU A 173 -4.76 13.75 -7.59
N LYS A 174 -4.67 14.96 -7.13
CA LYS A 174 -4.21 16.07 -8.03
C LYS A 174 -2.68 16.07 -8.18
N LYS A 175 -1.96 15.32 -7.38
CA LYS A 175 -0.47 15.30 -7.52
C LYS A 175 -0.05 14.03 -8.25
N VAL A 176 -0.94 13.09 -8.39
CA VAL A 176 -0.62 11.83 -9.13
C VAL A 176 -1.08 11.96 -10.58
N LEU A 177 -0.56 11.15 -11.48
CA LEU A 177 -0.98 11.24 -12.92
C LEU A 177 -1.79 10.00 -13.32
N GLY A 178 -1.55 8.88 -12.69
CA GLY A 178 -2.33 7.66 -13.05
C GLY A 178 -1.98 6.52 -12.07
N PHE A 179 -2.61 5.37 -12.22
CA PHE A 179 -2.31 4.22 -11.30
C PHE A 179 -2.13 2.94 -12.13
N ILE A 180 -1.04 2.25 -11.94
CA ILE A 180 -0.79 0.97 -12.66
C ILE A 180 -0.45 -0.07 -11.60
N THR A 181 -1.18 -1.16 -11.55
CA THR A 181 -0.91 -2.19 -10.50
C THR A 181 -1.06 -3.61 -11.03
N ASP A 182 -0.40 -4.54 -10.38
CA ASP A 182 -0.48 -5.96 -10.79
C ASP A 182 -1.69 -6.63 -10.13
N ALA A 183 -2.77 -5.92 -10.01
CA ALA A 183 -3.96 -6.51 -9.31
C ALA A 183 -4.85 -7.25 -10.31
N GLY A 184 -6.04 -7.60 -9.90
CA GLY A 184 -6.97 -8.32 -10.82
C GLY A 184 -7.83 -7.32 -11.57
N GLY A 185 -9.09 -7.21 -11.21
CA GLY A 185 -9.99 -6.24 -11.90
C GLY A 185 -11.43 -6.48 -11.44
N ARG A 186 -11.80 -7.72 -11.21
CA ARG A 186 -13.19 -8.01 -10.76
C ARG A 186 -13.48 -7.23 -9.48
N THR A 187 -14.14 -6.11 -9.59
CA THR A 187 -14.48 -5.31 -8.39
C THR A 187 -13.23 -5.14 -7.51
N SER A 188 -12.13 -4.72 -8.08
CA SER A 188 -10.89 -4.54 -7.26
C SER A 188 -10.89 -3.14 -6.65
N HIS A 189 -10.46 -3.01 -5.43
CA HIS A 189 -10.43 -1.67 -4.77
C HIS A 189 -9.76 -0.65 -5.70
N THR A 190 -8.59 -0.96 -6.18
CA THR A 190 -7.88 -0.02 -7.08
C THR A 190 -8.78 0.38 -8.26
N SER A 191 -9.42 -0.58 -8.87
CA SER A 191 -10.28 -0.27 -10.05
C SER A 191 -11.46 0.62 -9.63
N ILE A 192 -12.13 0.31 -8.55
CA ILE A 192 -13.28 1.15 -8.14
C ILE A 192 -12.85 2.62 -8.09
N MET A 193 -11.61 2.90 -7.84
CA MET A 193 -11.15 4.32 -7.81
C MET A 193 -11.16 4.83 -9.25
N ALA A 194 -10.43 4.16 -10.09
CA ALA A 194 -10.36 4.56 -11.51
C ALA A 194 -11.77 4.70 -12.09
N ARG A 195 -12.64 3.77 -11.79
CA ARG A 195 -14.02 3.85 -12.34
C ARG A 195 -14.76 5.03 -11.71
N SER A 196 -14.68 5.20 -10.42
CA SER A 196 -15.37 6.33 -9.76
C SER A 196 -14.69 7.65 -10.13
N LEU A 197 -13.38 7.63 -10.27
CA LEU A 197 -12.66 8.90 -10.63
C LEU A 197 -12.57 9.01 -12.16
N GLU A 198 -13.07 8.03 -12.86
CA GLU A 198 -13.05 8.08 -14.35
C GLU A 198 -11.62 8.26 -14.90
N LEU A 199 -10.62 8.31 -14.06
CA LEU A 199 -9.23 8.48 -14.59
C LEU A 199 -8.85 7.21 -15.38
N PRO A 200 -7.74 7.21 -16.12
CA PRO A 200 -7.30 6.01 -16.90
C PRO A 200 -6.37 5.12 -16.06
N ALA A 201 -6.47 3.82 -16.18
CA ALA A 201 -5.55 2.95 -15.37
C ALA A 201 -5.53 1.52 -15.89
N ILE A 202 -4.78 0.68 -15.22
CA ILE A 202 -4.67 -0.76 -15.60
C ILE A 202 -4.43 -1.57 -14.31
N VAL A 203 -4.75 -2.85 -14.31
CA VAL A 203 -4.55 -3.66 -13.07
C VAL A 203 -3.96 -5.04 -13.41
N GLY A 204 -4.39 -5.64 -14.46
CA GLY A 204 -3.85 -6.99 -14.82
C GLY A 204 -2.45 -6.84 -15.42
N THR A 205 -1.64 -5.98 -14.86
CA THR A 205 -0.27 -5.78 -15.40
C THR A 205 0.55 -7.04 -15.15
N GLY A 206 -0.06 -8.06 -14.61
CA GLY A 206 0.68 -9.31 -14.35
C GLY A 206 1.90 -9.03 -13.49
N SER A 207 3.07 -8.99 -14.07
CA SER A 207 4.32 -8.76 -13.29
C SER A 207 5.12 -7.58 -13.84
N VAL A 208 4.47 -6.49 -14.17
CA VAL A 208 5.26 -5.32 -14.67
C VAL A 208 6.20 -4.86 -13.56
N THR A 209 5.78 -5.01 -12.32
CA THR A 209 6.64 -4.60 -11.18
C THR A 209 7.95 -5.39 -11.24
N SER A 210 7.96 -6.47 -11.99
CA SER A 210 9.20 -7.30 -12.09
C SER A 210 9.85 -7.06 -13.46
N GLN A 211 9.44 -6.00 -14.14
CA GLN A 211 10.01 -5.69 -15.49
C GLN A 211 10.37 -4.21 -15.57
N VAL A 212 9.88 -3.40 -14.66
CA VAL A 212 10.19 -1.95 -14.67
C VAL A 212 10.81 -1.54 -13.34
N LYS A 213 11.65 -0.54 -13.34
CA LYS A 213 12.30 -0.06 -12.09
C LYS A 213 11.78 1.34 -11.81
N ASN A 214 12.29 1.99 -10.80
CA ASN A 214 11.83 3.36 -10.50
C ASN A 214 12.49 4.37 -11.43
N ASP A 215 11.76 5.40 -11.80
CA ASP A 215 12.32 6.47 -12.68
C ASP A 215 12.24 6.07 -14.16
N ASP A 216 11.97 4.83 -14.45
CA ASP A 216 11.88 4.43 -15.89
C ASP A 216 10.85 5.34 -16.57
N TYR A 217 11.09 5.72 -17.80
CA TYR A 217 10.11 6.61 -18.50
C TYR A 217 9.06 5.74 -19.18
N LEU A 218 7.79 5.99 -18.91
CA LEU A 218 6.70 5.17 -19.51
C LEU A 218 5.71 6.05 -20.26
N ILE A 219 4.92 5.46 -21.12
CA ILE A 219 3.89 6.21 -21.89
C ILE A 219 2.59 5.38 -21.87
N LEU A 220 1.60 5.83 -21.14
CA LEU A 220 0.32 5.06 -21.06
C LEU A 220 -0.59 5.49 -22.20
N ASP A 221 -1.01 4.57 -23.03
CA ASP A 221 -1.92 4.92 -24.16
C ASP A 221 -3.36 4.53 -23.80
N ALA A 222 -3.50 3.53 -22.97
CA ALA A 222 -4.85 3.08 -22.52
C ALA A 222 -5.88 3.16 -23.65
N VAL A 223 -5.43 3.04 -24.88
CA VAL A 223 -6.37 3.08 -26.05
C VAL A 223 -6.26 1.73 -26.74
N ASN A 224 -5.07 1.39 -27.17
CA ASN A 224 -4.85 0.07 -27.82
C ASN A 224 -4.43 -0.89 -26.71
N ASN A 225 -4.54 -0.43 -25.48
CA ASN A 225 -4.15 -1.26 -24.31
C ASN A 225 -2.67 -1.62 -24.42
N GLN A 226 -1.80 -0.65 -24.36
CA GLN A 226 -0.34 -0.94 -24.48
C GLN A 226 0.48 0.13 -23.75
N VAL A 227 1.47 -0.30 -23.01
CA VAL A 227 2.37 0.63 -22.27
C VAL A 227 3.77 0.50 -22.85
N TYR A 228 4.39 1.58 -23.27
CA TYR A 228 5.76 1.49 -23.87
C TYR A 228 6.80 1.79 -22.80
N VAL A 229 7.80 0.93 -22.70
CA VAL A 229 8.89 1.12 -21.69
C VAL A 229 10.16 1.60 -22.39
N ASN A 230 10.76 2.65 -21.89
CA ASN A 230 12.01 3.18 -22.51
C ASN A 230 11.77 3.49 -24.00
N PRO A 231 11.02 4.52 -24.28
CA PRO A 231 10.72 4.94 -25.67
C PRO A 231 11.71 6.01 -26.17
N THR A 232 12.00 5.98 -27.45
CA THR A 232 12.96 6.98 -28.02
C THR A 232 12.31 8.36 -28.08
N ASN A 233 13.02 9.35 -28.51
CA ASN A 233 12.44 10.72 -28.59
C ASN A 233 11.53 10.82 -29.81
N GLU A 234 11.92 10.22 -30.91
CA GLU A 234 11.08 10.28 -32.14
C GLU A 234 9.67 9.79 -31.81
N VAL A 235 9.56 8.78 -30.99
CA VAL A 235 8.20 8.28 -30.65
C VAL A 235 7.53 9.28 -29.71
N ILE A 236 8.27 9.82 -28.79
CA ILE A 236 7.68 10.81 -27.84
C ILE A 236 7.26 12.07 -28.63
N ASP A 237 8.21 12.76 -29.20
CA ASP A 237 7.89 14.00 -29.96
C ASP A 237 6.83 13.73 -31.02
N LYS A 238 6.95 12.65 -31.74
CA LYS A 238 5.95 12.34 -32.80
C LYS A 238 4.58 12.06 -32.16
N MET A 239 4.57 11.49 -30.99
CA MET A 239 3.27 11.19 -30.32
C MET A 239 2.75 12.46 -29.65
N ARG A 240 3.61 13.25 -29.06
CA ARG A 240 3.16 14.48 -28.37
C ARG A 240 2.22 15.28 -29.29
N ALA A 241 2.63 15.52 -30.50
CA ALA A 241 1.77 16.33 -31.41
C ALA A 241 0.60 15.48 -31.94
N VAL A 242 0.89 14.42 -32.66
CA VAL A 242 -0.21 13.58 -33.22
C VAL A 242 -1.06 12.96 -32.10
N GLN A 243 -0.45 12.30 -31.16
CA GLN A 243 -1.25 11.66 -30.08
C GLN A 243 -2.15 12.70 -29.41
N GLU A 244 -1.66 13.88 -29.18
CA GLU A 244 -2.53 14.91 -28.55
C GLU A 244 -3.71 15.20 -29.47
N GLN A 245 -3.54 14.97 -30.74
CA GLN A 245 -4.67 15.20 -31.68
C GLN A 245 -5.73 14.12 -31.42
N VAL A 246 -5.32 13.01 -30.85
CA VAL A 246 -6.29 11.91 -30.57
C VAL A 246 -7.22 12.36 -29.43
N ALA A 247 -6.65 12.72 -28.32
CA ALA A 247 -7.48 13.17 -27.17
C ALA A 247 -8.46 14.25 -27.63
N SER A 248 -8.04 15.08 -28.56
CA SER A 248 -8.95 16.15 -29.05
C SER A 248 -9.98 15.55 -30.01
N GLU A 249 -9.61 14.52 -30.72
CA GLU A 249 -10.57 13.89 -31.67
C GLU A 249 -11.60 13.08 -30.87
N MET A 1 4.63 -7.27 -24.79
CA MET A 1 3.30 -6.62 -24.94
C MET A 1 2.58 -6.65 -23.59
N ILE A 2 2.72 -5.60 -22.83
CA ILE A 2 2.06 -5.54 -21.49
C ILE A 2 0.54 -5.53 -21.65
N SER A 3 -0.07 -6.68 -21.52
CA SER A 3 -1.57 -6.75 -21.67
C SER A 3 -2.22 -6.79 -20.28
N GLY A 4 -2.91 -5.73 -19.92
CA GLY A 4 -3.60 -5.69 -18.60
C GLY A 4 -5.12 -5.77 -18.82
N ILE A 5 -5.91 -5.40 -17.84
CA ILE A 5 -7.39 -5.46 -18.02
C ILE A 5 -7.89 -4.10 -18.47
N LEU A 6 -7.04 -3.12 -18.49
CA LEU A 6 -7.48 -1.77 -18.93
C LEU A 6 -8.67 -1.33 -18.08
N ALA A 7 -8.44 -0.47 -17.12
CA ALA A 7 -9.57 -0.01 -16.27
C ALA A 7 -10.27 1.14 -16.96
N SER A 8 -9.54 2.16 -17.32
CA SER A 8 -10.16 3.33 -18.00
C SER A 8 -9.18 3.84 -19.07
N PRO A 9 -9.68 4.30 -20.19
CA PRO A 9 -8.82 4.80 -21.30
C PRO A 9 -8.29 6.21 -21.03
N GLY A 10 -7.18 6.55 -21.63
CA GLY A 10 -6.61 7.92 -21.43
C GLY A 10 -5.10 7.90 -21.66
N ILE A 11 -4.60 8.80 -22.47
CA ILE A 11 -3.13 8.84 -22.75
C ILE A 11 -2.44 9.91 -21.89
N ALA A 12 -1.37 9.55 -21.25
CA ALA A 12 -0.61 10.54 -20.42
C ALA A 12 0.88 10.23 -20.48
N PHE A 13 1.73 11.24 -20.49
CA PHE A 13 3.21 11.00 -20.53
C PHE A 13 3.73 11.19 -19.10
N GLY A 14 4.66 10.38 -18.64
CA GLY A 14 5.17 10.58 -17.24
C GLY A 14 6.30 9.60 -16.90
N LYS A 15 7.12 9.96 -15.94
CA LYS A 15 8.25 9.08 -15.52
C LYS A 15 7.74 7.96 -14.60
N ALA A 16 8.43 6.85 -14.60
CA ALA A 16 7.99 5.70 -13.74
C ALA A 16 8.41 5.90 -12.29
N LEU A 17 7.48 5.80 -11.37
CA LEU A 17 7.81 5.94 -9.91
C LEU A 17 7.60 4.56 -9.29
N LEU A 18 8.63 3.75 -9.20
CA LEU A 18 8.44 2.38 -8.65
C LEU A 18 8.43 2.39 -7.12
N LEU A 19 7.39 1.81 -6.55
CA LEU A 19 7.26 1.77 -5.07
C LEU A 19 7.77 0.44 -4.53
N LYS A 20 9.02 0.39 -4.12
CA LYS A 20 9.59 -0.86 -3.58
C LYS A 20 9.43 -0.88 -2.06
N GLU A 21 9.43 -2.05 -1.46
CA GLU A 21 9.29 -2.15 0.02
C GLU A 21 10.52 -2.85 0.58
N ASP A 22 11.12 -2.31 1.59
CA ASP A 22 12.33 -2.96 2.17
C ASP A 22 11.89 -4.14 3.03
N GLU A 23 12.52 -5.26 2.85
CA GLU A 23 12.14 -6.45 3.65
C GLU A 23 12.49 -6.22 5.12
N ILE A 24 11.62 -6.61 6.02
CA ILE A 24 11.90 -6.40 7.47
C ILE A 24 12.62 -7.61 8.06
N VAL A 25 13.64 -7.37 8.86
CA VAL A 25 14.40 -8.50 9.49
C VAL A 25 13.97 -8.64 10.95
N ILE A 26 13.40 -9.76 11.30
CA ILE A 26 12.94 -9.97 12.71
C ILE A 26 14.08 -10.61 13.51
N ASP A 27 14.40 -10.06 14.65
CA ASP A 27 15.51 -10.61 15.48
C ASP A 27 14.95 -11.64 16.46
N ARG A 28 15.42 -12.87 16.37
CA ARG A 28 14.93 -13.94 17.29
C ARG A 28 15.89 -14.08 18.48
N LYS A 29 16.54 -13.02 18.86
CA LYS A 29 17.49 -13.09 20.01
C LYS A 29 16.72 -12.87 21.32
N LYS A 30 17.11 -13.53 22.39
CA LYS A 30 16.41 -13.34 23.69
C LYS A 30 17.01 -12.14 24.41
N ILE A 31 16.20 -11.20 24.79
CA ILE A 31 16.72 -10.00 25.50
C ILE A 31 16.90 -10.31 26.99
N SER A 32 17.38 -9.36 27.75
CA SER A 32 17.58 -9.59 29.22
C SER A 32 16.40 -9.00 29.99
N ALA A 33 16.20 -9.43 31.20
CA ALA A 33 15.06 -8.89 32.00
C ALA A 33 15.22 -7.38 32.14
N ASP A 34 16.41 -6.88 31.95
CA ASP A 34 16.64 -5.41 32.07
C ASP A 34 16.25 -4.72 30.76
N GLN A 35 16.02 -5.49 29.73
CA GLN A 35 15.62 -4.92 28.40
C GLN A 35 14.13 -5.20 28.21
N VAL A 36 13.57 -6.02 29.05
CA VAL A 36 12.12 -6.35 28.94
C VAL A 36 11.28 -5.11 29.27
N ASP A 37 11.58 -4.45 30.36
CA ASP A 37 10.79 -3.24 30.71
C ASP A 37 10.85 -2.25 29.55
N GLN A 38 11.93 -2.27 28.81
CA GLN A 38 12.07 -1.32 27.66
C GLN A 38 11.11 -1.71 26.54
N GLU A 39 10.88 -2.99 26.35
CA GLU A 39 9.95 -3.41 25.26
C GLU A 39 8.55 -2.91 25.57
N VAL A 40 8.10 -3.05 26.79
CA VAL A 40 6.73 -2.57 27.13
C VAL A 40 6.62 -1.07 26.82
N GLU A 41 7.60 -0.30 27.22
CA GLU A 41 7.55 1.17 26.95
C GLU A 41 7.65 1.38 25.43
N ARG A 42 8.54 0.67 24.79
CA ARG A 42 8.68 0.82 23.31
C ARG A 42 7.40 0.33 22.62
N PHE A 43 6.73 -0.65 23.20
CA PHE A 43 5.47 -1.16 22.58
C PHE A 43 4.30 -0.31 23.08
N LEU A 44 4.12 -0.25 24.37
CA LEU A 44 3.00 0.56 24.93
C LEU A 44 3.06 1.97 24.35
N SER A 45 4.13 2.68 24.57
CA SER A 45 4.24 4.06 24.03
C SER A 45 4.30 3.99 22.50
N GLY A 46 4.86 2.94 21.98
CA GLY A 46 4.92 2.82 20.51
C GLY A 46 3.50 2.83 19.95
N ARG A 47 2.65 2.00 20.48
CA ARG A 47 1.24 1.95 19.99
C ARG A 47 0.58 3.32 20.21
N ALA A 48 1.11 4.11 21.12
CA ALA A 48 0.50 5.45 21.37
C ALA A 48 0.70 6.30 20.12
N LYS A 49 1.89 6.28 19.58
CA LYS A 49 2.17 7.10 18.37
C LYS A 49 1.60 6.37 17.16
N ALA A 50 1.93 5.13 16.94
CA ALA A 50 1.34 4.41 15.78
C ALA A 50 -0.17 4.61 15.77
N SER A 51 -0.77 4.71 16.93
CA SER A 51 -2.24 4.94 17.01
C SER A 51 -2.52 6.33 16.46
N ALA A 52 -1.64 7.26 16.73
CA ALA A 52 -1.84 8.65 16.23
C ALA A 52 -1.63 8.65 14.71
N GLN A 53 -0.97 7.65 14.19
CA GLN A 53 -0.73 7.59 12.71
C GLN A 53 -2.02 7.16 12.00
N LEU A 54 -2.45 5.94 12.23
CA LEU A 54 -3.71 5.48 11.57
C LEU A 54 -4.81 6.50 11.82
N GLU A 55 -4.81 7.10 12.98
CA GLU A 55 -5.85 8.12 13.30
C GLU A 55 -5.75 9.27 12.30
N THR A 56 -4.59 9.82 12.11
CA THR A 56 -4.45 10.96 11.16
C THR A 56 -4.80 10.48 9.76
N ILE A 57 -4.41 9.28 9.42
CA ILE A 57 -4.74 8.76 8.07
C ILE A 57 -6.25 8.50 7.99
N LYS A 58 -6.87 8.22 9.10
CA LYS A 58 -8.35 7.97 9.10
C LYS A 58 -9.08 9.22 8.65
N THR A 59 -8.65 10.36 9.12
CA THR A 59 -9.32 11.62 8.74
C THR A 59 -9.01 11.95 7.28
N LYS A 60 -7.92 11.46 6.77
CA LYS A 60 -7.60 11.74 5.36
C LYS A 60 -8.55 10.93 4.50
N ALA A 61 -9.03 9.84 5.03
CA ALA A 61 -9.99 9.01 4.27
C ALA A 61 -11.34 9.72 4.27
N GLY A 62 -11.63 10.44 5.33
CA GLY A 62 -12.92 11.17 5.39
C GLY A 62 -12.76 12.52 4.69
N GLU A 63 -11.57 13.06 4.70
CA GLU A 63 -11.36 14.36 4.01
C GLU A 63 -11.04 14.11 2.54
N THR A 64 -10.57 12.92 2.23
CA THR A 64 -10.24 12.60 0.80
C THR A 64 -11.42 11.91 0.12
N PHE A 65 -12.04 10.94 0.76
CA PHE A 65 -13.18 10.22 0.13
C PHE A 65 -14.50 10.63 0.81
N GLY A 66 -14.47 10.90 2.08
CA GLY A 66 -15.71 11.29 2.79
C GLY A 66 -16.70 10.12 2.84
N GLU A 67 -16.67 9.25 1.86
CA GLU A 67 -17.61 8.10 1.86
C GLU A 67 -17.54 7.37 3.21
N GLU A 68 -18.31 6.32 3.35
CA GLU A 68 -18.32 5.54 4.62
C GLU A 68 -17.00 4.81 4.79
N LYS A 69 -15.92 5.42 4.39
CA LYS A 69 -14.59 4.77 4.52
C LYS A 69 -14.06 5.00 5.94
N GLU A 70 -14.69 5.84 6.69
CA GLU A 70 -14.22 6.10 8.09
C GLU A 70 -14.45 4.86 8.97
N ALA A 71 -15.53 4.16 8.74
CA ALA A 71 -15.83 2.97 9.56
C ALA A 71 -14.81 1.87 9.30
N ILE A 72 -14.24 1.82 8.13
CA ILE A 72 -13.24 0.76 7.82
C ILE A 72 -11.94 1.03 8.59
N PHE A 73 -11.47 2.25 8.58
CA PHE A 73 -10.22 2.57 9.29
C PHE A 73 -10.48 2.65 10.80
N GLU A 74 -11.68 2.97 11.18
CA GLU A 74 -11.99 3.06 12.64
C GLU A 74 -11.82 1.69 13.27
N GLY A 75 -12.56 0.73 12.81
CA GLY A 75 -12.44 -0.65 13.39
C GLY A 75 -10.99 -1.12 13.29
N HIS A 76 -10.29 -0.75 12.24
CA HIS A 76 -8.87 -1.19 12.11
C HIS A 76 -8.04 -0.66 13.27
N ILE A 77 -8.49 0.39 13.91
CA ILE A 77 -7.73 0.93 15.07
C ILE A 77 -8.14 0.15 16.32
N MET A 78 -9.39 -0.21 16.41
CA MET A 78 -9.85 -0.99 17.59
C MET A 78 -9.08 -2.30 17.62
N LEU A 79 -8.95 -2.95 16.49
CA LEU A 79 -8.20 -4.22 16.43
C LEU A 79 -6.78 -3.97 16.94
N LEU A 80 -6.21 -2.86 16.56
CA LEU A 80 -4.82 -2.55 17.02
C LEU A 80 -4.84 -2.25 18.52
N GLU A 81 -5.81 -1.49 18.98
CA GLU A 81 -5.88 -1.15 20.44
C GLU A 81 -6.60 -2.27 21.21
N ASP A 82 -6.85 -3.38 20.59
CA ASP A 82 -7.56 -4.50 21.28
C ASP A 82 -6.88 -4.79 22.63
N GLU A 83 -7.62 -4.69 23.70
CA GLU A 83 -7.03 -4.96 25.03
C GLU A 83 -6.67 -6.45 25.12
N GLU A 84 -7.32 -7.27 24.35
CA GLU A 84 -7.02 -8.72 24.43
C GLU A 84 -5.68 -8.97 23.73
N LEU A 85 -5.51 -8.48 22.54
CA LEU A 85 -4.20 -8.69 21.88
C LEU A 85 -3.10 -7.98 22.69
N GLU A 86 -3.48 -7.10 23.59
CA GLU A 86 -2.45 -6.38 24.40
C GLU A 86 -1.92 -7.30 25.51
N GLN A 87 -2.77 -7.87 26.33
CA GLN A 87 -2.29 -8.77 27.43
C GLN A 87 -1.55 -9.96 26.83
N GLU A 88 -1.91 -10.38 25.65
CA GLU A 88 -1.22 -11.54 25.02
C GLU A 88 0.17 -11.11 24.58
N ILE A 89 0.26 -10.00 23.91
CA ILE A 89 1.58 -9.47 23.48
C ILE A 89 2.46 -9.25 24.71
N ILE A 90 1.96 -8.51 25.66
CA ILE A 90 2.76 -8.22 26.90
C ILE A 90 3.29 -9.53 27.50
N ALA A 91 2.43 -10.33 28.08
CA ALA A 91 2.88 -11.62 28.71
C ALA A 91 3.92 -12.31 27.83
N LEU A 92 3.66 -12.42 26.57
CA LEU A 92 4.63 -13.10 25.67
C LEU A 92 6.00 -12.41 25.81
N ILE A 93 6.04 -11.14 25.59
CA ILE A 93 7.32 -10.38 25.70
C ILE A 93 7.98 -10.62 27.08
N LYS A 94 7.21 -10.62 28.13
CA LYS A 94 7.80 -10.82 29.49
C LYS A 94 7.95 -12.31 29.84
N ASP A 95 7.04 -13.14 29.40
CA ASP A 95 7.10 -14.59 29.77
C ASP A 95 8.07 -15.35 28.88
N LYS A 96 8.13 -15.05 27.60
CA LYS A 96 9.07 -15.79 26.68
C LYS A 96 10.24 -14.87 26.33
N HIS A 97 10.39 -13.79 27.02
CA HIS A 97 11.53 -12.85 26.72
C HIS A 97 11.62 -12.64 25.21
N MET A 98 10.51 -12.38 24.57
CA MET A 98 10.51 -12.16 23.10
C MET A 98 10.56 -10.66 22.82
N THR A 99 11.11 -10.29 21.70
CA THR A 99 11.21 -8.85 21.34
C THR A 99 9.86 -8.34 20.82
N ALA A 100 9.52 -7.12 21.15
CA ALA A 100 8.21 -6.56 20.67
C ALA A 100 8.11 -6.79 19.15
N ASP A 101 9.23 -6.91 18.49
CA ASP A 101 9.21 -7.17 17.03
C ASP A 101 8.84 -8.62 16.80
N ALA A 102 9.51 -9.52 17.48
CA ALA A 102 9.22 -10.95 17.31
C ALA A 102 7.87 -11.28 17.98
N ALA A 103 7.70 -10.87 19.20
CA ALA A 103 6.42 -11.17 19.91
C ALA A 103 5.24 -10.64 19.09
N ALA A 104 5.20 -9.35 18.84
CA ALA A 104 4.08 -8.78 18.05
C ALA A 104 3.91 -9.56 16.74
N HIS A 105 4.97 -10.06 16.17
CA HIS A 105 4.85 -10.83 14.90
C HIS A 105 4.13 -12.16 15.17
N GLU A 106 4.35 -12.75 16.31
CA GLU A 106 3.70 -14.06 16.62
C GLU A 106 2.16 -13.94 16.56
N VAL A 107 1.62 -12.91 17.14
CA VAL A 107 0.13 -12.75 17.12
C VAL A 107 -0.33 -12.49 15.69
N ILE A 108 0.32 -11.58 15.03
CA ILE A 108 -0.05 -11.26 13.62
C ILE A 108 0.11 -12.51 12.74
N GLU A 109 0.94 -13.43 13.14
CA GLU A 109 1.14 -14.67 12.32
C GLU A 109 -0.08 -15.59 12.44
N GLY A 110 -0.69 -15.67 13.59
CA GLY A 110 -1.90 -16.55 13.71
C GLY A 110 -3.18 -15.83 13.32
N GLN A 111 -3.21 -14.53 13.35
CA GLN A 111 -4.46 -13.83 12.98
C GLN A 111 -4.69 -13.97 11.48
N ALA A 112 -3.70 -13.61 10.71
CA ALA A 112 -3.81 -13.72 9.24
C ALA A 112 -3.94 -15.19 8.84
N SER A 113 -3.09 -16.03 9.35
CA SER A 113 -3.15 -17.47 8.99
C SER A 113 -4.51 -18.05 9.43
N ALA A 114 -5.02 -17.64 10.56
CA ALA A 114 -6.33 -18.20 11.03
C ALA A 114 -7.46 -17.86 10.07
N LEU A 115 -7.49 -16.67 9.53
CA LEU A 115 -8.60 -16.34 8.60
C LEU A 115 -8.38 -17.12 7.30
N GLU A 116 -7.16 -17.44 7.01
CA GLU A 116 -6.87 -18.19 5.75
C GLU A 116 -7.43 -19.61 5.84
N GLU A 117 -7.71 -20.10 7.01
CA GLU A 117 -8.25 -21.49 7.14
C GLU A 117 -9.77 -21.47 6.89
N LEU A 118 -10.35 -20.31 6.74
CA LEU A 118 -11.82 -20.25 6.50
C LEU A 118 -12.10 -20.43 5.01
N ASP A 119 -13.33 -20.67 4.66
CA ASP A 119 -13.71 -20.85 3.22
C ASP A 119 -14.48 -19.63 2.72
N ASP A 120 -14.01 -18.44 2.99
CA ASP A 120 -14.74 -17.22 2.51
C ASP A 120 -13.73 -16.15 2.08
N GLU A 121 -13.80 -15.75 0.85
CA GLU A 121 -12.86 -14.71 0.33
C GLU A 121 -13.04 -13.40 1.10
N TYR A 122 -14.05 -13.35 1.91
CA TYR A 122 -14.30 -12.11 2.69
C TYR A 122 -13.31 -12.01 3.87
N LEU A 123 -13.35 -12.94 4.78
CA LEU A 123 -12.42 -12.86 5.94
C LEU A 123 -10.98 -13.10 5.45
N LYS A 124 -10.84 -13.79 4.36
CA LYS A 124 -9.47 -14.05 3.81
C LYS A 124 -8.86 -12.73 3.36
N GLU A 125 -9.57 -11.98 2.56
CA GLU A 125 -9.03 -10.69 2.09
C GLU A 125 -8.77 -9.81 3.31
N ARG A 126 -9.42 -10.10 4.41
CA ARG A 126 -9.16 -9.31 5.63
C ARG A 126 -7.79 -9.72 6.14
N ALA A 127 -7.39 -10.93 5.85
CA ALA A 127 -6.06 -11.41 6.30
C ALA A 127 -5.01 -10.48 5.73
N ALA A 128 -5.15 -10.11 4.48
CA ALA A 128 -4.15 -9.20 3.85
C ALA A 128 -4.27 -7.80 4.47
N ASP A 129 -5.46 -7.36 4.73
CA ASP A 129 -5.63 -6.00 5.34
C ASP A 129 -5.14 -6.02 6.79
N VAL A 130 -5.16 -7.17 7.42
CA VAL A 130 -4.69 -7.25 8.84
C VAL A 130 -3.16 -7.23 8.85
N ARG A 131 -2.54 -8.02 8.02
CA ARG A 131 -1.05 -8.02 7.97
C ARG A 131 -0.58 -6.57 7.76
N ASP A 132 -1.28 -5.83 6.95
CA ASP A 132 -0.87 -4.42 6.71
C ASP A 132 -0.89 -3.64 8.03
N ILE A 133 -1.86 -3.88 8.86
CA ILE A 133 -1.92 -3.15 10.17
C ILE A 133 -0.73 -3.57 11.03
N GLY A 134 -0.32 -4.79 10.94
CA GLY A 134 0.84 -5.26 11.75
C GLY A 134 2.14 -4.74 11.13
N LYS A 135 2.27 -4.84 9.83
CA LYS A 135 3.51 -4.37 9.16
C LYS A 135 3.85 -2.95 9.64
N ARG A 136 2.88 -2.08 9.68
CA ARG A 136 3.17 -0.69 10.17
C ARG A 136 3.57 -0.76 11.65
N LEU A 137 2.87 -1.56 12.41
CA LEU A 137 3.21 -1.69 13.85
C LEU A 137 4.70 -2.03 13.96
N LEU A 138 5.20 -2.81 13.03
CA LEU A 138 6.64 -3.19 13.06
C LEU A 138 7.51 -2.01 12.59
N ARG A 139 7.29 -1.53 11.40
CA ARG A 139 8.12 -0.40 10.86
C ARG A 139 8.27 0.71 11.91
N ASN A 140 7.40 0.77 12.89
CA ASN A 140 7.52 1.84 13.91
C ASN A 140 8.53 1.40 14.97
N ILE A 141 8.40 0.22 15.49
CA ILE A 141 9.36 -0.26 16.52
C ILE A 141 10.78 -0.21 15.92
N LEU A 142 10.92 -0.46 14.65
CA LEU A 142 12.27 -0.40 14.02
C LEU A 142 12.54 1.03 13.57
N GLY A 143 11.60 1.92 13.81
CA GLY A 143 11.78 3.34 13.41
C GLY A 143 12.21 3.38 11.94
N LEU A 144 11.84 2.37 11.21
CA LEU A 144 12.23 2.32 9.79
C LEU A 144 11.71 3.57 9.05
N LYS A 145 12.35 3.96 7.98
CA LYS A 145 11.90 5.17 7.23
C LYS A 145 10.54 4.90 6.58
N ILE A 146 9.72 5.91 6.47
CA ILE A 146 8.37 5.73 5.85
C ILE A 146 8.36 6.38 4.47
N ILE A 147 7.73 5.75 3.51
CA ILE A 147 7.69 6.36 2.16
C ILE A 147 6.64 7.47 2.13
N ASP A 148 7.07 8.67 1.83
CA ASP A 148 6.13 9.82 1.81
C ASP A 148 5.59 10.03 0.39
N LEU A 149 4.52 9.36 0.05
CA LEU A 149 3.94 9.52 -1.31
C LEU A 149 3.07 10.78 -1.33
N SER A 150 2.59 11.19 -0.19
CA SER A 150 1.75 12.41 -0.13
C SER A 150 2.66 13.64 -0.14
N ALA A 151 3.84 13.53 -0.70
CA ALA A 151 4.79 14.69 -0.73
C ALA A 151 5.47 14.78 -2.10
N ILE A 152 4.82 14.34 -3.12
CA ILE A 152 5.40 14.41 -4.49
C ILE A 152 5.34 15.87 -4.98
N GLN A 153 6.26 16.25 -5.84
CA GLN A 153 6.26 17.66 -6.37
C GLN A 153 6.39 17.60 -7.89
N ASP A 154 6.62 16.41 -8.42
CA ASP A 154 6.77 16.26 -9.89
C ASP A 154 5.72 15.26 -10.40
N GLU A 155 5.08 15.57 -11.49
CA GLU A 155 4.05 14.65 -12.02
C GLU A 155 4.72 13.39 -12.57
N VAL A 156 4.32 12.24 -12.09
CA VAL A 156 4.91 10.97 -12.59
C VAL A 156 3.85 9.89 -12.56
N ILE A 157 4.14 8.75 -13.11
CA ILE A 157 3.15 7.65 -13.09
C ILE A 157 3.36 6.84 -11.82
N LEU A 158 2.36 6.13 -11.39
CA LEU A 158 2.50 5.31 -10.15
C LEU A 158 2.53 3.83 -10.52
N VAL A 159 3.59 3.17 -10.16
CA VAL A 159 3.75 1.70 -10.45
C VAL A 159 3.95 0.94 -9.14
N ALA A 160 3.18 -0.08 -8.92
CA ALA A 160 3.32 -0.87 -7.66
C ALA A 160 2.63 -2.22 -7.80
N ALA A 161 3.09 -3.22 -7.12
CA ALA A 161 2.43 -4.54 -7.25
C ALA A 161 0.96 -4.37 -6.84
N ASP A 162 0.72 -3.63 -5.80
CA ASP A 162 -0.69 -3.39 -5.36
C ASP A 162 -0.70 -2.35 -4.24
N LEU A 163 -1.79 -1.62 -4.10
CA LEU A 163 -1.86 -0.56 -3.03
C LEU A 163 -2.94 -0.93 -2.02
N THR A 164 -2.69 -0.68 -0.75
CA THR A 164 -3.69 -0.99 0.30
C THR A 164 -4.52 0.27 0.58
N PRO A 165 -5.76 0.13 1.00
CA PRO A 165 -6.64 1.29 1.31
C PRO A 165 -5.87 2.45 1.95
N SER A 166 -5.00 2.15 2.87
CA SER A 166 -4.22 3.24 3.52
C SER A 166 -3.52 4.07 2.44
N GLU A 167 -2.60 3.48 1.72
CA GLU A 167 -1.88 4.24 0.65
C GLU A 167 -2.89 4.99 -0.21
N THR A 168 -4.03 4.40 -0.45
CA THR A 168 -5.05 5.06 -1.30
C THR A 168 -5.72 6.20 -0.53
N ALA A 169 -5.64 6.18 0.78
CA ALA A 169 -6.28 7.25 1.59
C ALA A 169 -5.33 8.43 1.76
N GLN A 170 -4.04 8.21 1.56
CA GLN A 170 -3.04 9.33 1.72
C GLN A 170 -2.47 9.73 0.35
N LEU A 171 -2.64 8.90 -0.65
CA LEU A 171 -2.11 9.25 -2.00
C LEU A 171 -2.81 10.52 -2.48
N ASN A 172 -2.14 11.36 -3.24
CA ASN A 172 -2.80 12.60 -3.73
C ASN A 172 -3.34 12.35 -5.14
N LEU A 173 -4.33 13.09 -5.54
CA LEU A 173 -4.93 12.89 -6.90
C LEU A 173 -4.29 13.83 -7.92
N LYS A 174 -4.08 15.08 -7.57
CA LYS A 174 -3.52 16.05 -8.55
C LYS A 174 -1.99 15.90 -8.69
N LYS A 175 -1.36 15.18 -7.81
CA LYS A 175 0.14 15.01 -7.93
C LYS A 175 0.42 13.69 -8.65
N VAL A 176 -0.59 12.92 -8.91
CA VAL A 176 -0.40 11.61 -9.62
C VAL A 176 -0.85 11.78 -11.08
N LEU A 177 -0.34 10.95 -11.96
CA LEU A 177 -0.73 11.04 -13.40
C LEU A 177 -1.55 9.80 -13.77
N GLY A 178 -1.48 8.77 -12.98
CA GLY A 178 -2.25 7.54 -13.27
C GLY A 178 -1.86 6.45 -12.28
N PHE A 179 -2.50 5.31 -12.36
CA PHE A 179 -2.15 4.18 -11.44
C PHE A 179 -1.93 2.92 -12.25
N ILE A 180 -0.80 2.29 -12.08
CA ILE A 180 -0.49 1.03 -12.82
C ILE A 180 -0.03 -0.01 -11.79
N THR A 181 -0.77 -1.07 -11.69
CA THR A 181 -0.39 -2.14 -10.71
C THR A 181 -0.69 -3.53 -11.27
N ASP A 182 -0.02 -4.52 -10.77
CA ASP A 182 -0.28 -5.92 -11.27
C ASP A 182 -1.24 -6.64 -10.33
N ALA A 183 -2.34 -6.03 -9.96
CA ALA A 183 -3.30 -6.71 -9.03
C ALA A 183 -4.39 -7.42 -9.83
N GLY A 184 -5.59 -7.51 -9.29
CA GLY A 184 -6.70 -8.19 -10.00
C GLY A 184 -7.50 -7.18 -10.83
N GLY A 185 -8.74 -6.98 -10.48
CA GLY A 185 -9.60 -6.02 -11.22
C GLY A 185 -11.06 -6.29 -10.85
N ARG A 186 -11.35 -7.49 -10.41
CA ARG A 186 -12.74 -7.84 -10.01
C ARG A 186 -13.14 -7.01 -8.78
N THR A 187 -13.88 -5.95 -8.99
CA THR A 187 -14.31 -5.07 -7.86
C THR A 187 -13.15 -4.88 -6.88
N SER A 188 -11.97 -4.66 -7.40
CA SER A 188 -10.79 -4.48 -6.49
C SER A 188 -10.74 -3.05 -6.00
N HIS A 189 -10.20 -2.84 -4.83
CA HIS A 189 -10.11 -1.46 -4.28
C HIS A 189 -9.47 -0.53 -5.30
N THR A 190 -8.28 -0.85 -5.74
CA THR A 190 -7.58 0.00 -6.73
C THR A 190 -8.50 0.28 -7.94
N SER A 191 -9.26 -0.69 -8.37
CA SER A 191 -10.16 -0.46 -9.55
C SER A 191 -11.28 0.51 -9.18
N ILE A 192 -11.86 0.35 -8.02
CA ILE A 192 -12.98 1.26 -7.61
C ILE A 192 -12.51 2.72 -7.65
N MET A 193 -11.24 2.96 -7.45
CA MET A 193 -10.74 4.37 -7.52
C MET A 193 -10.78 4.79 -8.97
N ALA A 194 -10.12 4.02 -9.80
CA ALA A 194 -10.09 4.32 -11.23
C ALA A 194 -11.52 4.37 -11.77
N ARG A 195 -12.33 3.40 -11.42
CA ARG A 195 -13.73 3.39 -11.92
C ARG A 195 -14.49 4.59 -11.35
N SER A 196 -14.39 4.83 -10.07
CA SER A 196 -15.12 5.98 -9.46
C SER A 196 -14.50 7.30 -9.93
N LEU A 197 -13.19 7.36 -10.06
CA LEU A 197 -12.54 8.63 -10.49
C LEU A 197 -12.40 8.63 -12.03
N GLU A 198 -12.92 7.62 -12.67
CA GLU A 198 -12.83 7.55 -14.16
C GLU A 198 -11.40 7.84 -14.63
N LEU A 199 -10.46 7.89 -13.72
CA LEU A 199 -9.05 8.16 -14.12
C LEU A 199 -8.51 6.98 -14.94
N PRO A 200 -7.59 7.19 -15.86
CA PRO A 200 -7.02 6.08 -16.67
C PRO A 200 -6.17 5.15 -15.80
N ALA A 201 -6.32 3.86 -15.94
CA ALA A 201 -5.50 2.95 -15.09
C ALA A 201 -5.49 1.53 -15.65
N ILE A 202 -4.71 0.69 -15.04
CA ILE A 202 -4.60 -0.73 -15.44
C ILE A 202 -4.30 -1.52 -14.16
N VAL A 203 -4.58 -2.81 -14.13
CA VAL A 203 -4.33 -3.59 -12.88
C VAL A 203 -3.72 -4.96 -13.21
N GLY A 204 -4.08 -5.53 -14.32
CA GLY A 204 -3.55 -6.88 -14.69
C GLY A 204 -2.19 -6.77 -15.38
N THR A 205 -1.33 -5.89 -14.92
CA THR A 205 0.00 -5.76 -15.56
C THR A 205 0.82 -7.01 -15.27
N GLY A 206 0.48 -7.70 -14.22
CA GLY A 206 1.22 -8.96 -13.89
C GLY A 206 2.62 -8.64 -13.33
N SER A 207 3.62 -8.69 -14.16
CA SER A 207 5.02 -8.46 -13.67
C SER A 207 5.69 -7.26 -14.34
N VAL A 208 5.03 -6.14 -14.44
CA VAL A 208 5.69 -4.96 -15.04
C VAL A 208 6.68 -4.40 -14.01
N THR A 209 6.40 -4.57 -12.75
CA THR A 209 7.32 -4.06 -11.70
C THR A 209 8.62 -4.85 -11.75
N SER A 210 8.63 -5.93 -12.49
CA SER A 210 9.85 -6.77 -12.61
C SER A 210 10.48 -6.56 -13.99
N GLN A 211 10.07 -5.53 -14.68
CA GLN A 211 10.64 -5.23 -16.04
C GLN A 211 11.04 -3.76 -16.11
N VAL A 212 10.42 -2.93 -15.32
CA VAL A 212 10.75 -1.46 -15.32
C VAL A 212 11.30 -1.07 -13.96
N LYS A 213 11.92 0.08 -13.87
CA LYS A 213 12.48 0.54 -12.56
C LYS A 213 11.93 1.96 -12.33
N ASN A 214 12.41 2.64 -11.33
CA ASN A 214 11.90 4.02 -11.09
C ASN A 214 12.61 5.02 -12.02
N ASP A 215 11.92 6.07 -12.41
CA ASP A 215 12.54 7.12 -13.29
C ASP A 215 12.51 6.71 -14.77
N ASP A 216 12.21 5.48 -15.06
CA ASP A 216 12.18 5.08 -16.49
C ASP A 216 11.17 5.99 -17.22
N TYR A 217 11.43 6.32 -18.45
CA TYR A 217 10.48 7.20 -19.19
C TYR A 217 9.42 6.32 -19.84
N LEU A 218 8.18 6.53 -19.51
CA LEU A 218 7.07 5.70 -20.09
C LEU A 218 6.04 6.58 -20.76
N ILE A 219 5.15 5.95 -21.48
CA ILE A 219 4.02 6.66 -22.15
C ILE A 219 2.82 5.73 -22.08
N LEU A 220 1.87 6.03 -21.24
CA LEU A 220 0.69 5.14 -21.11
C LEU A 220 -0.30 5.48 -22.22
N ASP A 221 -0.72 4.50 -22.97
CA ASP A 221 -1.67 4.76 -24.09
C ASP A 221 -3.09 4.47 -23.63
N ALA A 222 -3.25 3.52 -22.75
CA ALA A 222 -4.59 3.15 -22.24
C ALA A 222 -5.61 3.17 -23.39
N VAL A 223 -5.16 3.00 -24.59
CA VAL A 223 -6.08 2.98 -25.78
C VAL A 223 -5.88 1.64 -26.46
N ASN A 224 -4.65 1.32 -26.75
CA ASN A 224 -4.34 0.01 -27.39
C ASN A 224 -3.91 -0.95 -26.28
N ASN A 225 -4.21 -0.58 -25.06
CA ASN A 225 -3.83 -1.43 -23.91
C ASN A 225 -2.34 -1.80 -24.03
N GLN A 226 -1.48 -0.81 -24.09
CA GLN A 226 -0.02 -1.09 -24.22
C GLN A 226 0.79 0.08 -23.65
N VAL A 227 1.91 -0.23 -23.02
CA VAL A 227 2.78 0.81 -22.43
C VAL A 227 4.11 0.85 -23.20
N TYR A 228 4.63 2.02 -23.48
CA TYR A 228 5.93 2.10 -24.23
C TYR A 228 7.07 2.46 -23.25
N VAL A 229 8.14 1.69 -23.30
CA VAL A 229 9.28 1.93 -22.38
C VAL A 229 10.48 2.49 -23.16
N ASN A 230 10.97 3.64 -22.77
CA ASN A 230 12.14 4.23 -23.48
C ASN A 230 11.88 4.25 -24.99
N PRO A 231 10.82 4.90 -25.40
CA PRO A 231 10.45 4.97 -26.85
C PRO A 231 11.46 5.79 -27.67
N THR A 232 11.48 5.59 -28.96
CA THR A 232 12.44 6.32 -29.84
C THR A 232 11.96 7.77 -30.03
N ASN A 233 12.85 8.67 -30.37
CA ASN A 233 12.44 10.09 -30.59
C ASN A 233 11.45 10.17 -31.75
N GLU A 234 11.49 9.22 -32.65
CA GLU A 234 10.56 9.23 -33.81
C GLU A 234 9.14 8.87 -33.37
N VAL A 235 9.02 7.99 -32.42
CA VAL A 235 7.67 7.58 -31.95
C VAL A 235 7.09 8.66 -31.04
N ILE A 236 7.87 9.14 -30.12
CA ILE A 236 7.37 10.20 -29.20
C ILE A 236 6.70 11.30 -30.02
N ASP A 237 7.46 11.91 -30.90
CA ASP A 237 6.90 13.00 -31.74
C ASP A 237 5.67 12.49 -32.50
N LYS A 238 5.71 11.30 -33.01
CA LYS A 238 4.53 10.79 -33.75
C LYS A 238 3.36 10.59 -32.81
N MET A 239 3.61 10.18 -31.59
CA MET A 239 2.50 9.98 -30.63
C MET A 239 2.07 11.32 -30.04
N ARG A 240 2.95 12.28 -30.02
CA ARG A 240 2.56 13.61 -29.46
C ARG A 240 1.43 14.21 -30.28
N ALA A 241 1.52 14.17 -31.58
CA ALA A 241 0.43 14.73 -32.41
C ALA A 241 -0.77 13.78 -32.39
N VAL A 242 -0.58 12.55 -32.81
CA VAL A 242 -1.70 11.57 -32.81
C VAL A 242 -2.50 11.68 -31.50
N GLN A 243 -1.86 11.47 -30.38
CA GLN A 243 -2.61 11.56 -29.08
C GLN A 243 -3.47 12.83 -29.07
N GLU A 244 -2.86 13.98 -29.13
CA GLU A 244 -3.63 15.24 -29.07
C GLU A 244 -4.71 15.27 -30.16
N GLN A 245 -4.49 14.63 -31.27
CA GLN A 245 -5.54 14.64 -32.32
C GLN A 245 -6.74 13.84 -31.79
N VAL A 246 -6.50 12.96 -30.85
CA VAL A 246 -7.62 12.15 -30.29
C VAL A 246 -8.52 13.06 -29.45
N ALA A 247 -7.94 13.77 -28.52
CA ALA A 247 -8.76 14.68 -27.67
C ALA A 247 -9.65 15.54 -28.57
N SER A 248 -9.15 15.93 -29.71
CA SER A 248 -9.95 16.77 -30.64
C SER A 248 -10.96 15.89 -31.39
N GLU A 249 -10.75 14.60 -31.41
CA GLU A 249 -11.70 13.71 -32.13
C GLU A 249 -13.00 13.58 -31.34
N MET A 1 4.62 -6.76 -24.93
CA MET A 1 3.38 -7.57 -25.02
C MET A 1 2.64 -7.51 -23.69
N ILE A 2 2.51 -6.34 -23.12
CA ILE A 2 1.80 -6.23 -21.81
C ILE A 2 0.30 -6.08 -22.06
N SER A 3 -0.44 -7.16 -21.97
CA SER A 3 -1.92 -7.08 -22.20
C SER A 3 -2.62 -6.92 -20.84
N GLY A 4 -3.16 -5.75 -20.57
CA GLY A 4 -3.86 -5.53 -19.28
C GLY A 4 -5.37 -5.66 -19.48
N ILE A 5 -6.13 -5.30 -18.49
CA ILE A 5 -7.62 -5.40 -18.60
C ILE A 5 -8.19 -4.04 -19.02
N LEU A 6 -7.37 -3.03 -19.00
CA LEU A 6 -7.86 -1.67 -19.41
C LEU A 6 -8.92 -1.22 -18.39
N ALA A 7 -8.58 -0.29 -17.54
CA ALA A 7 -9.58 0.19 -16.56
C ALA A 7 -10.40 1.31 -17.21
N SER A 8 -9.74 2.21 -17.87
CA SER A 8 -10.47 3.32 -18.55
C SER A 8 -9.64 3.77 -19.77
N PRO A 9 -10.29 4.25 -20.83
CA PRO A 9 -9.57 4.70 -22.06
C PRO A 9 -8.97 6.11 -21.94
N GLY A 10 -7.87 6.34 -22.61
CA GLY A 10 -7.22 7.69 -22.55
C GLY A 10 -5.72 7.55 -22.84
N ILE A 11 -4.99 8.64 -22.78
CA ILE A 11 -3.52 8.59 -23.04
C ILE A 11 -2.80 9.53 -22.08
N ALA A 12 -1.73 9.08 -21.47
CA ALA A 12 -0.98 9.95 -20.51
C ALA A 12 0.54 9.68 -20.63
N PHE A 13 1.33 10.64 -20.21
CA PHE A 13 2.82 10.47 -20.27
C PHE A 13 3.39 10.81 -18.88
N GLY A 14 4.31 10.03 -18.37
CA GLY A 14 4.85 10.35 -17.02
C GLY A 14 5.97 9.38 -16.62
N LYS A 15 6.75 9.74 -15.63
CA LYS A 15 7.87 8.86 -15.19
C LYS A 15 7.34 7.75 -14.29
N ALA A 16 7.97 6.61 -14.32
CA ALA A 16 7.51 5.45 -13.50
C ALA A 16 7.90 5.64 -12.02
N LEU A 17 6.93 5.60 -11.14
CA LEU A 17 7.21 5.73 -9.67
C LEU A 17 7.06 4.33 -9.06
N LEU A 18 8.13 3.58 -8.99
CA LEU A 18 8.03 2.19 -8.43
C LEU A 18 8.09 2.23 -6.90
N LEU A 19 7.24 1.48 -6.27
CA LEU A 19 7.19 1.46 -4.77
C LEU A 19 8.00 0.28 -4.22
N LYS A 20 9.24 0.50 -3.88
CA LYS A 20 10.10 -0.59 -3.32
C LYS A 20 10.14 -0.48 -1.80
N GLU A 21 10.29 -1.57 -1.10
CA GLU A 21 10.34 -1.53 0.39
C GLU A 21 11.55 -2.32 0.87
N ASP A 22 12.21 -1.85 1.88
CA ASP A 22 13.40 -2.59 2.40
C ASP A 22 12.94 -3.73 3.29
N GLU A 23 13.54 -4.87 3.15
CA GLU A 23 13.15 -6.04 3.99
C GLU A 23 13.55 -5.76 5.44
N ILE A 24 12.63 -5.95 6.36
CA ILE A 24 12.95 -5.69 7.80
C ILE A 24 13.46 -6.97 8.46
N VAL A 25 14.48 -6.86 9.27
CA VAL A 25 15.04 -8.07 9.95
C VAL A 25 14.62 -8.07 11.43
N ILE A 26 13.88 -9.06 11.84
CA ILE A 26 13.43 -9.11 13.27
C ILE A 26 14.48 -9.85 14.10
N ASP A 27 14.72 -9.41 15.31
CA ASP A 27 15.74 -10.08 16.17
C ASP A 27 15.08 -11.18 17.00
N ARG A 28 15.58 -12.39 16.90
CA ARG A 28 15.00 -13.52 17.69
C ARG A 28 15.88 -13.79 18.91
N LYS A 29 16.55 -12.78 19.40
CA LYS A 29 17.44 -12.97 20.58
C LYS A 29 16.62 -12.90 21.87
N LYS A 30 16.98 -13.67 22.86
CA LYS A 30 16.23 -13.64 24.15
C LYS A 30 16.82 -12.51 25.01
N ILE A 31 15.99 -11.59 25.43
CA ILE A 31 16.51 -10.47 26.26
C ILE A 31 16.51 -10.83 27.74
N SER A 32 17.09 -9.99 28.55
CA SER A 32 17.13 -10.25 30.03
C SER A 32 16.08 -9.37 30.71
N ALA A 33 15.60 -9.77 31.85
CA ALA A 33 14.57 -8.96 32.56
C ALA A 33 15.02 -7.51 32.68
N ASP A 34 16.24 -7.22 32.30
CA ASP A 34 16.74 -5.81 32.42
C ASP A 34 16.29 -4.98 31.21
N GLN A 35 16.10 -5.61 30.07
CA GLN A 35 15.68 -4.84 28.85
C GLN A 35 14.18 -5.05 28.61
N VAL A 36 13.53 -5.86 29.41
CA VAL A 36 12.08 -6.09 29.22
C VAL A 36 11.34 -4.77 29.47
N ASP A 37 11.69 -4.06 30.51
CA ASP A 37 11.01 -2.77 30.79
C ASP A 37 11.03 -1.90 29.52
N GLN A 38 12.10 -1.97 28.77
CA GLN A 38 12.19 -1.15 27.53
C GLN A 38 11.22 -1.68 26.49
N GLU A 39 11.01 -2.97 26.46
CA GLU A 39 10.06 -3.52 25.44
C GLU A 39 8.67 -2.95 25.68
N VAL A 40 8.22 -2.94 26.90
CA VAL A 40 6.87 -2.39 27.22
C VAL A 40 6.81 -0.91 26.82
N GLU A 41 7.79 -0.14 27.21
CA GLU A 41 7.80 1.31 26.84
C GLU A 41 7.91 1.42 25.32
N ARG A 42 8.72 0.58 24.73
CA ARG A 42 8.86 0.61 23.25
C ARG A 42 7.53 0.24 22.61
N PHE A 43 6.79 -0.64 23.24
CA PHE A 43 5.46 -1.04 22.68
C PHE A 43 4.40 -0.06 23.17
N LEU A 44 4.26 0.08 24.46
CA LEU A 44 3.25 1.01 25.02
C LEU A 44 3.37 2.36 24.31
N SER A 45 4.48 3.04 24.50
CA SER A 45 4.66 4.36 23.86
C SER A 45 4.69 4.17 22.34
N GLY A 46 5.19 3.05 21.89
CA GLY A 46 5.21 2.79 20.42
C GLY A 46 3.78 2.85 19.93
N ARG A 47 2.92 2.07 20.52
CA ARG A 47 1.49 2.08 20.11
C ARG A 47 0.98 3.52 20.08
N ALA A 48 1.57 4.38 20.87
CA ALA A 48 1.14 5.81 20.87
C ALA A 48 1.46 6.38 19.49
N LYS A 49 2.51 5.93 18.90
CA LYS A 49 2.91 6.43 17.56
C LYS A 49 2.06 5.73 16.51
N ALA A 50 2.12 4.43 16.45
CA ALA A 50 1.30 3.71 15.44
C ALA A 50 -0.16 4.12 15.57
N SER A 51 -0.62 4.37 16.76
CA SER A 51 -2.03 4.80 16.96
C SER A 51 -2.21 6.14 16.27
N ALA A 52 -1.20 6.97 16.35
CA ALA A 52 -1.27 8.31 15.72
C ALA A 52 -1.14 8.17 14.20
N GLN A 53 -0.39 7.19 13.76
CA GLN A 53 -0.22 7.00 12.30
C GLN A 53 -1.53 6.52 11.68
N LEU A 54 -1.98 5.35 12.05
CA LEU A 54 -3.26 4.83 11.47
C LEU A 54 -4.35 5.89 11.66
N GLU A 55 -4.23 6.70 12.66
CA GLU A 55 -5.25 7.76 12.90
C GLU A 55 -5.10 8.86 11.84
N THR A 56 -3.90 9.34 11.64
CA THR A 56 -3.70 10.42 10.64
C THR A 56 -4.17 9.93 9.27
N ILE A 57 -4.05 8.65 9.01
CA ILE A 57 -4.51 8.12 7.70
C ILE A 57 -6.04 8.09 7.71
N LYS A 58 -6.63 7.89 8.85
CA LYS A 58 -8.12 7.87 8.94
C LYS A 58 -8.69 9.17 8.38
N THR A 59 -8.12 10.28 8.76
CA THR A 59 -8.63 11.58 8.25
C THR A 59 -8.29 11.73 6.77
N LYS A 60 -7.24 11.10 6.32
CA LYS A 60 -6.91 11.23 4.88
C LYS A 60 -7.95 10.45 4.08
N ALA A 61 -8.42 9.37 4.63
CA ALA A 61 -9.44 8.57 3.93
C ALA A 61 -10.78 9.32 3.97
N GLY A 62 -11.00 10.12 5.00
CA GLY A 62 -12.29 10.86 5.09
C GLY A 62 -12.22 12.19 4.32
N GLU A 63 -11.08 12.83 4.29
CA GLU A 63 -11.00 14.13 3.54
C GLU A 63 -10.70 13.84 2.08
N THR A 64 -10.34 12.63 1.76
CA THR A 64 -10.05 12.27 0.34
C THR A 64 -11.30 11.68 -0.31
N PHE A 65 -11.90 10.67 0.29
CA PHE A 65 -13.13 10.05 -0.30
C PHE A 65 -14.35 10.44 0.53
N GLY A 66 -14.20 10.54 1.83
CA GLY A 66 -15.35 10.90 2.69
C GLY A 66 -16.34 9.74 2.76
N GLU A 67 -16.34 8.88 1.79
CA GLU A 67 -17.28 7.72 1.80
C GLU A 67 -17.15 6.94 3.11
N GLU A 68 -17.80 5.82 3.21
CA GLU A 68 -17.74 4.99 4.44
C GLU A 68 -16.34 4.38 4.60
N LYS A 69 -15.34 5.09 4.18
CA LYS A 69 -13.95 4.54 4.29
C LYS A 69 -13.41 4.84 5.68
N GLU A 70 -14.02 5.75 6.39
CA GLU A 70 -13.52 6.08 7.76
C GLU A 70 -13.76 4.92 8.71
N ALA A 71 -14.81 4.16 8.50
CA ALA A 71 -15.12 3.02 9.40
C ALA A 71 -14.05 1.92 9.26
N ILE A 72 -13.34 1.91 8.17
CA ILE A 72 -12.29 0.85 7.99
C ILE A 72 -11.15 1.09 8.96
N PHE A 73 -10.68 2.31 9.06
CA PHE A 73 -9.56 2.60 10.00
C PHE A 73 -10.08 2.65 11.43
N GLU A 74 -11.36 2.86 11.61
CA GLU A 74 -11.91 2.91 13.00
C GLU A 74 -11.73 1.54 13.64
N GLY A 75 -11.87 0.49 12.88
CA GLY A 75 -11.69 -0.88 13.44
C GLY A 75 -10.21 -1.23 13.51
N HIS A 76 -9.42 -0.77 12.57
CA HIS A 76 -7.97 -1.07 12.59
C HIS A 76 -7.36 -0.53 13.88
N ILE A 77 -8.00 0.42 14.51
CA ILE A 77 -7.45 0.96 15.79
C ILE A 77 -7.97 0.07 16.93
N MET A 78 -9.22 -0.30 16.88
CA MET A 78 -9.79 -1.17 17.94
C MET A 78 -9.00 -2.48 17.98
N LEU A 79 -8.70 -3.03 16.83
CA LEU A 79 -7.92 -4.29 16.79
C LEU A 79 -6.52 -4.03 17.36
N LEU A 80 -5.92 -2.94 16.95
CA LEU A 80 -4.55 -2.62 17.44
C LEU A 80 -4.62 -2.30 18.94
N GLU A 81 -5.56 -1.49 19.35
CA GLU A 81 -5.68 -1.13 20.79
C GLU A 81 -6.51 -2.18 21.53
N ASP A 82 -6.81 -3.28 20.89
CA ASP A 82 -7.62 -4.33 21.58
C ASP A 82 -7.04 -4.59 22.97
N GLU A 83 -7.85 -4.53 23.98
CA GLU A 83 -7.35 -4.78 25.35
C GLU A 83 -6.90 -6.23 25.45
N GLU A 84 -7.46 -7.09 24.63
CA GLU A 84 -7.10 -8.52 24.71
C GLU A 84 -5.75 -8.74 24.04
N LEU A 85 -5.58 -8.30 22.82
CA LEU A 85 -4.27 -8.50 22.14
C LEU A 85 -3.20 -7.73 22.90
N GLU A 86 -3.59 -6.78 23.71
CA GLU A 86 -2.58 -5.99 24.49
C GLU A 86 -2.08 -6.82 25.66
N GLN A 87 -2.95 -7.30 26.49
CA GLN A 87 -2.53 -8.11 27.66
C GLN A 87 -1.84 -9.40 27.18
N GLU A 88 -2.24 -9.91 26.05
CA GLU A 88 -1.60 -11.16 25.54
C GLU A 88 -0.18 -10.85 25.06
N ILE A 89 -0.04 -9.81 24.28
CA ILE A 89 1.32 -9.42 23.82
C ILE A 89 2.19 -9.15 25.05
N ILE A 90 1.80 -8.20 25.86
CA ILE A 90 2.59 -7.87 27.08
C ILE A 90 2.99 -9.15 27.81
N ALA A 91 2.11 -10.11 27.86
CA ALA A 91 2.45 -11.38 28.57
C ALA A 91 3.63 -12.06 27.88
N LEU A 92 3.47 -12.41 26.63
CA LEU A 92 4.59 -13.10 25.91
C LEU A 92 5.89 -12.34 26.15
N ILE A 93 5.88 -11.05 25.93
CA ILE A 93 7.13 -10.26 26.14
C ILE A 93 7.69 -10.47 27.55
N LYS A 94 6.88 -10.34 28.56
CA LYS A 94 7.37 -10.50 29.95
C LYS A 94 7.40 -11.97 30.39
N ASP A 95 6.44 -12.75 29.99
CA ASP A 95 6.40 -14.18 30.44
C ASP A 95 7.28 -15.08 29.57
N LYS A 96 7.34 -14.85 28.28
CA LYS A 96 8.19 -15.73 27.40
C LYS A 96 9.47 -14.98 27.03
N HIS A 97 9.77 -13.92 27.72
CA HIS A 97 11.02 -13.15 27.43
C HIS A 97 11.19 -12.97 25.91
N MET A 98 10.15 -12.53 25.25
CA MET A 98 10.23 -12.31 23.77
C MET A 98 10.35 -10.81 23.50
N THR A 99 10.99 -10.44 22.43
CA THR A 99 11.15 -8.98 22.12
C THR A 99 9.83 -8.44 21.55
N ALA A 100 9.55 -7.19 21.79
CA ALA A 100 8.29 -6.60 21.26
C ALA A 100 8.23 -6.85 19.75
N ASP A 101 9.35 -6.89 19.10
CA ASP A 101 9.37 -7.13 17.63
C ASP A 101 9.06 -8.61 17.38
N ALA A 102 9.67 -9.47 18.14
CA ALA A 102 9.43 -10.93 17.96
C ALA A 102 8.03 -11.31 18.43
N ALA A 103 7.68 -10.97 19.64
CA ALA A 103 6.33 -11.32 20.15
C ALA A 103 5.26 -10.72 19.23
N ALA A 104 5.36 -9.46 18.94
CA ALA A 104 4.36 -8.81 18.06
C ALA A 104 4.25 -9.58 16.75
N HIS A 105 5.32 -10.12 16.27
CA HIS A 105 5.26 -10.89 14.99
C HIS A 105 4.49 -12.20 15.21
N GLU A 106 4.54 -12.73 16.40
CA GLU A 106 3.81 -14.01 16.67
C GLU A 106 2.30 -13.79 16.56
N VAL A 107 1.75 -12.97 17.41
CA VAL A 107 0.28 -12.73 17.35
C VAL A 107 -0.14 -12.41 15.92
N ILE A 108 0.57 -11.54 15.26
CA ILE A 108 0.22 -11.19 13.86
C ILE A 108 0.36 -12.45 13.00
N GLU A 109 1.03 -13.46 13.51
CA GLU A 109 1.19 -14.71 12.74
C GLU A 109 -0.15 -15.47 12.73
N GLY A 110 -0.88 -15.41 13.81
CA GLY A 110 -2.21 -16.11 13.84
C GLY A 110 -3.33 -15.23 13.29
N GLN A 111 -3.23 -13.94 13.42
CA GLN A 111 -4.34 -13.07 12.91
C GLN A 111 -4.44 -13.21 11.40
N ALA A 112 -3.32 -13.35 10.76
CA ALA A 112 -3.33 -13.49 9.27
C ALA A 112 -3.68 -14.94 8.93
N SER A 113 -2.95 -15.88 9.46
CA SER A 113 -3.23 -17.30 9.15
C SER A 113 -4.66 -17.65 9.57
N ALA A 114 -5.12 -17.11 10.67
CA ALA A 114 -6.50 -17.45 11.15
C ALA A 114 -7.55 -16.96 10.14
N LEU A 115 -7.38 -15.79 9.59
CA LEU A 115 -8.41 -15.30 8.62
C LEU A 115 -8.36 -16.18 7.37
N GLU A 116 -7.23 -16.74 7.05
CA GLU A 116 -7.13 -17.61 5.85
C GLU A 116 -7.96 -18.89 6.05
N GLU A 117 -8.31 -19.20 7.26
CA GLU A 117 -9.12 -20.43 7.51
C GLU A 117 -10.61 -20.13 7.27
N LEU A 118 -10.94 -18.88 7.08
CA LEU A 118 -12.37 -18.51 6.84
C LEU A 118 -12.66 -18.63 5.33
N ASP A 119 -13.85 -19.04 4.98
CA ASP A 119 -14.21 -19.17 3.54
C ASP A 119 -14.92 -17.89 3.11
N ASP A 120 -14.26 -16.77 3.19
CA ASP A 120 -14.90 -15.48 2.81
C ASP A 120 -13.85 -14.51 2.26
N GLU A 121 -14.00 -14.09 1.04
CA GLU A 121 -13.00 -13.14 0.45
C GLU A 121 -13.07 -11.81 1.20
N TYR A 122 -14.09 -11.62 2.00
CA TYR A 122 -14.22 -10.35 2.77
C TYR A 122 -13.27 -10.38 3.96
N LEU A 123 -13.51 -11.27 4.90
CA LEU A 123 -12.62 -11.34 6.09
C LEU A 123 -11.21 -11.75 5.65
N LYS A 124 -11.10 -12.54 4.62
CA LYS A 124 -9.75 -12.95 4.14
C LYS A 124 -9.02 -11.73 3.59
N GLU A 125 -9.62 -11.02 2.69
CA GLU A 125 -8.96 -9.81 2.14
C GLU A 125 -8.61 -8.90 3.31
N ARG A 126 -9.25 -9.08 4.43
CA ARG A 126 -8.91 -8.25 5.60
C ARG A 126 -7.56 -8.77 6.12
N ALA A 127 -7.29 -10.02 5.86
CA ALA A 127 -6.00 -10.60 6.29
C ALA A 127 -4.88 -9.77 5.69
N ALA A 128 -5.00 -9.43 4.44
CA ALA A 128 -3.95 -8.59 3.79
C ALA A 128 -3.94 -7.23 4.48
N ASP A 129 -5.09 -6.73 4.83
CA ASP A 129 -5.17 -5.41 5.52
C ASP A 129 -4.62 -5.55 6.93
N VAL A 130 -4.71 -6.72 7.51
CA VAL A 130 -4.20 -6.92 8.89
C VAL A 130 -2.67 -7.04 8.81
N ARG A 131 -2.18 -7.80 7.87
CA ARG A 131 -0.70 -7.94 7.73
C ARG A 131 -0.10 -6.53 7.64
N ASP A 132 -0.75 -5.66 6.91
CA ASP A 132 -0.24 -4.27 6.78
C ASP A 132 -0.25 -3.60 8.17
N ILE A 133 -1.19 -3.92 9.01
CA ILE A 133 -1.22 -3.29 10.36
C ILE A 133 -0.02 -3.79 11.17
N GLY A 134 0.35 -5.02 11.00
CA GLY A 134 1.52 -5.56 11.75
C GLY A 134 2.80 -5.02 11.14
N LYS A 135 2.89 -5.07 9.83
CA LYS A 135 4.11 -4.56 9.14
C LYS A 135 4.37 -3.12 9.56
N ARG A 136 3.35 -2.29 9.54
CA ARG A 136 3.56 -0.87 9.95
C ARG A 136 3.93 -0.82 11.43
N LEU A 137 3.25 -1.59 12.23
CA LEU A 137 3.55 -1.59 13.69
C LEU A 137 5.03 -1.91 13.88
N LEU A 138 5.58 -2.78 13.08
CA LEU A 138 7.02 -3.14 13.22
C LEU A 138 7.88 -1.90 12.94
N ARG A 139 7.75 -1.33 11.78
CA ARG A 139 8.56 -0.13 11.42
C ARG A 139 8.45 0.93 12.54
N ASN A 140 7.47 0.81 13.40
CA ASN A 140 7.32 1.81 14.49
C ASN A 140 8.23 1.43 15.66
N ILE A 141 8.22 0.20 16.04
CA ILE A 141 9.09 -0.24 17.17
C ILE A 141 10.55 0.02 16.80
N LEU A 142 10.90 -0.20 15.55
CA LEU A 142 12.31 0.03 15.10
C LEU A 142 12.44 1.47 14.60
N GLY A 143 11.36 2.20 14.61
CA GLY A 143 11.41 3.60 14.13
C GLY A 143 12.07 3.63 12.76
N LEU A 144 12.05 2.52 12.08
CA LEU A 144 12.69 2.47 10.75
C LEU A 144 12.13 3.59 9.86
N LYS A 145 12.77 3.88 8.75
CA LYS A 145 12.27 4.96 7.86
C LYS A 145 10.90 4.56 7.31
N ILE A 146 9.95 5.45 7.32
CA ILE A 146 8.58 5.13 6.80
C ILE A 146 8.44 5.72 5.41
N ILE A 147 7.77 5.03 4.52
CA ILE A 147 7.61 5.56 3.14
C ILE A 147 6.51 6.62 3.11
N ASP A 148 6.83 7.79 2.62
CA ASP A 148 5.81 8.89 2.55
C ASP A 148 5.23 8.96 1.13
N LEU A 149 4.23 8.17 0.85
CA LEU A 149 3.62 8.20 -0.51
C LEU A 149 2.67 9.39 -0.63
N SER A 150 2.43 10.06 0.47
CA SER A 150 1.51 11.25 0.42
C SER A 150 2.32 12.51 0.12
N ALA A 151 3.63 12.44 0.17
CA ALA A 151 4.47 13.66 -0.07
C ALA A 151 5.06 13.71 -1.49
N ILE A 152 4.28 13.42 -2.51
CA ILE A 152 4.84 13.51 -3.88
C ILE A 152 5.06 14.99 -4.20
N GLN A 153 5.97 15.31 -5.10
CA GLN A 153 6.24 16.74 -5.44
C GLN A 153 6.24 16.91 -6.96
N ASP A 154 6.48 15.85 -7.69
CA ASP A 154 6.50 15.93 -9.19
C ASP A 154 5.47 14.95 -9.76
N GLU A 155 4.74 15.38 -10.75
CA GLU A 155 3.70 14.48 -11.35
C GLU A 155 4.38 13.25 -11.96
N VAL A 156 3.89 12.08 -11.64
CA VAL A 156 4.47 10.83 -12.20
C VAL A 156 3.39 9.76 -12.27
N ILE A 157 3.70 8.63 -12.82
CA ILE A 157 2.70 7.53 -12.92
C ILE A 157 2.82 6.68 -11.64
N LEU A 158 1.79 5.96 -11.30
CA LEU A 158 1.85 5.09 -10.08
C LEU A 158 1.96 3.62 -10.51
N VAL A 159 3.04 2.99 -10.13
CA VAL A 159 3.26 1.56 -10.50
C VAL A 159 3.47 0.72 -9.24
N ALA A 160 2.76 -0.37 -9.12
CA ALA A 160 2.92 -1.23 -7.91
C ALA A 160 2.30 -2.61 -8.19
N ALA A 161 2.84 -3.65 -7.64
CA ALA A 161 2.25 -4.99 -7.89
C ALA A 161 0.79 -4.95 -7.42
N ASP A 162 0.55 -4.25 -6.36
CA ASP A 162 -0.83 -4.14 -5.82
C ASP A 162 -0.83 -3.13 -4.68
N LEU A 163 -1.90 -2.38 -4.54
CA LEU A 163 -1.98 -1.37 -3.44
C LEU A 163 -3.12 -1.72 -2.50
N THR A 164 -2.89 -1.61 -1.22
CA THR A 164 -3.95 -1.95 -0.24
C THR A 164 -4.80 -0.70 0.03
N PRO A 165 -6.07 -0.86 0.35
CA PRO A 165 -6.97 0.29 0.63
C PRO A 165 -6.24 1.43 1.35
N SER A 166 -5.47 1.10 2.37
CA SER A 166 -4.72 2.16 3.09
C SER A 166 -3.93 2.97 2.08
N GLU A 167 -2.96 2.34 1.45
CA GLU A 167 -2.14 3.05 0.43
C GLU A 167 -3.05 3.88 -0.49
N THR A 168 -4.13 3.32 -0.93
CA THR A 168 -5.06 4.08 -1.82
C THR A 168 -5.77 5.16 -1.02
N ALA A 169 -5.92 4.96 0.27
CA ALA A 169 -6.63 5.98 1.10
C ALA A 169 -5.69 7.15 1.40
N GLN A 170 -4.40 6.91 1.48
CA GLN A 170 -3.44 8.03 1.77
C GLN A 170 -2.81 8.50 0.47
N LEU A 171 -3.09 7.84 -0.62
CA LEU A 171 -2.50 8.27 -1.92
C LEU A 171 -2.90 9.72 -2.17
N ASN A 172 -2.05 10.49 -2.82
CA ASN A 172 -2.38 11.92 -3.08
C ASN A 172 -2.90 12.08 -4.51
N LEU A 173 -4.19 12.30 -4.66
CA LEU A 173 -4.77 12.45 -6.02
C LEU A 173 -4.66 13.93 -6.44
N LYS A 174 -3.58 14.58 -6.08
CA LYS A 174 -3.41 16.02 -6.45
C LYS A 174 -2.30 16.13 -7.51
N LYS A 175 -1.40 15.18 -7.56
CA LYS A 175 -0.29 15.22 -8.56
C LYS A 175 -0.14 13.86 -9.26
N VAL A 176 -1.09 12.98 -9.07
CA VAL A 176 -0.99 11.65 -9.74
C VAL A 176 -1.42 11.78 -11.20
N LEU A 177 -0.92 10.91 -12.06
CA LEU A 177 -1.28 10.97 -13.51
C LEU A 177 -2.08 9.72 -13.91
N GLY A 178 -2.01 8.67 -13.14
CA GLY A 178 -2.78 7.44 -13.50
C GLY A 178 -2.44 6.32 -12.51
N PHE A 179 -3.12 5.19 -12.64
CA PHE A 179 -2.84 4.04 -11.72
C PHE A 179 -2.55 2.79 -12.55
N ILE A 180 -1.40 2.20 -12.35
CA ILE A 180 -1.03 0.96 -13.10
C ILE A 180 -0.54 -0.08 -12.10
N THR A 181 -1.15 -1.25 -12.11
CA THR A 181 -0.73 -2.32 -11.17
C THR A 181 -0.80 -3.70 -11.84
N ASP A 182 0.01 -4.61 -11.40
CA ASP A 182 0.01 -5.98 -11.99
C ASP A 182 -1.03 -6.83 -11.24
N ALA A 183 -2.19 -6.28 -10.99
CA ALA A 183 -3.26 -7.05 -10.25
C ALA A 183 -4.40 -7.42 -11.20
N GLY A 184 -4.70 -8.69 -11.29
CA GLY A 184 -5.79 -9.14 -12.21
C GLY A 184 -7.02 -8.22 -12.11
N GLY A 185 -7.11 -7.40 -11.10
CA GLY A 185 -8.30 -6.50 -11.00
C GLY A 185 -9.56 -7.32 -10.69
N ARG A 186 -9.45 -8.62 -10.73
CA ARG A 186 -10.64 -9.47 -10.43
C ARG A 186 -11.32 -8.95 -9.15
N THR A 187 -10.54 -8.48 -8.21
CA THR A 187 -11.12 -7.94 -6.95
C THR A 187 -10.16 -6.88 -6.37
N SER A 188 -9.47 -6.17 -7.22
CA SER A 188 -8.52 -5.12 -6.71
C SER A 188 -9.30 -3.82 -6.44
N HIS A 189 -9.04 -3.19 -5.33
CA HIS A 189 -9.76 -1.91 -5.01
C HIS A 189 -9.25 -0.83 -5.96
N THR A 190 -8.02 -0.93 -6.40
CA THR A 190 -7.46 0.10 -7.33
C THR A 190 -8.37 0.23 -8.55
N SER A 191 -8.84 -0.87 -9.07
CA SER A 191 -9.73 -0.82 -10.26
C SER A 191 -11.02 -0.06 -9.91
N ILE A 192 -11.45 -0.15 -8.68
CA ILE A 192 -12.70 0.57 -8.29
C ILE A 192 -12.48 2.09 -8.32
N MET A 193 -11.30 2.54 -7.98
CA MET A 193 -11.05 4.01 -8.01
C MET A 193 -10.98 4.43 -9.48
N ALA A 194 -10.13 3.77 -10.22
CA ALA A 194 -10.00 4.10 -11.66
C ALA A 194 -11.38 4.02 -12.32
N ARG A 195 -12.14 3.01 -12.02
CA ARG A 195 -13.50 2.89 -12.64
C ARG A 195 -14.38 4.03 -12.16
N SER A 196 -14.40 4.29 -10.88
CA SER A 196 -15.26 5.38 -10.34
C SER A 196 -14.70 6.74 -10.77
N LEU A 197 -13.41 6.89 -10.81
CA LEU A 197 -12.82 8.21 -11.21
C LEU A 197 -12.70 8.28 -12.73
N GLU A 198 -13.10 7.23 -13.42
CA GLU A 198 -13.02 7.24 -14.91
C GLU A 198 -11.62 7.65 -15.38
N LEU A 199 -10.68 7.83 -14.49
CA LEU A 199 -9.31 8.23 -14.93
C LEU A 199 -8.69 7.06 -15.73
N PRO A 200 -7.99 7.32 -16.82
CA PRO A 200 -7.37 6.23 -17.64
C PRO A 200 -6.41 5.37 -16.79
N ALA A 201 -6.52 4.07 -16.86
CA ALA A 201 -5.59 3.22 -16.06
C ALA A 201 -5.58 1.77 -16.56
N ILE A 202 -4.80 0.94 -15.92
CA ILE A 202 -4.72 -0.51 -16.29
C ILE A 202 -4.39 -1.28 -15.01
N VAL A 203 -4.66 -2.57 -14.97
CA VAL A 203 -4.38 -3.36 -13.72
C VAL A 203 -3.88 -4.76 -14.06
N GLY A 204 -4.23 -5.26 -15.20
CA GLY A 204 -3.80 -6.63 -15.60
C GLY A 204 -2.42 -6.57 -16.25
N THR A 205 -1.60 -5.60 -15.91
CA THR A 205 -0.25 -5.54 -16.55
C THR A 205 0.46 -6.87 -16.28
N GLY A 206 0.25 -7.40 -15.12
CA GLY A 206 0.84 -8.73 -14.76
C GLY A 206 2.38 -8.76 -14.83
N SER A 207 3.02 -8.06 -15.75
CA SER A 207 4.52 -8.14 -15.86
C SER A 207 5.20 -6.76 -15.88
N VAL A 208 4.54 -5.70 -15.50
CA VAL A 208 5.23 -4.37 -15.53
C VAL A 208 6.13 -4.21 -14.30
N THR A 209 5.75 -4.73 -13.18
CA THR A 209 6.60 -4.58 -11.98
C THR A 209 7.85 -5.45 -12.11
N SER A 210 7.81 -6.45 -12.95
CA SER A 210 9.00 -7.34 -13.12
C SER A 210 9.68 -7.00 -14.45
N GLN A 211 9.39 -5.85 -15.01
CA GLN A 211 10.03 -5.47 -16.31
C GLN A 211 10.41 -3.98 -16.31
N VAL A 212 9.85 -3.19 -15.42
CA VAL A 212 10.19 -1.73 -15.37
C VAL A 212 10.80 -1.38 -14.01
N LYS A 213 11.45 -0.25 -13.93
CA LYS A 213 12.06 0.20 -12.65
C LYS A 213 11.55 1.62 -12.38
N ASN A 214 11.99 2.25 -11.33
CA ASN A 214 11.50 3.62 -11.05
C ASN A 214 12.19 4.63 -11.97
N ASP A 215 11.49 5.69 -12.30
CA ASP A 215 12.07 6.76 -13.18
C ASP A 215 11.96 6.37 -14.65
N ASP A 216 11.67 5.14 -14.94
CA ASP A 216 11.54 4.74 -16.37
C ASP A 216 10.47 5.62 -17.02
N TYR A 217 10.68 6.04 -18.23
CA TYR A 217 9.66 6.90 -18.91
C TYR A 217 8.69 6.00 -19.67
N LEU A 218 7.46 5.91 -19.21
CA LEU A 218 6.44 5.05 -19.89
C LEU A 218 5.35 5.93 -20.49
N ILE A 219 4.60 5.41 -21.42
CA ILE A 219 3.49 6.18 -22.03
C ILE A 219 2.26 5.27 -22.06
N LEU A 220 1.20 5.68 -21.41
CA LEU A 220 -0.02 4.83 -21.37
C LEU A 220 -0.89 5.15 -22.58
N ASP A 221 -1.28 4.15 -23.33
CA ASP A 221 -2.14 4.41 -24.53
C ASP A 221 -3.61 4.16 -24.17
N ALA A 222 -3.83 3.26 -23.24
CA ALA A 222 -5.22 2.93 -22.81
C ALA A 222 -6.18 2.94 -24.02
N VAL A 223 -5.65 2.72 -25.20
CA VAL A 223 -6.50 2.67 -26.43
C VAL A 223 -6.36 1.27 -27.02
N ASN A 224 -5.15 0.89 -27.34
CA ASN A 224 -4.91 -0.47 -27.87
C ASN A 224 -4.51 -1.37 -26.69
N ASN A 225 -4.73 -0.87 -25.49
CA ASN A 225 -4.36 -1.65 -24.27
C ASN A 225 -2.89 -2.04 -24.35
N GLN A 226 -2.00 -1.07 -24.37
CA GLN A 226 -0.55 -1.40 -24.46
C GLN A 226 0.31 -0.26 -23.89
N VAL A 227 1.40 -0.61 -23.27
CA VAL A 227 2.32 0.42 -22.68
C VAL A 227 3.58 0.53 -23.56
N TYR A 228 4.29 1.61 -23.45
CA TYR A 228 5.55 1.79 -24.25
C TYR A 228 6.70 2.09 -23.30
N VAL A 229 7.66 1.20 -23.20
CA VAL A 229 8.82 1.42 -22.26
C VAL A 229 10.04 1.88 -23.06
N ASN A 230 10.60 3.01 -22.71
CA ASN A 230 11.80 3.52 -23.43
C ASN A 230 11.40 3.97 -24.84
N PRO A 231 10.62 5.02 -24.94
CA PRO A 231 10.15 5.58 -26.23
C PRO A 231 11.13 6.61 -26.82
N THR A 232 11.41 6.52 -28.08
CA THR A 232 12.35 7.50 -28.70
C THR A 232 11.66 8.86 -28.85
N ASN A 233 12.41 9.92 -28.92
CA ASN A 233 11.79 11.27 -29.07
C ASN A 233 11.08 11.36 -30.41
N GLU A 234 11.58 10.65 -31.40
CA GLU A 234 10.95 10.69 -32.75
C GLU A 234 9.48 10.26 -32.65
N VAL A 235 9.22 9.24 -31.89
CA VAL A 235 7.80 8.77 -31.76
C VAL A 235 7.01 9.76 -30.90
N ILE A 236 7.53 10.12 -29.77
CA ILE A 236 6.81 11.09 -28.89
C ILE A 236 6.39 12.32 -29.71
N ASP A 237 7.34 13.00 -30.29
CA ASP A 237 7.01 14.21 -31.09
C ASP A 237 6.01 13.86 -32.20
N LYS A 238 6.12 12.69 -32.76
CA LYS A 238 5.20 12.28 -33.86
C LYS A 238 3.76 12.18 -33.33
N MET A 239 3.55 11.46 -32.28
CA MET A 239 2.16 11.31 -31.75
C MET A 239 1.77 12.55 -30.94
N ARG A 240 2.70 13.23 -30.36
CA ARG A 240 2.34 14.44 -29.57
C ARG A 240 1.49 15.37 -30.45
N ALA A 241 1.84 15.51 -31.69
CA ALA A 241 1.05 16.41 -32.57
C ALA A 241 -0.25 15.71 -32.99
N VAL A 242 -0.16 14.51 -33.51
CA VAL A 242 -1.39 13.80 -33.95
C VAL A 242 -2.23 13.38 -32.74
N GLN A 243 -1.64 12.73 -31.77
CA GLN A 243 -2.42 12.30 -30.59
C GLN A 243 -3.14 13.48 -29.95
N GLU A 244 -2.42 14.53 -29.64
CA GLU A 244 -3.07 15.70 -29.00
C GLU A 244 -4.14 16.25 -29.94
N GLN A 245 -4.05 15.95 -31.20
CA GLN A 245 -5.08 16.43 -32.14
C GLN A 245 -6.39 15.75 -31.75
N VAL A 246 -6.28 14.58 -31.17
CA VAL A 246 -7.50 13.84 -30.73
C VAL A 246 -8.09 14.54 -29.52
N ALA A 247 -7.26 14.95 -28.59
CA ALA A 247 -7.77 15.65 -27.39
C ALA A 247 -8.33 17.01 -27.78
N SER A 248 -7.72 17.66 -28.73
CA SER A 248 -8.23 18.99 -29.15
C SER A 248 -9.51 18.80 -29.97
N GLU A 249 -9.60 17.73 -30.70
CA GLU A 249 -10.83 17.48 -31.50
C GLU A 249 -11.95 17.05 -30.55
N MET A 1 2.18 -5.49 -26.06
CA MET A 1 1.72 -6.88 -25.78
C MET A 1 1.12 -6.93 -24.37
N ILE A 2 1.54 -6.06 -23.50
CA ILE A 2 1.00 -6.06 -22.11
C ILE A 2 -0.52 -5.87 -22.15
N SER A 3 -1.26 -6.94 -22.14
CA SER A 3 -2.76 -6.82 -22.18
C SER A 3 -3.31 -6.85 -20.75
N GLY A 4 -3.96 -5.79 -20.35
CA GLY A 4 -4.55 -5.73 -18.96
C GLY A 4 -6.08 -5.69 -19.07
N ILE A 5 -6.75 -5.27 -18.04
CA ILE A 5 -8.25 -5.24 -18.09
C ILE A 5 -8.70 -3.86 -18.56
N LEU A 6 -7.80 -2.91 -18.64
CA LEU A 6 -8.19 -1.55 -19.11
C LEU A 6 -9.30 -1.00 -18.21
N ALA A 7 -8.99 -0.04 -17.39
CA ALA A 7 -10.03 0.55 -16.50
C ALA A 7 -10.74 1.67 -17.27
N SER A 8 -9.98 2.63 -17.75
CA SER A 8 -10.60 3.75 -18.53
C SER A 8 -9.62 4.18 -19.63
N PRO A 9 -10.11 4.65 -20.76
CA PRO A 9 -9.24 5.08 -21.89
C PRO A 9 -8.60 6.46 -21.69
N GLY A 10 -7.44 6.67 -22.25
CA GLY A 10 -6.76 8.01 -22.10
C GLY A 10 -5.25 7.84 -22.19
N ILE A 11 -4.61 8.55 -23.09
CA ILE A 11 -3.13 8.43 -23.24
C ILE A 11 -2.43 9.43 -22.32
N ALA A 12 -1.40 9.00 -21.63
CA ALA A 12 -0.66 9.91 -20.70
C ALA A 12 0.84 9.63 -20.77
N PHE A 13 1.65 10.66 -20.62
CA PHE A 13 3.14 10.50 -20.65
C PHE A 13 3.67 10.82 -19.24
N GLY A 14 4.66 10.13 -18.74
CA GLY A 14 5.16 10.47 -17.37
C GLY A 14 6.23 9.47 -16.90
N LYS A 15 6.95 9.85 -15.87
CA LYS A 15 8.03 8.96 -15.32
C LYS A 15 7.43 7.86 -14.45
N ALA A 16 8.03 6.70 -14.44
CA ALA A 16 7.48 5.57 -13.63
C ALA A 16 7.89 5.74 -12.15
N LEU A 17 6.93 5.81 -11.27
CA LEU A 17 7.26 5.94 -9.81
C LEU A 17 7.04 4.56 -9.17
N LEU A 18 8.07 3.76 -9.11
CA LEU A 18 7.91 2.39 -8.54
C LEU A 18 8.00 2.45 -7.01
N LEU A 19 7.12 1.73 -6.35
CA LEU A 19 7.08 1.73 -4.86
C LEU A 19 7.90 0.57 -4.29
N LYS A 20 9.15 0.81 -3.99
CA LYS A 20 10.01 -0.27 -3.41
C LYS A 20 10.02 -0.10 -1.88
N GLU A 21 10.21 -1.18 -1.15
CA GLU A 21 10.23 -1.09 0.35
C GLU A 21 11.46 -1.82 0.89
N ASP A 22 12.04 -1.32 1.95
CA ASP A 22 13.23 -1.99 2.53
C ASP A 22 12.79 -3.16 3.41
N GLU A 23 13.43 -4.29 3.26
CA GLU A 23 13.05 -5.47 4.09
C GLU A 23 13.37 -5.19 5.56
N ILE A 24 12.48 -5.52 6.45
CA ILE A 24 12.74 -5.28 7.90
C ILE A 24 13.37 -6.53 8.52
N VAL A 25 14.38 -6.35 9.33
CA VAL A 25 15.05 -7.53 9.99
C VAL A 25 14.57 -7.61 11.44
N ILE A 26 13.94 -8.69 11.81
CA ILE A 26 13.43 -8.84 13.20
C ILE A 26 14.51 -9.46 14.09
N ASP A 27 14.66 -8.95 15.29
CA ASP A 27 15.70 -9.51 16.22
C ASP A 27 15.07 -10.61 17.07
N ARG A 28 15.52 -11.83 16.93
CA ARG A 28 14.95 -12.95 17.74
C ARG A 28 15.86 -13.22 18.93
N LYS A 29 16.56 -12.22 19.40
CA LYS A 29 17.46 -12.40 20.56
C LYS A 29 16.66 -12.30 21.87
N LYS A 30 17.06 -13.03 22.88
CA LYS A 30 16.33 -12.95 24.19
C LYS A 30 16.91 -11.80 25.01
N ILE A 31 16.06 -11.02 25.63
CA ILE A 31 16.56 -9.87 26.45
C ILE A 31 16.68 -10.27 27.92
N SER A 32 17.15 -9.36 28.73
CA SER A 32 17.28 -9.64 30.20
C SER A 32 16.09 -9.02 30.92
N ALA A 33 15.73 -9.53 32.06
CA ALA A 33 14.57 -8.98 32.81
C ALA A 33 14.79 -7.48 33.06
N ASP A 34 15.96 -6.97 32.77
CA ASP A 34 16.22 -5.52 33.01
C ASP A 34 15.69 -4.70 31.84
N GLN A 35 15.38 -5.32 30.72
CA GLN A 35 14.85 -4.57 29.54
C GLN A 35 13.40 -4.96 29.29
N VAL A 36 12.87 -5.87 30.04
CA VAL A 36 11.45 -6.28 29.82
C VAL A 36 10.55 -5.08 30.11
N ASP A 37 10.81 -4.38 31.18
CA ASP A 37 9.98 -3.18 31.51
C ASP A 37 10.03 -2.21 30.33
N GLN A 38 11.16 -2.13 29.67
CA GLN A 38 11.30 -1.19 28.52
C GLN A 38 10.45 -1.66 27.35
N GLU A 39 10.35 -2.95 27.14
CA GLU A 39 9.52 -3.46 26.00
C GLU A 39 8.07 -3.05 26.21
N VAL A 40 7.57 -3.23 27.40
CA VAL A 40 6.14 -2.86 27.67
C VAL A 40 5.95 -1.36 27.44
N GLU A 41 6.83 -0.54 27.94
CA GLU A 41 6.70 0.93 27.73
C GLU A 41 6.94 1.24 26.26
N ARG A 42 7.91 0.61 25.66
CA ARG A 42 8.18 0.86 24.22
C ARG A 42 6.96 0.42 23.41
N PHE A 43 6.27 -0.59 23.86
CA PHE A 43 5.06 -1.07 23.13
C PHE A 43 3.86 -0.23 23.58
N LEU A 44 3.59 -0.20 24.86
CA LEU A 44 2.44 0.61 25.35
C LEU A 44 2.57 2.02 24.79
N SER A 45 3.68 2.65 25.05
CA SER A 45 3.88 4.01 24.52
C SER A 45 3.98 3.93 22.99
N GLY A 46 4.58 2.87 22.50
CA GLY A 46 4.67 2.71 21.03
C GLY A 46 3.25 2.78 20.47
N ARG A 47 2.37 1.94 20.97
CA ARG A 47 0.97 1.96 20.49
C ARG A 47 0.47 3.41 20.47
N ALA A 48 0.98 4.23 21.36
CA ALA A 48 0.57 5.66 21.37
C ALA A 48 0.92 6.26 20.01
N LYS A 49 1.99 5.77 19.44
CA LYS A 49 2.43 6.27 18.11
C LYS A 49 1.60 5.57 17.03
N ALA A 50 1.72 4.28 16.92
CA ALA A 50 0.95 3.54 15.88
C ALA A 50 -0.53 3.98 15.94
N SER A 51 -1.06 4.16 17.11
CA SER A 51 -2.48 4.61 17.20
C SER A 51 -2.57 5.98 16.56
N ALA A 52 -1.55 6.76 16.70
CA ALA A 52 -1.53 8.12 16.12
C ALA A 52 -1.36 8.02 14.59
N GLN A 53 -0.84 6.91 14.11
CA GLN A 53 -0.65 6.76 12.64
C GLN A 53 -2.00 6.45 11.98
N LEU A 54 -2.57 5.31 12.25
CA LEU A 54 -3.89 4.98 11.65
C LEU A 54 -4.85 6.15 11.89
N GLU A 55 -4.79 6.72 13.06
CA GLU A 55 -5.68 7.88 13.37
C GLU A 55 -5.40 9.01 12.37
N THR A 56 -4.15 9.34 12.16
CA THR A 56 -3.82 10.43 11.21
C THR A 56 -4.28 10.01 9.81
N ILE A 57 -4.12 8.76 9.48
CA ILE A 57 -4.56 8.28 8.14
C ILE A 57 -6.09 8.22 8.12
N LYS A 58 -6.67 7.83 9.23
CA LYS A 58 -8.15 7.75 9.30
C LYS A 58 -8.77 9.07 8.84
N THR A 59 -8.25 10.17 9.29
CA THR A 59 -8.82 11.48 8.90
C THR A 59 -8.43 11.83 7.46
N LYS A 60 -7.35 11.28 6.97
CA LYS A 60 -6.95 11.61 5.58
C LYS A 60 -7.93 10.92 4.63
N ALA A 61 -8.41 9.77 5.01
CA ALA A 61 -9.37 9.04 4.13
C ALA A 61 -10.75 9.66 4.28
N GLY A 62 -11.04 10.27 5.42
CA GLY A 62 -12.39 10.87 5.61
C GLY A 62 -12.43 12.28 5.03
N GLU A 63 -11.35 13.01 5.10
CA GLU A 63 -11.36 14.40 4.55
C GLU A 63 -11.02 14.34 3.06
N THR A 64 -10.50 13.24 2.59
CA THR A 64 -10.15 13.12 1.15
C THR A 64 -11.28 12.44 0.36
N PHE A 65 -11.79 11.32 0.84
CA PHE A 65 -12.88 10.61 0.10
C PHE A 65 -14.22 10.79 0.82
N GLY A 66 -14.20 11.17 2.07
CA GLY A 66 -15.48 11.37 2.84
C GLY A 66 -15.49 10.44 4.06
N GLU A 67 -16.04 10.91 5.15
CA GLU A 67 -16.09 10.08 6.39
C GLU A 67 -16.63 8.69 6.10
N GLU A 68 -17.10 8.44 4.90
CA GLU A 68 -17.66 7.09 4.58
C GLU A 68 -16.58 6.02 4.62
N LYS A 69 -15.34 6.37 4.37
CA LYS A 69 -14.24 5.35 4.38
C LYS A 69 -13.64 5.23 5.78
N GLU A 70 -13.94 6.15 6.66
CA GLU A 70 -13.36 6.09 8.04
C GLU A 70 -13.82 4.82 8.77
N ALA A 71 -14.90 4.23 8.34
CA ALA A 71 -15.39 3.00 9.04
C ALA A 71 -14.39 1.86 8.85
N ILE A 72 -13.68 1.85 7.75
CA ILE A 72 -12.70 0.75 7.52
C ILE A 72 -11.49 0.93 8.44
N PHE A 73 -11.01 2.13 8.55
CA PHE A 73 -9.83 2.38 9.42
C PHE A 73 -10.23 2.39 10.90
N GLU A 74 -11.47 2.72 11.19
CA GLU A 74 -11.91 2.74 12.61
C GLU A 74 -11.83 1.33 13.19
N GLY A 75 -12.28 0.36 12.45
CA GLY A 75 -12.22 -1.04 12.96
C GLY A 75 -10.76 -1.48 13.04
N HIS A 76 -9.95 -1.03 12.12
CA HIS A 76 -8.51 -1.40 12.13
C HIS A 76 -7.83 -0.88 13.41
N ILE A 77 -8.42 0.08 14.06
CA ILE A 77 -7.81 0.61 15.32
C ILE A 77 -8.23 -0.30 16.47
N MET A 78 -9.45 -0.77 16.45
CA MET A 78 -9.91 -1.67 17.55
C MET A 78 -8.99 -2.89 17.61
N LEU A 79 -8.83 -3.56 16.50
CA LEU A 79 -7.94 -4.75 16.47
C LEU A 79 -6.58 -4.37 17.06
N LEU A 80 -6.08 -3.22 16.72
CA LEU A 80 -4.76 -2.82 17.25
C LEU A 80 -4.85 -2.56 18.76
N GLU A 81 -5.88 -1.87 19.18
CA GLU A 81 -6.04 -1.59 20.64
C GLU A 81 -6.74 -2.74 21.35
N ASP A 82 -6.95 -3.85 20.69
CA ASP A 82 -7.62 -5.00 21.34
C ASP A 82 -6.99 -5.25 22.71
N GLU A 83 -7.75 -5.19 23.76
CA GLU A 83 -7.20 -5.42 25.10
C GLU A 83 -6.78 -6.88 25.21
N GLU A 84 -7.37 -7.74 24.44
CA GLU A 84 -7.02 -9.18 24.53
C GLU A 84 -5.70 -9.43 23.80
N LEU A 85 -5.55 -8.94 22.61
CA LEU A 85 -4.26 -9.16 21.91
C LEU A 85 -3.15 -8.45 22.67
N GLU A 86 -3.52 -7.53 23.54
CA GLU A 86 -2.50 -6.80 24.33
C GLU A 86 -1.94 -7.71 25.43
N GLN A 87 -2.81 -8.33 26.18
CA GLN A 87 -2.33 -9.23 27.27
C GLN A 87 -1.54 -10.39 26.65
N GLU A 88 -1.87 -10.76 25.44
CA GLU A 88 -1.14 -11.87 24.78
C GLU A 88 0.23 -11.38 24.34
N ILE A 89 0.29 -10.25 23.70
CA ILE A 89 1.60 -9.69 23.28
C ILE A 89 2.48 -9.52 24.52
N ILE A 90 1.91 -9.03 25.59
CA ILE A 90 2.70 -8.82 26.84
C ILE A 90 3.20 -10.18 27.36
N ALA A 91 2.31 -11.08 27.70
CA ALA A 91 2.75 -12.40 28.23
C ALA A 91 3.89 -12.96 27.39
N LEU A 92 3.72 -13.00 26.10
CA LEU A 92 4.79 -13.57 25.24
C LEU A 92 6.10 -12.83 25.54
N ILE A 93 6.11 -11.53 25.44
CA ILE A 93 7.35 -10.76 25.72
C ILE A 93 7.95 -11.18 27.07
N LYS A 94 7.15 -11.26 28.10
CA LYS A 94 7.68 -11.62 29.45
C LYS A 94 7.84 -13.14 29.61
N ASP A 95 6.99 -13.92 28.99
CA ASP A 95 7.07 -15.40 29.18
C ASP A 95 8.15 -16.02 28.27
N LYS A 96 8.20 -15.66 27.02
CA LYS A 96 9.23 -16.27 26.11
C LYS A 96 10.35 -15.28 25.86
N HIS A 97 10.48 -14.27 26.68
CA HIS A 97 11.57 -13.26 26.49
C HIS A 97 11.64 -12.87 25.00
N MET A 98 10.53 -12.51 24.43
CA MET A 98 10.52 -12.12 22.99
C MET A 98 10.52 -10.60 22.88
N THR A 99 11.10 -10.07 21.85
CA THR A 99 11.15 -8.60 21.67
C THR A 99 9.77 -8.10 21.21
N ALA A 100 9.38 -6.92 21.61
CA ALA A 100 8.06 -6.41 21.17
C ALA A 100 7.97 -6.53 19.64
N ASP A 101 9.08 -6.48 18.97
CA ASP A 101 9.08 -6.63 17.50
C ASP A 101 8.85 -8.09 17.16
N ALA A 102 9.53 -8.96 17.86
CA ALA A 102 9.37 -10.41 17.60
C ALA A 102 8.00 -10.89 18.08
N ALA A 103 7.67 -10.64 19.31
CA ALA A 103 6.36 -11.08 19.84
C ALA A 103 5.24 -10.48 18.99
N ALA A 104 5.28 -9.20 18.75
CA ALA A 104 4.22 -8.56 17.92
C ALA A 104 4.15 -9.24 16.55
N HIS A 105 5.27 -9.63 16.01
CA HIS A 105 5.26 -10.32 14.68
C HIS A 105 4.64 -11.70 14.83
N GLU A 106 4.87 -12.36 15.94
CA GLU A 106 4.30 -13.72 16.13
C GLU A 106 2.77 -13.63 16.11
N VAL A 107 2.19 -12.87 17.00
CA VAL A 107 0.70 -12.76 17.01
C VAL A 107 0.19 -12.45 15.60
N ILE A 108 0.80 -11.52 14.94
CA ILE A 108 0.37 -11.18 13.55
C ILE A 108 0.64 -12.39 12.65
N GLU A 109 1.45 -13.31 13.09
CA GLU A 109 1.75 -14.50 12.25
C GLU A 109 0.55 -15.46 12.25
N GLY A 110 -0.13 -15.59 13.37
CA GLY A 110 -1.33 -16.48 13.40
C GLY A 110 -2.60 -15.75 12.98
N GLN A 111 -2.66 -14.46 13.14
CA GLN A 111 -3.91 -13.74 12.75
C GLN A 111 -4.05 -13.79 11.24
N ALA A 112 -2.95 -13.68 10.55
CA ALA A 112 -3.00 -13.71 9.07
C ALA A 112 -2.98 -15.16 8.58
N SER A 113 -2.06 -15.94 9.05
CA SER A 113 -1.98 -17.36 8.62
C SER A 113 -3.28 -18.09 8.99
N ALA A 114 -3.79 -17.88 10.17
CA ALA A 114 -5.04 -18.59 10.57
C ALA A 114 -6.20 -18.18 9.68
N LEU A 115 -6.29 -16.93 9.30
CA LEU A 115 -7.42 -16.52 8.42
C LEU A 115 -7.27 -17.16 7.04
N GLU A 116 -6.06 -17.47 6.65
CA GLU A 116 -5.85 -18.09 5.31
C GLU A 116 -6.41 -19.52 5.32
N GLU A 117 -6.56 -20.10 6.47
CA GLU A 117 -7.10 -21.49 6.55
C GLU A 117 -8.62 -21.45 6.43
N LEU A 118 -9.19 -20.28 6.43
CA LEU A 118 -10.68 -20.18 6.30
C LEU A 118 -11.03 -20.19 4.81
N ASP A 119 -12.12 -20.81 4.46
CA ASP A 119 -12.53 -20.85 3.02
C ASP A 119 -13.55 -19.75 2.76
N ASP A 120 -13.16 -18.52 2.94
CA ASP A 120 -14.11 -17.38 2.70
C ASP A 120 -13.34 -16.16 2.22
N GLU A 121 -13.58 -15.74 1.01
CA GLU A 121 -12.87 -14.54 0.47
C GLU A 121 -13.13 -13.34 1.37
N TYR A 122 -14.08 -13.45 2.26
CA TYR A 122 -14.40 -12.32 3.17
C TYR A 122 -13.39 -12.30 4.33
N LEU A 123 -13.37 -13.31 5.13
CA LEU A 123 -12.41 -13.35 6.28
C LEU A 123 -10.98 -13.48 5.75
N LYS A 124 -10.82 -14.13 4.62
CA LYS A 124 -9.46 -14.30 4.05
C LYS A 124 -8.92 -12.93 3.61
N GLU A 125 -9.69 -12.22 2.83
CA GLU A 125 -9.24 -10.88 2.37
C GLU A 125 -8.94 -10.01 3.58
N ARG A 126 -9.52 -10.32 4.71
CA ARG A 126 -9.21 -9.52 5.91
C ARG A 126 -7.81 -9.92 6.34
N ALA A 127 -7.41 -11.11 5.99
CA ALA A 127 -6.04 -11.59 6.35
C ALA A 127 -5.02 -10.62 5.77
N ALA A 128 -5.22 -10.21 4.54
CA ALA A 128 -4.26 -9.28 3.91
C ALA A 128 -4.34 -7.90 4.59
N ASP A 129 -5.51 -7.44 4.90
CA ASP A 129 -5.64 -6.11 5.56
C ASP A 129 -5.07 -6.19 6.98
N VAL A 130 -5.06 -7.36 7.56
CA VAL A 130 -4.50 -7.49 8.93
C VAL A 130 -2.97 -7.45 8.85
N ARG A 131 -2.41 -8.12 7.90
CA ARG A 131 -0.92 -8.10 7.75
C ARG A 131 -0.47 -6.65 7.61
N ASP A 132 -1.23 -5.86 6.91
CA ASP A 132 -0.86 -4.43 6.70
C ASP A 132 -0.79 -3.70 8.05
N ILE A 133 -1.67 -4.00 8.96
CA ILE A 133 -1.65 -3.31 10.28
C ILE A 133 -0.40 -3.72 11.06
N GLY A 134 0.12 -4.89 10.81
CA GLY A 134 1.35 -5.34 11.54
C GLY A 134 2.59 -4.71 10.92
N LYS A 135 2.66 -4.70 9.61
CA LYS A 135 3.85 -4.12 8.92
C LYS A 135 4.10 -2.72 9.47
N ARG A 136 3.11 -1.88 9.48
CA ARG A 136 3.32 -0.50 10.02
C ARG A 136 3.66 -0.61 11.51
N LEU A 137 2.93 -1.41 12.22
CA LEU A 137 3.20 -1.57 13.68
C LEU A 137 4.69 -1.87 13.87
N LEU A 138 5.27 -2.64 13.00
CA LEU A 138 6.72 -2.97 13.13
C LEU A 138 7.56 -1.72 12.83
N ARG A 139 7.35 -1.13 11.68
CA ARG A 139 8.14 0.08 11.31
C ARG A 139 8.01 1.15 12.41
N ASN A 140 7.05 1.03 13.27
CA ASN A 140 6.89 2.04 14.36
C ASN A 140 7.81 1.66 15.52
N ILE A 141 7.78 0.42 15.94
CA ILE A 141 8.65 0.00 17.07
C ILE A 141 10.12 0.23 16.68
N LEU A 142 10.46 0.00 15.45
CA LEU A 142 11.87 0.23 15.00
C LEU A 142 12.02 1.67 14.57
N GLY A 143 10.94 2.42 14.58
CA GLY A 143 11.00 3.84 14.16
C GLY A 143 11.63 3.89 12.77
N LEU A 144 11.57 2.80 12.05
CA LEU A 144 12.17 2.78 10.70
C LEU A 144 11.59 3.92 9.86
N LYS A 145 12.31 4.38 8.88
CA LYS A 145 11.78 5.50 8.04
C LYS A 145 10.58 5.01 7.23
N ILE A 146 9.64 5.88 6.98
CA ILE A 146 8.42 5.51 6.20
C ILE A 146 8.47 6.15 4.81
N ILE A 147 7.96 5.49 3.82
CA ILE A 147 7.98 6.09 2.45
C ILE A 147 6.89 7.15 2.37
N ASP A 148 7.25 8.37 2.12
CA ASP A 148 6.24 9.47 2.05
C ASP A 148 5.81 9.68 0.60
N LEU A 149 4.83 8.94 0.15
CA LEU A 149 4.35 9.10 -1.25
C LEU A 149 3.39 10.29 -1.33
N SER A 150 2.99 10.81 -0.20
CA SER A 150 2.06 11.96 -0.20
C SER A 150 2.83 13.26 -0.45
N ALA A 151 4.15 13.19 -0.39
CA ALA A 151 4.98 14.41 -0.60
C ALA A 151 5.62 14.38 -2.00
N ILE A 152 4.85 14.14 -3.03
CA ILE A 152 5.45 14.13 -4.40
C ILE A 152 5.82 15.57 -4.79
N GLN A 153 6.63 15.73 -5.80
CA GLN A 153 7.04 17.11 -6.24
C GLN A 153 6.90 17.23 -7.75
N ASP A 154 7.13 16.16 -8.47
CA ASP A 154 7.03 16.20 -9.97
C ASP A 154 5.89 15.29 -10.43
N GLU A 155 5.21 15.68 -11.48
CA GLU A 155 4.08 14.85 -11.99
C GLU A 155 4.63 13.53 -12.54
N VAL A 156 4.11 12.43 -12.07
CA VAL A 156 4.60 11.10 -12.57
C VAL A 156 3.47 10.09 -12.54
N ILE A 157 3.70 8.94 -13.09
CA ILE A 157 2.66 7.89 -13.09
C ILE A 157 2.87 7.04 -11.83
N LEU A 158 1.88 6.27 -11.44
CA LEU A 158 2.02 5.41 -10.22
C LEU A 158 2.06 3.93 -10.64
N VAL A 159 3.10 3.25 -10.24
CA VAL A 159 3.24 1.79 -10.59
C VAL A 159 3.40 0.99 -9.31
N ALA A 160 2.62 -0.04 -9.15
CA ALA A 160 2.74 -0.88 -7.91
C ALA A 160 2.07 -2.23 -8.15
N ALA A 161 2.59 -3.28 -7.56
CA ALA A 161 1.95 -4.59 -7.76
C ALA A 161 0.52 -4.49 -7.24
N ASP A 162 0.29 -3.60 -6.30
CA ASP A 162 -1.07 -3.43 -5.74
C ASP A 162 -1.06 -2.26 -4.75
N LEU A 163 -2.21 -1.67 -4.49
CA LEU A 163 -2.27 -0.51 -3.54
C LEU A 163 -3.38 -0.77 -2.52
N THR A 164 -3.10 -0.60 -1.26
CA THR A 164 -4.13 -0.84 -0.20
C THR A 164 -4.81 0.50 0.15
N PRO A 165 -6.04 0.46 0.61
CA PRO A 165 -6.79 1.69 0.99
C PRO A 165 -5.88 2.75 1.61
N SER A 166 -4.98 2.36 2.46
CA SER A 166 -4.07 3.34 3.10
C SER A 166 -3.23 4.02 2.02
N GLU A 167 -2.52 3.24 1.24
CA GLU A 167 -1.68 3.83 0.16
C GLU A 167 -2.55 4.73 -0.73
N THR A 168 -3.80 4.43 -0.87
CA THR A 168 -4.69 5.27 -1.72
C THR A 168 -5.19 6.47 -0.90
N ALA A 169 -5.34 6.30 0.38
CA ALA A 169 -5.83 7.43 1.22
C ALA A 169 -4.70 8.45 1.44
N GLN A 170 -3.46 8.04 1.31
CA GLN A 170 -2.32 8.98 1.51
C GLN A 170 -1.71 9.34 0.15
N LEU A 171 -2.16 8.71 -0.90
CA LEU A 171 -1.61 9.01 -2.25
C LEU A 171 -1.78 10.52 -2.50
N ASN A 172 -0.98 11.10 -3.35
CA ASN A 172 -1.09 12.57 -3.63
C ASN A 172 -1.91 12.78 -4.91
N LEU A 173 -3.18 13.06 -4.77
CA LEU A 173 -4.03 13.28 -5.98
C LEU A 173 -3.85 14.72 -6.45
N LYS A 174 -2.71 15.32 -6.16
CA LYS A 174 -2.45 16.73 -6.61
C LYS A 174 -1.33 16.72 -7.66
N LYS A 175 -0.56 15.65 -7.70
CA LYS A 175 0.57 15.55 -8.68
C LYS A 175 0.51 14.22 -9.44
N VAL A 176 -0.44 13.37 -9.13
CA VAL A 176 -0.51 12.06 -9.83
C VAL A 176 -1.15 12.26 -11.22
N LEU A 177 -0.80 11.41 -12.15
CA LEU A 177 -1.35 11.52 -13.55
C LEU A 177 -2.08 10.23 -13.93
N GLY A 178 -1.97 9.19 -13.15
CA GLY A 178 -2.67 7.93 -13.49
C GLY A 178 -2.25 6.81 -12.53
N PHE A 179 -2.83 5.64 -12.66
CA PHE A 179 -2.46 4.49 -11.77
C PHE A 179 -2.28 3.22 -12.59
N ILE A 180 -1.18 2.53 -12.39
CA ILE A 180 -0.93 1.25 -13.13
C ILE A 180 -0.55 0.18 -12.11
N THR A 181 -1.31 -0.87 -12.04
CA THR A 181 -1.01 -1.96 -11.06
C THR A 181 -1.28 -3.33 -11.66
N ASP A 182 -0.59 -4.35 -11.22
CA ASP A 182 -0.83 -5.71 -11.80
C ASP A 182 -1.93 -6.44 -11.03
N ALA A 183 -3.01 -5.78 -10.72
CA ALA A 183 -4.12 -6.47 -9.98
C ALA A 183 -5.15 -6.98 -10.99
N GLY A 184 -5.15 -8.25 -11.26
CA GLY A 184 -6.12 -8.80 -12.26
C GLY A 184 -7.49 -8.97 -11.61
N GLY A 185 -7.94 -8.00 -10.84
CA GLY A 185 -9.28 -8.10 -10.19
C GLY A 185 -10.25 -7.13 -10.85
N ARG A 186 -11.21 -7.63 -11.60
CA ARG A 186 -12.19 -6.72 -12.25
C ARG A 186 -12.77 -5.79 -11.18
N THR A 187 -12.73 -6.23 -9.93
CA THR A 187 -13.26 -5.40 -8.81
C THR A 187 -12.11 -5.07 -7.87
N SER A 188 -10.99 -4.66 -8.41
CA SER A 188 -9.82 -4.31 -7.55
C SER A 188 -10.01 -2.90 -7.01
N HIS A 189 -9.61 -2.68 -5.78
CA HIS A 189 -9.76 -1.32 -5.18
C HIS A 189 -9.23 -0.26 -6.16
N THR A 190 -8.02 -0.42 -6.62
CA THR A 190 -7.44 0.56 -7.57
C THR A 190 -8.45 0.89 -8.68
N SER A 191 -9.10 -0.10 -9.22
CA SER A 191 -10.08 0.14 -10.31
C SER A 191 -11.19 1.07 -9.82
N ILE A 192 -11.61 0.92 -8.59
CA ILE A 192 -12.71 1.78 -8.06
C ILE A 192 -12.30 3.26 -8.11
N MET A 193 -11.04 3.56 -7.90
CA MET A 193 -10.61 4.99 -7.95
C MET A 193 -10.65 5.44 -9.40
N ALA A 194 -10.01 4.69 -10.25
CA ALA A 194 -9.96 5.02 -11.69
C ALA A 194 -11.38 5.23 -12.24
N ARG A 195 -12.34 4.53 -11.70
CA ARG A 195 -13.73 4.66 -12.22
C ARG A 195 -14.40 5.90 -11.61
N SER A 196 -14.31 6.09 -10.33
CA SER A 196 -14.96 7.27 -9.69
C SER A 196 -14.27 8.56 -10.14
N LEU A 197 -12.97 8.53 -10.30
CA LEU A 197 -12.24 9.76 -10.72
C LEU A 197 -12.25 9.85 -12.25
N GLU A 198 -12.86 8.89 -12.90
CA GLU A 198 -12.95 8.91 -14.39
C GLU A 198 -11.57 9.01 -15.05
N LEU A 199 -10.50 9.04 -14.31
CA LEU A 199 -9.17 9.13 -14.96
C LEU A 199 -8.89 7.81 -15.71
N PRO A 200 -7.84 7.73 -16.52
CA PRO A 200 -7.51 6.50 -17.28
C PRO A 200 -6.57 5.58 -16.48
N ALA A 201 -6.73 4.29 -16.55
CA ALA A 201 -5.81 3.41 -15.77
C ALA A 201 -5.86 1.98 -16.28
N ILE A 202 -5.11 1.12 -15.64
CA ILE A 202 -5.07 -0.31 -16.02
C ILE A 202 -4.79 -1.10 -14.73
N VAL A 203 -5.10 -2.37 -14.69
CA VAL A 203 -4.89 -3.17 -13.44
C VAL A 203 -4.31 -4.56 -13.75
N GLY A 204 -4.67 -5.13 -14.86
CA GLY A 204 -4.17 -6.50 -15.19
C GLY A 204 -2.80 -6.42 -15.89
N THR A 205 -1.90 -5.58 -15.43
CA THR A 205 -0.58 -5.49 -16.10
C THR A 205 0.22 -6.75 -15.80
N GLY A 206 -0.12 -7.43 -14.75
CA GLY A 206 0.61 -8.69 -14.42
C GLY A 206 2.03 -8.42 -13.90
N SER A 207 3.01 -8.50 -14.77
CA SER A 207 4.44 -8.34 -14.32
C SER A 207 5.11 -7.11 -14.93
N VAL A 208 4.46 -5.97 -14.94
CA VAL A 208 5.14 -4.76 -15.48
C VAL A 208 6.07 -4.22 -14.40
N THR A 209 5.74 -4.48 -13.15
CA THR A 209 6.62 -3.99 -12.05
C THR A 209 7.90 -4.81 -11.99
N SER A 210 7.94 -5.91 -12.70
CA SER A 210 9.17 -6.77 -12.69
C SER A 210 9.99 -6.52 -13.95
N GLN A 211 9.60 -5.54 -14.74
CA GLN A 211 10.36 -5.23 -15.99
C GLN A 211 10.64 -3.72 -16.05
N VAL A 212 10.13 -2.98 -15.09
CA VAL A 212 10.36 -1.50 -15.06
C VAL A 212 10.95 -1.12 -13.70
N LYS A 213 11.70 -0.05 -13.66
CA LYS A 213 12.29 0.43 -12.38
C LYS A 213 11.73 1.83 -12.12
N ASN A 214 12.19 2.50 -11.12
CA ASN A 214 11.65 3.87 -10.83
C ASN A 214 12.28 4.92 -11.76
N ASP A 215 11.49 5.90 -12.13
CA ASP A 215 12.00 7.02 -13.01
C ASP A 215 12.00 6.59 -14.48
N ASP A 216 11.73 5.34 -14.77
CA ASP A 216 11.70 4.91 -16.19
C ASP A 216 10.68 5.78 -16.93
N TYR A 217 11.00 6.22 -18.12
CA TYR A 217 10.04 7.07 -18.89
C TYR A 217 9.08 6.16 -19.67
N LEU A 218 7.81 6.20 -19.34
CA LEU A 218 6.82 5.32 -20.04
C LEU A 218 5.78 6.16 -20.77
N ILE A 219 4.88 5.47 -21.43
CA ILE A 219 3.78 6.15 -22.16
C ILE A 219 2.56 5.23 -22.08
N LEU A 220 1.58 5.60 -21.32
CA LEU A 220 0.37 4.74 -21.18
C LEU A 220 -0.55 5.03 -22.35
N ASP A 221 -0.98 4.01 -23.05
CA ASP A 221 -1.87 4.23 -24.22
C ASP A 221 -3.33 4.21 -23.78
N ALA A 222 -3.74 3.19 -23.09
CA ALA A 222 -5.14 3.09 -22.65
C ALA A 222 -6.05 3.18 -23.87
N VAL A 223 -5.53 2.84 -25.02
CA VAL A 223 -6.34 2.86 -26.29
C VAL A 223 -6.31 1.45 -26.86
N ASN A 224 -5.14 0.88 -26.96
CA ASN A 224 -5.00 -0.51 -27.49
C ASN A 224 -4.66 -1.42 -26.31
N ASN A 225 -4.81 -0.92 -25.11
CA ASN A 225 -4.50 -1.73 -23.91
C ASN A 225 -3.05 -2.19 -23.97
N GLN A 226 -2.12 -1.26 -24.05
CA GLN A 226 -0.68 -1.65 -24.13
C GLN A 226 0.19 -0.52 -23.57
N VAL A 227 1.29 -0.87 -22.95
CA VAL A 227 2.22 0.16 -22.38
C VAL A 227 3.56 0.10 -23.12
N TYR A 228 4.12 1.25 -23.44
CA TYR A 228 5.43 1.28 -24.16
C TYR A 228 6.54 1.69 -23.18
N VAL A 229 7.59 0.91 -23.10
CA VAL A 229 8.71 1.24 -22.16
C VAL A 229 9.93 1.72 -22.96
N ASN A 230 10.47 2.85 -22.59
CA ASN A 230 11.66 3.38 -23.31
C ASN A 230 11.43 3.34 -24.82
N PRO A 231 10.55 4.18 -25.31
CA PRO A 231 10.23 4.27 -26.76
C PRO A 231 11.24 5.15 -27.51
N THR A 232 11.42 4.90 -28.78
CA THR A 232 12.40 5.72 -29.56
C THR A 232 11.83 7.12 -29.82
N ASN A 233 12.63 8.02 -30.30
CA ASN A 233 12.15 9.40 -30.59
C ASN A 233 11.19 9.37 -31.77
N GLU A 234 11.36 8.42 -32.65
CA GLU A 234 10.46 8.33 -33.85
C GLU A 234 9.04 8.02 -33.39
N VAL A 235 8.90 7.19 -32.40
CA VAL A 235 7.53 6.84 -31.92
C VAL A 235 6.98 7.99 -31.06
N ILE A 236 7.77 8.50 -30.16
CA ILE A 236 7.29 9.62 -29.31
C ILE A 236 6.73 10.73 -30.20
N ASP A 237 7.53 11.22 -31.12
CA ASP A 237 7.05 12.31 -32.02
C ASP A 237 5.76 11.89 -32.71
N LYS A 238 5.70 10.68 -33.21
CA LYS A 238 4.47 10.21 -33.91
C LYS A 238 3.32 10.08 -32.91
N MET A 239 3.60 9.63 -31.71
CA MET A 239 2.50 9.48 -30.71
C MET A 239 2.18 10.83 -30.09
N ARG A 240 3.13 11.74 -30.06
CA ARG A 240 2.87 13.07 -29.45
C ARG A 240 1.72 13.77 -30.21
N ALA A 241 1.81 13.85 -31.50
CA ALA A 241 0.73 14.53 -32.28
C ALA A 241 -0.50 13.64 -32.33
N VAL A 242 -0.35 12.42 -32.78
CA VAL A 242 -1.53 11.50 -32.86
C VAL A 242 -2.28 11.51 -31.52
N GLN A 243 -1.59 11.29 -30.44
CA GLN A 243 -2.26 11.28 -29.11
C GLN A 243 -3.18 12.50 -28.99
N GLU A 244 -2.65 13.66 -29.17
CA GLU A 244 -3.50 14.88 -29.04
C GLU A 244 -4.61 14.88 -30.09
N GLN A 245 -4.35 14.39 -31.26
CA GLN A 245 -5.41 14.36 -32.30
C GLN A 245 -6.47 13.34 -31.86
N VAL A 246 -6.11 12.44 -30.99
CA VAL A 246 -7.08 11.42 -30.52
C VAL A 246 -7.91 12.02 -29.38
N ALA A 247 -7.34 12.91 -28.63
CA ALA A 247 -8.10 13.54 -27.52
C ALA A 247 -9.17 14.45 -28.10
N SER A 248 -8.89 15.10 -29.20
CA SER A 248 -9.89 16.01 -29.81
C SER A 248 -10.91 15.17 -30.58
N GLU A 249 -10.50 14.04 -31.08
CA GLU A 249 -11.45 13.18 -31.86
C GLU A 249 -12.43 12.50 -30.88
N MET A 1 4.50 -5.41 -25.75
CA MET A 1 3.23 -6.18 -25.88
C MET A 1 2.59 -6.35 -24.50
N ILE A 2 2.89 -5.47 -23.58
CA ILE A 2 2.29 -5.58 -22.21
C ILE A 2 0.77 -5.50 -22.31
N SER A 3 0.10 -6.62 -22.31
CA SER A 3 -1.40 -6.61 -22.38
C SER A 3 -1.98 -6.64 -20.98
N GLY A 4 -2.66 -5.58 -20.60
CA GLY A 4 -3.29 -5.53 -19.24
C GLY A 4 -4.82 -5.60 -19.40
N ILE A 5 -5.56 -5.24 -18.40
CA ILE A 5 -7.04 -5.30 -18.50
C ILE A 5 -7.57 -3.91 -18.88
N LEU A 6 -6.71 -2.93 -18.86
CA LEU A 6 -7.16 -1.55 -19.23
C LEU A 6 -8.28 -1.12 -18.28
N ALA A 7 -8.01 -0.17 -17.42
CA ALA A 7 -9.06 0.30 -16.49
C ALA A 7 -9.84 1.44 -17.16
N SER A 8 -9.14 2.41 -17.69
CA SER A 8 -9.82 3.55 -18.38
C SER A 8 -8.92 4.10 -19.48
N PRO A 9 -9.49 4.68 -20.53
CA PRO A 9 -8.71 5.25 -21.66
C PRO A 9 -8.11 6.62 -21.32
N GLY A 10 -7.04 7.00 -22.00
CA GLY A 10 -6.41 8.34 -21.73
C GLY A 10 -4.88 8.24 -21.87
N ILE A 11 -4.31 9.03 -22.75
CA ILE A 11 -2.82 8.97 -22.95
C ILE A 11 -2.11 9.92 -21.98
N ALA A 12 -1.01 9.49 -21.42
CA ALA A 12 -0.26 10.36 -20.47
C ALA A 12 1.25 10.16 -20.65
N PHE A 13 2.05 11.10 -20.20
CA PHE A 13 3.54 10.98 -20.33
C PHE A 13 4.15 11.27 -18.95
N GLY A 14 5.12 10.50 -18.50
CA GLY A 14 5.71 10.80 -17.16
C GLY A 14 6.85 9.84 -16.81
N LYS A 15 7.62 10.18 -15.80
CA LYS A 15 8.77 9.32 -15.38
C LYS A 15 8.27 8.13 -14.55
N ALA A 16 8.96 7.03 -14.61
CA ALA A 16 8.53 5.82 -13.83
C ALA A 16 8.88 5.97 -12.35
N LEU A 17 7.92 5.82 -11.49
CA LEU A 17 8.19 5.91 -10.01
C LEU A 17 7.99 4.49 -9.44
N LEU A 18 9.04 3.72 -9.35
CA LEU A 18 8.89 2.31 -8.84
C LEU A 18 8.84 2.28 -7.31
N LEU A 19 7.82 1.65 -6.79
CA LEU A 19 7.65 1.55 -5.31
C LEU A 19 8.07 0.16 -4.82
N LYS A 20 9.30 0.03 -4.39
CA LYS A 20 9.77 -1.29 -3.88
C LYS A 20 9.60 -1.31 -2.35
N GLU A 21 9.54 -2.48 -1.75
CA GLU A 21 9.37 -2.56 -0.26
C GLU A 21 10.42 -3.51 0.32
N ASP A 22 11.18 -3.05 1.27
CA ASP A 22 12.21 -3.92 1.89
C ASP A 22 11.54 -4.84 2.92
N GLU A 23 11.80 -6.11 2.84
CA GLU A 23 11.17 -7.05 3.81
C GLU A 23 11.68 -6.72 5.22
N ILE A 24 10.87 -6.95 6.23
CA ILE A 24 11.31 -6.66 7.62
C ILE A 24 11.98 -7.90 8.21
N VAL A 25 13.08 -7.72 8.89
CA VAL A 25 13.80 -8.89 9.48
C VAL A 25 13.51 -8.93 10.99
N ILE A 26 12.95 -10.01 11.46
CA ILE A 26 12.62 -10.13 12.91
C ILE A 26 13.83 -10.67 13.67
N ASP A 27 14.18 -10.06 14.78
CA ASP A 27 15.34 -10.55 15.57
C ASP A 27 14.83 -11.54 16.62
N ARG A 28 15.34 -12.75 16.60
CA ARG A 28 14.88 -13.78 17.60
C ARG A 28 15.86 -13.85 18.76
N LYS A 29 16.55 -12.78 19.05
CA LYS A 29 17.53 -12.79 20.17
C LYS A 29 16.77 -12.59 21.49
N LYS A 30 17.18 -13.24 22.54
CA LYS A 30 16.49 -13.08 23.86
C LYS A 30 17.07 -11.87 24.59
N ILE A 31 16.24 -10.95 25.00
CA ILE A 31 16.75 -9.74 25.72
C ILE A 31 16.89 -10.07 27.22
N SER A 32 17.39 -9.14 27.99
CA SER A 32 17.55 -9.37 29.45
C SER A 32 16.34 -8.79 30.20
N ALA A 33 16.26 -9.01 31.48
CA ALA A 33 15.11 -8.49 32.27
C ALA A 33 15.22 -6.96 32.36
N ASP A 34 16.42 -6.43 32.28
CA ASP A 34 16.59 -4.95 32.37
C ASP A 34 16.24 -4.35 31.01
N GLN A 35 15.83 -5.17 30.08
CA GLN A 35 15.47 -4.69 28.72
C GLN A 35 13.98 -4.98 28.48
N VAL A 36 13.40 -5.83 29.28
CA VAL A 36 11.95 -6.16 29.12
C VAL A 36 11.11 -4.92 29.45
N ASP A 37 11.41 -4.27 30.54
CA ASP A 37 10.63 -3.05 30.91
C ASP A 37 10.69 -2.04 29.77
N GLN A 38 11.80 -1.96 29.08
CA GLN A 38 11.92 -0.99 27.95
C GLN A 38 11.02 -1.41 26.79
N GLU A 39 10.84 -2.68 26.58
CA GLU A 39 9.97 -3.13 25.46
C GLU A 39 8.54 -2.64 25.70
N VAL A 40 8.10 -2.67 26.93
CA VAL A 40 6.72 -2.21 27.23
C VAL A 40 6.56 -0.72 26.88
N GLU A 41 7.49 0.10 27.29
CA GLU A 41 7.39 1.55 26.96
C GLU A 41 7.55 1.74 25.46
N ARG A 42 8.47 1.03 24.87
CA ARG A 42 8.67 1.17 23.40
C ARG A 42 7.38 0.80 22.68
N PHE A 43 6.64 -0.14 23.19
CA PHE A 43 5.36 -0.53 22.55
C PHE A 43 4.22 0.37 23.06
N LEU A 44 4.05 0.42 24.36
CA LEU A 44 2.96 1.27 24.93
C LEU A 44 3.04 2.69 24.36
N SER A 45 4.11 3.39 24.64
CA SER A 45 4.23 4.78 24.12
C SER A 45 4.34 4.73 22.61
N GLY A 46 5.04 3.76 22.09
CA GLY A 46 5.15 3.65 20.60
C GLY A 46 3.73 3.58 20.03
N ARG A 47 2.95 2.68 20.54
CA ARG A 47 1.54 2.56 20.06
C ARG A 47 0.84 3.92 20.17
N ALA A 48 1.33 4.79 21.00
CA ALA A 48 0.70 6.13 21.15
C ALA A 48 0.85 6.89 19.82
N LYS A 49 2.02 6.83 19.25
CA LYS A 49 2.23 7.56 17.96
C LYS A 49 1.64 6.74 16.81
N ALA A 50 1.98 5.48 16.70
CA ALA A 50 1.40 4.67 15.59
C ALA A 50 -0.12 4.83 15.58
N SER A 51 -0.75 4.83 16.74
CA SER A 51 -2.22 5.00 16.78
C SER A 51 -2.54 6.38 16.21
N ALA A 52 -1.66 7.31 16.43
CA ALA A 52 -1.86 8.69 15.89
C ALA A 52 -1.63 8.68 14.38
N GLN A 53 -0.81 7.78 13.90
CA GLN A 53 -0.55 7.71 12.44
C GLN A 53 -1.77 7.11 11.74
N LEU A 54 -2.11 5.88 12.03
CA LEU A 54 -3.31 5.27 11.39
C LEU A 54 -4.49 6.24 11.52
N GLU A 55 -4.58 6.90 12.65
CA GLU A 55 -5.68 7.88 12.85
C GLU A 55 -5.51 9.01 11.83
N THR A 56 -4.31 9.45 11.62
CA THR A 56 -4.07 10.55 10.64
C THR A 56 -4.49 10.07 9.25
N ILE A 57 -4.21 8.84 8.93
CA ILE A 57 -4.61 8.31 7.60
C ILE A 57 -6.13 8.19 7.55
N LYS A 58 -6.72 7.77 8.63
CA LYS A 58 -8.21 7.63 8.68
C LYS A 58 -8.85 8.92 8.16
N THR A 59 -8.34 10.05 8.54
CA THR A 59 -8.96 11.33 8.09
C THR A 59 -8.68 11.54 6.61
N LYS A 60 -7.51 11.20 6.15
CA LYS A 60 -7.22 11.38 4.72
C LYS A 60 -8.05 10.38 3.93
N ALA A 61 -8.57 9.39 4.61
CA ALA A 61 -9.42 8.38 3.94
C ALA A 61 -10.84 8.92 3.86
N GLY A 62 -11.28 9.63 4.87
CA GLY A 62 -12.66 10.18 4.85
C GLY A 62 -12.70 11.51 4.11
N GLU A 63 -11.61 12.24 4.11
CA GLU A 63 -11.60 13.56 3.42
C GLU A 63 -11.27 13.35 1.95
N THR A 64 -10.75 12.20 1.60
CA THR A 64 -10.39 11.93 0.18
C THR A 64 -11.54 11.20 -0.53
N PHE A 65 -12.07 10.16 0.07
CA PHE A 65 -13.20 9.40 -0.58
C PHE A 65 -14.52 9.70 0.11
N GLY A 66 -14.49 10.23 1.30
CA GLY A 66 -15.76 10.55 2.04
C GLY A 66 -15.79 9.80 3.36
N GLU A 67 -16.32 10.41 4.39
CA GLU A 67 -16.39 9.74 5.72
C GLU A 67 -17.00 8.34 5.60
N GLU A 68 -17.52 8.01 4.45
CA GLU A 68 -18.15 6.66 4.29
C GLU A 68 -17.09 5.56 4.42
N LYS A 69 -15.84 5.86 4.15
CA LYS A 69 -14.78 4.82 4.25
C LYS A 69 -14.16 4.79 5.65
N GLU A 70 -14.40 5.79 6.45
CA GLU A 70 -13.80 5.82 7.82
C GLU A 70 -14.32 4.65 8.66
N ALA A 71 -15.40 4.05 8.28
CA ALA A 71 -15.94 2.90 9.08
C ALA A 71 -14.97 1.72 9.01
N ILE A 72 -14.35 1.50 7.88
CA ILE A 72 -13.42 0.35 7.77
C ILE A 72 -12.12 0.66 8.53
N PHE A 73 -11.66 1.88 8.48
CA PHE A 73 -10.41 2.24 9.20
C PHE A 73 -10.71 2.43 10.68
N GLU A 74 -11.94 2.70 11.01
CA GLU A 74 -12.30 2.89 12.44
C GLU A 74 -12.08 1.58 13.19
N GLY A 75 -12.59 0.49 12.66
CA GLY A 75 -12.40 -0.82 13.34
C GLY A 75 -10.93 -1.22 13.28
N HIS A 76 -10.23 -0.83 12.25
CA HIS A 76 -8.78 -1.19 12.14
C HIS A 76 -8.01 -0.57 13.30
N ILE A 77 -8.52 0.47 13.90
CA ILE A 77 -7.81 1.10 15.05
C ILE A 77 -8.20 0.36 16.33
N MET A 78 -9.45 0.00 16.44
CA MET A 78 -9.90 -0.74 17.65
C MET A 78 -9.09 -2.02 17.78
N LEU A 79 -8.96 -2.74 16.70
CA LEU A 79 -8.18 -4.01 16.74
C LEU A 79 -6.75 -3.70 17.18
N LEU A 80 -6.20 -2.61 16.72
CA LEU A 80 -4.81 -2.26 17.12
C LEU A 80 -4.77 -1.94 18.61
N GLU A 81 -5.70 -1.14 19.07
CA GLU A 81 -5.73 -0.75 20.51
C GLU A 81 -6.46 -1.81 21.34
N ASP A 82 -6.77 -2.95 20.76
CA ASP A 82 -7.47 -3.99 21.55
C ASP A 82 -6.69 -4.26 22.84
N GLU A 83 -7.32 -4.08 23.97
CA GLU A 83 -6.61 -4.32 25.26
C GLU A 83 -6.34 -5.81 25.40
N GLU A 84 -7.08 -6.62 24.69
CA GLU A 84 -6.88 -8.09 24.81
C GLU A 84 -5.62 -8.48 24.03
N LEU A 85 -5.48 -8.00 22.83
CA LEU A 85 -4.27 -8.36 22.04
C LEU A 85 -3.05 -7.77 22.74
N GLU A 86 -3.24 -6.82 23.61
CA GLU A 86 -2.09 -6.20 24.33
C GLU A 86 -1.71 -7.07 25.53
N GLN A 87 -2.67 -7.60 26.23
CA GLN A 87 -2.36 -8.45 27.41
C GLN A 87 -1.61 -9.70 26.95
N GLU A 88 -1.92 -10.19 25.78
CA GLU A 88 -1.22 -11.40 25.27
C GLU A 88 0.21 -11.02 24.84
N ILE A 89 0.34 -9.91 24.19
CA ILE A 89 1.70 -9.45 23.77
C ILE A 89 2.55 -9.26 25.04
N ILE A 90 2.09 -8.42 25.92
CA ILE A 90 2.85 -8.17 27.19
C ILE A 90 3.34 -9.49 27.78
N ALA A 91 2.46 -10.36 28.18
CA ALA A 91 2.88 -11.65 28.77
C ALA A 91 3.99 -12.28 27.92
N LEU A 92 3.79 -12.37 26.64
CA LEU A 92 4.83 -12.99 25.77
C LEU A 92 6.17 -12.26 25.97
N ILE A 93 6.19 -10.98 25.74
CA ILE A 93 7.46 -10.21 25.92
C ILE A 93 8.05 -10.47 27.31
N LYS A 94 7.22 -10.56 28.32
CA LYS A 94 7.74 -10.78 29.71
C LYS A 94 7.95 -12.27 30.02
N ASP A 95 7.09 -13.13 29.55
CA ASP A 95 7.22 -14.58 29.90
C ASP A 95 8.24 -15.29 29.01
N LYS A 96 8.29 -14.98 27.74
CA LYS A 96 9.28 -15.67 26.84
C LYS A 96 10.43 -14.72 26.52
N HIS A 97 10.55 -13.65 27.25
CA HIS A 97 11.66 -12.68 26.98
C HIS A 97 11.77 -12.44 25.48
N MET A 98 10.66 -12.26 24.81
CA MET A 98 10.68 -12.03 23.34
C MET A 98 10.66 -10.54 23.06
N THR A 99 11.20 -10.14 21.94
CA THR A 99 11.23 -8.70 21.60
C THR A 99 9.84 -8.26 21.10
N ALA A 100 9.43 -7.07 21.45
CA ALA A 100 8.10 -6.60 21.01
C ALA A 100 7.94 -6.83 19.50
N ASP A 101 9.03 -6.87 18.77
CA ASP A 101 8.91 -7.13 17.31
C ASP A 101 8.63 -8.61 17.10
N ALA A 102 9.34 -9.44 17.83
CA ALA A 102 9.14 -10.91 17.69
C ALA A 102 7.80 -11.32 18.31
N ALA A 103 7.58 -10.99 19.54
CA ALA A 103 6.29 -11.39 20.20
C ALA A 103 5.11 -10.87 19.39
N ALA A 104 5.12 -9.61 19.05
CA ALA A 104 3.99 -9.04 18.26
C ALA A 104 3.79 -9.85 16.97
N HIS A 105 4.84 -10.41 16.43
CA HIS A 105 4.68 -11.21 15.19
C HIS A 105 3.94 -12.51 15.51
N GLU A 106 4.02 -12.97 16.73
CA GLU A 106 3.32 -14.23 17.10
C GLU A 106 1.81 -14.02 17.07
N VAL A 107 1.30 -13.12 17.87
CA VAL A 107 -0.17 -12.88 17.88
C VAL A 107 -0.65 -12.64 16.45
N ILE A 108 0.02 -11.79 15.74
CA ILE A 108 -0.39 -11.48 14.34
C ILE A 108 -0.27 -12.75 13.48
N GLU A 109 0.54 -13.70 13.89
CA GLU A 109 0.68 -14.93 13.08
C GLU A 109 -0.62 -15.75 13.16
N GLY A 110 -1.29 -15.72 14.27
CA GLY A 110 -2.58 -16.47 14.36
C GLY A 110 -3.78 -15.65 13.88
N GLN A 111 -3.69 -14.35 13.90
CA GLN A 111 -4.86 -13.55 13.45
C GLN A 111 -5.04 -13.74 11.95
N ALA A 112 -3.97 -13.72 11.23
CA ALA A 112 -4.04 -13.90 9.77
C ALA A 112 -4.22 -15.39 9.45
N SER A 113 -3.42 -16.23 10.04
CA SER A 113 -3.54 -17.69 9.79
C SER A 113 -4.93 -18.17 10.22
N ALA A 114 -5.39 -17.78 11.37
CA ALA A 114 -6.73 -18.25 11.83
C ALA A 114 -7.81 -17.79 10.87
N LEU A 115 -7.69 -16.61 10.31
CA LEU A 115 -8.73 -16.14 9.37
C LEU A 115 -8.69 -17.00 8.09
N GLU A 116 -7.55 -17.52 7.77
CA GLU A 116 -7.45 -18.35 6.53
C GLU A 116 -8.17 -19.68 6.77
N GLU A 117 -8.42 -20.02 7.99
CA GLU A 117 -9.11 -21.30 8.29
C GLU A 117 -10.62 -21.13 8.10
N LEU A 118 -11.06 -19.91 7.86
CA LEU A 118 -12.51 -19.69 7.64
C LEU A 118 -12.84 -19.99 6.17
N ASP A 119 -13.99 -20.56 5.92
CA ASP A 119 -14.36 -20.88 4.51
C ASP A 119 -15.21 -19.73 3.97
N ASP A 120 -14.66 -18.54 3.98
CA ASP A 120 -15.43 -17.36 3.47
C ASP A 120 -14.44 -16.35 2.86
N GLU A 121 -14.55 -16.11 1.59
CA GLU A 121 -13.62 -15.14 0.91
C GLU A 121 -13.78 -13.76 1.54
N TYR A 122 -14.80 -13.58 2.34
CA TYR A 122 -15.02 -12.24 2.97
C TYR A 122 -14.07 -12.08 4.16
N LEU A 123 -14.21 -12.90 5.17
CA LEU A 123 -13.32 -12.77 6.35
C LEU A 123 -11.88 -13.05 5.92
N LYS A 124 -11.70 -13.78 4.85
CA LYS A 124 -10.32 -14.08 4.37
C LYS A 124 -9.68 -12.76 3.91
N GLU A 125 -10.37 -12.04 3.08
CA GLU A 125 -9.80 -10.75 2.59
C GLU A 125 -9.46 -9.90 3.81
N ARG A 126 -10.08 -10.16 4.92
CA ARG A 126 -9.74 -9.39 6.14
C ARG A 126 -8.37 -9.87 6.60
N ALA A 127 -8.04 -11.09 6.28
CA ALA A 127 -6.73 -11.64 6.68
C ALA A 127 -5.63 -10.76 6.09
N ALA A 128 -5.80 -10.36 4.87
CA ALA A 128 -4.78 -9.48 4.22
C ALA A 128 -4.78 -8.10 4.88
N ASP A 129 -5.94 -7.55 5.13
CA ASP A 129 -6.01 -6.21 5.77
C ASP A 129 -5.48 -6.30 7.20
N VAL A 130 -5.47 -7.46 7.77
CA VAL A 130 -4.96 -7.61 9.16
C VAL A 130 -3.43 -7.59 9.12
N ARG A 131 -2.83 -8.37 8.27
CA ARG A 131 -1.35 -8.36 8.19
C ARG A 131 -0.88 -6.92 7.97
N ASP A 132 -1.62 -6.16 7.22
CA ASP A 132 -1.23 -4.74 6.95
C ASP A 132 -1.10 -3.97 8.27
N ILE A 133 -2.07 -4.09 9.15
CA ILE A 133 -1.98 -3.34 10.43
C ILE A 133 -0.82 -3.90 11.25
N GLY A 134 -0.53 -5.17 11.10
CA GLY A 134 0.60 -5.76 11.87
C GLY A 134 1.92 -5.36 11.20
N LYS A 135 2.00 -5.51 9.92
CA LYS A 135 3.25 -5.14 9.19
C LYS A 135 3.59 -3.68 9.48
N ARG A 136 2.65 -2.80 9.33
CA ARG A 136 2.93 -1.36 9.61
C ARG A 136 3.28 -1.22 11.10
N LEU A 137 2.45 -1.77 11.95
CA LEU A 137 2.73 -1.69 13.41
C LEU A 137 4.18 -2.08 13.69
N LEU A 138 4.71 -3.01 12.94
CA LEU A 138 6.12 -3.44 13.16
C LEU A 138 7.07 -2.31 12.73
N ARG A 139 6.87 -1.76 11.56
CA ARG A 139 7.76 -0.67 11.08
C ARG A 139 7.84 0.47 12.10
N ASN A 140 6.90 0.55 13.01
CA ASN A 140 6.95 1.64 14.03
C ASN A 140 7.84 1.20 15.19
N ILE A 141 7.78 -0.05 15.57
CA ILE A 141 8.63 -0.52 16.69
C ILE A 141 10.09 -0.50 16.24
N LEU A 142 10.34 -0.79 15.00
CA LEU A 142 11.75 -0.78 14.49
C LEU A 142 12.12 0.64 14.07
N GLY A 143 11.19 1.55 14.20
CA GLY A 143 11.49 2.96 13.81
C GLY A 143 11.89 2.98 12.34
N LEU A 144 11.42 2.01 11.60
CA LEU A 144 11.77 1.96 10.16
C LEU A 144 11.08 3.09 9.42
N LYS A 145 11.78 3.80 8.58
CA LYS A 145 11.15 4.92 7.82
C LYS A 145 10.13 4.34 6.85
N ILE A 146 9.01 5.01 6.67
CA ILE A 146 7.96 4.52 5.74
C ILE A 146 8.01 5.35 4.46
N ILE A 147 7.42 4.89 3.40
CA ILE A 147 7.45 5.67 2.14
C ILE A 147 6.43 6.80 2.24
N ASP A 148 6.85 8.02 1.97
CA ASP A 148 5.91 9.17 2.04
C ASP A 148 5.37 9.49 0.65
N LEU A 149 4.34 8.81 0.24
CA LEU A 149 3.76 9.08 -1.12
C LEU A 149 2.83 10.29 -1.03
N SER A 150 2.36 10.61 0.14
CA SER A 150 1.44 11.78 0.28
C SER A 150 2.27 13.07 0.28
N ALA A 151 3.54 12.97 0.02
CA ALA A 151 4.43 14.18 0.00
C ALA A 151 5.05 14.35 -1.39
N ILE A 152 4.41 13.80 -2.38
CA ILE A 152 4.95 13.91 -3.77
C ILE A 152 4.72 15.32 -4.30
N GLN A 153 5.65 15.84 -5.07
CA GLN A 153 5.52 17.21 -5.63
C GLN A 153 5.94 17.20 -7.10
N ASP A 154 6.19 16.03 -7.64
CA ASP A 154 6.62 15.91 -9.07
C ASP A 154 5.64 14.99 -9.79
N GLU A 155 4.98 15.48 -10.81
CA GLU A 155 4.02 14.64 -11.55
C GLU A 155 4.76 13.49 -12.22
N VAL A 156 4.41 12.27 -11.90
CA VAL A 156 5.08 11.10 -12.54
C VAL A 156 4.08 9.94 -12.61
N ILE A 157 4.49 8.85 -13.18
CA ILE A 157 3.58 7.68 -13.29
C ILE A 157 3.75 6.85 -12.02
N LEU A 158 2.71 6.15 -11.62
CA LEU A 158 2.80 5.29 -10.39
C LEU A 158 2.83 3.82 -10.79
N VAL A 159 3.91 3.16 -10.47
CA VAL A 159 4.04 1.69 -10.80
C VAL A 159 4.33 0.93 -9.51
N ALA A 160 3.63 -0.14 -9.30
CA ALA A 160 3.86 -0.95 -8.06
C ALA A 160 3.24 -2.33 -8.22
N ALA A 161 3.75 -3.31 -7.54
CA ALA A 161 3.15 -4.67 -7.68
C ALA A 161 1.69 -4.57 -7.27
N ASP A 162 1.41 -3.84 -6.21
CA ASP A 162 0.01 -3.70 -5.76
C ASP A 162 -0.07 -2.69 -4.61
N LEU A 163 -1.22 -2.10 -4.39
CA LEU A 163 -1.38 -1.10 -3.30
C LEU A 163 -2.63 -1.43 -2.47
N THR A 164 -2.53 -1.34 -1.17
CA THR A 164 -3.70 -1.65 -0.29
C THR A 164 -4.48 -0.36 0.00
N PRO A 165 -5.76 -0.45 0.27
CA PRO A 165 -6.60 0.74 0.59
C PRO A 165 -5.86 1.83 1.34
N SER A 166 -5.13 1.47 2.37
CA SER A 166 -4.38 2.50 3.14
C SER A 166 -3.56 3.36 2.18
N GLU A 167 -2.59 2.78 1.52
CA GLU A 167 -1.77 3.56 0.56
C GLU A 167 -2.67 4.37 -0.37
N THR A 168 -3.78 3.82 -0.76
CA THR A 168 -4.70 4.56 -1.67
C THR A 168 -5.45 5.63 -0.87
N ALA A 169 -5.54 5.46 0.42
CA ALA A 169 -6.28 6.46 1.26
C ALA A 169 -5.38 7.67 1.54
N GLN A 170 -4.08 7.51 1.42
CA GLN A 170 -3.15 8.66 1.70
C GLN A 170 -2.56 9.18 0.38
N LEU A 171 -2.60 8.38 -0.66
CA LEU A 171 -2.04 8.84 -1.97
C LEU A 171 -2.78 10.10 -2.41
N ASN A 172 -2.13 10.97 -3.14
CA ASN A 172 -2.81 12.22 -3.61
C ASN A 172 -3.29 11.99 -5.04
N LEU A 173 -4.26 12.74 -5.48
CA LEU A 173 -4.80 12.55 -6.86
C LEU A 173 -4.15 13.53 -7.84
N LYS A 174 -3.94 14.75 -7.45
CA LYS A 174 -3.37 15.75 -8.41
C LYS A 174 -1.84 15.61 -8.52
N LYS A 175 -1.20 14.89 -7.64
CA LYS A 175 0.28 14.73 -7.76
C LYS A 175 0.57 13.45 -8.52
N VAL A 176 -0.45 12.70 -8.84
CA VAL A 176 -0.27 11.43 -9.61
C VAL A 176 -0.66 11.67 -11.07
N LEU A 177 -0.12 10.88 -11.98
CA LEU A 177 -0.45 11.05 -13.43
C LEU A 177 -1.22 9.82 -13.90
N GLY A 178 -1.13 8.75 -13.17
CA GLY A 178 -1.86 7.51 -13.57
C GLY A 178 -1.52 6.39 -12.58
N PHE A 179 -2.19 5.27 -12.67
CA PHE A 179 -1.89 4.13 -11.73
C PHE A 179 -1.64 2.86 -12.54
N ILE A 180 -0.49 2.25 -12.31
CA ILE A 180 -0.13 1.00 -13.04
C ILE A 180 0.22 -0.05 -11.98
N THR A 181 -0.53 -1.12 -11.91
CA THR A 181 -0.25 -2.16 -10.87
C THR A 181 -0.43 -3.60 -11.40
N ASP A 182 0.30 -4.52 -10.82
CA ASP A 182 0.20 -5.96 -11.26
C ASP A 182 -1.02 -6.63 -10.59
N ALA A 183 -2.13 -5.94 -10.50
CA ALA A 183 -3.32 -6.54 -9.82
C ALA A 183 -4.33 -7.07 -10.84
N GLY A 184 -4.36 -8.36 -11.04
CA GLY A 184 -5.32 -8.96 -12.04
C GLY A 184 -6.69 -8.27 -11.96
N GLY A 185 -6.99 -7.60 -10.87
CA GLY A 185 -8.31 -6.89 -10.74
C GLY A 185 -9.23 -7.65 -9.78
N ARG A 186 -8.88 -8.86 -9.42
CA ARG A 186 -9.75 -9.63 -8.48
C ARG A 186 -10.13 -8.74 -7.29
N THR A 187 -9.17 -8.07 -6.72
CA THR A 187 -9.45 -7.17 -5.56
C THR A 187 -8.54 -5.95 -5.64
N SER A 188 -8.47 -5.35 -6.80
CA SER A 188 -7.57 -4.17 -6.98
C SER A 188 -8.30 -2.88 -6.58
N HIS A 189 -7.97 -2.33 -5.44
CA HIS A 189 -8.62 -1.05 -5.02
C HIS A 189 -8.26 0.02 -6.05
N THR A 190 -7.16 -0.16 -6.72
CA THR A 190 -6.73 0.84 -7.74
C THR A 190 -7.78 0.91 -8.85
N SER A 191 -8.29 -0.22 -9.28
CA SER A 191 -9.32 -0.22 -10.34
C SER A 191 -10.51 0.62 -9.88
N ILE A 192 -10.79 0.64 -8.60
CA ILE A 192 -11.94 1.43 -8.09
C ILE A 192 -11.62 2.93 -8.19
N MET A 193 -10.38 3.30 -8.04
CA MET A 193 -10.01 4.73 -8.13
C MET A 193 -10.12 5.14 -9.59
N ALA A 194 -9.41 4.45 -10.43
CA ALA A 194 -9.43 4.76 -11.88
C ALA A 194 -10.87 4.68 -12.42
N ARG A 195 -11.64 3.74 -11.96
CA ARG A 195 -13.04 3.61 -12.47
C ARG A 195 -13.90 4.78 -11.97
N SER A 196 -13.88 5.04 -10.69
CA SER A 196 -14.69 6.15 -10.14
C SER A 196 -14.13 7.49 -10.61
N LEU A 197 -12.83 7.60 -10.69
CA LEU A 197 -12.21 8.88 -11.13
C LEU A 197 -11.98 8.84 -12.65
N GLU A 198 -12.40 7.77 -13.29
CA GLU A 198 -12.23 7.66 -14.76
C GLU A 198 -10.79 8.01 -15.18
N LEU A 199 -9.89 8.11 -14.25
CA LEU A 199 -8.48 8.44 -14.64
C LEU A 199 -7.89 7.28 -15.45
N PRO A 200 -7.04 7.54 -16.42
CA PRO A 200 -6.42 6.46 -17.24
C PRO A 200 -5.62 5.48 -16.37
N ALA A 201 -5.79 4.19 -16.55
CA ALA A 201 -5.02 3.25 -15.68
C ALA A 201 -4.99 1.85 -16.28
N ILE A 202 -4.19 1.00 -15.67
CA ILE A 202 -4.06 -0.41 -16.12
C ILE A 202 -3.80 -1.25 -14.86
N VAL A 203 -4.10 -2.53 -14.87
CA VAL A 203 -3.91 -3.34 -13.63
C VAL A 203 -3.36 -4.73 -13.98
N GLY A 204 -3.76 -5.28 -15.09
CA GLY A 204 -3.25 -6.61 -15.48
C GLY A 204 -1.81 -6.45 -16.00
N THR A 205 -1.05 -5.61 -15.38
CA THR A 205 0.34 -5.34 -15.83
C THR A 205 1.19 -6.58 -15.61
N GLY A 206 0.64 -7.57 -14.97
CA GLY A 206 1.42 -8.81 -14.72
C GLY A 206 2.78 -8.47 -14.12
N SER A 207 3.82 -8.52 -14.92
CA SER A 207 5.20 -8.27 -14.39
C SER A 207 5.84 -7.01 -15.00
N VAL A 208 5.16 -5.90 -14.99
CA VAL A 208 5.79 -4.67 -15.54
C VAL A 208 6.87 -4.24 -14.54
N THR A 209 6.70 -4.59 -13.30
CA THR A 209 7.73 -4.21 -12.27
C THR A 209 8.99 -5.02 -12.53
N SER A 210 8.90 -6.01 -13.38
CA SER A 210 10.09 -6.86 -13.70
C SER A 210 10.61 -6.45 -15.07
N GLN A 211 10.14 -5.34 -15.59
CA GLN A 211 10.59 -4.86 -16.93
C GLN A 211 10.91 -3.37 -16.85
N VAL A 212 10.29 -2.66 -15.94
CA VAL A 212 10.54 -1.19 -15.80
C VAL A 212 11.26 -0.92 -14.49
N LYS A 213 11.99 0.16 -14.42
CA LYS A 213 12.71 0.54 -13.17
C LYS A 213 12.24 1.95 -12.81
N ASN A 214 12.75 2.51 -11.76
CA ASN A 214 12.30 3.89 -11.39
C ASN A 214 13.03 4.92 -12.25
N ASP A 215 12.37 6.03 -12.51
CA ASP A 215 12.99 7.13 -13.32
C ASP A 215 12.87 6.83 -14.82
N ASP A 216 12.57 5.62 -15.19
CA ASP A 216 12.44 5.31 -16.64
C ASP A 216 11.33 6.18 -17.24
N TYR A 217 11.50 6.63 -18.45
CA TYR A 217 10.46 7.50 -19.08
C TYR A 217 9.47 6.61 -19.84
N LEU A 218 8.26 6.49 -19.34
CA LEU A 218 7.24 5.62 -20.02
C LEU A 218 6.17 6.51 -20.66
N ILE A 219 5.30 5.90 -21.43
CA ILE A 219 4.18 6.64 -22.07
C ILE A 219 2.97 5.72 -22.08
N LEU A 220 1.92 6.10 -21.39
CA LEU A 220 0.71 5.23 -21.33
C LEU A 220 -0.15 5.51 -22.56
N ASP A 221 -0.51 4.49 -23.30
CA ASP A 221 -1.35 4.73 -24.52
C ASP A 221 -2.83 4.67 -24.13
N ALA A 222 -3.16 3.82 -23.22
CA ALA A 222 -4.58 3.72 -22.77
C ALA A 222 -5.52 3.74 -23.99
N VAL A 223 -5.01 3.40 -25.14
CA VAL A 223 -5.85 3.37 -26.38
C VAL A 223 -5.76 1.96 -26.97
N ASN A 224 -4.59 1.54 -27.34
CA ASN A 224 -4.42 0.17 -27.89
C ASN A 224 -4.09 -0.79 -26.75
N ASN A 225 -4.35 -0.37 -25.54
CA ASN A 225 -4.06 -1.22 -24.35
C ASN A 225 -2.60 -1.68 -24.39
N GLN A 226 -1.67 -0.75 -24.44
CA GLN A 226 -0.23 -1.15 -24.48
C GLN A 226 0.64 -0.03 -23.88
N VAL A 227 1.69 -0.41 -23.20
CA VAL A 227 2.62 0.59 -22.60
C VAL A 227 3.82 0.73 -23.52
N TYR A 228 4.45 1.88 -23.54
CA TYR A 228 5.65 2.08 -24.42
C TYR A 228 6.85 2.49 -23.56
N VAL A 229 7.91 1.72 -23.61
CA VAL A 229 9.12 2.05 -22.79
C VAL A 229 10.21 2.62 -23.70
N ASN A 230 10.64 3.82 -23.44
CA ASN A 230 11.71 4.43 -24.28
C ASN A 230 11.36 4.25 -25.77
N PRO A 231 10.31 4.87 -26.22
CA PRO A 231 9.87 4.80 -27.64
C PRO A 231 10.70 5.72 -28.55
N THR A 232 10.62 5.52 -29.84
CA THR A 232 11.40 6.39 -30.77
C THR A 232 10.73 7.76 -30.87
N ASN A 233 11.51 8.79 -30.96
CA ASN A 233 10.92 10.16 -31.07
C ASN A 233 9.94 10.20 -32.25
N GLU A 234 10.00 9.21 -33.10
CA GLU A 234 9.08 9.19 -34.27
C GLU A 234 7.67 8.84 -33.80
N VAL A 235 7.55 7.95 -32.85
CA VAL A 235 6.20 7.59 -32.34
C VAL A 235 5.70 8.68 -31.40
N ILE A 236 6.56 9.19 -30.57
CA ILE A 236 6.15 10.26 -29.63
C ILE A 236 5.55 11.43 -30.41
N ASP A 237 6.28 11.96 -31.35
CA ASP A 237 5.75 13.11 -32.15
C ASP A 237 4.38 12.74 -32.74
N LYS A 238 4.22 11.54 -33.20
CA LYS A 238 2.92 11.13 -33.80
C LYS A 238 1.83 11.10 -32.72
N MET A 239 2.17 10.68 -31.53
CA MET A 239 1.14 10.62 -30.44
C MET A 239 1.00 12.00 -29.79
N ARG A 240 2.01 12.81 -29.85
CA ARG A 240 1.92 14.16 -29.23
C ARG A 240 0.78 14.95 -29.88
N ALA A 241 0.69 14.93 -31.18
CA ALA A 241 -0.40 15.69 -31.87
C ALA A 241 -1.73 14.97 -31.69
N VAL A 242 -1.78 13.69 -31.96
CA VAL A 242 -3.07 12.95 -31.83
C VAL A 242 -3.57 13.04 -30.39
N GLN A 243 -2.76 12.66 -29.44
CA GLN A 243 -3.21 12.71 -28.00
C GLN A 243 -3.90 14.04 -27.72
N GLU A 244 -3.22 15.12 -27.95
CA GLU A 244 -3.81 16.45 -27.68
C GLU A 244 -5.02 16.68 -28.59
N GLN A 245 -5.08 16.03 -29.71
CA GLN A 245 -6.26 16.21 -30.60
C GLN A 245 -7.46 15.59 -29.87
N VAL A 246 -7.21 14.69 -28.98
CA VAL A 246 -8.32 14.06 -28.21
C VAL A 246 -8.83 15.06 -27.17
N ALA A 247 -7.93 15.74 -26.52
CA ALA A 247 -8.35 16.74 -25.50
C ALA A 247 -9.18 17.84 -26.20
N SER A 248 -8.92 18.05 -27.45
CA SER A 248 -9.68 19.09 -28.19
C SER A 248 -11.07 18.56 -28.53
N GLU A 249 -11.21 17.27 -28.63
CA GLU A 249 -12.54 16.68 -28.94
C GLU A 249 -13.46 16.83 -27.73
N MET A 1 4.29 -5.52 -25.62
CA MET A 1 3.30 -6.63 -25.45
C MET A 1 2.72 -6.58 -24.03
N ILE A 2 3.16 -5.66 -23.23
CA ILE A 2 2.63 -5.57 -21.83
C ILE A 2 1.11 -5.50 -21.89
N SER A 3 0.46 -6.63 -21.86
CA SER A 3 -1.04 -6.65 -21.91
C SER A 3 -1.61 -6.74 -20.49
N GLY A 4 -2.38 -5.76 -20.09
CA GLY A 4 -3.00 -5.77 -18.73
C GLY A 4 -4.53 -5.87 -18.90
N ILE A 5 -5.27 -5.48 -17.91
CA ILE A 5 -6.76 -5.54 -18.01
C ILE A 5 -7.27 -4.15 -18.41
N LEU A 6 -6.42 -3.17 -18.35
CA LEU A 6 -6.81 -1.78 -18.72
C LEU A 6 -8.08 -1.40 -17.96
N ALA A 7 -7.98 -0.52 -17.00
CA ALA A 7 -9.20 -0.13 -16.23
C ALA A 7 -9.95 0.97 -16.97
N SER A 8 -9.27 2.00 -17.38
CA SER A 8 -9.97 3.11 -18.10
C SER A 8 -9.03 3.69 -19.18
N PRO A 9 -9.57 4.20 -20.26
CA PRO A 9 -8.75 4.78 -21.37
C PRO A 9 -8.21 6.18 -21.07
N GLY A 10 -7.09 6.54 -21.67
CA GLY A 10 -6.51 7.90 -21.44
C GLY A 10 -5.00 7.88 -21.67
N ILE A 11 -4.51 8.68 -22.58
CA ILE A 11 -3.04 8.70 -22.86
C ILE A 11 -2.36 9.71 -21.95
N ALA A 12 -1.26 9.33 -21.33
CA ALA A 12 -0.54 10.26 -20.40
C ALA A 12 0.97 10.14 -20.63
N PHE A 13 1.72 11.12 -20.19
CA PHE A 13 3.22 11.10 -20.36
C PHE A 13 3.86 11.41 -19.00
N GLY A 14 4.89 10.69 -18.60
CA GLY A 14 5.51 11.02 -17.28
C GLY A 14 6.61 10.02 -16.93
N LYS A 15 7.43 10.36 -15.96
CA LYS A 15 8.53 9.45 -15.53
C LYS A 15 7.99 8.36 -14.59
N ALA A 16 8.59 7.21 -14.60
CA ALA A 16 8.10 6.10 -13.73
C ALA A 16 8.58 6.27 -12.28
N LEU A 17 7.67 6.19 -11.34
CA LEU A 17 8.05 6.30 -9.90
C LEU A 17 7.91 4.90 -9.30
N LEU A 18 8.98 4.15 -9.23
CA LEU A 18 8.89 2.76 -8.69
C LEU A 18 8.91 2.77 -7.16
N LEU A 19 7.88 2.23 -6.57
CA LEU A 19 7.80 2.17 -5.08
C LEU A 19 8.27 0.81 -4.58
N LYS A 20 9.51 0.72 -4.14
CA LYS A 20 10.04 -0.57 -3.64
C LYS A 20 9.82 -0.65 -2.13
N GLU A 21 9.84 -1.82 -1.56
CA GLU A 21 9.62 -1.98 -0.09
C GLU A 21 10.74 -2.85 0.50
N ASP A 22 11.36 -2.39 1.55
CA ASP A 22 12.44 -3.20 2.18
C ASP A 22 11.82 -4.29 3.05
N GLU A 23 12.27 -5.51 2.91
CA GLU A 23 11.71 -6.62 3.72
C GLU A 23 12.04 -6.37 5.20
N ILE A 24 11.16 -6.76 6.09
CA ILE A 24 11.42 -6.56 7.54
C ILE A 24 12.15 -7.76 8.12
N VAL A 25 13.16 -7.52 8.92
CA VAL A 25 13.93 -8.64 9.54
C VAL A 25 13.55 -8.75 11.02
N ILE A 26 12.94 -9.83 11.41
CA ILE A 26 12.52 -10.00 12.83
C ILE A 26 13.65 -10.68 13.62
N ASP A 27 13.90 -10.24 14.82
CA ASP A 27 14.98 -10.85 15.64
C ASP A 27 14.40 -11.96 16.53
N ARG A 28 14.90 -13.16 16.40
CA ARG A 28 14.39 -14.29 17.24
C ARG A 28 15.28 -14.49 18.47
N LYS A 29 16.05 -13.49 18.83
CA LYS A 29 16.93 -13.63 20.02
C LYS A 29 16.14 -13.39 21.30
N LYS A 30 16.60 -13.93 22.39
CA LYS A 30 15.89 -13.75 23.68
C LYS A 30 16.42 -12.49 24.39
N ILE A 31 15.56 -11.61 24.78
CA ILE A 31 16.03 -10.37 25.47
C ILE A 31 16.35 -10.68 26.93
N SER A 32 16.95 -9.75 27.62
CA SER A 32 17.29 -9.96 29.06
C SER A 32 16.26 -9.25 29.93
N ALA A 33 16.19 -9.58 31.19
CA ALA A 33 15.18 -8.91 32.07
C ALA A 33 15.42 -7.40 32.06
N ASP A 34 16.62 -6.97 31.81
CA ASP A 34 16.88 -5.50 31.78
C ASP A 34 16.42 -4.93 30.45
N GLN A 35 16.13 -5.81 29.52
CA GLN A 35 15.64 -5.36 28.18
C GLN A 35 14.13 -5.57 28.10
N VAL A 36 13.58 -6.28 29.05
CA VAL A 36 12.10 -6.51 29.03
C VAL A 36 11.39 -5.17 29.31
N ASP A 37 11.80 -4.49 30.34
CA ASP A 37 11.18 -3.17 30.66
C ASP A 37 11.32 -2.22 29.47
N GLN A 38 12.45 -2.25 28.81
CA GLN A 38 12.67 -1.32 27.65
C GLN A 38 11.76 -1.71 26.48
N GLU A 39 11.52 -2.97 26.28
CA GLU A 39 10.64 -3.38 25.15
C GLU A 39 9.21 -2.89 25.41
N VAL A 40 8.80 -2.85 26.65
CA VAL A 40 7.42 -2.37 26.95
C VAL A 40 7.29 -0.92 26.51
N GLU A 41 8.25 -0.09 26.80
CA GLU A 41 8.17 1.34 26.37
C GLU A 41 8.19 1.38 24.85
N ARG A 42 8.88 0.47 24.23
CA ARG A 42 8.93 0.44 22.74
C ARG A 42 7.53 0.12 22.19
N PHE A 43 6.81 -0.74 22.86
CA PHE A 43 5.45 -1.08 22.38
C PHE A 43 4.45 -0.07 22.96
N LEU A 44 4.46 0.10 24.26
CA LEU A 44 3.52 1.07 24.88
C LEU A 44 3.60 2.40 24.13
N SER A 45 4.72 3.05 24.22
CA SER A 45 4.86 4.36 23.52
C SER A 45 4.78 4.12 22.01
N GLY A 46 5.16 2.96 21.57
CA GLY A 46 5.07 2.66 20.12
C GLY A 46 3.60 2.79 19.72
N ARG A 47 2.75 2.07 20.40
CA ARG A 47 1.29 2.14 20.09
C ARG A 47 0.89 3.62 19.99
N ALA A 48 1.55 4.47 20.73
CA ALA A 48 1.23 5.92 20.68
C ALA A 48 1.49 6.41 19.25
N LYS A 49 2.49 5.86 18.61
CA LYS A 49 2.83 6.28 17.23
C LYS A 49 1.92 5.57 16.23
N ALA A 50 1.97 4.27 16.20
CA ALA A 50 1.10 3.52 15.23
C ALA A 50 -0.34 4.02 15.32
N SER A 51 -0.81 4.31 16.51
CA SER A 51 -2.21 4.81 16.66
C SER A 51 -2.32 6.16 15.97
N ALA A 52 -1.31 6.97 16.10
CA ALA A 52 -1.33 8.33 15.49
C ALA A 52 -1.16 8.23 13.96
N GLN A 53 -0.29 7.36 13.50
CA GLN A 53 -0.07 7.25 12.04
C GLN A 53 -1.35 6.77 11.35
N LEU A 54 -1.98 5.76 11.87
CA LEU A 54 -3.24 5.26 11.22
C LEU A 54 -4.36 6.28 11.46
N GLU A 55 -4.49 6.75 12.66
CA GLU A 55 -5.56 7.74 12.96
C GLU A 55 -5.55 8.86 11.91
N THR A 56 -4.41 9.46 11.70
CA THR A 56 -4.33 10.57 10.70
C THR A 56 -4.73 10.06 9.32
N ILE A 57 -4.41 8.84 9.01
CA ILE A 57 -4.78 8.29 7.68
C ILE A 57 -6.29 8.05 7.64
N LYS A 58 -6.89 7.80 8.77
CA LYS A 58 -8.36 7.56 8.81
C LYS A 58 -9.11 8.82 8.37
N THR A 59 -8.68 9.97 8.81
CA THR A 59 -9.38 11.23 8.43
C THR A 59 -9.08 11.55 6.97
N LYS A 60 -7.94 11.16 6.47
CA LYS A 60 -7.64 11.46 5.05
C LYS A 60 -8.51 10.57 4.19
N ALA A 61 -8.91 9.45 4.73
CA ALA A 61 -9.79 8.52 3.97
C ALA A 61 -11.20 9.10 4.00
N GLY A 62 -11.54 9.81 5.04
CA GLY A 62 -12.90 10.41 5.12
C GLY A 62 -12.93 11.76 4.43
N GLU A 63 -11.82 12.46 4.41
CA GLU A 63 -11.81 13.79 3.73
C GLU A 63 -11.51 13.59 2.24
N THR A 64 -11.02 12.44 1.88
CA THR A 64 -10.71 12.17 0.44
C THR A 64 -11.89 11.49 -0.24
N PHE A 65 -12.43 10.45 0.36
CA PHE A 65 -13.59 9.73 -0.27
C PHE A 65 -14.89 10.03 0.49
N GLY A 66 -14.81 10.57 1.68
CA GLY A 66 -16.05 10.89 2.47
C GLY A 66 -16.05 10.09 3.77
N GLU A 67 -16.52 10.68 4.83
CA GLU A 67 -16.54 9.97 6.14
C GLU A 67 -17.17 8.58 5.99
N GLU A 68 -17.69 8.26 4.84
CA GLU A 68 -18.32 6.92 4.64
C GLU A 68 -17.26 5.83 4.80
N LYS A 69 -16.01 6.14 4.57
CA LYS A 69 -14.94 5.11 4.70
C LYS A 69 -14.39 5.08 6.14
N GLU A 70 -14.75 6.04 6.95
CA GLU A 70 -14.23 6.07 8.35
C GLU A 70 -14.70 4.84 9.13
N ALA A 71 -15.84 4.31 8.82
CA ALA A 71 -16.35 3.13 9.57
C ALA A 71 -15.43 1.93 9.34
N ILE A 72 -14.90 1.78 8.16
CA ILE A 72 -14.01 0.62 7.88
C ILE A 72 -12.66 0.83 8.57
N PHE A 73 -12.10 2.01 8.45
CA PHE A 73 -10.78 2.26 9.10
C PHE A 73 -10.97 2.47 10.61
N GLU A 74 -12.14 2.86 11.03
CA GLU A 74 -12.37 3.06 12.49
C GLU A 74 -12.24 1.72 13.21
N GLY A 75 -12.82 0.69 12.68
CA GLY A 75 -12.73 -0.63 13.33
C GLY A 75 -11.30 -1.15 13.24
N HIS A 76 -10.61 -0.85 12.17
CA HIS A 76 -9.21 -1.33 12.02
C HIS A 76 -8.33 -0.73 13.13
N ILE A 77 -8.75 0.36 13.72
CA ILE A 77 -7.93 0.95 14.81
C ILE A 77 -8.29 0.26 16.12
N MET A 78 -9.55 -0.04 16.31
CA MET A 78 -9.97 -0.74 17.56
C MET A 78 -9.22 -2.07 17.65
N LEU A 79 -9.05 -2.73 16.55
CA LEU A 79 -8.32 -4.02 16.55
C LEU A 79 -6.88 -3.76 16.95
N LEU A 80 -6.29 -2.71 16.44
CA LEU A 80 -4.88 -2.41 16.80
C LEU A 80 -4.81 -1.99 18.27
N GLU A 81 -5.71 -1.16 18.70
CA GLU A 81 -5.70 -0.71 20.13
C GLU A 81 -6.48 -1.71 21.00
N ASP A 82 -6.86 -2.83 20.46
CA ASP A 82 -7.63 -3.82 21.28
C ASP A 82 -6.94 -4.03 22.62
N GLU A 83 -7.66 -3.82 23.70
CA GLU A 83 -7.07 -4.01 25.04
C GLU A 83 -6.75 -5.48 25.24
N GLU A 84 -7.47 -6.34 24.56
CA GLU A 84 -7.24 -7.79 24.73
C GLU A 84 -5.95 -8.19 24.04
N LEU A 85 -5.79 -7.81 22.80
CA LEU A 85 -4.54 -8.18 22.09
C LEU A 85 -3.36 -7.47 22.76
N GLU A 86 -3.62 -6.47 23.55
CA GLU A 86 -2.52 -5.74 24.23
C GLU A 86 -1.97 -6.54 25.41
N GLN A 87 -2.84 -6.99 26.28
CA GLN A 87 -2.36 -7.77 27.47
C GLN A 87 -1.67 -9.06 27.01
N GLU A 88 -2.07 -9.61 25.90
CA GLU A 88 -1.43 -10.87 25.42
C GLU A 88 -0.03 -10.56 24.88
N ILE A 89 0.09 -9.52 24.10
CA ILE A 89 1.43 -9.14 23.57
C ILE A 89 2.36 -8.89 24.76
N ILE A 90 1.98 -7.97 25.61
CA ILE A 90 2.80 -7.64 26.81
C ILE A 90 3.25 -8.94 27.50
N ALA A 91 2.32 -9.70 27.99
CA ALA A 91 2.68 -10.97 28.68
C ALA A 91 3.73 -11.74 27.87
N LEU A 92 3.44 -11.99 26.62
CA LEU A 92 4.41 -12.75 25.78
C LEU A 92 5.80 -12.13 25.92
N ILE A 93 5.91 -10.86 25.67
CA ILE A 93 7.24 -10.18 25.77
C ILE A 93 7.87 -10.45 27.15
N LYS A 94 7.09 -10.37 28.20
CA LYS A 94 7.65 -10.59 29.57
C LYS A 94 7.68 -12.08 29.94
N ASP A 95 6.70 -12.83 29.54
CA ASP A 95 6.66 -14.27 29.94
C ASP A 95 7.52 -15.15 29.02
N LYS A 96 7.56 -14.88 27.73
CA LYS A 96 8.39 -15.71 26.81
C LYS A 96 9.66 -14.97 26.41
N HIS A 97 9.94 -13.87 27.06
CA HIS A 97 11.17 -13.10 26.71
C HIS A 97 11.24 -12.90 25.21
N MET A 98 10.13 -12.59 24.60
CA MET A 98 10.10 -12.38 23.12
C MET A 98 10.20 -10.88 22.82
N THR A 99 10.77 -10.53 21.70
CA THR A 99 10.91 -9.10 21.34
C THR A 99 9.57 -8.53 20.91
N ALA A 100 9.30 -7.29 21.21
CA ALA A 100 8.01 -6.68 20.80
C ALA A 100 7.80 -6.92 19.30
N ASP A 101 8.87 -7.08 18.56
CA ASP A 101 8.75 -7.35 17.11
C ASP A 101 8.31 -8.79 16.92
N ALA A 102 9.00 -9.70 17.56
CA ALA A 102 8.65 -11.14 17.42
C ALA A 102 7.33 -11.43 18.12
N ALA A 103 7.18 -11.01 19.36
CA ALA A 103 5.92 -11.27 20.09
C ALA A 103 4.73 -10.70 19.32
N ALA A 104 4.76 -9.43 19.03
CA ALA A 104 3.63 -8.82 18.27
C ALA A 104 3.41 -9.59 16.97
N HIS A 105 4.46 -10.09 16.38
CA HIS A 105 4.30 -10.86 15.11
C HIS A 105 3.62 -12.20 15.43
N GLU A 106 3.68 -12.61 16.68
CA GLU A 106 3.05 -13.90 17.06
C GLU A 106 1.53 -13.77 17.02
N VAL A 107 1.00 -12.76 17.65
CA VAL A 107 -0.48 -12.59 17.65
C VAL A 107 -0.96 -12.32 16.21
N ILE A 108 -0.23 -11.53 15.48
CA ILE A 108 -0.63 -11.25 14.07
C ILE A 108 -0.53 -12.54 13.25
N GLU A 109 0.22 -13.50 13.73
CA GLU A 109 0.36 -14.78 12.98
C GLU A 109 -0.89 -15.63 13.16
N GLY A 110 -1.51 -15.59 14.31
CA GLY A 110 -2.75 -16.39 14.50
C GLY A 110 -3.98 -15.64 14.02
N GLN A 111 -3.94 -14.34 13.96
CA GLN A 111 -5.14 -13.59 13.49
C GLN A 111 -5.32 -13.86 11.99
N ALA A 112 -4.24 -13.84 11.26
CA ALA A 112 -4.34 -14.08 9.80
C ALA A 112 -4.59 -15.56 9.54
N SER A 113 -3.77 -16.42 10.07
CA SER A 113 -3.97 -17.88 9.85
C SER A 113 -5.35 -18.30 10.39
N ALA A 114 -5.85 -17.63 11.39
CA ALA A 114 -7.18 -18.03 11.96
C ALA A 114 -8.29 -17.76 10.94
N LEU A 115 -8.28 -16.63 10.29
CA LEU A 115 -9.36 -16.35 9.30
C LEU A 115 -9.23 -17.34 8.13
N GLU A 116 -8.06 -17.86 7.91
CA GLU A 116 -7.88 -18.83 6.78
C GLU A 116 -8.64 -20.12 7.10
N GLU A 117 -8.94 -20.36 8.36
CA GLU A 117 -9.67 -21.61 8.72
C GLU A 117 -11.18 -21.41 8.49
N LEU A 118 -11.58 -20.22 8.16
CA LEU A 118 -13.03 -19.96 7.91
C LEU A 118 -13.33 -20.27 6.44
N ASP A 119 -14.58 -20.54 6.14
CA ASP A 119 -14.98 -20.85 4.74
C ASP A 119 -15.71 -19.65 4.16
N ASP A 120 -15.06 -18.51 4.12
CA ASP A 120 -15.73 -17.27 3.58
C ASP A 120 -14.66 -16.35 2.98
N GLU A 121 -14.75 -16.09 1.70
CA GLU A 121 -13.76 -15.20 1.03
C GLU A 121 -13.84 -13.79 1.61
N TYR A 122 -14.83 -13.52 2.41
CA TYR A 122 -14.97 -12.16 2.99
C TYR A 122 -13.98 -12.00 4.15
N LEU A 123 -14.11 -12.79 5.16
CA LEU A 123 -13.17 -12.67 6.32
C LEU A 123 -11.75 -13.05 5.87
N LYS A 124 -11.62 -13.87 4.87
CA LYS A 124 -10.25 -14.25 4.40
C LYS A 124 -9.59 -13.02 3.80
N GLU A 125 -10.25 -12.38 2.86
CA GLU A 125 -9.66 -11.18 2.24
C GLU A 125 -9.34 -10.17 3.34
N ARG A 126 -10.03 -10.25 4.44
CA ARG A 126 -9.73 -9.33 5.55
C ARG A 126 -8.41 -9.77 6.16
N ALA A 127 -8.09 -11.03 5.99
CA ALA A 127 -6.82 -11.57 6.54
C ALA A 127 -5.66 -10.82 5.89
N ALA A 128 -5.75 -10.57 4.62
CA ALA A 128 -4.66 -9.83 3.94
C ALA A 128 -4.64 -8.40 4.49
N ASP A 129 -5.79 -7.84 4.74
CA ASP A 129 -5.84 -6.46 5.29
C ASP A 129 -5.37 -6.47 6.75
N VAL A 130 -5.50 -7.60 7.40
CA VAL A 130 -5.07 -7.67 8.83
C VAL A 130 -3.54 -7.80 8.87
N ARG A 131 -2.98 -8.67 8.09
CA ARG A 131 -1.50 -8.80 8.10
C ARG A 131 -0.90 -7.43 7.81
N ASP A 132 -1.55 -6.67 6.96
CA ASP A 132 -1.03 -5.32 6.60
C ASP A 132 -1.00 -4.41 7.83
N ILE A 133 -1.97 -4.53 8.70
CA ILE A 133 -1.99 -3.65 9.90
C ILE A 133 -0.82 -4.01 10.82
N GLY A 134 -0.34 -5.21 10.75
CA GLY A 134 0.81 -5.60 11.61
C GLY A 134 2.11 -5.03 11.01
N LYS A 135 2.28 -5.19 9.74
CA LYS A 135 3.52 -4.66 9.08
C LYS A 135 3.76 -3.20 9.52
N ARG A 136 2.73 -2.41 9.56
CA ARG A 136 2.90 -0.99 9.99
C ARG A 136 3.38 -0.97 11.45
N LEU A 137 2.68 -1.66 12.30
CA LEU A 137 3.07 -1.70 13.74
C LEU A 137 4.55 -2.09 13.87
N LEU A 138 5.00 -3.02 13.09
CA LEU A 138 6.44 -3.45 13.18
C LEU A 138 7.35 -2.31 12.72
N ARG A 139 7.22 -1.89 11.49
CA ARG A 139 8.08 -0.80 10.96
C ARG A 139 8.19 0.34 11.98
N ASN A 140 7.29 0.42 12.92
CA ASN A 140 7.36 1.52 13.92
C ASN A 140 8.28 1.13 15.07
N ILE A 141 8.32 -0.12 15.43
CA ILE A 141 9.23 -0.54 16.53
C ILE A 141 10.68 -0.50 16.03
N LEU A 142 10.88 -0.81 14.77
CA LEU A 142 12.27 -0.81 14.21
C LEU A 142 12.60 0.61 13.73
N GLY A 143 11.72 1.54 13.94
CA GLY A 143 11.98 2.94 13.48
C GLY A 143 12.38 2.90 12.02
N LEU A 144 11.92 1.92 11.30
CA LEU A 144 12.28 1.82 9.87
C LEU A 144 11.83 3.10 9.14
N LYS A 145 12.55 3.49 8.12
CA LYS A 145 12.17 4.72 7.37
C LYS A 145 10.84 4.48 6.65
N ILE A 146 9.93 5.42 6.76
CA ILE A 146 8.59 5.27 6.09
C ILE A 146 8.57 6.12 4.83
N ILE A 147 8.10 5.58 3.74
CA ILE A 147 8.07 6.38 2.48
C ILE A 147 6.90 7.36 2.50
N ASP A 148 7.15 8.58 2.14
CA ASP A 148 6.07 9.62 2.11
C ASP A 148 5.56 9.76 0.68
N LEU A 149 4.59 8.97 0.30
CA LEU A 149 4.06 9.04 -1.09
C LEU A 149 3.10 10.24 -1.22
N SER A 150 2.44 10.60 -0.16
CA SER A 150 1.49 11.76 -0.23
C SER A 150 2.27 13.07 -0.10
N ALA A 151 3.50 13.09 -0.56
CA ALA A 151 4.32 14.34 -0.45
C ALA A 151 5.11 14.52 -1.74
N ILE A 152 4.57 14.10 -2.84
CA ILE A 152 5.28 14.23 -4.14
C ILE A 152 5.30 15.70 -4.58
N GLN A 153 6.29 16.09 -5.35
CA GLN A 153 6.39 17.50 -5.83
C GLN A 153 6.61 17.47 -7.35
N ASP A 154 6.87 16.32 -7.92
CA ASP A 154 7.10 16.22 -9.39
C ASP A 154 6.05 15.28 -9.99
N GLU A 155 5.35 15.73 -11.00
CA GLU A 155 4.31 14.87 -11.64
C GLU A 155 4.96 13.63 -12.24
N VAL A 156 4.52 12.46 -11.85
CA VAL A 156 5.11 11.21 -12.41
C VAL A 156 4.05 10.12 -12.44
N ILE A 157 4.38 8.98 -12.98
CA ILE A 157 3.42 7.85 -13.02
C ILE A 157 3.58 7.06 -11.73
N LEU A 158 2.54 6.40 -11.29
CA LEU A 158 2.65 5.58 -10.04
C LEU A 158 2.74 4.10 -10.39
N VAL A 159 3.85 3.50 -10.05
CA VAL A 159 4.05 2.04 -10.34
C VAL A 159 4.27 1.31 -9.02
N ALA A 160 3.61 0.20 -8.83
CA ALA A 160 3.79 -0.55 -7.57
C ALA A 160 3.28 -1.98 -7.76
N ALA A 161 3.93 -2.94 -7.18
CA ALA A 161 3.44 -4.34 -7.35
C ALA A 161 2.03 -4.41 -6.80
N ASP A 162 1.71 -3.55 -5.86
CA ASP A 162 0.35 -3.55 -5.28
C ASP A 162 0.19 -2.34 -4.35
N LEU A 163 -1.00 -1.78 -4.30
CA LEU A 163 -1.26 -0.60 -3.42
C LEU A 163 -2.36 -0.97 -2.42
N THR A 164 -2.15 -0.72 -1.15
CA THR A 164 -3.20 -1.07 -0.14
C THR A 164 -4.10 0.15 0.11
N PRO A 165 -5.37 -0.07 0.41
CA PRO A 165 -6.33 1.04 0.69
C PRO A 165 -5.67 2.20 1.44
N SER A 166 -4.97 1.92 2.50
CA SER A 166 -4.32 3.01 3.27
C SER A 166 -3.50 3.88 2.32
N GLU A 167 -2.55 3.30 1.64
CA GLU A 167 -1.73 4.10 0.69
C GLU A 167 -2.64 4.83 -0.29
N THR A 168 -3.66 4.18 -0.76
CA THR A 168 -4.58 4.84 -1.73
C THR A 168 -5.45 5.87 -1.01
N ALA A 169 -5.63 5.72 0.28
CA ALA A 169 -6.48 6.68 1.04
C ALA A 169 -5.72 7.99 1.27
N GLN A 170 -4.40 7.94 1.32
CA GLN A 170 -3.60 9.19 1.55
C GLN A 170 -2.95 9.64 0.24
N LEU A 171 -2.98 8.82 -0.77
CA LEU A 171 -2.37 9.21 -2.07
C LEU A 171 -3.04 10.49 -2.58
N ASN A 172 -2.35 11.24 -3.41
CA ASN A 172 -2.94 12.51 -3.95
C ASN A 172 -3.49 12.21 -5.36
N LEU A 173 -4.70 12.64 -5.62
CA LEU A 173 -5.31 12.34 -6.95
C LEU A 173 -4.83 13.34 -8.01
N LYS A 174 -4.82 14.60 -7.69
CA LYS A 174 -4.44 15.61 -8.73
C LYS A 174 -2.92 15.76 -8.86
N LYS A 175 -2.14 15.18 -7.99
CA LYS A 175 -0.66 15.31 -8.11
C LYS A 175 -0.10 14.06 -8.79
N VAL A 176 -0.93 13.07 -8.99
CA VAL A 176 -0.49 11.83 -9.68
C VAL A 176 -0.92 11.91 -11.14
N LEU A 177 -0.33 11.12 -12.00
CA LEU A 177 -0.70 11.16 -13.45
C LEU A 177 -1.47 9.90 -13.83
N GLY A 178 -1.28 8.83 -13.10
CA GLY A 178 -2.01 7.58 -13.42
C GLY A 178 -1.64 6.52 -12.39
N PHE A 179 -2.27 5.37 -12.44
CA PHE A 179 -1.96 4.29 -11.46
C PHE A 179 -1.70 2.99 -12.22
N ILE A 180 -0.54 2.42 -12.03
CA ILE A 180 -0.18 1.14 -12.72
C ILE A 180 0.30 0.13 -11.68
N THR A 181 -0.26 -1.04 -11.68
CA THR A 181 0.14 -2.07 -10.68
C THR A 181 0.18 -3.47 -11.30
N ASP A 182 1.09 -4.29 -10.84
CA ASP A 182 1.19 -5.68 -11.39
C ASP A 182 0.22 -6.60 -10.63
N ALA A 183 -0.97 -6.13 -10.37
CA ALA A 183 -1.98 -6.96 -9.63
C ALA A 183 -3.07 -7.45 -10.59
N GLY A 184 -3.17 -8.73 -10.80
CA GLY A 184 -4.21 -9.26 -11.72
C GLY A 184 -5.51 -9.50 -10.95
N GLY A 185 -6.12 -8.45 -10.46
CA GLY A 185 -7.41 -8.61 -9.70
C GLY A 185 -7.12 -8.85 -8.23
N ARG A 186 -5.96 -9.37 -7.90
CA ARG A 186 -5.63 -9.61 -6.47
C ARG A 186 -6.00 -8.39 -5.63
N THR A 187 -5.85 -7.23 -6.19
CA THR A 187 -6.21 -5.98 -5.45
C THR A 187 -6.62 -4.91 -6.46
N SER A 188 -7.80 -5.02 -6.99
CA SER A 188 -8.26 -4.02 -7.99
C SER A 188 -8.74 -2.76 -7.28
N HIS A 189 -8.60 -2.68 -5.99
CA HIS A 189 -9.04 -1.46 -5.26
C HIS A 189 -8.45 -0.23 -5.94
N THR A 190 -7.18 -0.28 -6.27
CA THR A 190 -6.55 0.88 -6.94
C THR A 190 -7.34 1.22 -8.20
N SER A 191 -7.83 0.22 -8.88
CA SER A 191 -8.61 0.48 -10.12
C SER A 191 -10.00 0.99 -9.74
N ILE A 192 -10.57 0.47 -8.69
CA ILE A 192 -11.92 0.95 -8.27
C ILE A 192 -11.89 2.48 -8.19
N MET A 193 -10.77 3.05 -7.86
CA MET A 193 -10.68 4.52 -7.80
C MET A 193 -10.69 5.02 -9.24
N ALA A 194 -9.83 4.46 -10.04
CA ALA A 194 -9.77 4.85 -11.47
C ALA A 194 -11.16 4.70 -12.09
N ARG A 195 -11.87 3.67 -11.72
CA ARG A 195 -13.23 3.45 -12.28
C ARG A 195 -14.18 4.53 -11.74
N SER A 196 -14.21 4.72 -10.45
CA SER A 196 -15.12 5.75 -9.87
C SER A 196 -14.60 7.15 -10.25
N LEU A 197 -13.31 7.32 -10.29
CA LEU A 197 -12.75 8.66 -10.67
C LEU A 197 -12.63 8.73 -12.19
N GLU A 198 -13.07 7.71 -12.86
CA GLU A 198 -13.02 7.69 -14.35
C GLU A 198 -11.60 7.99 -14.85
N LEU A 199 -10.64 8.15 -13.97
CA LEU A 199 -9.26 8.42 -14.44
C LEU A 199 -8.77 7.18 -15.21
N PRO A 200 -7.65 7.24 -15.91
CA PRO A 200 -7.14 6.07 -16.67
C PRO A 200 -6.19 5.21 -15.83
N ALA A 201 -6.21 3.91 -15.99
CA ALA A 201 -5.30 3.06 -15.17
C ALA A 201 -5.16 1.66 -15.75
N ILE A 202 -4.31 0.87 -15.13
CA ILE A 202 -4.08 -0.54 -15.56
C ILE A 202 -3.68 -1.32 -14.31
N VAL A 203 -3.88 -2.62 -14.27
CA VAL A 203 -3.54 -3.39 -13.02
C VAL A 203 -2.99 -4.78 -13.36
N GLY A 204 -3.41 -5.34 -14.45
CA GLY A 204 -2.93 -6.69 -14.82
C GLY A 204 -1.60 -6.60 -15.56
N THR A 205 -0.79 -5.62 -15.26
CA THR A 205 0.52 -5.53 -15.96
C THR A 205 1.31 -6.80 -15.65
N GLY A 206 1.21 -7.25 -14.43
CA GLY A 206 1.90 -8.51 -14.00
C GLY A 206 3.42 -8.51 -14.23
N SER A 207 3.92 -7.87 -15.26
CA SER A 207 5.41 -7.91 -15.52
C SER A 207 6.03 -6.51 -15.62
N VAL A 208 5.29 -5.46 -15.44
CA VAL A 208 5.92 -4.11 -15.55
C VAL A 208 6.93 -3.92 -14.40
N THR A 209 6.56 -4.21 -13.19
CA THR A 209 7.52 -4.04 -12.06
C THR A 209 8.81 -4.79 -12.35
N SER A 210 8.79 -5.70 -13.30
CA SER A 210 10.02 -6.49 -13.62
C SER A 210 10.63 -5.96 -14.93
N GLN A 211 10.16 -4.83 -15.40
CA GLN A 211 10.73 -4.27 -16.68
C GLN A 211 10.82 -2.75 -16.59
N VAL A 212 10.36 -2.17 -15.51
CA VAL A 212 10.43 -0.68 -15.34
C VAL A 212 11.26 -0.35 -14.11
N LYS A 213 11.99 0.73 -14.15
CA LYS A 213 12.81 1.16 -12.98
C LYS A 213 12.32 2.56 -12.60
N ASN A 214 12.77 3.10 -11.51
CA ASN A 214 12.29 4.46 -11.13
C ASN A 214 12.93 5.52 -12.03
N ASP A 215 12.16 6.52 -12.42
CA ASP A 215 12.69 7.61 -13.30
C ASP A 215 12.68 7.17 -14.77
N ASP A 216 12.44 5.92 -15.04
CA ASP A 216 12.41 5.47 -16.45
C ASP A 216 11.36 6.33 -17.18
N TYR A 217 11.62 6.70 -18.41
CA TYR A 217 10.63 7.54 -19.16
C TYR A 217 9.64 6.63 -19.86
N LEU A 218 8.40 6.63 -19.42
CA LEU A 218 7.35 5.74 -20.05
C LEU A 218 6.19 6.58 -20.59
N ILE A 219 5.35 5.95 -21.37
CA ILE A 219 4.17 6.65 -21.94
C ILE A 219 2.98 5.68 -21.89
N LEU A 220 1.90 6.07 -21.27
CA LEU A 220 0.72 5.17 -21.18
C LEU A 220 -0.20 5.42 -22.38
N ASP A 221 -0.57 4.38 -23.08
CA ASP A 221 -1.47 4.56 -24.27
C ASP A 221 -2.91 4.39 -23.83
N ALA A 222 -3.16 3.47 -22.94
CA ALA A 222 -4.53 3.25 -22.45
C ALA A 222 -5.54 3.25 -23.60
N VAL A 223 -5.10 2.95 -24.79
CA VAL A 223 -6.03 2.90 -25.97
C VAL A 223 -5.96 1.49 -26.54
N ASN A 224 -4.80 1.09 -26.99
CA ASN A 224 -4.65 -0.29 -27.53
C ASN A 224 -4.30 -1.22 -26.35
N ASN A 225 -4.49 -0.73 -25.14
CA ASN A 225 -4.18 -1.55 -23.94
C ASN A 225 -2.70 -1.96 -23.96
N GLN A 226 -1.81 -1.00 -24.00
CA GLN A 226 -0.35 -1.35 -24.04
C GLN A 226 0.50 -0.18 -23.53
N VAL A 227 1.66 -0.49 -22.98
CA VAL A 227 2.58 0.56 -22.44
C VAL A 227 3.88 0.54 -23.26
N TYR A 228 4.41 1.69 -23.62
CA TYR A 228 5.68 1.73 -24.41
C TYR A 228 6.83 2.19 -23.52
N VAL A 229 7.92 1.49 -23.54
CA VAL A 229 9.10 1.87 -22.69
C VAL A 229 10.17 2.55 -23.55
N ASN A 230 10.47 3.78 -23.25
CA ASN A 230 11.52 4.50 -24.05
C ASN A 230 11.22 4.38 -25.55
N PRO A 231 10.17 5.02 -26.00
CA PRO A 231 9.78 5.00 -27.43
C PRO A 231 10.62 5.97 -28.26
N THR A 232 10.70 5.76 -29.54
CA THR A 232 11.53 6.67 -30.40
C THR A 232 10.82 8.02 -30.55
N ASN A 233 11.56 9.08 -30.61
CA ASN A 233 10.94 10.43 -30.76
C ASN A 233 10.00 10.44 -31.96
N GLU A 234 10.26 9.60 -32.93
CA GLU A 234 9.39 9.56 -34.13
C GLU A 234 7.99 9.09 -33.73
N VAL A 235 7.90 8.17 -32.82
CA VAL A 235 6.56 7.67 -32.39
C VAL A 235 5.93 8.68 -31.45
N ILE A 236 6.72 9.32 -30.63
CA ILE A 236 6.16 10.33 -29.68
C ILE A 236 5.53 11.48 -30.48
N ASP A 237 6.31 12.13 -31.30
CA ASP A 237 5.76 13.26 -32.10
C ASP A 237 4.52 12.79 -32.88
N LYS A 238 4.53 11.57 -33.34
CA LYS A 238 3.33 11.07 -34.08
C LYS A 238 2.16 10.95 -33.12
N MET A 239 2.42 10.57 -31.90
CA MET A 239 1.31 10.42 -30.91
C MET A 239 0.95 11.80 -30.36
N ARG A 240 1.92 12.66 -30.20
CA ARG A 240 1.63 14.02 -29.66
C ARG A 240 0.54 14.69 -30.51
N ALA A 241 0.60 14.50 -31.79
CA ALA A 241 -0.43 15.12 -32.68
C ALA A 241 -1.75 14.35 -32.58
N VAL A 242 -1.71 13.07 -32.85
CA VAL A 242 -2.96 12.25 -32.79
C VAL A 242 -3.56 12.32 -31.37
N GLN A 243 -2.78 12.07 -30.36
CA GLN A 243 -3.32 12.11 -28.97
C GLN A 243 -3.97 13.46 -28.69
N GLU A 244 -3.23 14.51 -28.83
CA GLU A 244 -3.79 15.86 -28.55
C GLU A 244 -4.91 16.17 -29.54
N GLN A 245 -4.94 15.53 -30.66
CA GLN A 245 -6.05 15.79 -31.63
C GLN A 245 -7.34 15.35 -30.95
N VAL A 246 -7.25 14.42 -30.06
CA VAL A 246 -8.46 13.95 -29.33
C VAL A 246 -8.88 15.05 -28.36
N ALA A 247 -7.99 15.46 -27.52
CA ALA A 247 -8.32 16.55 -26.55
C ALA A 247 -8.78 17.77 -27.35
N SER A 248 -8.31 17.90 -28.56
CA SER A 248 -8.72 19.06 -29.39
C SER A 248 -10.13 18.82 -29.93
N GLU A 249 -10.54 17.58 -30.00
CA GLU A 249 -11.90 17.28 -30.51
C GLU A 249 -12.93 17.76 -29.48
#